data_7UPL
#
_entry.id   7UPL
#
_cell.length_a   1.00
_cell.length_b   1.00
_cell.length_c   1.00
_cell.angle_alpha   90.00
_cell.angle_beta   90.00
_cell.angle_gamma   90.00
#
_symmetry.space_group_name_H-M   'P 1'
#
loop_
_entity.id
_entity.type
_entity.pdbx_description
1 polymer 'Spike glycoprotein'
2 polymer 'mAB 002-S21F2 light chain'
3 polymer 'mAb 002-S21F2 heavy chain'
4 branched 2-acetamido-2-deoxy-beta-D-glucopyranose-(1-4)-2-acetamido-2-deoxy-beta-D-glucopyranose
5 non-polymer 2-acetamido-2-deoxy-beta-D-glucopyranose
#
loop_
_entity_poly.entity_id
_entity_poly.type
_entity_poly.pdbx_seq_one_letter_code
_entity_poly.pdbx_strand_id
1 'polypeptide(L)'
;MFVFLVLLPLVSSQCVNLTTRTQLPPAYTNSFTRGVYYPDKVFRSSVLHSTQDLFLPFFSNVTWFHVISGTNGTKRFDNP
VLPFNDGVYFASIEKSNIIRGWIFGTTLDSKTQSLLIVNNATNVVIKVCEFQFCNDPFLDHKNNKSWMESEFRVYSSANN
CTFEYVSQPFLMDLEGKQGNFKNLREFVFKNIDGYFKIYSKHTPIIVEPERDLPQGFSALEPLVDLPIGINITRFQTLLA
LHRSYLTPGDSSSGWTAGAAAYYVGYLQPRTFLLKYNENGTITDAVDCALDPLSETKCTLKSFTVEKGIYQTSNFRVQPT
ESIVRFPNITNLCPFDEVFNATRFASVYAWNRKRISNCVADYSVLYNLAPFFTFKCYGVSPTKLNDLCFTNVYADSFVIR
GDEVRQIAPGQTGNIADYNYKLPDDFTGCVIAWNSNKLDSKVSGNYNYLYRLFRKSNLKPFERDISTEIYQAGNKPCNGV
AGFNCYFPLKSYSFRPTYGVGHQPYRVVVLSFELLHAPATVCGPKKSTNLVKNKCVNFNFNGLKGTGVLTESNKKFLPFQ
QFGRDIADTTDAVRDPQTLEILDITPCSFGGVSVITPGTNTSNQVAVLYQGVNCTEVPVAIHADQLTPTWRVYSTGSNVF
QTRAGCLIGAEYVNNSYECDIPIGAGICASYQTQTKSHGSASSVASQSIIAYTMSLGAENSVAYSNNSIAIPTNFTISVT
TEILPVSMTKTSVDCTMYICGDSTECSNLLLQYGSFCTQLKRALTGIAVEQDKNTQEVFAQVKQIYKTPPIKYFGGFNFS
QILPDPSKPSKRSPIEDLLFNKVTLADAGFIKQYGDCLGDIAARDLICAQKFKGLTVLPPLLTDEMIAQYTSALLAGTIT
SGWTFGAGPALQIPFPMQMAYRFNGIGVTQNVLYENQKLIANQFNSAIGKIQDSLSSTPSALGKLQDVVNHNAQALNTLV
KQLSSKFGAISSVLNDIFSRLDPPEAEVQIDRLITGRLQSLQTYVTQQLIRAAEIRASANLAATKMSECVLGQSKRVDFC
GKGYHLMSFPQSAPHGVVFLHVTYVPAQEKNFTTAPAICHDGKAHFPREGVFVSNGTHWFVTQRNFYEPQIITTDNTFVS
GNCDVVIGIVNNTVYDPLQPELDSFKEELDKYFKNHTSPDVDLGDISGINASVVNIQKEIDRLNEVAKNLNESLIDLQEL
GKYEQGSGYIPEAPRDGQAYVRKDGEWVLLSTFLGRSGHHHHHHHH
;
A,B,C
2 'polypeptide(L)'
;DIQMTQSPSSLSASVGDRVTITCQASQDISNYLNWYQQKPGKAPKLLIYDASNLETGVPSRFSGSGSGTDFTLTISSLQP
EDIATYYCQQYKILLTWTFGQGTKVEIKRTVAAPSVFIFPPSDEQLKSGTASVVCLLNNFYPREAKVQWKVDNALQSGNS
QESVTEQDSKDSTYSLSSTLTLSKADYEKHKVYACEVTHQGLSSPVTKSFNRGEC
;
D,I
3 'polypeptide(L)'
;EVQLVQSGAEVKKPGESLKISCKASGYNFAYYWIGWVRQMPGKGLEWMGIIYPGDSDTRYSPSFQGQVTISADKSISTAY
LQWSSLKASDTAMYYCARGEMTAVFGDYWGQGTLVTVSSASTKGPSVFPLAPSSKSTSGGTAALGCLVKDYFPEPVTVSW
NSGALTSGVHTFPAVLQSSGLYSLSSVVTVPSSSLGTQTYICNVNHKPSNTKVDKRVEPKSCDKTHTCPPCPAPELLGGP
SVFLFPPKPKDTLMISRTPEVTCVVVDVSHEDPEVKFNWYVDGVEVHNAKTKPREEQYNSTYRVVSVLTVLHQDWLNGKE
YKCKVSNKALPAPIEKTISKAKGQPREPQVYTLPPSREEMTKNQVSLTCLVKGFYPSDIAVEWESNGQPENNYKTTPPVL
DSDGSFFLYSKLTVDKSRWQQGNVFSCSVMHEALHNHYTQKSLSLSPGK
;
E,F
#
loop_
_chem_comp.id
_chem_comp.type
_chem_comp.name
_chem_comp.formula
NAG D-saccharide, beta linking 2-acetamido-2-deoxy-beta-D-glucopyranose 'C8 H15 N O6'
#
# COMPACT_ATOMS: atom_id res chain seq x y z
N ALA A 27 -2.85 32.74 -50.62
CA ALA A 27 -1.65 33.38 -50.12
C ALA A 27 -1.48 33.13 -48.63
N TYR A 28 -0.23 33.08 -48.17
CA TYR A 28 0.09 32.89 -46.76
C TYR A 28 1.00 34.01 -46.29
N THR A 29 0.81 34.42 -45.04
CA THR A 29 1.66 35.46 -44.46
C THR A 29 2.00 35.10 -43.03
N ASN A 30 2.97 35.83 -42.48
CA ASN A 30 3.44 35.58 -41.12
C ASN A 30 2.47 36.14 -40.09
N SER A 31 2.46 35.51 -38.92
CA SER A 31 1.55 35.92 -37.85
C SER A 31 1.98 37.25 -37.22
N PHE A 32 3.28 37.45 -37.02
CA PHE A 32 3.83 38.63 -36.37
C PHE A 32 3.22 38.85 -34.97
N THR A 33 3.26 37.80 -34.17
CA THR A 33 2.93 37.87 -32.74
C THR A 33 1.55 38.46 -32.50
N ARG A 34 0.53 37.76 -32.99
CA ARG A 34 -0.85 38.23 -32.87
C ARG A 34 -1.72 37.13 -32.29
N GLY A 35 -2.50 37.48 -31.26
CA GLY A 35 -3.51 36.60 -30.73
C GLY A 35 -3.17 35.96 -29.40
N VAL A 36 -3.66 36.54 -28.31
CA VAL A 36 -3.55 35.98 -26.97
C VAL A 36 -4.85 36.29 -26.23
N TYR A 37 -5.39 35.29 -25.54
CA TYR A 37 -6.65 35.42 -24.84
C TYR A 37 -6.49 34.96 -23.40
N TYR A 38 -7.33 35.51 -22.52
CA TYR A 38 -7.23 35.20 -21.10
C TYR A 38 -7.51 33.71 -20.87
N PRO A 39 -6.72 33.04 -20.02
CA PRO A 39 -6.90 31.59 -19.89
C PRO A 39 -8.15 31.19 -19.14
N ASP A 40 -8.45 31.85 -18.03
CA ASP A 40 -9.57 31.44 -17.19
C ASP A 40 -10.17 32.68 -16.55
N LYS A 41 -11.19 32.46 -15.72
CA LYS A 41 -11.91 33.53 -15.03
C LYS A 41 -11.38 33.71 -13.60
N VAL A 42 -10.12 34.08 -13.49
CA VAL A 42 -9.47 34.34 -12.21
C VAL A 42 -8.69 35.63 -12.31
N PHE A 43 -8.55 36.31 -11.19
CA PHE A 43 -7.81 37.57 -11.11
C PHE A 43 -6.41 37.35 -10.55
N ARG A 44 -5.43 38.02 -11.16
CA ARG A 44 -4.04 38.00 -10.73
C ARG A 44 -3.51 39.42 -10.83
N SER A 45 -2.35 39.66 -10.22
CA SER A 45 -1.80 41.02 -10.20
C SER A 45 -0.28 40.97 -10.14
N SER A 46 0.37 41.43 -11.22
CA SER A 46 1.81 41.71 -11.24
C SER A 46 2.63 40.49 -10.83
N VAL A 47 2.56 39.47 -11.68
CA VAL A 47 3.27 38.22 -11.44
C VAL A 47 3.40 37.47 -12.75
N LEU A 48 4.34 36.54 -12.81
CA LEU A 48 4.53 35.70 -13.98
C LEU A 48 3.83 34.36 -13.76
N HIS A 49 3.23 33.84 -14.83
CA HIS A 49 2.54 32.56 -14.73
C HIS A 49 2.80 31.76 -15.99
N SER A 50 2.66 30.44 -15.85
CA SER A 50 2.84 29.51 -16.97
C SER A 50 1.58 28.69 -17.14
N THR A 51 1.22 28.41 -18.38
CA THR A 51 0.02 27.63 -18.65
C THR A 51 0.21 26.80 -19.91
N GLN A 52 -0.70 25.85 -20.12
CA GLN A 52 -0.68 25.00 -21.29
C GLN A 52 -2.09 24.90 -21.86
N ASP A 53 -2.24 25.21 -23.14
CA ASP A 53 -3.56 25.20 -23.77
C ASP A 53 -3.37 25.33 -25.28
N LEU A 54 -4.49 25.33 -26.00
CA LEU A 54 -4.48 25.53 -27.43
C LEU A 54 -4.26 27.02 -27.73
N PHE A 55 -3.35 27.32 -28.64
CA PHE A 55 -3.07 28.70 -29.02
C PHE A 55 -2.67 28.73 -30.49
N LEU A 56 -2.27 29.91 -30.95
CA LEU A 56 -1.78 30.09 -32.30
C LEU A 56 -0.27 30.20 -32.25
N PRO A 57 0.48 29.24 -32.80
CA PRO A 57 1.94 29.30 -32.69
C PRO A 57 2.51 30.56 -33.33
N PHE A 58 3.55 31.09 -32.71
CA PHE A 58 4.16 32.32 -33.18
C PHE A 58 4.85 32.10 -34.52
N PHE A 59 4.96 33.17 -35.30
CA PHE A 59 5.65 33.15 -36.58
C PHE A 59 5.12 32.05 -37.49
N SER A 60 3.80 31.91 -37.53
CA SER A 60 3.17 30.82 -38.27
C SER A 60 2.44 31.35 -39.50
N ASN A 61 2.18 30.45 -40.44
CA ASN A 61 1.43 30.78 -41.64
C ASN A 61 -0.03 31.05 -41.29
N VAL A 62 -0.56 32.16 -41.79
CA VAL A 62 -1.98 32.45 -41.72
C VAL A 62 -2.45 32.83 -43.11
N THR A 63 -3.67 32.45 -43.45
CA THR A 63 -4.15 32.54 -44.83
C THR A 63 -4.97 33.81 -45.04
N TRP A 64 -4.60 34.55 -46.09
CA TRP A 64 -5.27 35.78 -46.51
C TRP A 64 -6.39 35.48 -47.50
N PHE A 65 -7.58 36.03 -47.24
CA PHE A 65 -8.69 36.00 -48.17
C PHE A 65 -9.10 37.44 -48.46
N HIS A 66 -9.08 37.80 -49.75
CA HIS A 66 -9.38 39.16 -50.18
C HIS A 66 -10.74 39.19 -50.87
N VAL A 67 -11.57 40.15 -50.50
CA VAL A 67 -12.91 40.31 -51.06
C VAL A 67 -12.96 41.63 -51.80
N ILE A 68 -13.39 41.58 -53.05
CA ILE A 68 -13.49 42.77 -53.88
C ILE A 68 -14.64 43.65 -53.42
N ASP A 78 -16.00 31.67 -54.19
CA ASP A 78 -15.06 32.68 -53.73
C ASP A 78 -14.75 32.49 -52.25
N ASN A 79 -15.35 31.46 -51.65
CA ASN A 79 -15.14 31.14 -50.24
C ASN A 79 -15.45 29.68 -49.97
N PRO A 80 -14.55 28.77 -50.31
CA PRO A 80 -14.82 27.34 -50.11
C PRO A 80 -14.91 27.00 -48.62
N VAL A 81 -15.67 25.94 -48.34
CA VAL A 81 -15.78 25.46 -46.97
C VAL A 81 -14.43 24.94 -46.51
N LEU A 82 -14.11 25.17 -45.24
CA LEU A 82 -12.79 24.87 -44.72
C LEU A 82 -12.87 23.97 -43.48
N PRO A 83 -11.85 23.15 -43.25
CA PRO A 83 -11.84 22.29 -42.06
C PRO A 83 -11.78 23.11 -40.78
N PHE A 84 -12.36 22.54 -39.72
CA PHE A 84 -12.41 23.22 -38.43
C PHE A 84 -11.24 22.85 -37.51
N ASN A 85 -10.73 21.64 -37.60
CA ASN A 85 -9.67 21.13 -36.71
C ASN A 85 -10.23 21.17 -35.29
N ASP A 86 -9.51 21.73 -34.32
CA ASP A 86 -10.00 21.82 -32.96
C ASP A 86 -10.29 23.25 -32.51
N GLY A 87 -9.84 24.25 -33.25
CA GLY A 87 -10.10 25.63 -32.92
C GLY A 87 -9.83 26.52 -34.11
N VAL A 88 -10.37 27.72 -34.06
CA VAL A 88 -10.28 28.63 -35.20
C VAL A 88 -9.91 30.03 -34.71
N TYR A 89 -8.95 30.66 -35.40
CA TYR A 89 -8.66 32.07 -35.20
C TYR A 89 -9.03 32.81 -36.47
N PHE A 90 -9.82 33.88 -36.31
CA PHE A 90 -10.33 34.64 -37.44
C PHE A 90 -10.02 36.11 -37.22
N ALA A 91 -9.58 36.79 -38.26
CA ALA A 91 -9.35 38.22 -38.20
C ALA A 91 -9.98 38.87 -39.42
N SER A 92 -10.37 40.13 -39.28
CA SER A 92 -11.01 40.80 -40.40
C SER A 92 -10.75 42.30 -40.37
N ILE A 93 -10.43 42.84 -41.55
CA ILE A 93 -10.30 44.27 -41.75
C ILE A 93 -11.41 44.70 -42.69
N GLU A 94 -12.22 45.66 -42.24
CA GLU A 94 -13.37 46.12 -43.02
C GLU A 94 -13.87 47.44 -42.46
N LYS A 95 -14.77 48.07 -43.23
CA LYS A 95 -15.43 49.29 -42.79
C LYS A 95 -16.92 49.34 -43.13
N SER A 96 -17.48 48.27 -43.70
CA SER A 96 -18.86 48.29 -44.17
C SER A 96 -19.69 47.12 -43.66
N ASN A 97 -19.15 46.33 -42.73
CA ASN A 97 -19.90 45.24 -42.09
C ASN A 97 -20.46 44.25 -43.11
N ILE A 98 -19.61 43.81 -44.03
CA ILE A 98 -20.03 42.82 -45.02
C ILE A 98 -20.35 41.50 -44.34
N ILE A 99 -19.51 41.05 -43.42
CA ILE A 99 -19.76 39.80 -42.71
C ILE A 99 -20.94 39.98 -41.77
N ARG A 100 -21.88 39.02 -41.82
CA ARG A 100 -23.09 39.11 -41.03
C ARG A 100 -23.33 37.93 -40.11
N GLY A 101 -22.40 36.99 -40.03
CA GLY A 101 -22.56 35.85 -39.14
C GLY A 101 -21.69 34.69 -39.58
N TRP A 102 -22.07 33.50 -39.12
CA TRP A 102 -21.34 32.29 -39.45
C TRP A 102 -22.29 31.09 -39.44
N ILE A 103 -21.87 30.06 -40.20
CA ILE A 103 -22.55 28.77 -40.27
C ILE A 103 -21.59 27.69 -39.79
N PHE A 104 -22.03 26.91 -38.81
CA PHE A 104 -21.27 25.77 -38.32
C PHE A 104 -22.08 24.49 -38.52
N GLY A 105 -21.41 23.47 -39.03
CA GLY A 105 -22.07 22.21 -39.29
C GLY A 105 -21.10 21.23 -39.92
N THR A 106 -21.65 20.16 -40.48
CA THR A 106 -20.85 19.13 -41.14
C THR A 106 -21.20 18.94 -42.60
N THR A 107 -22.47 19.10 -42.98
CA THR A 107 -22.88 18.85 -44.36
C THR A 107 -23.74 19.98 -44.91
N LEU A 108 -24.35 20.76 -44.01
CA LEU A 108 -25.24 21.87 -44.38
C LEU A 108 -26.46 21.41 -45.18
N ASP A 109 -26.80 20.12 -45.09
CA ASP A 109 -27.94 19.56 -45.79
C ASP A 109 -29.19 19.46 -44.92
N SER A 110 -29.15 20.04 -43.72
CA SER A 110 -30.25 20.02 -42.76
C SER A 110 -30.60 18.61 -42.32
N LYS A 111 -29.72 17.65 -42.55
CA LYS A 111 -29.95 16.29 -42.06
C LYS A 111 -29.84 16.23 -40.54
N THR A 112 -29.02 17.08 -39.95
CA THR A 112 -28.89 17.18 -38.50
C THR A 112 -29.06 18.62 -38.06
N GLN A 113 -28.77 18.91 -36.79
CA GLN A 113 -28.87 20.27 -36.30
C GLN A 113 -27.85 21.17 -37.00
N SER A 114 -28.29 22.37 -37.36
CA SER A 114 -27.44 23.34 -38.05
C SER A 114 -27.19 24.53 -37.14
N LEU A 115 -25.93 24.93 -37.01
CA LEU A 115 -25.56 26.05 -36.16
C LEU A 115 -25.52 27.33 -36.99
N LEU A 116 -26.39 28.28 -36.65
CA LEU A 116 -26.43 29.57 -37.31
C LEU A 116 -26.19 30.67 -36.28
N ILE A 117 -25.28 31.59 -36.59
CA ILE A 117 -25.15 32.83 -35.83
C ILE A 117 -25.28 33.97 -36.82
N VAL A 118 -26.21 34.89 -36.56
CA VAL A 118 -26.50 35.99 -37.46
C VAL A 118 -26.62 37.27 -36.68
N ASN A 119 -26.38 38.40 -37.36
CA ASN A 119 -26.59 39.70 -36.75
C ASN A 119 -27.98 40.22 -37.08
N ASN A 120 -28.54 40.98 -36.14
CA ASN A 120 -29.83 41.63 -36.31
C ASN A 120 -29.60 43.15 -36.24
N ALA A 121 -30.70 43.90 -36.15
CA ALA A 121 -30.61 45.35 -36.13
C ALA A 121 -29.73 45.84 -34.99
N THR A 122 -29.91 45.27 -33.79
CA THR A 122 -29.12 45.68 -32.63
C THR A 122 -28.65 44.52 -31.76
N ASN A 123 -28.92 43.28 -32.11
CA ASN A 123 -28.52 42.13 -31.31
C ASN A 123 -27.97 41.03 -32.21
N VAL A 124 -27.65 39.89 -31.60
CA VAL A 124 -27.12 38.73 -32.29
C VAL A 124 -28.03 37.55 -32.00
N VAL A 125 -28.39 36.80 -33.03
CA VAL A 125 -29.31 35.68 -32.91
C VAL A 125 -28.57 34.40 -33.23
N ILE A 126 -28.70 33.41 -32.34
CA ILE A 126 -28.06 32.11 -32.48
C ILE A 126 -29.13 31.04 -32.47
N LYS A 127 -29.10 30.17 -33.48
CA LYS A 127 -30.06 29.09 -33.66
C LYS A 127 -29.32 27.78 -33.86
N VAL A 128 -29.93 26.70 -33.36
CA VAL A 128 -29.39 25.35 -33.52
C VAL A 128 -30.33 24.46 -34.32
N CYS A 129 -31.35 25.04 -34.95
CA CYS A 129 -32.36 24.26 -35.64
C CYS A 129 -31.81 23.69 -36.94
N GLU A 130 -32.60 22.80 -37.54
CA GLU A 130 -32.25 22.15 -38.80
C GLU A 130 -32.90 22.83 -40.01
N PHE A 131 -33.26 24.10 -39.89
CA PHE A 131 -33.94 24.79 -40.99
C PHE A 131 -32.98 25.03 -42.15
N GLN A 132 -33.45 24.71 -43.36
CA GLN A 132 -32.64 24.81 -44.56
C GLN A 132 -32.65 26.24 -45.08
N PHE A 133 -31.53 26.64 -45.67
CA PHE A 133 -31.42 27.95 -46.30
C PHE A 133 -30.66 27.75 -47.60
N CYS A 134 -30.28 28.82 -48.30
CA CYS A 134 -29.75 28.69 -49.66
C CYS A 134 -28.36 28.05 -49.66
N ASN A 135 -27.97 27.50 -50.83
CA ASN A 135 -26.66 26.89 -50.98
C ASN A 135 -25.54 27.91 -50.84
N ASP A 136 -25.68 29.06 -51.48
CA ASP A 136 -24.73 30.14 -51.37
C ASP A 136 -25.35 31.26 -50.55
N PRO A 137 -25.20 31.20 -49.23
CA PRO A 137 -25.98 32.10 -48.35
C PRO A 137 -25.59 33.56 -48.55
N PHE A 138 -26.57 34.42 -48.30
CA PHE A 138 -26.35 35.86 -48.19
C PHE A 138 -27.54 36.47 -47.46
N LEU A 139 -27.29 37.63 -46.86
CA LEU A 139 -28.33 38.34 -46.14
C LEU A 139 -29.33 38.96 -47.12
N ASP A 140 -30.57 39.06 -46.68
CA ASP A 140 -31.61 39.68 -47.49
C ASP A 140 -31.32 41.16 -47.72
N ASN A 160 -38.88 21.77 -34.86
CA ASN A 160 -37.64 21.58 -35.59
C ASN A 160 -36.49 22.30 -34.89
N CYS A 161 -36.77 22.81 -33.69
CA CYS A 161 -35.81 23.58 -32.91
C CYS A 161 -35.67 22.99 -31.52
N THR A 162 -34.49 23.19 -30.92
CA THR A 162 -34.24 22.71 -29.57
C THR A 162 -33.73 23.84 -28.68
N PHE A 163 -33.03 24.81 -29.26
CA PHE A 163 -32.47 25.90 -28.48
C PHE A 163 -32.43 27.17 -29.32
N GLU A 164 -32.50 28.31 -28.62
CA GLU A 164 -32.44 29.63 -29.23
C GLU A 164 -31.67 30.56 -28.32
N TYR A 165 -31.08 31.60 -28.89
CA TYR A 165 -30.41 32.58 -28.04
C TYR A 165 -30.37 33.94 -28.74
N VAL A 166 -30.58 35.00 -27.95
CA VAL A 166 -30.45 36.37 -28.44
C VAL A 166 -29.72 37.19 -27.37
N SER A 167 -28.70 37.93 -27.78
CA SER A 167 -27.95 38.77 -26.86
C SER A 167 -28.62 40.13 -26.68
N PHE A 181 -11.66 50.61 -44.46
CA PHE A 181 -10.93 49.54 -43.77
C PHE A 181 -10.39 50.07 -42.44
N LYS A 182 -11.23 50.83 -41.74
CA LYS A 182 -10.88 51.42 -40.46
C LYS A 182 -11.11 50.48 -39.29
N ASN A 183 -11.83 49.38 -39.49
CA ASN A 183 -12.23 48.49 -38.41
C ASN A 183 -11.47 47.18 -38.50
N LEU A 184 -10.95 46.73 -37.36
CA LEU A 184 -10.33 45.41 -37.22
C LEU A 184 -11.09 44.63 -36.16
N ARG A 185 -11.57 43.45 -36.54
CA ARG A 185 -12.32 42.59 -35.63
C ARG A 185 -11.63 41.23 -35.56
N GLU A 186 -11.34 40.78 -34.35
CA GLU A 186 -10.64 39.52 -34.16
C GLU A 186 -11.46 38.60 -33.28
N PHE A 187 -11.63 37.36 -33.71
CA PHE A 187 -12.44 36.39 -33.01
C PHE A 187 -11.68 35.08 -32.85
N VAL A 188 -11.97 34.38 -31.76
CA VAL A 188 -11.43 33.06 -31.49
C VAL A 188 -12.58 32.14 -31.14
N PHE A 189 -12.66 31.00 -31.82
CA PHE A 189 -13.72 30.02 -31.63
C PHE A 189 -13.11 28.72 -31.13
N LYS A 190 -13.67 28.17 -30.05
CA LYS A 190 -13.22 26.88 -29.53
C LYS A 190 -14.44 26.06 -29.15
N ASN A 191 -14.30 24.74 -29.20
CA ASN A 191 -15.40 23.82 -28.89
C ASN A 191 -14.82 22.57 -28.24
N ILE A 192 -15.01 22.43 -26.94
CA ILE A 192 -14.47 21.30 -26.18
C ILE A 192 -15.47 20.87 -25.13
N ASP A 193 -15.62 19.55 -24.96
CA ASP A 193 -16.42 18.96 -23.87
C ASP A 193 -17.88 19.36 -23.97
N GLY A 194 -18.38 19.55 -25.19
CA GLY A 194 -19.75 19.98 -25.36
C GLY A 194 -19.98 21.45 -25.10
N TYR A 195 -18.93 22.23 -24.88
CA TYR A 195 -19.04 23.67 -24.65
C TYR A 195 -18.45 24.40 -25.85
N PHE A 196 -19.19 25.38 -26.36
CA PHE A 196 -18.77 26.17 -27.50
C PHE A 196 -18.51 27.59 -27.01
N LYS A 197 -17.24 27.99 -26.97
CA LYS A 197 -16.83 29.27 -26.40
C LYS A 197 -16.27 30.18 -27.48
N ILE A 198 -16.56 31.49 -27.36
CA ILE A 198 -16.02 32.48 -28.28
C ILE A 198 -15.37 33.61 -27.49
N TYR A 199 -14.33 34.19 -28.07
CA TYR A 199 -13.69 35.37 -27.52
C TYR A 199 -13.51 36.41 -28.63
N SER A 200 -13.62 37.68 -28.25
CA SER A 200 -13.75 38.73 -29.26
C SER A 200 -12.87 39.92 -28.90
N LYS A 201 -12.53 40.69 -29.91
CA LYS A 201 -11.88 41.99 -29.73
C LYS A 201 -12.16 42.87 -30.92
N HIS A 202 -12.32 44.17 -30.63
CA HIS A 202 -12.68 45.20 -31.60
C HIS A 202 -11.68 46.34 -31.51
N THR A 203 -11.25 46.86 -32.67
CA THR A 203 -10.32 47.98 -32.59
C THR A 203 -10.38 48.83 -33.84
N PRO A 204 -10.14 50.15 -33.73
CA PRO A 204 -9.91 50.97 -34.92
C PRO A 204 -8.43 51.06 -35.22
N ILE A 205 -8.03 50.83 -36.48
CA ILE A 205 -6.63 50.83 -36.87
C ILE A 205 -6.45 51.72 -38.09
N ILE A 206 -5.42 52.56 -38.05
CA ILE A 206 -4.98 53.34 -39.19
C ILE A 206 -3.47 53.16 -39.32
N VAL A 207 -3.02 52.86 -40.54
CA VAL A 207 -1.61 52.57 -40.78
C VAL A 207 -1.31 52.83 -42.24
N GLU A 208 -0.06 53.21 -42.53
CA GLU A 208 0.35 53.53 -43.89
C GLU A 208 0.60 52.27 -44.72
N PRO A 209 1.43 51.32 -44.27
CA PRO A 209 1.61 50.10 -45.07
C PRO A 209 0.34 49.26 -45.10
N GLU A 210 0.22 48.46 -46.16
CA GLU A 210 -0.96 47.65 -46.39
C GLU A 210 -0.54 46.21 -46.65
N ARG A 211 -1.48 45.29 -46.42
CA ARG A 211 -1.30 43.84 -46.51
C ARG A 211 -0.43 43.27 -45.39
N ASP A 212 -0.20 44.03 -44.33
CA ASP A 212 0.58 43.57 -43.20
C ASP A 212 -0.15 43.88 -41.89
N LEU A 213 0.03 43.02 -40.90
CA LEU A 213 -0.60 43.24 -39.61
C LEU A 213 0.09 44.37 -38.86
N PRO A 214 -0.65 45.10 -38.02
CA PRO A 214 -0.01 46.12 -37.18
C PRO A 214 0.74 45.52 -36.00
N GLN A 215 2.05 45.68 -35.98
CA GLN A 215 2.86 45.14 -34.91
C GLN A 215 2.48 45.76 -33.58
N GLY A 216 2.60 44.97 -32.52
CA GLY A 216 2.28 45.43 -31.18
C GLY A 216 1.77 44.34 -30.27
N PHE A 217 0.65 44.60 -29.61
CA PHE A 217 0.06 43.63 -28.69
C PHE A 217 -1.42 43.93 -28.54
N SER A 218 -2.21 42.87 -28.33
CA SER A 218 -3.65 42.99 -28.12
C SER A 218 -4.07 41.92 -27.12
N ALA A 219 -5.38 41.89 -26.84
CA ALA A 219 -5.92 40.95 -25.87
C ALA A 219 -7.38 40.68 -26.20
N LEU A 220 -7.92 39.61 -25.64
CA LEU A 220 -9.30 39.23 -25.82
C LEU A 220 -9.92 38.88 -24.48
N GLU A 221 -11.24 39.02 -24.40
CA GLU A 221 -11.99 38.72 -23.19
C GLU A 221 -13.11 37.74 -23.51
N PRO A 222 -13.55 36.95 -22.52
CA PRO A 222 -14.65 36.01 -22.78
C PRO A 222 -15.97 36.74 -22.99
N LEU A 223 -16.72 36.28 -24.00
CA LEU A 223 -18.03 36.85 -24.30
C LEU A 223 -19.16 35.85 -24.16
N VAL A 224 -19.09 34.70 -24.85
CA VAL A 224 -20.22 33.80 -24.96
C VAL A 224 -19.77 32.36 -24.83
N ASP A 225 -20.53 31.58 -24.05
CA ASP A 225 -20.41 30.13 -23.97
C ASP A 225 -21.78 29.51 -24.27
N LEU A 226 -21.77 28.40 -25.02
CA LEU A 226 -23.01 27.78 -25.47
C LEU A 226 -22.99 26.28 -25.22
N PRO A 227 -24.15 25.71 -24.86
CA PRO A 227 -24.23 24.29 -24.50
C PRO A 227 -24.53 23.34 -25.65
N ILE A 228 -24.32 23.80 -26.90
CA ILE A 228 -24.86 23.09 -28.06
C ILE A 228 -24.42 21.63 -28.07
N GLY A 229 -23.15 21.36 -27.80
CA GLY A 229 -22.65 20.00 -27.71
C GLY A 229 -22.87 19.15 -28.95
N ILE A 230 -22.18 19.48 -30.04
CA ILE A 230 -22.31 18.76 -31.30
C ILE A 230 -20.94 18.64 -31.95
N ASN A 231 -20.70 17.50 -32.60
CA ASN A 231 -19.44 17.25 -33.30
C ASN A 231 -19.43 18.10 -34.57
N ILE A 232 -18.68 19.20 -34.54
CA ILE A 232 -18.56 20.12 -35.66
C ILE A 232 -17.20 19.94 -36.31
N THR A 233 -17.18 19.80 -37.63
CA THR A 233 -15.94 19.62 -38.36
C THR A 233 -15.71 20.65 -39.47
N ARG A 234 -16.71 21.45 -39.82
CA ARG A 234 -16.58 22.40 -40.92
C ARG A 234 -17.32 23.68 -40.57
N PHE A 235 -17.02 24.73 -41.34
CA PHE A 235 -17.62 26.04 -41.13
C PHE A 235 -17.53 26.85 -42.41
N GLN A 236 -18.34 27.90 -42.49
CA GLN A 236 -18.39 28.76 -43.67
C GLN A 236 -18.84 30.15 -43.27
N THR A 237 -18.28 31.15 -43.95
CA THR A 237 -18.57 32.55 -43.71
C THR A 237 -19.93 32.94 -44.28
N LEU A 238 -20.41 34.12 -43.86
CA LEU A 238 -21.70 34.63 -44.28
C LEU A 238 -21.56 36.10 -44.66
N LEU A 239 -21.80 36.41 -45.93
CA LEU A 239 -21.65 37.75 -46.46
C LEU A 239 -23.00 38.30 -46.92
N ALA A 240 -23.08 39.62 -47.01
CA ALA A 240 -24.25 40.30 -47.54
C ALA A 240 -24.02 40.64 -49.01
N LEU A 241 -24.99 40.28 -49.85
CA LEU A 241 -24.86 40.44 -51.28
C LEU A 241 -26.02 41.22 -51.85
N HIS A 242 -25.76 41.94 -52.94
CA HIS A 242 -26.78 42.70 -53.64
C HIS A 242 -26.48 42.73 -55.14
N ALA A 260 -13.35 44.35 -48.16
CA ALA A 260 -13.01 43.71 -46.89
C ALA A 260 -12.01 42.59 -47.10
N ALA A 261 -11.25 42.25 -46.06
CA ALA A 261 -10.31 41.15 -46.12
C ALA A 261 -10.30 40.43 -44.78
N TYR A 262 -9.87 39.17 -44.79
CA TYR A 262 -9.84 38.43 -43.54
C TYR A 262 -8.73 37.39 -43.53
N TYR A 263 -8.28 37.08 -42.32
CA TYR A 263 -7.23 36.11 -42.05
C TYR A 263 -7.85 34.90 -41.38
N VAL A 264 -7.42 33.70 -41.79
CA VAL A 264 -7.82 32.47 -41.13
C VAL A 264 -6.57 31.77 -40.60
N GLY A 265 -6.69 31.20 -39.40
CA GLY A 265 -5.56 30.52 -38.78
C GLY A 265 -6.02 29.37 -37.91
N TYR A 266 -5.15 28.36 -37.80
CA TYR A 266 -5.42 27.15 -37.04
C TYR A 266 -4.61 27.15 -35.75
N LEU A 267 -5.00 26.28 -34.83
CA LEU A 267 -4.43 26.24 -33.50
C LEU A 267 -3.65 24.95 -33.26
N GLN A 268 -2.76 24.99 -32.27
CA GLN A 268 -2.00 23.84 -31.82
C GLN A 268 -1.84 23.92 -30.32
N PRO A 269 -1.64 22.80 -29.64
CA PRO A 269 -1.44 22.83 -28.19
C PRO A 269 -0.01 23.24 -27.84
N ARG A 270 0.12 24.22 -26.94
CA ARG A 270 1.42 24.78 -26.60
C ARG A 270 1.41 25.28 -25.17
N THR A 271 2.59 25.54 -24.65
CA THR A 271 2.80 26.05 -23.30
C THR A 271 3.37 27.46 -23.37
N PHE A 272 2.74 28.39 -22.66
CA PHE A 272 3.06 29.80 -22.72
C PHE A 272 3.36 30.37 -21.34
N LEU A 273 4.05 31.51 -21.34
CA LEU A 273 4.27 32.34 -20.18
C LEU A 273 3.51 33.65 -20.34
N LEU A 274 2.78 34.05 -19.31
CA LEU A 274 2.06 35.31 -19.30
C LEU A 274 2.59 36.18 -18.16
N LYS A 275 2.60 37.49 -18.39
CA LYS A 275 2.89 38.43 -17.30
C LYS A 275 1.65 39.24 -16.98
N TYR A 276 1.38 39.42 -15.69
CA TYR A 276 0.22 40.15 -15.21
C TYR A 276 0.68 41.43 -14.53
N ASN A 277 0.07 42.55 -14.91
CA ASN A 277 0.40 43.85 -14.36
C ASN A 277 -0.35 44.06 -13.03
N GLU A 278 -0.15 45.25 -12.45
CA GLU A 278 -0.88 45.61 -11.24
C GLU A 278 -2.38 45.64 -11.49
N ASN A 279 -2.80 46.18 -12.63
CA ASN A 279 -4.22 46.36 -12.92
C ASN A 279 -4.94 45.05 -13.22
N GLY A 280 -4.22 43.97 -13.45
CA GLY A 280 -4.82 42.72 -13.84
C GLY A 280 -4.91 42.48 -15.33
N THR A 281 -4.63 43.50 -16.14
CA THR A 281 -4.60 43.33 -17.58
C THR A 281 -3.31 42.63 -18.02
N ILE A 282 -3.39 41.93 -19.13
CA ILE A 282 -2.26 41.20 -19.69
C ILE A 282 -1.49 42.12 -20.63
N THR A 283 -0.17 42.18 -20.45
CA THR A 283 0.68 43.04 -21.26
C THR A 283 1.66 42.30 -22.15
N ASP A 284 2.19 41.16 -21.72
CA ASP A 284 3.17 40.46 -22.55
C ASP A 284 3.15 38.96 -22.28
N ALA A 285 3.56 38.22 -23.30
CA ALA A 285 3.58 36.76 -23.28
C ALA A 285 4.84 36.28 -24.00
N VAL A 286 5.26 35.07 -23.63
CA VAL A 286 6.47 34.45 -24.17
C VAL A 286 6.19 33.00 -24.51
N ASP A 287 6.60 32.60 -25.71
CA ASP A 287 6.51 31.20 -26.14
C ASP A 287 7.65 30.42 -25.52
N CYS A 288 7.39 29.15 -25.19
CA CYS A 288 8.40 28.29 -24.60
C CYS A 288 9.08 27.38 -25.61
N ALA A 289 8.73 27.44 -26.89
CA ALA A 289 9.31 26.55 -27.89
C ALA A 289 9.56 27.27 -29.21
N LEU A 290 10.10 28.49 -29.15
CA LEU A 290 10.42 29.21 -30.37
C LEU A 290 11.87 29.03 -30.78
N ASP A 291 12.80 29.47 -29.93
CA ASP A 291 14.22 29.35 -30.19
C ASP A 291 14.92 29.12 -28.85
N PRO A 292 16.18 28.66 -28.88
CA PRO A 292 16.83 28.28 -27.61
C PRO A 292 16.82 29.37 -26.55
N LEU A 293 16.97 30.63 -26.94
CA LEU A 293 16.90 31.71 -25.97
C LEU A 293 15.54 31.74 -25.30
N SER A 294 14.48 31.49 -26.05
CA SER A 294 13.15 31.41 -25.46
C SER A 294 13.08 30.25 -24.46
N GLU A 295 13.74 29.14 -24.76
CA GLU A 295 13.76 28.03 -23.82
C GLU A 295 14.44 28.42 -22.51
N THR A 296 15.59 29.09 -22.60
CA THR A 296 16.29 29.49 -21.39
C THR A 296 15.46 30.48 -20.58
N LYS A 297 14.83 31.45 -21.26
CA LYS A 297 13.96 32.39 -20.56
C LYS A 297 12.79 31.67 -19.90
N CYS A 298 12.26 30.65 -20.58
CA CYS A 298 11.16 29.87 -20.02
C CYS A 298 11.60 29.17 -18.74
N THR A 299 12.79 28.58 -18.75
CA THR A 299 13.22 27.82 -17.58
C THR A 299 13.72 28.70 -16.45
N LEU A 300 14.13 29.94 -16.72
CA LEU A 300 14.57 30.83 -15.64
C LEU A 300 13.44 31.62 -15.01
N LYS A 301 12.24 31.60 -15.59
CA LYS A 301 11.06 32.29 -15.03
C LYS A 301 11.32 33.78 -14.85
N SER A 302 11.86 34.41 -15.88
CA SER A 302 12.14 35.84 -15.85
C SER A 302 12.26 36.37 -17.27
N PHE A 303 12.24 37.69 -17.40
CA PHE A 303 12.40 38.35 -18.67
C PHE A 303 13.82 38.79 -18.95
N THR A 304 14.76 38.56 -18.02
CA THR A 304 16.13 39.00 -18.17
C THR A 304 17.08 37.85 -17.85
N VAL A 305 18.10 37.69 -18.67
CA VAL A 305 19.08 36.62 -18.52
C VAL A 305 20.46 37.22 -18.39
N GLU A 306 21.19 36.82 -17.36
CA GLU A 306 22.55 37.28 -17.16
C GLU A 306 23.52 36.45 -17.99
N LYS A 307 24.73 36.99 -18.16
CA LYS A 307 25.73 36.35 -19.00
C LYS A 307 26.20 35.03 -18.39
N GLY A 308 26.30 34.00 -19.23
CA GLY A 308 26.83 32.73 -18.78
C GLY A 308 26.36 31.49 -19.53
N ILE A 309 26.18 30.40 -18.78
CA ILE A 309 25.82 29.09 -19.32
C ILE A 309 24.61 28.58 -18.55
N TYR A 310 23.77 27.79 -19.22
CA TYR A 310 22.58 27.24 -18.58
C TYR A 310 22.27 25.88 -19.18
N GLN A 311 21.53 25.09 -18.41
CA GLN A 311 21.11 23.75 -18.80
C GLN A 311 19.59 23.68 -18.68
N THR A 312 18.93 23.30 -19.77
CA THR A 312 17.46 23.40 -19.83
C THR A 312 16.78 22.03 -19.81
N SER A 313 17.09 21.16 -20.76
CA SER A 313 16.34 19.92 -20.91
C SER A 313 17.23 18.88 -21.58
N ASN A 314 16.61 17.80 -22.04
CA ASN A 314 17.31 16.71 -22.71
C ASN A 314 16.60 16.38 -24.02
N PHE A 315 17.30 15.64 -24.88
CA PHE A 315 16.75 15.27 -26.18
C PHE A 315 16.90 13.77 -26.39
N ARG A 316 15.93 13.20 -27.09
CA ARG A 316 15.89 11.78 -27.41
C ARG A 316 15.42 11.62 -28.85
N VAL A 317 15.97 10.63 -29.55
CA VAL A 317 15.59 10.37 -30.93
C VAL A 317 14.34 9.49 -30.94
N GLN A 318 13.52 9.66 -31.99
CA GLN A 318 12.23 9.00 -32.08
C GLN A 318 12.26 7.83 -33.06
N PRO A 319 11.46 6.79 -32.83
CA PRO A 319 11.38 5.68 -33.77
C PRO A 319 10.49 6.02 -34.96
N THR A 320 10.55 5.15 -35.97
CA THR A 320 9.84 5.38 -37.23
C THR A 320 9.05 4.19 -37.75
N GLU A 321 9.13 3.02 -37.11
CA GLU A 321 8.51 1.82 -37.65
C GLU A 321 8.03 0.93 -36.51
N SER A 322 7.15 -0.01 -36.85
CA SER A 322 6.59 -0.96 -35.89
C SER A 322 6.79 -2.39 -36.40
N ILE A 323 7.19 -3.28 -35.49
CA ILE A 323 7.53 -4.65 -35.83
C ILE A 323 6.87 -5.59 -34.83
N VAL A 324 6.24 -6.65 -35.33
CA VAL A 324 5.70 -7.72 -34.50
C VAL A 324 6.12 -9.06 -35.09
N ARG A 325 6.20 -10.07 -34.22
CA ARG A 325 6.62 -11.40 -34.65
C ARG A 325 5.90 -12.43 -33.80
N PHE A 326 5.37 -13.47 -34.45
CA PHE A 326 4.68 -14.54 -33.76
C PHE A 326 4.96 -15.85 -34.47
N PRO A 327 4.84 -16.98 -33.78
CA PRO A 327 5.00 -18.27 -34.45
C PRO A 327 3.93 -18.48 -35.51
N ASN A 328 4.25 -19.32 -36.49
CA ASN A 328 3.40 -19.49 -37.66
C ASN A 328 2.46 -20.69 -37.56
N ILE A 329 2.02 -21.02 -36.36
CA ILE A 329 1.04 -22.10 -36.18
C ILE A 329 -0.32 -21.61 -36.63
N THR A 330 -0.98 -22.40 -37.48
CA THR A 330 -2.27 -22.02 -38.06
C THR A 330 -3.31 -23.12 -37.90
N ASN A 331 -3.30 -23.82 -36.76
CA ASN A 331 -4.32 -24.83 -36.49
C ASN A 331 -5.44 -24.24 -35.63
N LEU A 332 -6.67 -24.54 -36.01
CA LEU A 332 -7.81 -24.11 -35.21
C LEU A 332 -7.74 -24.75 -33.83
N CYS A 333 -8.16 -23.98 -32.82
CA CYS A 333 -7.90 -24.45 -31.47
C CYS A 333 -9.12 -25.14 -30.89
N PRO A 334 -8.98 -26.34 -30.35
CA PRO A 334 -10.15 -27.13 -29.93
C PRO A 334 -10.70 -26.74 -28.55
N PHE A 335 -11.32 -25.56 -28.49
CA PHE A 335 -12.15 -25.24 -27.33
C PHE A 335 -13.54 -25.84 -27.42
N ASP A 336 -13.95 -26.32 -28.60
CA ASP A 336 -15.31 -26.81 -28.75
C ASP A 336 -15.55 -28.08 -27.94
N GLU A 337 -14.53 -28.93 -27.78
CA GLU A 337 -14.74 -30.25 -27.25
C GLU A 337 -15.19 -30.26 -25.80
N VAL A 338 -15.00 -29.18 -25.05
CA VAL A 338 -15.24 -29.17 -23.62
C VAL A 338 -16.40 -28.25 -23.23
N PHE A 339 -16.51 -27.09 -23.85
CA PHE A 339 -17.50 -26.12 -23.38
C PHE A 339 -18.92 -26.58 -23.68
N ASN A 340 -19.19 -27.06 -24.89
CA ASN A 340 -20.53 -27.48 -25.26
C ASN A 340 -20.64 -29.00 -25.37
N ALA A 341 -19.86 -29.73 -24.57
CA ALA A 341 -19.95 -31.18 -24.58
C ALA A 341 -21.27 -31.63 -23.97
N THR A 342 -21.53 -32.94 -24.09
CA THR A 342 -22.84 -33.44 -23.68
C THR A 342 -22.92 -33.69 -22.18
N ARG A 343 -22.13 -34.62 -21.67
CA ARG A 343 -22.21 -35.04 -20.28
C ARG A 343 -20.88 -34.82 -19.59
N PHE A 344 -20.91 -34.13 -18.45
CA PHE A 344 -19.72 -33.86 -17.66
C PHE A 344 -19.52 -34.94 -16.61
N ALA A 345 -18.33 -34.95 -16.02
CA ALA A 345 -17.94 -35.99 -15.07
C ALA A 345 -18.46 -35.64 -13.68
N SER A 346 -17.98 -36.37 -12.68
CA SER A 346 -18.38 -36.19 -11.30
C SER A 346 -17.36 -35.37 -10.53
N VAL A 347 -17.82 -34.74 -9.46
CA VAL A 347 -16.95 -33.84 -8.69
C VAL A 347 -15.80 -34.60 -8.05
N TYR A 348 -16.09 -35.75 -7.44
CA TYR A 348 -15.06 -36.51 -6.74
C TYR A 348 -14.03 -37.10 -7.68
N ALA A 349 -14.29 -37.09 -8.99
CA ALA A 349 -13.36 -37.59 -10.00
C ALA A 349 -13.24 -36.58 -11.13
N TRP A 350 -13.01 -35.32 -10.77
CA TRP A 350 -13.13 -34.22 -11.72
C TRP A 350 -12.18 -34.40 -12.90
N ASN A 351 -12.66 -34.00 -14.06
CA ASN A 351 -11.98 -34.23 -15.33
C ASN A 351 -11.22 -32.99 -15.77
N ARG A 352 -10.04 -33.23 -16.35
CA ARG A 352 -9.16 -32.17 -16.82
C ARG A 352 -8.67 -32.50 -18.22
N LYS A 353 -8.32 -31.46 -18.96
CA LYS A 353 -7.90 -31.58 -20.34
C LYS A 353 -6.74 -30.63 -20.59
N ARG A 354 -5.83 -31.06 -21.47
CA ARG A 354 -4.65 -30.30 -21.82
C ARG A 354 -4.80 -29.72 -23.23
N ILE A 355 -4.47 -28.45 -23.39
CA ILE A 355 -4.57 -27.76 -24.67
C ILE A 355 -3.23 -27.10 -24.96
N SER A 356 -2.73 -27.32 -26.18
CA SER A 356 -1.47 -26.72 -26.61
C SER A 356 -1.43 -26.73 -28.13
N ASN A 357 -0.56 -25.88 -28.68
CA ASN A 357 -0.30 -25.79 -30.11
C ASN A 357 -1.59 -25.45 -30.88
N CYS A 358 -2.12 -24.26 -30.60
CA CYS A 358 -3.35 -23.83 -31.21
C CYS A 358 -3.44 -22.31 -31.17
N VAL A 359 -4.34 -21.77 -31.99
CA VAL A 359 -4.59 -20.32 -32.05
C VAL A 359 -5.96 -20.07 -31.42
N ALA A 360 -5.98 -19.30 -30.34
CA ALA A 360 -7.19 -19.11 -29.56
C ALA A 360 -8.01 -17.93 -30.08
N ASP A 361 -9.26 -17.87 -29.61
CA ASP A 361 -10.12 -16.71 -29.84
C ASP A 361 -11.14 -16.71 -28.72
N TYR A 362 -10.93 -15.85 -27.73
CA TYR A 362 -11.71 -15.86 -26.50
C TYR A 362 -13.01 -15.08 -26.61
N SER A 363 -13.28 -14.44 -27.75
CA SER A 363 -14.51 -13.67 -27.88
C SER A 363 -15.72 -14.57 -28.07
N VAL A 364 -15.53 -15.73 -28.73
CA VAL A 364 -16.65 -16.62 -29.05
C VAL A 364 -17.39 -17.07 -27.80
N LEU A 365 -16.74 -17.00 -26.64
CA LEU A 365 -17.40 -17.39 -25.40
C LEU A 365 -18.65 -16.56 -25.13
N TYR A 366 -18.75 -15.37 -25.73
CA TYR A 366 -19.92 -14.52 -25.52
C TYR A 366 -21.17 -15.05 -26.24
N ASN A 367 -21.03 -16.07 -27.08
CA ASN A 367 -22.19 -16.61 -27.79
C ASN A 367 -23.18 -17.31 -26.87
N LEU A 368 -22.83 -17.56 -25.62
CA LEU A 368 -23.66 -18.37 -24.73
C LEU A 368 -24.81 -17.55 -24.14
N ALA A 369 -25.62 -18.22 -23.34
CA ALA A 369 -26.70 -17.59 -22.62
C ALA A 369 -26.15 -16.70 -21.50
N PRO A 370 -26.95 -15.79 -20.97
CA PRO A 370 -26.48 -14.96 -19.85
C PRO A 370 -25.94 -15.80 -18.71
N PHE A 371 -24.66 -15.58 -18.40
CA PHE A 371 -23.96 -16.38 -17.41
C PHE A 371 -24.42 -16.04 -16.00
N PHE A 372 -24.05 -16.92 -15.06
CA PHE A 372 -24.22 -16.66 -13.64
C PHE A 372 -22.93 -16.21 -12.98
N THR A 373 -21.78 -16.74 -13.41
CA THR A 373 -20.50 -16.28 -12.86
C THR A 373 -19.46 -16.33 -13.96
N PHE A 374 -18.74 -15.22 -14.14
CA PHE A 374 -17.66 -15.15 -15.13
C PHE A 374 -16.62 -14.18 -14.58
N LYS A 375 -15.61 -14.71 -13.89
CA LYS A 375 -14.64 -13.85 -13.24
C LYS A 375 -13.23 -14.34 -13.51
N CYS A 376 -12.27 -13.46 -13.25
CA CYS A 376 -10.86 -13.77 -13.49
C CYS A 376 -10.02 -13.19 -12.36
N TYR A 377 -8.89 -13.85 -12.09
CA TYR A 377 -7.94 -13.42 -11.08
C TYR A 377 -6.57 -13.29 -11.74
N GLY A 378 -5.99 -12.11 -11.63
CA GLY A 378 -4.66 -11.85 -12.12
C GLY A 378 -4.57 -11.29 -13.52
N VAL A 379 -5.62 -11.41 -14.33
CA VAL A 379 -5.62 -10.91 -15.69
C VAL A 379 -6.98 -10.28 -15.98
N SER A 380 -6.97 -9.10 -16.58
CA SER A 380 -8.21 -8.49 -17.02
C SER A 380 -8.77 -9.29 -18.20
N PRO A 381 -10.04 -9.70 -18.15
CA PRO A 381 -10.56 -10.59 -19.20
C PRO A 381 -10.65 -9.95 -20.58
N THR A 382 -10.61 -8.63 -20.69
CA THR A 382 -10.87 -7.99 -21.97
C THR A 382 -9.74 -8.25 -22.97
N LYS A 383 -8.49 -8.10 -22.53
CA LYS A 383 -7.35 -8.15 -23.43
C LYS A 383 -6.71 -9.53 -23.52
N LEU A 384 -7.47 -10.59 -23.21
CA LEU A 384 -6.89 -11.93 -23.23
C LEU A 384 -6.31 -12.29 -24.58
N ASN A 385 -6.81 -11.67 -25.66
CA ASN A 385 -6.34 -11.97 -26.99
C ASN A 385 -4.94 -11.43 -27.28
N ASP A 386 -4.37 -10.62 -26.39
CA ASP A 386 -3.09 -9.97 -26.65
C ASP A 386 -1.94 -10.57 -25.86
N LEU A 387 -2.10 -11.79 -25.34
CA LEU A 387 -1.06 -12.45 -24.59
C LEU A 387 -0.85 -13.86 -25.11
N CYS A 388 0.39 -14.33 -25.08
CA CYS A 388 0.72 -15.67 -25.52
C CYS A 388 1.12 -16.57 -24.35
N PHE A 389 0.73 -17.83 -24.45
CA PHE A 389 0.75 -18.76 -23.35
C PHE A 389 1.53 -20.00 -23.77
N THR A 390 2.00 -20.77 -22.79
CA THR A 390 2.76 -21.97 -23.11
C THR A 390 1.89 -23.21 -23.14
N ASN A 391 1.22 -23.53 -22.02
CA ASN A 391 0.34 -24.69 -21.95
C ASN A 391 -0.94 -24.28 -21.23
N VAL A 392 -2.05 -24.94 -21.60
CA VAL A 392 -3.36 -24.63 -21.03
C VAL A 392 -3.93 -25.88 -20.38
N TYR A 393 -4.41 -25.75 -19.15
CA TYR A 393 -5.11 -26.81 -18.46
C TYR A 393 -6.53 -26.35 -18.15
N ALA A 394 -7.51 -27.18 -18.46
CA ALA A 394 -8.91 -26.84 -18.26
C ALA A 394 -9.60 -27.95 -17.47
N ASP A 395 -10.24 -27.58 -16.36
CA ASP A 395 -10.98 -28.52 -15.54
C ASP A 395 -12.46 -28.25 -15.65
N SER A 396 -13.26 -29.31 -15.60
CA SER A 396 -14.71 -29.16 -15.69
C SER A 396 -15.41 -30.02 -14.66
N PHE A 397 -16.51 -29.53 -14.12
CA PHE A 397 -17.42 -30.38 -13.33
C PHE A 397 -18.75 -29.67 -13.15
N VAL A 398 -19.62 -30.26 -12.32
CA VAL A 398 -20.99 -29.78 -12.13
C VAL A 398 -21.28 -29.73 -10.63
N ILE A 399 -21.88 -28.63 -10.19
CA ILE A 399 -22.06 -28.34 -8.77
C ILE A 399 -23.50 -27.90 -8.52
N ARG A 400 -23.95 -28.09 -7.27
CA ARG A 400 -25.22 -27.58 -6.79
C ARG A 400 -25.32 -26.06 -7.00
N GLY A 401 -26.54 -25.54 -7.00
CA GLY A 401 -26.74 -24.14 -7.36
C GLY A 401 -26.10 -23.16 -6.39
N ASP A 402 -26.30 -23.37 -5.10
CA ASP A 402 -25.87 -22.37 -4.12
C ASP A 402 -24.37 -22.40 -3.89
N GLU A 403 -23.72 -23.53 -4.14
CA GLU A 403 -22.34 -23.71 -3.71
C GLU A 403 -21.32 -23.27 -4.76
N VAL A 404 -21.78 -22.67 -5.87
CA VAL A 404 -20.86 -22.16 -6.88
C VAL A 404 -19.92 -21.12 -6.28
N ARG A 405 -20.35 -20.45 -5.20
CA ARG A 405 -19.49 -19.49 -4.52
C ARG A 405 -18.20 -20.12 -4.03
N GLN A 406 -18.23 -21.42 -3.71
CA GLN A 406 -17.07 -22.07 -3.12
C GLN A 406 -15.89 -22.22 -4.07
N ILE A 407 -16.08 -21.97 -5.36
CA ILE A 407 -14.96 -21.96 -6.31
C ILE A 407 -14.38 -20.56 -6.26
N ALA A 408 -13.49 -20.34 -5.30
CA ALA A 408 -12.86 -19.04 -5.10
C ALA A 408 -11.65 -19.20 -4.19
N PRO A 409 -10.53 -18.56 -4.52
CA PRO A 409 -9.32 -18.73 -3.69
C PRO A 409 -9.50 -18.13 -2.31
N GLY A 410 -8.78 -18.70 -1.35
CA GLY A 410 -8.77 -18.20 0.00
C GLY A 410 -10.09 -18.29 0.74
N GLN A 411 -10.75 -19.45 0.64
CA GLN A 411 -11.99 -19.66 1.36
C GLN A 411 -12.18 -21.16 1.55
N THR A 412 -13.01 -21.52 2.53
CA THR A 412 -13.28 -22.92 2.84
C THR A 412 -14.76 -23.21 2.68
N GLY A 413 -15.08 -24.47 2.45
CA GLY A 413 -16.46 -24.88 2.27
C GLY A 413 -16.59 -26.37 2.19
N ASN A 414 -17.81 -26.82 1.89
CA ASN A 414 -18.11 -28.25 1.86
C ASN A 414 -17.41 -28.96 0.72
N ILE A 415 -17.04 -28.24 -0.34
CA ILE A 415 -16.25 -28.83 -1.42
C ILE A 415 -14.77 -28.52 -1.24
N ALA A 416 -14.45 -27.27 -0.86
CA ALA A 416 -13.06 -26.87 -0.71
C ALA A 416 -12.35 -27.64 0.39
N ASP A 417 -13.09 -28.27 1.29
CA ASP A 417 -12.46 -29.02 2.37
C ASP A 417 -11.87 -30.33 1.87
N TYR A 418 -12.56 -31.03 0.97
CA TYR A 418 -12.16 -32.39 0.61
C TYR A 418 -12.14 -32.70 -0.88
N ASN A 419 -12.65 -31.81 -1.74
CA ASN A 419 -12.81 -32.14 -3.16
C ASN A 419 -11.93 -31.31 -4.08
N TYR A 420 -12.05 -29.98 -4.04
CA TYR A 420 -11.35 -29.12 -4.98
C TYR A 420 -10.76 -27.95 -4.22
N LYS A 421 -9.44 -27.78 -4.31
CA LYS A 421 -8.71 -26.81 -3.51
C LYS A 421 -7.88 -25.93 -4.44
N LEU A 422 -8.29 -24.68 -4.61
CA LEU A 422 -7.51 -23.73 -5.39
C LEU A 422 -6.34 -23.19 -4.57
N PRO A 423 -5.14 -23.18 -5.13
CA PRO A 423 -4.01 -22.59 -4.42
C PRO A 423 -4.21 -21.09 -4.21
N ASP A 424 -3.62 -20.59 -3.13
CA ASP A 424 -3.80 -19.18 -2.76
C ASP A 424 -3.15 -18.21 -3.74
N ASP A 425 -2.29 -18.69 -4.63
CA ASP A 425 -1.64 -17.86 -5.63
C ASP A 425 -2.10 -18.18 -7.05
N PHE A 426 -3.35 -18.62 -7.18
CA PHE A 426 -3.86 -19.02 -8.48
C PHE A 426 -4.17 -17.79 -9.34
N THR A 427 -3.87 -17.91 -10.63
CA THR A 427 -4.23 -16.90 -11.61
C THR A 427 -4.97 -17.58 -12.75
N GLY A 428 -6.17 -17.11 -13.05
CA GLY A 428 -6.96 -17.74 -14.09
C GLY A 428 -8.42 -17.33 -13.96
N CYS A 429 -9.23 -17.93 -14.82
CA CYS A 429 -10.63 -17.54 -14.95
C CYS A 429 -11.56 -18.70 -14.61
N VAL A 430 -12.69 -18.34 -13.99
CA VAL A 430 -13.71 -19.29 -13.57
C VAL A 430 -15.02 -18.91 -14.23
N ILE A 431 -15.68 -19.90 -14.84
CA ILE A 431 -16.92 -19.70 -15.56
C ILE A 431 -17.96 -20.68 -15.02
N ALA A 432 -19.18 -20.21 -14.79
CA ALA A 432 -20.24 -21.04 -14.24
C ALA A 432 -21.58 -20.59 -14.79
N TRP A 433 -22.34 -21.55 -15.32
CA TRP A 433 -23.58 -21.26 -16.03
C TRP A 433 -24.61 -22.37 -15.78
N ASN A 434 -25.89 -21.99 -15.79
CA ASN A 434 -26.95 -22.86 -15.31
C ASN A 434 -27.26 -23.99 -16.28
N SER A 435 -27.72 -25.12 -15.73
CA SER A 435 -27.91 -26.34 -16.50
C SER A 435 -29.20 -27.06 -16.15
N ASN A 436 -30.19 -26.35 -15.60
CA ASN A 436 -31.47 -26.96 -15.31
C ASN A 436 -32.13 -27.49 -16.57
N LYS A 437 -31.89 -26.83 -17.71
CA LYS A 437 -32.50 -27.24 -18.96
C LYS A 437 -31.94 -28.55 -19.49
N LEU A 438 -30.78 -28.99 -19.02
CA LEU A 438 -30.07 -30.07 -19.68
C LEU A 438 -29.82 -31.30 -18.83
N ASP A 439 -29.93 -31.21 -17.51
CA ASP A 439 -29.47 -32.32 -16.66
C ASP A 439 -30.49 -32.63 -15.56
N SER A 440 -31.75 -32.79 -15.94
CA SER A 440 -32.77 -33.16 -14.99
C SER A 440 -33.75 -34.12 -15.65
N LYS A 441 -34.10 -35.18 -14.93
CA LYS A 441 -35.12 -36.13 -15.35
C LYS A 441 -36.32 -36.01 -14.42
N VAL A 442 -37.52 -36.20 -14.99
CA VAL A 442 -38.73 -36.00 -14.20
C VAL A 442 -38.77 -36.98 -13.03
N SER A 443 -38.18 -38.17 -13.19
CA SER A 443 -38.18 -39.18 -12.15
C SER A 443 -37.10 -38.96 -11.10
N GLY A 444 -36.23 -37.99 -11.29
CA GLY A 444 -35.15 -37.74 -10.34
C GLY A 444 -33.90 -38.50 -10.72
N ASN A 445 -32.79 -37.78 -10.91
CA ASN A 445 -31.55 -38.38 -11.38
C ASN A 445 -30.57 -38.52 -10.24
N TYR A 446 -30.02 -39.72 -10.08
CA TYR A 446 -29.15 -40.06 -8.95
C TYR A 446 -27.70 -40.29 -9.38
N ASN A 447 -27.35 -39.92 -10.60
CA ASN A 447 -26.03 -40.26 -11.15
C ASN A 447 -25.07 -39.07 -11.02
N TYR A 448 -24.81 -38.70 -9.76
CA TYR A 448 -23.83 -37.66 -9.43
C TYR A 448 -23.42 -37.88 -7.98
N LEU A 449 -22.12 -37.94 -7.73
CA LEU A 449 -21.60 -38.34 -6.43
C LEU A 449 -20.87 -37.18 -5.76
N TYR A 450 -21.02 -37.08 -4.44
CA TYR A 450 -20.36 -36.06 -3.64
C TYR A 450 -19.68 -36.71 -2.44
N ARG A 451 -18.45 -36.27 -2.16
CA ARG A 451 -17.74 -36.74 -0.99
C ARG A 451 -18.32 -36.11 0.27
N LEU A 452 -18.33 -36.88 1.35
CA LEU A 452 -18.89 -36.42 2.62
C LEU A 452 -17.87 -36.44 3.75
N PHE A 453 -17.16 -37.55 3.95
CA PHE A 453 -16.30 -37.71 5.10
C PHE A 453 -14.88 -38.12 4.68
N ARG A 454 -13.89 -37.57 5.38
CA ARG A 454 -12.51 -37.98 5.25
C ARG A 454 -11.74 -37.38 6.41
N LYS A 455 -10.59 -37.99 6.74
CA LYS A 455 -9.87 -37.64 7.97
C LYS A 455 -9.43 -36.19 7.98
N SER A 456 -8.84 -35.69 6.89
CA SER A 456 -8.29 -34.35 6.87
C SER A 456 -8.31 -33.79 5.46
N ASN A 457 -8.08 -32.49 5.35
CA ASN A 457 -8.17 -31.80 4.07
C ASN A 457 -7.04 -32.23 3.13
N LEU A 458 -7.12 -31.73 1.90
CA LEU A 458 -6.20 -32.09 0.84
C LEU A 458 -5.39 -30.87 0.40
N LYS A 459 -4.15 -31.13 -0.02
CA LYS A 459 -3.35 -30.10 -0.65
C LYS A 459 -3.94 -29.74 -2.01
N PRO A 460 -3.68 -28.53 -2.50
CA PRO A 460 -4.26 -28.11 -3.78
C PRO A 460 -3.80 -29.00 -4.93
N PHE A 461 -4.69 -29.19 -5.90
CA PHE A 461 -4.44 -29.98 -7.10
C PHE A 461 -4.10 -31.43 -6.74
N GLU A 462 -5.04 -32.09 -6.08
CA GLU A 462 -4.92 -33.50 -5.72
C GLU A 462 -6.28 -34.16 -5.80
N ARG A 463 -6.28 -35.48 -5.96
CA ARG A 463 -7.50 -36.24 -6.09
C ARG A 463 -7.42 -37.49 -5.23
N ASP A 464 -8.59 -37.97 -4.80
CA ASP A 464 -8.67 -39.17 -3.98
C ASP A 464 -10.01 -39.84 -4.24
N ILE A 465 -9.98 -41.11 -4.64
CA ILE A 465 -11.20 -41.86 -4.95
C ILE A 465 -11.23 -43.14 -4.12
N SER A 466 -10.60 -43.11 -2.95
CA SER A 466 -10.53 -44.29 -2.10
C SER A 466 -11.91 -44.69 -1.60
N THR A 467 -12.06 -46.00 -1.34
CA THR A 467 -13.32 -46.55 -0.85
C THR A 467 -13.20 -47.08 0.58
N GLU A 468 -12.22 -46.62 1.33
CA GLU A 468 -12.10 -47.02 2.73
C GLU A 468 -13.27 -46.45 3.55
N ILE A 469 -13.70 -47.21 4.53
CA ILE A 469 -14.86 -46.82 5.34
C ILE A 469 -14.44 -45.82 6.40
N TYR A 470 -15.20 -44.74 6.52
CA TYR A 470 -14.92 -43.70 7.50
C TYR A 470 -15.23 -44.20 8.91
N GLN A 471 -14.22 -44.25 9.76
CA GLN A 471 -14.37 -44.75 11.13
C GLN A 471 -14.86 -43.62 12.02
N ALA A 472 -16.17 -43.38 11.97
CA ALA A 472 -16.77 -42.32 12.78
C ALA A 472 -16.83 -42.72 14.24
N GLY A 473 -17.25 -43.95 14.53
CA GLY A 473 -17.42 -44.41 15.89
C GLY A 473 -16.13 -44.88 16.53
N ASN A 474 -16.23 -45.20 17.82
CA ASN A 474 -15.08 -45.66 18.57
C ASN A 474 -14.72 -47.10 18.23
N LYS A 475 -15.70 -47.93 17.89
CA LYS A 475 -15.44 -49.32 17.57
C LYS A 475 -14.65 -49.43 16.26
N PRO A 476 -13.74 -50.40 16.16
CA PRO A 476 -13.04 -50.61 14.89
C PRO A 476 -13.94 -51.29 13.87
N CYS A 477 -14.23 -50.58 12.78
CA CYS A 477 -15.12 -51.13 11.76
C CYS A 477 -14.50 -52.35 11.10
N ASN A 478 -13.18 -52.34 10.88
CA ASN A 478 -12.46 -53.43 10.24
C ASN A 478 -13.02 -53.74 8.85
N GLY A 479 -13.35 -52.68 8.11
CA GLY A 479 -13.86 -52.84 6.76
C GLY A 479 -15.29 -53.33 6.65
N VAL A 480 -16.09 -53.15 7.70
CA VAL A 480 -17.47 -53.60 7.72
C VAL A 480 -18.37 -52.38 7.81
N ALA A 481 -19.27 -52.22 6.86
CA ALA A 481 -20.23 -51.12 6.89
C ALA A 481 -21.27 -51.36 7.98
N GLY A 482 -21.70 -50.27 8.61
CA GLY A 482 -22.69 -50.36 9.67
C GLY A 482 -22.82 -49.05 10.40
N PHE A 483 -23.38 -49.14 11.61
CA PHE A 483 -23.57 -47.95 12.44
C PHE A 483 -22.22 -47.34 12.78
N ASN A 484 -22.12 -46.02 12.66
CA ASN A 484 -20.92 -45.24 12.90
C ASN A 484 -19.78 -45.62 11.95
N CYS A 485 -20.07 -46.38 10.90
CA CYS A 485 -19.10 -46.73 9.85
C CYS A 485 -19.82 -46.44 8.53
N TYR A 486 -19.71 -45.19 8.08
CA TYR A 486 -20.53 -44.70 6.99
C TYR A 486 -19.81 -44.82 5.65
N PHE A 487 -20.61 -44.88 4.59
CA PHE A 487 -20.07 -44.92 3.23
C PHE A 487 -19.64 -43.51 2.83
N PRO A 488 -18.44 -43.35 2.26
CA PRO A 488 -17.88 -41.99 2.09
C PRO A 488 -18.67 -41.10 1.15
N LEU A 489 -19.45 -41.65 0.22
CA LEU A 489 -20.06 -40.86 -0.83
C LEU A 489 -21.57 -40.81 -0.67
N LYS A 490 -22.16 -39.73 -1.19
CA LYS A 490 -23.61 -39.54 -1.19
C LYS A 490 -24.01 -39.02 -2.56
N SER A 491 -25.32 -38.98 -2.81
CA SER A 491 -25.85 -38.58 -4.10
C SER A 491 -26.76 -37.37 -3.94
N TYR A 492 -26.70 -36.47 -4.92
CA TYR A 492 -27.62 -35.33 -4.96
C TYR A 492 -28.89 -35.69 -5.73
N SER A 493 -29.80 -34.73 -5.79
CA SER A 493 -31.05 -34.90 -6.51
C SER A 493 -31.33 -33.65 -7.33
N PHE A 494 -31.98 -33.83 -8.48
CA PHE A 494 -32.29 -32.73 -9.38
C PHE A 494 -33.62 -33.00 -10.07
N ARG A 495 -34.58 -32.10 -9.85
CA ARG A 495 -35.89 -32.16 -10.47
C ARG A 495 -36.17 -30.85 -11.22
N PRO A 496 -36.83 -30.91 -12.37
CA PRO A 496 -37.03 -29.69 -13.16
C PRO A 496 -37.85 -28.64 -12.44
N THR A 497 -38.72 -29.03 -11.51
CA THR A 497 -39.58 -28.07 -10.83
C THR A 497 -38.94 -27.49 -9.57
N TYR A 498 -37.75 -27.95 -9.19
CA TYR A 498 -37.09 -27.37 -8.03
C TYR A 498 -36.75 -25.90 -8.28
N GLY A 499 -36.43 -25.22 -7.18
CA GLY A 499 -36.05 -23.81 -7.28
C GLY A 499 -34.65 -23.63 -7.83
N VAL A 500 -34.38 -22.38 -8.22
CA VAL A 500 -33.06 -22.05 -8.76
C VAL A 500 -31.97 -22.29 -7.73
N GLY A 501 -32.33 -22.27 -6.44
CA GLY A 501 -31.36 -22.52 -5.40
C GLY A 501 -30.77 -23.91 -5.40
N HIS A 502 -31.43 -24.87 -6.06
CA HIS A 502 -30.94 -26.23 -6.14
C HIS A 502 -30.77 -26.73 -7.56
N GLN A 503 -30.96 -25.88 -8.57
CA GLN A 503 -30.77 -26.29 -9.95
C GLN A 503 -29.28 -26.53 -10.22
N PRO A 504 -28.95 -27.43 -11.14
CA PRO A 504 -27.55 -27.75 -11.39
C PRO A 504 -26.82 -26.67 -12.18
N TYR A 505 -25.54 -26.52 -11.87
CA TYR A 505 -24.67 -25.53 -12.52
C TYR A 505 -23.43 -26.22 -13.07
N ARG A 506 -23.05 -25.85 -14.29
CA ARG A 506 -21.83 -26.35 -14.92
C ARG A 506 -20.72 -25.33 -14.74
N VAL A 507 -19.55 -25.79 -14.28
CA VAL A 507 -18.46 -24.91 -13.91
C VAL A 507 -17.18 -25.39 -14.57
N VAL A 508 -16.42 -24.46 -15.12
CA VAL A 508 -15.16 -24.71 -15.80
C VAL A 508 -14.11 -23.75 -15.25
N VAL A 509 -12.89 -24.26 -15.05
CA VAL A 509 -11.79 -23.49 -14.49
C VAL A 509 -10.61 -23.58 -15.45
N LEU A 510 -9.98 -22.43 -15.72
CA LEU A 510 -8.78 -22.38 -16.54
C LEU A 510 -7.54 -22.20 -15.67
N SER A 511 -6.38 -22.15 -16.32
CA SER A 511 -5.11 -21.95 -15.64
C SER A 511 -4.05 -21.53 -16.65
N PHE A 512 -3.13 -20.69 -16.22
CA PHE A 512 -2.16 -20.05 -17.09
C PHE A 512 -0.73 -20.28 -16.60
N GLU A 513 0.22 -19.85 -17.44
CA GLU A 513 1.65 -20.02 -17.17
C GLU A 513 2.50 -18.77 -17.37
N LEU A 514 2.06 -17.82 -18.19
CA LEU A 514 2.64 -16.47 -18.27
C LEU A 514 4.12 -16.48 -18.70
N LEU A 515 4.34 -16.90 -19.95
CA LEU A 515 5.57 -16.61 -20.71
C LEU A 515 6.85 -17.02 -19.97
N HIS A 516 6.82 -18.17 -19.31
CA HIS A 516 8.01 -18.71 -18.67
C HIS A 516 8.64 -19.84 -19.46
N ALA A 517 8.34 -19.94 -20.75
CA ALA A 517 8.82 -21.02 -21.60
C ALA A 517 8.53 -20.66 -23.06
N PRO A 518 9.01 -21.43 -24.02
CA PRO A 518 8.59 -21.21 -25.41
C PRO A 518 7.08 -21.30 -25.53
N ALA A 519 6.45 -20.18 -25.86
CA ALA A 519 5.00 -20.11 -25.94
C ALA A 519 4.48 -20.91 -27.13
N THR A 520 3.22 -21.33 -27.04
CA THR A 520 2.59 -22.11 -28.09
C THR A 520 1.21 -21.66 -28.50
N VAL A 521 0.50 -20.89 -27.67
CA VAL A 521 -0.90 -20.56 -27.93
C VAL A 521 -1.10 -19.06 -27.72
N CYS A 522 -1.59 -18.37 -28.75
CA CYS A 522 -2.15 -17.03 -28.61
C CYS A 522 -2.84 -16.63 -29.91
N GLY A 523 -3.22 -15.36 -29.98
CA GLY A 523 -4.18 -14.87 -30.94
C GLY A 523 -3.73 -14.85 -32.37
N PRO A 524 -4.60 -14.37 -33.25
CA PRO A 524 -4.37 -14.50 -34.70
C PRO A 524 -3.57 -13.35 -35.30
N LYS A 525 -2.89 -12.57 -34.47
CA LYS A 525 -2.13 -11.43 -34.98
C LYS A 525 -1.10 -11.89 -36.01
N LYS A 526 -0.99 -11.14 -37.10
CA LYS A 526 -0.16 -11.51 -38.22
C LYS A 526 1.24 -10.93 -38.07
N SER A 527 2.22 -11.63 -38.64
CA SER A 527 3.62 -11.25 -38.54
C SER A 527 3.96 -10.18 -39.59
N THR A 528 5.25 -9.88 -39.70
CA THR A 528 5.75 -8.90 -40.66
C THR A 528 7.21 -9.17 -40.92
N ASN A 529 7.75 -8.49 -41.93
CA ASN A 529 9.17 -8.60 -42.23
C ASN A 529 10.00 -7.92 -41.13
N LEU A 530 11.27 -8.30 -41.06
CA LEU A 530 12.16 -7.88 -39.99
C LEU A 530 13.17 -6.85 -40.49
N VAL A 531 13.31 -5.75 -39.75
CA VAL A 531 14.20 -4.65 -40.08
C VAL A 531 15.12 -4.39 -38.91
N LYS A 532 16.38 -4.07 -39.19
CA LYS A 532 17.37 -3.85 -38.14
C LYS A 532 18.22 -2.62 -38.47
N ASN A 533 19.08 -2.26 -37.52
CA ASN A 533 20.00 -1.13 -37.63
C ASN A 533 19.27 0.22 -37.68
N LYS A 534 18.06 0.28 -37.13
CA LYS A 534 17.31 1.53 -37.06
C LYS A 534 16.55 1.54 -35.74
N CYS A 535 16.17 2.75 -35.31
CA CYS A 535 15.47 2.89 -34.04
C CYS A 535 13.99 2.57 -34.26
N VAL A 536 13.53 1.45 -33.67
CA VAL A 536 12.28 0.82 -34.04
C VAL A 536 11.54 0.39 -32.77
N ASN A 537 10.21 0.42 -32.84
CA ASN A 537 9.35 -0.15 -31.82
C ASN A 537 9.07 -1.61 -32.15
N PHE A 538 9.15 -2.49 -31.16
CA PHE A 538 9.07 -3.93 -31.38
C PHE A 538 8.20 -4.59 -30.32
N ASN A 539 7.66 -5.75 -30.69
CA ASN A 539 6.81 -6.56 -29.82
C ASN A 539 7.13 -8.03 -30.09
N PHE A 540 7.76 -8.70 -29.12
CA PHE A 540 8.10 -10.12 -29.24
C PHE A 540 7.33 -10.89 -28.17
N ASN A 541 6.32 -11.65 -28.60
CA ASN A 541 5.59 -12.57 -27.72
C ASN A 541 5.05 -11.87 -26.48
N GLY A 542 4.46 -10.69 -26.66
CA GLY A 542 3.91 -9.94 -25.55
C GLY A 542 4.90 -9.10 -24.78
N LEU A 543 6.19 -9.18 -25.11
CA LEU A 543 7.20 -8.31 -24.54
C LEU A 543 7.42 -7.14 -25.48
N LYS A 544 7.01 -5.95 -25.06
CA LYS A 544 7.09 -4.76 -25.90
C LYS A 544 8.32 -3.94 -25.53
N GLY A 545 8.83 -3.20 -26.50
CA GLY A 545 9.99 -2.35 -26.23
C GLY A 545 10.31 -1.47 -27.42
N THR A 546 11.29 -0.60 -27.22
CA THR A 546 11.79 0.27 -28.26
C THR A 546 13.31 0.25 -28.24
N GLY A 547 13.91 0.37 -29.41
CA GLY A 547 15.37 0.43 -29.44
C GLY A 547 15.90 -0.03 -30.79
N VAL A 548 17.11 -0.56 -30.76
CA VAL A 548 17.84 -0.98 -31.95
C VAL A 548 18.21 -2.44 -31.82
N LEU A 549 17.94 -3.23 -32.86
CA LEU A 549 18.26 -4.64 -32.91
C LEU A 549 19.40 -4.87 -33.89
N THR A 550 20.37 -5.71 -33.49
CA THR A 550 21.49 -6.03 -34.35
C THR A 550 21.90 -7.47 -34.12
N GLU A 551 22.61 -8.01 -35.09
CA GLU A 551 23.10 -9.39 -34.98
C GLU A 551 24.15 -9.49 -33.89
N SER A 552 24.09 -10.57 -33.12
CA SER A 552 25.03 -10.79 -32.03
C SER A 552 25.70 -12.16 -32.16
N ASN A 553 26.45 -12.56 -31.13
CA ASN A 553 27.13 -13.84 -31.18
C ASN A 553 27.13 -14.57 -29.85
N LYS A 554 26.22 -14.22 -28.94
CA LYS A 554 26.11 -14.94 -27.68
C LYS A 554 25.60 -16.36 -27.94
N LYS A 555 26.11 -17.31 -27.16
CA LYS A 555 25.77 -18.72 -27.32
C LYS A 555 24.84 -19.13 -26.19
N PHE A 556 23.71 -19.75 -26.54
CA PHE A 556 22.72 -20.20 -25.57
C PHE A 556 22.60 -21.72 -25.60
N LEU A 557 22.15 -22.26 -24.48
CA LEU A 557 21.72 -23.64 -24.43
C LEU A 557 20.39 -23.79 -25.17
N PRO A 558 20.10 -24.99 -25.67
CA PRO A 558 18.91 -25.14 -26.55
C PRO A 558 17.60 -24.76 -25.90
N PHE A 559 17.47 -24.85 -24.57
CA PHE A 559 16.21 -24.58 -23.91
C PHE A 559 16.03 -23.12 -23.51
N GLN A 560 17.07 -22.29 -23.65
CA GLN A 560 16.99 -20.91 -23.19
C GLN A 560 16.12 -20.07 -24.12
N GLN A 561 15.54 -19.01 -23.56
CA GLN A 561 14.66 -18.15 -24.34
C GLN A 561 14.88 -16.65 -24.16
N PHE A 562 15.48 -16.19 -23.06
CA PHE A 562 15.63 -14.76 -22.82
C PHE A 562 16.99 -14.46 -22.24
N GLY A 563 17.36 -13.19 -22.29
CA GLY A 563 18.57 -12.72 -21.65
C GLY A 563 18.32 -11.51 -20.77
N ARG A 564 18.84 -11.52 -19.56
CA ARG A 564 18.65 -10.42 -18.63
C ARG A 564 19.99 -9.78 -18.29
N ASP A 565 19.97 -8.86 -17.33
CA ASP A 565 21.19 -8.17 -16.91
C ASP A 565 21.02 -7.80 -15.43
N ILE A 566 21.84 -6.86 -14.96
CA ILE A 566 21.80 -6.48 -13.55
C ILE A 566 20.45 -5.88 -13.20
N ALA A 567 19.95 -4.99 -14.05
CA ALA A 567 18.71 -4.27 -13.79
C ALA A 567 17.46 -5.06 -14.15
N ASP A 568 17.60 -6.37 -14.36
CA ASP A 568 16.49 -7.27 -14.68
C ASP A 568 15.81 -6.90 -16.00
N THR A 569 16.40 -6.02 -16.80
CA THR A 569 15.82 -5.68 -18.08
C THR A 569 16.23 -6.70 -19.14
N THR A 570 15.47 -6.73 -20.22
CA THR A 570 15.75 -7.66 -21.31
C THR A 570 16.88 -7.13 -22.17
N ASP A 571 17.80 -8.03 -22.52
CA ASP A 571 18.98 -7.68 -23.31
C ASP A 571 19.08 -8.49 -24.59
N ALA A 572 18.80 -9.79 -24.53
CA ALA A 572 18.92 -10.66 -25.69
C ALA A 572 17.67 -11.51 -25.83
N VAL A 573 17.16 -11.62 -27.06
CA VAL A 573 15.99 -12.41 -27.36
C VAL A 573 16.31 -13.35 -28.51
N ARG A 574 15.41 -14.31 -28.71
CA ARG A 574 15.51 -15.29 -29.78
C ARG A 574 14.24 -15.20 -30.62
N ASP A 575 14.40 -15.04 -31.92
CA ASP A 575 13.25 -14.89 -32.79
C ASP A 575 12.51 -16.21 -32.89
N PRO A 576 11.24 -16.29 -32.47
CA PRO A 576 10.51 -17.56 -32.60
C PRO A 576 10.28 -17.98 -34.03
N GLN A 577 10.35 -17.07 -35.00
CA GLN A 577 10.12 -17.43 -36.39
C GLN A 577 11.30 -18.21 -36.97
N THR A 578 12.51 -17.77 -36.68
CA THR A 578 13.70 -18.42 -37.20
C THR A 578 14.77 -18.44 -36.11
N LEU A 579 15.44 -19.57 -35.96
CA LEU A 579 16.39 -19.73 -34.87
C LEU A 579 17.65 -18.90 -35.06
N GLU A 580 17.65 -17.70 -34.48
CA GLU A 580 18.84 -16.86 -34.42
C GLU A 580 18.66 -15.89 -33.28
N ILE A 581 19.78 -15.34 -32.79
CA ILE A 581 19.82 -14.57 -31.56
C ILE A 581 19.95 -13.10 -31.90
N LEU A 582 19.26 -12.26 -31.13
CA LEU A 582 19.30 -10.81 -31.33
C LEU A 582 19.45 -10.14 -29.96
N ASP A 583 19.92 -8.90 -29.96
CA ASP A 583 20.03 -8.12 -28.73
C ASP A 583 19.39 -6.75 -28.94
N ILE A 584 19.26 -6.01 -27.83
CA ILE A 584 18.56 -4.74 -27.80
C ILE A 584 19.52 -3.67 -27.30
N THR A 585 19.53 -2.52 -27.97
CA THR A 585 20.31 -1.37 -27.52
C THR A 585 19.41 -0.14 -27.47
N PRO A 586 19.38 0.59 -26.36
CA PRO A 586 18.53 1.78 -26.29
C PRO A 586 18.97 2.84 -27.28
N CYS A 587 18.00 3.61 -27.78
CA CYS A 587 18.25 4.61 -28.80
C CYS A 587 18.95 5.82 -28.20
N SER A 588 19.67 6.55 -29.04
CA SER A 588 20.57 7.60 -28.58
C SER A 588 19.81 8.75 -27.92
N PHE A 589 20.41 9.32 -26.88
CA PHE A 589 19.80 10.40 -26.13
C PHE A 589 20.91 11.17 -25.41
N GLY A 590 20.57 12.36 -24.94
CA GLY A 590 21.55 13.14 -24.21
C GLY A 590 20.96 14.41 -23.65
N GLY A 591 21.83 15.23 -23.07
CA GLY A 591 21.44 16.51 -22.52
C GLY A 591 21.96 17.70 -23.33
N VAL A 592 21.30 18.84 -23.22
CA VAL A 592 21.60 20.02 -24.04
C VAL A 592 21.88 21.20 -23.14
N SER A 593 22.72 22.12 -23.61
CA SER A 593 23.05 23.31 -22.84
C SER A 593 23.16 24.51 -23.78
N VAL A 594 22.98 25.70 -23.21
CA VAL A 594 22.98 26.94 -23.96
C VAL A 594 23.97 27.90 -23.34
N ILE A 595 24.81 28.52 -24.17
CA ILE A 595 25.74 29.55 -23.71
C ILE A 595 25.34 30.87 -24.35
N THR A 596 25.33 31.93 -23.55
CA THR A 596 24.86 33.22 -24.05
C THR A 596 25.55 34.35 -23.30
N PRO A 597 25.79 35.48 -23.96
CA PRO A 597 26.21 36.69 -23.26
C PRO A 597 24.98 37.41 -22.71
N GLY A 598 25.23 38.58 -22.14
CA GLY A 598 24.14 39.32 -21.50
C GLY A 598 23.09 39.75 -22.52
N THR A 599 21.82 39.65 -22.11
CA THR A 599 20.71 40.05 -22.95
C THR A 599 20.64 41.57 -23.15
N ASN A 600 21.35 42.34 -22.33
CA ASN A 600 21.39 43.79 -22.54
C ASN A 600 22.10 44.13 -23.84
N THR A 601 23.19 43.41 -24.16
CA THR A 601 24.04 43.75 -25.29
C THR A 601 23.50 43.22 -26.61
N SER A 602 23.33 41.90 -26.71
CA SER A 602 22.91 41.27 -27.95
C SER A 602 22.04 40.07 -27.63
N ASN A 603 21.59 39.37 -28.68
CA ASN A 603 20.77 38.18 -28.52
C ASN A 603 21.28 37.02 -29.37
N GLN A 604 22.60 36.93 -29.52
CA GLN A 604 23.19 35.76 -30.16
C GLN A 604 23.46 34.68 -29.12
N VAL A 605 23.25 33.43 -29.49
CA VAL A 605 23.40 32.30 -28.57
C VAL A 605 24.18 31.19 -29.27
N ALA A 606 24.71 30.28 -28.47
CA ALA A 606 25.35 29.09 -29.02
C ALA A 606 24.89 27.88 -28.22
N VAL A 607 24.88 26.72 -28.88
CA VAL A 607 24.28 25.53 -28.30
C VAL A 607 25.35 24.43 -28.17
N LEU A 608 25.18 23.60 -27.15
CA LEU A 608 26.15 22.58 -26.79
C LEU A 608 25.43 21.26 -26.60
N TYR A 609 25.82 20.23 -27.36
CA TYR A 609 25.31 18.88 -27.20
C TYR A 609 26.34 18.06 -26.43
N GLN A 610 25.89 17.32 -25.43
CA GLN A 610 26.76 16.64 -24.49
C GLN A 610 26.87 15.16 -24.80
N GLY A 611 28.10 14.64 -24.76
CA GLY A 611 28.33 13.21 -24.77
C GLY A 611 27.82 12.48 -25.98
N VAL A 612 27.73 13.15 -27.13
CA VAL A 612 27.25 12.52 -28.35
C VAL A 612 28.14 12.96 -29.50
N ASN A 613 28.85 12.03 -30.11
CA ASN A 613 29.51 12.31 -31.38
C ASN A 613 28.45 12.70 -32.40
N CYS A 614 28.50 13.94 -32.85
CA CYS A 614 27.40 14.51 -33.64
C CYS A 614 27.65 14.42 -35.13
N THR A 615 28.22 13.30 -35.58
CA THR A 615 27.98 12.86 -36.95
C THR A 615 26.54 12.42 -37.14
N GLU A 616 25.77 12.32 -36.06
CA GLU A 616 24.37 11.89 -36.09
C GLU A 616 23.39 13.04 -35.91
N VAL A 617 23.68 14.01 -35.04
CA VAL A 617 22.68 15.03 -34.71
C VAL A 617 22.26 15.87 -35.91
N PRO A 618 23.17 16.43 -36.71
CA PRO A 618 22.72 17.20 -37.89
C PRO A 618 21.91 16.37 -38.88
N VAL A 619 22.21 15.08 -39.03
CA VAL A 619 21.44 14.23 -39.94
C VAL A 619 20.24 13.60 -39.26
N ALA A 620 20.11 13.73 -37.94
CA ALA A 620 18.94 13.27 -37.21
C ALA A 620 18.00 14.42 -36.85
N ILE A 621 18.21 15.60 -37.43
CA ILE A 621 17.34 16.74 -37.16
C ILE A 621 15.91 16.47 -37.59
N HIS A 622 15.71 15.58 -38.56
CA HIS A 622 14.37 15.27 -39.05
C HIS A 622 13.58 14.55 -37.96
N ALA A 623 12.53 15.21 -37.46
CA ALA A 623 11.70 14.69 -36.37
C ALA A 623 12.54 14.39 -35.13
N ASP A 624 13.54 15.24 -34.88
CA ASP A 624 14.44 15.04 -33.76
C ASP A 624 13.71 15.11 -32.43
N GLN A 625 12.83 16.09 -32.26
CA GLN A 625 12.15 16.34 -31.01
C GLN A 625 10.65 16.45 -31.25
N LEU A 626 9.90 16.54 -30.15
CA LEU A 626 8.48 16.86 -30.26
C LEU A 626 8.28 18.23 -30.88
N THR A 627 9.18 19.17 -30.59
CA THR A 627 9.18 20.49 -31.21
C THR A 627 10.59 20.77 -31.69
N PRO A 628 10.80 21.10 -32.97
CA PRO A 628 12.15 21.43 -33.44
C PRO A 628 12.62 22.78 -32.93
N THR A 629 12.72 22.92 -31.61
CA THR A 629 13.12 24.17 -30.99
C THR A 629 14.57 24.54 -31.28
N TRP A 630 15.36 23.60 -31.81
CA TRP A 630 16.76 23.87 -32.07
C TRP A 630 17.14 23.61 -33.53
N ARG A 631 16.16 23.40 -34.41
CA ARG A 631 16.48 23.05 -35.80
C ARG A 631 17.27 24.16 -36.49
N VAL A 632 16.84 25.41 -36.33
CA VAL A 632 17.49 26.52 -37.03
C VAL A 632 18.92 26.70 -36.53
N TYR A 633 19.16 26.49 -35.25
CA TYR A 633 20.50 26.61 -34.69
C TYR A 633 21.24 25.28 -34.67
N SER A 634 20.66 24.23 -35.21
CA SER A 634 21.33 22.96 -35.44
C SER A 634 21.39 22.64 -36.92
N THR A 635 21.59 23.68 -37.73
CA THR A 635 21.60 23.50 -39.18
C THR A 635 22.75 22.59 -39.62
N GLY A 636 23.93 22.78 -39.03
CA GLY A 636 25.10 22.06 -39.45
C GLY A 636 26.07 22.84 -40.32
N SER A 637 25.84 24.14 -40.50
CA SER A 637 26.75 24.95 -41.30
C SER A 637 28.12 25.05 -40.65
N ASN A 638 28.17 25.24 -39.33
CA ASN A 638 29.43 25.38 -38.59
C ASN A 638 29.39 24.48 -37.37
N VAL A 639 30.29 23.51 -37.32
CA VAL A 639 30.32 22.50 -36.28
C VAL A 639 31.71 22.43 -35.67
N PHE A 640 31.78 22.22 -34.36
CA PHE A 640 33.05 21.93 -33.72
C PHE A 640 32.84 20.79 -32.72
N GLN A 641 33.90 20.03 -32.45
CA GLN A 641 33.83 18.89 -31.55
C GLN A 641 34.92 18.99 -30.49
N THR A 642 34.56 18.68 -29.24
CA THR A 642 35.49 18.71 -28.12
C THR A 642 35.25 17.49 -27.25
N ARG A 643 36.15 17.30 -26.28
CA ARG A 643 36.06 16.13 -25.41
C ARG A 643 34.74 16.10 -24.67
N ALA A 644 34.17 17.26 -24.34
CA ALA A 644 32.91 17.29 -23.62
C ALA A 644 31.71 17.02 -24.51
N GLY A 645 31.87 17.05 -25.83
CA GLY A 645 30.74 16.84 -26.72
C GLY A 645 30.93 17.58 -28.03
N CYS A 646 29.93 18.34 -28.46
CA CYS A 646 30.17 19.19 -29.62
C CYS A 646 29.33 20.45 -29.54
N LEU A 647 29.74 21.44 -30.32
CA LEU A 647 29.31 22.82 -30.16
C LEU A 647 28.91 23.39 -31.51
N ILE A 648 27.81 24.16 -31.50
CA ILE A 648 27.29 24.81 -32.71
C ILE A 648 27.07 26.28 -32.40
N GLY A 649 27.56 27.15 -33.29
CA GLY A 649 27.33 28.57 -33.19
C GLY A 649 28.56 29.43 -32.98
N ALA A 650 29.74 28.84 -32.94
CA ALA A 650 30.96 29.60 -32.70
C ALA A 650 32.02 29.23 -33.74
N GLU A 651 33.20 29.83 -33.60
CA GLU A 651 34.31 29.60 -34.52
C GLU A 651 35.59 29.42 -33.74
N TYR A 652 36.50 28.60 -34.27
CA TYR A 652 37.76 28.29 -33.62
C TYR A 652 38.79 29.34 -33.96
N VAL A 653 39.65 29.66 -32.98
CA VAL A 653 40.67 30.70 -33.13
C VAL A 653 41.96 30.21 -32.50
N ASN A 654 43.09 30.53 -33.14
CA ASN A 654 44.39 30.07 -32.66
C ASN A 654 44.93 30.88 -31.49
N ASN A 655 44.34 32.04 -31.20
CA ASN A 655 44.87 32.91 -30.15
C ASN A 655 44.62 32.31 -28.77
N SER A 656 44.91 33.11 -27.75
CA SER A 656 44.66 32.70 -26.36
C SER A 656 44.47 33.94 -25.50
N TYR A 657 43.56 33.84 -24.54
CA TYR A 657 43.28 34.93 -23.60
C TYR A 657 43.00 34.32 -22.24
N GLU A 658 42.44 35.13 -21.33
CA GLU A 658 41.98 34.63 -20.05
C GLU A 658 40.54 34.17 -20.18
N CYS A 659 40.20 33.07 -19.49
CA CYS A 659 38.90 32.45 -19.69
C CYS A 659 37.78 33.35 -19.17
N ASP A 660 36.64 33.29 -19.85
CA ASP A 660 35.46 34.08 -19.52
C ASP A 660 34.26 33.22 -19.16
N ILE A 661 33.90 32.27 -20.02
CA ILE A 661 32.75 31.40 -19.76
C ILE A 661 33.21 29.95 -19.83
N PRO A 662 33.27 29.24 -18.71
CA PRO A 662 33.79 27.86 -18.74
C PRO A 662 32.84 26.90 -19.42
N ILE A 663 33.40 26.05 -20.29
CA ILE A 663 32.63 25.03 -21.00
C ILE A 663 33.10 23.63 -20.67
N GLY A 664 34.39 23.42 -20.49
CA GLY A 664 34.92 22.12 -20.11
C GLY A 664 36.17 21.76 -20.89
N ALA A 665 36.92 20.80 -20.35
CA ALA A 665 38.08 20.20 -21.01
C ALA A 665 39.06 21.25 -21.53
N GLY A 666 39.18 22.35 -20.79
CA GLY A 666 40.14 23.37 -21.13
C GLY A 666 39.74 24.29 -22.27
N ILE A 667 38.47 24.33 -22.65
CA ILE A 667 38.00 25.24 -23.69
C ILE A 667 37.19 26.34 -23.04
N CYS A 668 37.14 27.50 -23.68
CA CYS A 668 36.35 28.62 -23.18
C CYS A 668 35.72 29.34 -24.36
N ALA A 669 34.60 30.02 -24.08
CA ALA A 669 33.87 30.77 -25.08
C ALA A 669 33.57 32.16 -24.56
N SER A 670 33.54 33.13 -25.47
CA SER A 670 33.36 34.53 -25.10
C SER A 670 32.74 35.28 -26.27
N TYR A 671 32.51 36.57 -26.06
CA TYR A 671 31.86 37.45 -27.02
C TYR A 671 32.90 38.44 -27.54
N GLN A 672 33.08 38.50 -28.85
CA GLN A 672 34.22 39.22 -29.42
C GLN A 672 33.80 40.04 -30.62
N THR A 673 34.53 41.14 -30.83
CA THR A 673 34.39 42.00 -32.00
C THR A 673 35.51 41.70 -32.99
N GLN A 674 35.16 41.64 -34.27
CA GLN A 674 36.14 41.38 -35.32
C GLN A 674 36.53 42.61 -36.13
N THR A 675 35.64 43.58 -36.27
CA THR A 675 35.95 44.80 -37.02
C THR A 675 35.09 45.96 -36.56
N SER A 686 30.06 43.24 -36.46
CA SER A 686 30.82 42.03 -36.78
C SER A 686 31.03 41.18 -35.54
N GLN A 687 30.35 41.55 -34.45
CA GLN A 687 30.48 40.82 -33.20
C GLN A 687 29.90 39.42 -33.31
N SER A 688 30.51 38.47 -32.60
CA SER A 688 30.04 37.10 -32.62
C SER A 688 30.60 36.38 -31.39
N ILE A 689 30.48 35.05 -31.40
CA ILE A 689 30.90 34.20 -30.29
C ILE A 689 32.12 33.41 -30.71
N ILE A 690 33.14 33.40 -29.86
CA ILE A 690 34.44 32.79 -30.17
C ILE A 690 34.78 31.77 -29.11
N ALA A 691 35.30 30.62 -29.54
CA ALA A 691 35.84 29.61 -28.65
C ALA A 691 37.35 29.55 -28.80
N TYR A 692 38.04 29.19 -27.72
CA TYR A 692 39.49 29.20 -27.72
C TYR A 692 40.00 28.37 -26.54
N THR A 693 41.31 28.26 -26.45
CA THR A 693 41.97 27.53 -25.37
C THR A 693 42.58 28.54 -24.39
N MET A 694 42.34 28.31 -23.10
CA MET A 694 42.73 29.29 -22.10
C MET A 694 44.25 29.41 -22.02
N SER A 695 44.71 30.61 -21.63
CA SER A 695 46.12 30.93 -21.52
C SER A 695 46.50 31.04 -20.06
N LEU A 696 47.61 30.39 -19.69
CA LEU A 696 48.02 30.39 -18.29
C LEU A 696 48.57 31.74 -17.86
N GLY A 697 49.41 32.34 -18.68
CA GLY A 697 50.00 33.62 -18.35
C GLY A 697 51.24 33.89 -19.15
N ALA A 698 51.87 35.02 -18.85
CA ALA A 698 53.08 35.42 -19.55
C ALA A 698 54.27 34.57 -19.12
N GLU A 699 55.37 34.72 -19.85
CA GLU A 699 56.60 33.99 -19.57
C GLU A 699 57.71 34.97 -19.25
N ASN A 700 58.38 34.75 -18.12
CA ASN A 700 59.47 35.64 -17.67
C ASN A 700 60.48 34.78 -16.91
N SER A 701 61.48 34.31 -17.62
CA SER A 701 62.48 33.42 -17.03
C SER A 701 63.50 34.23 -16.24
N VAL A 702 63.80 33.77 -15.03
CA VAL A 702 64.75 34.47 -14.17
C VAL A 702 66.16 34.03 -14.51
N ALA A 703 67.09 34.98 -14.49
CA ALA A 703 68.48 34.67 -14.74
C ALA A 703 69.08 33.92 -13.55
N TYR A 704 70.21 33.26 -13.79
CA TYR A 704 70.88 32.51 -12.75
C TYR A 704 72.38 32.56 -12.99
N SER A 705 73.15 32.63 -11.91
CA SER A 705 74.60 32.64 -12.02
C SER A 705 75.20 32.21 -10.68
N ASN A 706 76.48 31.87 -10.72
CA ASN A 706 77.16 31.40 -9.52
C ASN A 706 77.24 32.49 -8.46
N ASN A 707 77.57 33.71 -8.86
CA ASN A 707 77.92 34.77 -7.91
C ASN A 707 77.22 36.08 -8.28
N SER A 708 75.91 36.02 -8.50
CA SER A 708 75.14 37.22 -8.80
C SER A 708 73.88 37.24 -7.96
N ILE A 709 73.58 38.39 -7.35
CA ILE A 709 72.34 38.59 -6.62
C ILE A 709 71.68 39.88 -7.09
N ALA A 710 70.48 40.11 -6.58
CA ALA A 710 69.70 41.30 -6.91
C ALA A 710 69.18 41.93 -5.63
N ILE A 711 69.18 43.26 -5.57
CA ILE A 711 68.75 43.94 -4.36
C ILE A 711 67.83 45.12 -4.71
N PRO A 712 66.74 45.32 -3.99
CA PRO A 712 65.88 46.48 -4.25
C PRO A 712 66.47 47.76 -3.70
N THR A 713 65.97 48.88 -4.20
CA THR A 713 66.45 50.21 -3.79
C THR A 713 65.33 51.20 -3.54
N ASN A 714 64.07 50.76 -3.54
CA ASN A 714 62.93 51.64 -3.34
C ASN A 714 61.74 50.79 -2.94
N PHE A 715 60.75 51.41 -2.33
CA PHE A 715 59.60 50.67 -1.80
C PHE A 715 58.32 51.42 -2.08
N THR A 716 57.19 50.76 -1.81
CA THR A 716 55.91 51.44 -1.88
C THR A 716 54.91 50.73 -0.99
N ILE A 717 53.79 51.40 -0.75
CA ILE A 717 52.75 50.95 0.17
C ILE A 717 51.43 50.82 -0.58
N SER A 718 50.70 49.75 -0.32
CA SER A 718 49.45 49.47 -0.99
C SER A 718 48.39 49.07 0.03
N VAL A 719 47.14 49.04 -0.41
CA VAL A 719 46.02 48.62 0.43
C VAL A 719 45.22 47.56 -0.31
N THR A 720 44.56 46.70 0.45
CA THR A 720 43.78 45.60 -0.13
C THR A 720 42.55 45.36 0.73
N THR A 721 41.51 44.82 0.10
CA THR A 721 40.23 44.60 0.77
C THR A 721 39.87 43.12 0.80
N GLU A 722 39.12 42.73 1.83
CA GLU A 722 38.56 41.38 1.88
C GLU A 722 37.20 41.42 2.57
N ILE A 723 36.35 40.46 2.23
CA ILE A 723 34.96 40.43 2.69
C ILE A 723 34.66 39.04 3.25
N LEU A 724 33.97 39.00 4.40
CA LEU A 724 33.59 37.71 4.99
C LEU A 724 32.17 37.70 5.53
N PRO A 725 31.35 36.70 5.16
CA PRO A 725 30.03 36.55 5.77
C PRO A 725 30.15 36.11 7.22
N VAL A 726 29.17 36.48 8.02
CA VAL A 726 29.23 36.16 9.45
C VAL A 726 27.98 35.43 9.92
N SER A 727 26.83 35.66 9.27
CA SER A 727 25.59 35.08 9.77
C SER A 727 24.53 35.15 8.69
N MET A 728 23.48 34.35 8.89
CA MET A 728 22.34 34.27 7.98
C MET A 728 21.08 34.75 8.69
N THR A 729 19.96 34.72 7.96
CA THR A 729 18.69 35.19 8.51
C THR A 729 17.97 34.07 9.23
N LYS A 730 17.53 34.34 10.46
CA LYS A 730 16.80 33.36 11.23
C LYS A 730 15.41 33.14 10.64
N THR A 731 14.72 32.12 11.14
CA THR A 731 13.38 31.81 10.66
C THR A 731 12.64 31.01 11.72
N SER A 732 11.32 30.96 11.56
CA SER A 732 10.49 30.18 12.47
C SER A 732 9.24 29.70 11.74
N VAL A 733 8.74 28.54 12.17
CA VAL A 733 7.61 27.89 11.53
C VAL A 733 6.74 27.26 12.62
N ASP A 734 5.42 27.32 12.41
CA ASP A 734 4.46 26.60 13.24
C ASP A 734 3.79 25.54 12.38
N CYS A 735 3.93 24.27 12.79
CA CYS A 735 3.55 23.18 11.92
C CYS A 735 2.04 23.14 11.67
N THR A 736 1.24 23.43 12.70
CA THR A 736 -0.21 23.23 12.58
C THR A 736 -0.80 24.11 11.50
N MET A 737 -0.41 25.38 11.44
CA MET A 737 -0.96 26.27 10.43
C MET A 737 -0.63 25.81 9.02
N TYR A 738 0.62 25.45 8.78
CA TYR A 738 1.05 25.11 7.42
C TYR A 738 0.48 23.77 6.99
N ILE A 739 0.46 22.79 7.88
CA ILE A 739 0.08 21.44 7.49
C ILE A 739 -1.43 21.22 7.44
N CYS A 740 -2.21 22.08 8.08
CA CYS A 740 -3.65 21.84 8.19
C CYS A 740 -4.33 23.17 8.49
N GLY A 741 -5.12 23.67 7.54
CA GLY A 741 -5.69 24.99 7.64
C GLY A 741 -6.72 25.20 8.73
N ASP A 742 -7.86 24.53 8.62
CA ASP A 742 -8.99 24.80 9.52
C ASP A 742 -9.82 23.58 9.88
N SER A 743 -9.69 22.45 9.18
CA SER A 743 -10.56 21.32 9.42
C SER A 743 -10.32 20.73 10.80
N THR A 744 -11.40 20.64 11.59
CA THR A 744 -11.28 20.08 12.93
C THR A 744 -10.91 18.61 12.89
N GLU A 745 -11.53 17.85 11.99
CA GLU A 745 -11.18 16.43 11.86
C GLU A 745 -9.71 16.27 11.47
N CYS A 746 -9.23 17.10 10.57
CA CYS A 746 -7.81 17.14 10.25
C CYS A 746 -6.97 17.46 11.48
N SER A 747 -7.45 18.38 12.33
CA SER A 747 -6.71 18.72 13.54
C SER A 747 -6.61 17.52 14.47
N ASN A 748 -7.69 16.77 14.63
CA ASN A 748 -7.62 15.55 15.43
C ASN A 748 -6.71 14.52 14.80
N LEU A 749 -6.77 14.36 13.48
CA LEU A 749 -5.96 13.34 12.81
C LEU A 749 -4.47 13.67 12.89
N LEU A 750 -4.11 14.95 12.87
CA LEU A 750 -2.70 15.33 12.91
C LEU A 750 -2.02 14.85 14.19
N LEU A 751 -2.69 15.03 15.34
CA LEU A 751 -2.11 14.58 16.60
C LEU A 751 -1.89 13.08 16.61
N GLN A 752 -2.79 12.34 15.95
CA GLN A 752 -2.64 10.89 15.90
C GLN A 752 -1.56 10.46 14.92
N TYR A 753 -1.30 11.28 13.89
CA TYR A 753 -0.35 10.88 12.85
C TYR A 753 1.05 10.71 13.40
N GLY A 754 1.48 11.61 14.28
CA GLY A 754 2.81 11.51 14.84
C GLY A 754 3.13 12.73 15.69
N SER A 755 4.37 12.77 16.13
CA SER A 755 4.88 13.85 16.98
C SER A 755 6.14 14.46 16.37
N PHE A 756 6.09 14.75 15.06
CA PHE A 756 7.24 15.36 14.42
C PHE A 756 7.39 16.84 14.79
N CYS A 757 6.27 17.53 14.99
CA CYS A 757 6.29 18.98 15.17
C CYS A 757 7.26 19.39 16.28
N THR A 758 7.27 18.63 17.37
CA THR A 758 8.18 18.93 18.46
C THR A 758 9.63 18.89 18.00
N GLN A 759 10.00 17.87 17.23
CA GLN A 759 11.41 17.78 16.85
C GLN A 759 11.78 18.79 15.77
N LEU A 760 10.85 19.15 14.89
CA LEU A 760 11.17 20.23 13.96
C LEU A 760 11.39 21.55 14.69
N LYS A 761 10.54 21.87 15.67
CA LYS A 761 10.77 23.09 16.44
C LYS A 761 12.09 23.02 17.20
N ARG A 762 12.40 21.86 17.79
CA ARG A 762 13.64 21.70 18.52
C ARG A 762 14.86 21.83 17.61
N ALA A 763 14.73 21.43 16.34
CA ALA A 763 15.83 21.59 15.41
C ALA A 763 16.00 23.06 14.99
N LEU A 764 14.90 23.77 14.75
CA LEU A 764 15.01 25.15 14.32
C LEU A 764 15.54 26.07 15.41
N THR A 765 15.12 25.86 16.66
CA THR A 765 15.55 26.76 17.73
C THR A 765 17.07 26.73 17.91
N GLY A 766 17.71 25.60 17.58
CA GLY A 766 19.16 25.52 17.69
C GLY A 766 19.86 26.49 16.75
N ILE A 767 19.43 26.51 15.49
CA ILE A 767 19.98 27.47 14.54
C ILE A 767 19.66 28.89 14.99
N ALA A 768 18.45 29.10 15.51
CA ALA A 768 18.06 30.43 15.96
C ALA A 768 19.02 30.95 17.03
N VAL A 769 19.39 30.10 17.99
CA VAL A 769 20.33 30.53 19.02
C VAL A 769 21.74 30.69 18.44
N GLU A 770 22.14 29.76 17.58
CA GLU A 770 23.52 29.72 17.10
C GLU A 770 23.89 30.96 16.30
N GLN A 771 22.93 31.51 15.54
CA GLN A 771 23.24 32.72 14.77
C GLN A 771 23.67 33.87 15.67
N ASP A 772 22.86 34.14 16.70
CA ASP A 772 23.22 35.20 17.64
C ASP A 772 24.50 34.88 18.38
N LYS A 773 24.74 33.59 18.67
CA LYS A 773 25.99 33.21 19.31
C LYS A 773 27.19 33.62 18.46
N ASN A 774 27.14 33.31 17.16
CA ASN A 774 28.24 33.68 16.27
C ASN A 774 28.42 35.19 16.18
N THR A 775 27.31 35.92 16.04
CA THR A 775 27.43 37.37 15.89
C THR A 775 28.04 38.00 17.14
N GLN A 776 27.64 37.54 18.32
CA GLN A 776 28.26 38.08 19.54
C GLN A 776 29.69 37.62 19.70
N GLU A 777 30.03 36.43 19.19
CA GLU A 777 31.40 35.94 19.36
C GLU A 777 32.39 36.70 18.51
N VAL A 778 32.02 37.07 17.28
CA VAL A 778 33.00 37.67 16.38
C VAL A 778 33.47 39.02 16.90
N PHE A 779 32.55 39.88 17.32
CA PHE A 779 32.89 41.27 17.59
C PHE A 779 33.28 41.55 19.04
N ALA A 780 32.63 40.90 20.00
CA ALA A 780 32.85 41.25 21.41
C ALA A 780 34.18 40.71 21.91
N GLN A 781 35.28 41.29 21.45
CA GLN A 781 36.62 40.85 21.83
C GLN A 781 37.28 41.76 22.85
N VAL A 782 36.79 42.98 23.04
CA VAL A 782 37.38 43.96 23.95
C VAL A 782 36.44 44.16 25.12
N LYS A 783 37.00 44.23 26.32
CA LYS A 783 36.22 44.30 27.54
C LYS A 783 35.85 45.73 27.95
N GLN A 784 36.29 46.74 27.21
CA GLN A 784 36.03 48.12 27.58
C GLN A 784 35.83 48.94 26.30
N ILE A 785 35.29 50.15 26.47
CA ILE A 785 34.98 51.05 25.37
C ILE A 785 35.81 52.32 25.52
N TYR A 786 36.49 52.70 24.44
CA TYR A 786 37.34 53.89 24.41
C TYR A 786 36.66 55.00 23.62
N LYS A 787 37.38 56.10 23.43
CA LYS A 787 36.88 57.21 22.62
C LYS A 787 38.06 57.94 22.00
N THR A 788 37.83 58.47 20.80
CA THR A 788 38.92 59.09 20.06
C THR A 788 39.29 60.44 20.67
N PRO A 789 40.56 60.85 20.54
CA PRO A 789 40.96 62.16 21.03
C PRO A 789 40.29 63.26 20.21
N PRO A 790 40.13 64.46 20.80
CA PRO A 790 39.39 65.51 20.09
C PRO A 790 40.05 66.01 18.82
N ILE A 791 41.37 66.13 18.81
CA ILE A 791 42.10 66.69 17.67
C ILE A 791 42.60 65.55 16.80
N LYS A 792 42.24 65.58 15.52
CA LYS A 792 42.60 64.51 14.60
C LYS A 792 43.87 64.87 13.84
N TYR A 793 44.98 64.89 14.57
CA TYR A 793 46.31 65.08 13.99
C TYR A 793 47.22 63.98 14.51
N PHE A 794 47.98 63.36 13.60
CA PHE A 794 48.87 62.29 13.98
C PHE A 794 50.21 62.32 13.26
N GLY A 795 50.64 63.48 12.78
CA GLY A 795 51.94 63.58 12.14
C GLY A 795 51.92 63.25 10.67
N GLY A 796 51.07 63.93 9.91
CA GLY A 796 51.05 63.78 8.47
C GLY A 796 49.94 62.88 7.96
N PHE A 797 49.72 61.76 8.63
CA PHE A 797 48.70 60.82 8.20
C PHE A 797 47.31 61.45 8.37
N ASN A 798 46.42 61.10 7.45
CA ASN A 798 45.06 61.66 7.41
C ASN A 798 44.07 60.50 7.52
N PHE A 799 43.55 60.28 8.72
CA PHE A 799 42.61 59.18 8.98
C PHE A 799 41.17 59.66 9.08
N SER A 800 40.79 60.66 8.29
CA SER A 800 39.42 61.16 8.37
C SER A 800 38.43 60.38 7.51
N GLN A 801 38.89 59.38 6.77
CA GLN A 801 38.03 58.60 5.90
C GLN A 801 37.54 57.30 6.53
N ILE A 802 37.99 56.96 7.74
CA ILE A 802 37.53 55.76 8.42
C ILE A 802 37.16 56.01 9.87
N LEU A 803 37.12 57.26 10.33
CA LEU A 803 36.67 57.54 11.68
C LEU A 803 35.23 58.03 11.65
N PRO A 804 34.45 57.77 12.70
CA PRO A 804 33.05 58.18 12.69
C PRO A 804 32.90 59.69 12.59
N ASP A 805 31.86 60.12 11.88
CA ASP A 805 31.58 61.54 11.72
C ASP A 805 30.43 61.92 12.63
N PRO A 806 30.62 62.82 13.60
CA PRO A 806 29.51 63.21 14.48
C PRO A 806 28.37 63.91 13.77
N SER A 807 28.61 64.44 12.56
CA SER A 807 27.53 65.13 11.84
C SER A 807 26.46 64.17 11.37
N LYS A 808 26.83 62.92 11.07
CA LYS A 808 25.86 61.97 10.54
C LYS A 808 24.84 61.59 11.62
N PRO A 809 23.60 61.28 11.22
CA PRO A 809 22.56 61.00 12.23
C PRO A 809 22.87 59.82 13.13
N SER A 810 23.50 58.77 12.61
CA SER A 810 23.66 57.52 13.35
C SER A 810 25.12 57.07 13.45
N LYS A 811 26.06 57.99 13.31
CA LYS A 811 27.48 57.72 13.57
C LYS A 811 27.98 56.56 12.71
N ARG A 812 27.86 56.71 11.40
CA ARG A 812 28.34 55.72 10.45
C ARG A 812 29.42 56.34 9.56
N SER A 813 30.50 55.61 9.37
CA SER A 813 31.62 56.10 8.59
C SER A 813 31.22 56.25 7.12
N PRO A 814 31.88 57.17 6.38
CA PRO A 814 31.50 57.37 4.98
C PRO A 814 31.60 56.11 4.12
N ILE A 815 32.60 55.26 4.35
CA ILE A 815 32.69 54.02 3.58
C ILE A 815 31.53 53.10 3.90
N GLU A 816 31.09 53.10 5.16
CA GLU A 816 29.98 52.24 5.55
C GLU A 816 28.69 52.62 4.84
N ASP A 817 28.49 53.90 4.54
CA ASP A 817 27.30 54.30 3.79
C ASP A 817 27.29 53.68 2.40
N LEU A 818 28.43 53.74 1.70
CA LEU A 818 28.52 53.12 0.39
C LEU A 818 28.32 51.61 0.49
N LEU A 819 28.88 51.00 1.53
CA LEU A 819 28.74 49.55 1.68
C LEU A 819 27.28 49.16 1.93
N PHE A 820 26.57 49.88 2.78
CA PHE A 820 25.15 49.58 2.99
C PHE A 820 24.34 49.82 1.73
N ASN A 821 24.59 50.91 1.02
CA ASN A 821 23.73 51.26 -0.11
C ASN A 821 23.98 50.37 -1.32
N LYS A 822 25.22 49.89 -1.50
CA LYS A 822 25.50 49.00 -2.62
C LYS A 822 24.73 47.69 -2.49
N VAL A 823 24.71 47.11 -1.29
CA VAL A 823 23.98 45.86 -1.07
C VAL A 823 22.51 46.17 -0.91
N THR A 824 21.67 45.40 -1.61
CA THR A 824 20.23 45.53 -1.50
C THR A 824 19.68 44.36 -0.69
N LEU A 825 18.74 44.65 0.20
CA LEU A 825 18.12 43.63 1.02
C LEU A 825 16.90 43.05 0.31
N ALA A 826 16.20 42.14 0.98
CA ALA A 826 14.96 41.62 0.44
C ALA A 826 13.87 42.70 0.40
N ASP A 827 13.90 43.63 1.35
CA ASP A 827 12.92 44.71 1.40
C ASP A 827 13.56 45.88 2.15
N ALA A 828 12.92 47.05 2.01
CA ALA A 828 13.42 48.24 2.68
C ALA A 828 13.37 48.09 4.20
N GLY A 829 12.40 47.35 4.70
CA GLY A 829 12.26 47.12 6.14
C GLY A 829 12.41 45.64 6.46
N PHE A 830 13.05 45.36 7.60
CA PHE A 830 13.23 43.97 8.02
C PHE A 830 11.88 43.30 8.31
N ILE A 831 10.97 44.02 8.96
CA ILE A 831 9.71 43.44 9.41
C ILE A 831 8.56 44.16 8.71
N LYS A 832 7.44 43.44 8.57
CA LYS A 832 6.17 44.00 8.13
C LYS A 832 5.14 43.66 9.20
N GLN A 833 4.74 44.66 9.98
CA GLN A 833 3.90 44.44 11.14
C GLN A 833 2.50 44.02 10.72
N TYR A 834 1.68 43.66 11.72
CA TYR A 834 0.36 43.09 11.45
C TYR A 834 -0.53 44.06 10.68
N GLY A 835 -0.55 45.32 11.09
CA GLY A 835 -1.37 46.32 10.44
C GLY A 835 -0.76 46.97 9.21
N ASP A 836 0.49 46.64 8.88
CA ASP A 836 1.14 47.28 7.75
C ASP A 836 0.61 46.77 6.41
N CYS A 837 0.28 45.48 6.34
CA CYS A 837 -0.12 44.84 5.09
C CYS A 837 -1.62 44.66 4.97
N LEU A 838 -2.41 45.43 5.72
CA LEU A 838 -3.86 45.40 5.55
C LEU A 838 -4.25 45.88 4.15
N GLY A 839 -3.62 46.95 3.67
CA GLY A 839 -3.86 47.47 2.34
C GLY A 839 -2.89 46.88 1.34
N ASP A 840 -3.41 46.49 0.18
CA ASP A 840 -2.61 45.84 -0.86
C ASP A 840 -1.92 46.91 -1.73
N ILE A 841 -0.95 47.57 -1.12
CA ILE A 841 -0.11 48.51 -1.86
C ILE A 841 0.79 47.71 -2.82
N ALA A 842 1.05 48.30 -3.99
CA ALA A 842 1.82 47.60 -5.00
C ALA A 842 3.23 47.26 -4.53
N ALA A 843 3.75 48.02 -3.57
CA ALA A 843 5.10 47.78 -3.07
C ALA A 843 5.20 46.55 -2.17
N ARG A 844 4.07 45.99 -1.75
CA ARG A 844 4.08 44.85 -0.83
C ARG A 844 4.47 43.59 -1.58
N ASP A 845 5.70 43.13 -1.36
CA ASP A 845 6.22 41.93 -1.99
C ASP A 845 5.93 40.72 -1.11
N LEU A 846 6.60 39.60 -1.41
CA LEU A 846 6.42 38.34 -0.69
C LEU A 846 6.86 38.41 0.77
N ILE A 847 7.25 39.59 1.27
CA ILE A 847 7.74 39.69 2.64
C ILE A 847 6.62 39.38 3.64
N CYS A 848 5.41 39.85 3.38
CA CYS A 848 4.30 39.62 4.30
C CYS A 848 3.16 38.80 3.71
N ALA A 849 3.20 38.48 2.42
CA ALA A 849 2.16 37.62 1.87
C ALA A 849 2.26 36.20 2.39
N GLN A 850 3.47 35.77 2.77
CA GLN A 850 3.67 34.43 3.30
C GLN A 850 3.48 34.34 4.81
N LYS A 851 3.29 35.47 5.50
CA LYS A 851 3.08 35.45 6.94
C LYS A 851 1.79 34.76 7.32
N PHE A 852 0.84 34.65 6.38
CA PHE A 852 -0.41 33.97 6.66
C PHE A 852 -0.28 32.45 6.71
N LYS A 853 0.88 31.91 6.32
CA LYS A 853 1.09 30.47 6.29
C LYS A 853 2.00 29.98 7.40
N GLY A 854 2.28 30.80 8.41
CA GLY A 854 3.05 30.38 9.55
C GLY A 854 4.56 30.49 9.41
N LEU A 855 5.06 31.01 8.29
CA LEU A 855 6.48 31.21 8.10
C LEU A 855 6.84 32.64 8.51
N THR A 856 7.67 32.79 9.54
CA THR A 856 8.00 34.10 10.07
C THR A 856 9.50 34.28 10.16
N VAL A 857 9.93 35.53 10.15
CA VAL A 857 11.32 35.90 10.39
C VAL A 857 11.38 36.71 11.68
N LEU A 858 12.54 36.69 12.32
CA LEU A 858 12.73 37.34 13.60
C LEU A 858 13.88 38.33 13.52
N PRO A 859 13.82 39.42 14.27
CA PRO A 859 14.94 40.37 14.28
C PRO A 859 16.10 39.79 15.06
N PRO A 860 17.33 40.18 14.71
CA PRO A 860 18.51 39.67 15.43
C PRO A 860 18.64 40.35 16.78
N LEU A 861 19.64 39.91 17.55
CA LEU A 861 19.80 40.43 18.91
C LEU A 861 20.49 41.79 18.90
N LEU A 862 21.67 41.88 18.29
CA LEU A 862 22.44 43.13 18.27
C LEU A 862 22.03 43.95 17.05
N THR A 863 21.47 45.13 17.30
CA THR A 863 21.13 46.04 16.22
C THR A 863 22.40 46.66 15.64
N ASP A 864 22.28 47.23 14.44
CA ASP A 864 23.45 47.71 13.72
C ASP A 864 24.16 48.83 14.44
N GLU A 865 23.43 49.65 15.18
CA GLU A 865 24.06 50.76 15.90
C GLU A 865 25.06 50.25 16.94
N MET A 866 24.70 49.19 17.65
CA MET A 866 25.63 48.60 18.61
C MET A 866 26.84 48.00 17.89
N ILE A 867 26.63 47.43 16.70
CA ILE A 867 27.76 46.93 15.92
C ILE A 867 28.71 48.07 15.60
N ALA A 868 28.17 49.23 15.21
CA ALA A 868 29.02 50.38 14.92
C ALA A 868 29.77 50.83 16.18
N GLN A 869 29.08 50.85 17.32
CA GLN A 869 29.73 51.27 18.56
C GLN A 869 30.88 50.33 18.92
N TYR A 870 30.69 49.02 18.73
CA TYR A 870 31.80 48.10 18.95
C TYR A 870 32.94 48.36 17.97
N THR A 871 32.63 48.45 16.68
CA THR A 871 33.72 48.49 15.70
C THR A 871 34.46 49.81 15.70
N SER A 872 33.87 50.89 16.22
CA SER A 872 34.64 52.12 16.36
C SER A 872 35.68 52.01 17.47
N ALA A 873 35.40 51.18 18.48
CA ALA A 873 36.33 51.05 19.60
C ALA A 873 37.66 50.47 19.18
N LEU A 874 37.63 49.49 18.26
CA LEU A 874 38.88 48.89 17.81
C LEU A 874 39.74 49.90 17.06
N LEU A 875 39.13 50.71 16.19
CA LEU A 875 39.91 51.75 15.52
C LEU A 875 40.43 52.78 16.50
N ALA A 876 39.64 53.13 17.51
CA ALA A 876 40.13 54.05 18.53
C ALA A 876 41.32 53.47 19.28
N GLY A 877 41.27 52.17 19.59
CA GLY A 877 42.34 51.56 20.35
C GLY A 877 43.62 51.41 19.55
N THR A 878 43.51 50.94 18.31
CA THR A 878 44.71 50.68 17.51
C THR A 878 45.46 51.96 17.17
N ILE A 879 44.75 53.05 16.89
CA ILE A 879 45.41 54.27 16.46
C ILE A 879 46.12 54.99 17.61
N THR A 880 45.76 54.72 18.87
CA THR A 880 46.29 55.48 19.98
C THR A 880 47.09 54.65 20.98
N SER A 881 47.10 53.33 20.87
CA SER A 881 47.77 52.53 21.88
C SER A 881 48.55 51.35 21.31
N GLY A 882 48.67 51.24 19.99
CA GLY A 882 49.37 50.09 19.46
C GLY A 882 48.62 48.80 19.73
N TRP A 883 49.38 47.72 19.88
CA TRP A 883 48.81 46.41 20.11
C TRP A 883 48.74 46.03 21.58
N THR A 884 49.23 46.89 22.48
CA THR A 884 49.37 46.46 23.87
C THR A 884 48.03 46.37 24.59
N PHE A 885 46.98 46.95 24.05
CA PHE A 885 45.70 46.92 24.75
C PHE A 885 44.94 45.61 24.55
N GLY A 886 45.48 44.70 23.76
CA GLY A 886 44.91 43.38 23.65
C GLY A 886 45.34 42.42 24.72
N ALA A 887 46.14 42.87 25.68
CA ALA A 887 46.64 42.01 26.76
C ALA A 887 46.24 42.47 28.14
N GLY A 888 46.33 43.77 28.43
CA GLY A 888 46.03 44.28 29.74
C GLY A 888 45.63 45.74 29.71
N PRO A 889 46.11 46.51 30.68
CA PRO A 889 45.83 47.95 30.69
C PRO A 889 46.37 48.64 29.44
N ALA A 890 45.61 49.61 28.94
CA ALA A 890 46.00 50.33 27.74
C ALA A 890 47.15 51.28 28.03
N LEU A 891 48.03 51.45 27.05
CA LEU A 891 49.22 52.27 27.19
C LEU A 891 49.35 53.16 25.96
N GLN A 892 49.45 54.47 26.18
CA GLN A 892 49.54 55.40 25.06
C GLN A 892 50.96 55.46 24.52
N ILE A 893 51.07 55.79 23.24
CA ILE A 893 52.38 55.90 22.58
C ILE A 893 52.19 56.64 21.26
N PRO A 894 53.06 57.60 20.93
CA PRO A 894 52.86 58.37 19.70
C PRO A 894 52.92 57.50 18.46
N PHE A 895 52.26 57.96 17.41
CA PHE A 895 52.13 57.15 16.20
C PHE A 895 53.46 56.85 15.51
N PRO A 896 54.35 57.82 15.26
CA PRO A 896 55.56 57.50 14.48
C PRO A 896 56.40 56.39 15.08
N MET A 897 56.58 56.35 16.39
CA MET A 897 57.34 55.23 16.95
C MET A 897 56.60 53.91 16.79
N GLN A 898 55.27 53.93 16.77
CA GLN A 898 54.57 52.70 16.48
C GLN A 898 54.89 52.21 15.08
N MET A 899 54.92 53.12 14.11
CA MET A 899 55.27 52.71 12.75
C MET A 899 56.71 52.23 12.69
N ALA A 900 57.59 52.83 13.47
CA ALA A 900 58.99 52.39 13.51
C ALA A 900 59.08 50.96 14.06
N TYR A 901 58.30 50.65 15.09
CA TYR A 901 58.25 49.28 15.58
C TYR A 901 57.75 48.34 14.50
N ARG A 902 56.74 48.77 13.74
CA ARG A 902 56.21 47.90 12.70
C ARG A 902 57.26 47.57 11.65
N PHE A 903 57.99 48.59 11.16
CA PHE A 903 59.10 48.27 10.25
C PHE A 903 60.15 47.38 10.91
N ASN A 904 60.52 47.66 12.16
CA ASN A 904 61.51 46.80 12.79
C ASN A 904 61.05 45.36 12.88
N GLY A 905 59.74 45.13 12.84
CA GLY A 905 59.24 43.76 12.90
C GLY A 905 59.68 42.89 11.74
N ILE A 906 59.89 43.48 10.56
CA ILE A 906 60.11 42.69 9.36
C ILE A 906 61.52 42.87 8.81
N GLY A 907 62.48 43.13 9.68
CA GLY A 907 63.88 43.17 9.27
C GLY A 907 64.28 44.36 8.43
N VAL A 908 63.85 45.56 8.80
CA VAL A 908 64.36 46.80 8.22
C VAL A 908 64.67 47.74 9.37
N THR A 909 65.93 48.18 9.46
CA THR A 909 66.34 49.04 10.56
C THR A 909 65.55 50.34 10.56
N GLN A 910 65.15 50.79 11.76
CA GLN A 910 64.18 51.87 11.87
C GLN A 910 64.70 53.19 11.31
N ASN A 911 66.02 53.33 11.11
CA ASN A 911 66.55 54.61 10.66
C ASN A 911 66.01 54.99 9.29
N VAL A 912 65.43 54.05 8.55
CA VAL A 912 64.76 54.41 7.30
C VAL A 912 63.56 55.30 7.56
N LEU A 913 62.68 54.90 8.48
CA LEU A 913 61.41 55.61 8.62
C LEU A 913 61.62 57.09 8.91
N TYR A 914 62.41 57.40 9.93
CA TYR A 914 62.61 58.79 10.33
C TYR A 914 63.27 59.61 9.23
N GLU A 915 63.87 58.96 8.24
CA GLU A 915 64.53 59.70 7.18
C GLU A 915 63.60 60.00 6.01
N ASN A 916 62.43 59.38 5.93
CA ASN A 916 61.55 59.57 4.78
C ASN A 916 60.10 59.76 5.19
N GLN A 917 59.86 60.26 6.40
CA GLN A 917 58.51 60.31 6.94
C GLN A 917 57.58 61.07 6.01
N LYS A 918 57.96 62.29 5.63
CA LYS A 918 57.08 63.10 4.79
C LYS A 918 56.84 62.47 3.43
N LEU A 919 57.70 61.55 3.00
CA LEU A 919 57.44 60.88 1.73
C LEU A 919 56.37 59.81 1.88
N ILE A 920 56.31 59.15 3.04
CA ILE A 920 55.36 58.06 3.20
C ILE A 920 53.92 58.59 3.26
N ALA A 921 53.70 59.66 4.02
CA ALA A 921 52.35 60.18 4.18
C ALA A 921 51.71 60.50 2.85
N ASN A 922 52.42 61.25 2.00
CA ASN A 922 51.87 61.65 0.71
C ASN A 922 51.51 60.45 -0.15
N GLN A 923 52.09 59.28 0.13
CA GLN A 923 51.67 58.07 -0.56
C GLN A 923 50.45 57.46 0.10
N PHE A 924 50.47 57.33 1.43
CA PHE A 924 49.41 56.62 2.13
C PHE A 924 48.05 57.28 1.89
N ASN A 925 47.99 58.61 2.05
CA ASN A 925 46.73 59.31 1.84
C ASN A 925 46.20 59.16 0.42
N SER A 926 47.08 58.84 -0.55
CA SER A 926 46.60 58.62 -1.90
C SER A 926 45.91 57.28 -2.05
N ALA A 927 46.31 56.27 -1.27
CA ALA A 927 45.71 54.95 -1.42
C ALA A 927 44.27 54.94 -0.91
N ILE A 928 44.05 55.47 0.29
CA ILE A 928 42.71 55.43 0.89
C ILE A 928 41.71 56.14 0.00
N GLY A 929 42.05 57.34 -0.47
CA GLY A 929 41.16 58.07 -1.34
C GLY A 929 40.81 57.35 -2.62
N LYS A 930 41.65 56.40 -3.03
CA LYS A 930 41.34 55.61 -4.21
C LYS A 930 40.28 54.54 -3.94
N ILE A 931 40.26 53.98 -2.72
CA ILE A 931 39.47 52.78 -2.46
C ILE A 931 38.00 53.03 -2.73
N GLN A 932 37.52 54.24 -2.45
CA GLN A 932 36.11 54.55 -2.69
C GLN A 932 35.76 54.32 -4.15
N ASP A 933 36.60 54.81 -5.06
CA ASP A 933 36.34 54.58 -6.48
C ASP A 933 36.34 53.10 -6.79
N SER A 934 37.24 52.34 -6.15
CA SER A 934 37.31 50.90 -6.39
C SER A 934 36.04 50.19 -5.92
N LEU A 935 35.24 50.82 -5.06
CA LEU A 935 33.97 50.25 -4.63
C LEU A 935 32.78 50.85 -5.36
N SER A 936 33.02 51.68 -6.38
CA SER A 936 31.95 52.26 -7.17
C SER A 936 32.07 52.00 -8.67
N SER A 937 33.21 51.49 -9.14
CA SER A 937 33.36 51.22 -10.56
C SER A 937 32.44 50.08 -11.00
N THR A 938 32.48 48.96 -10.29
CA THR A 938 31.66 47.80 -10.61
C THR A 938 31.07 47.22 -9.34
N PRO A 939 29.88 46.64 -9.42
CA PRO A 939 29.27 45.98 -8.25
C PRO A 939 29.65 44.51 -8.08
N SER A 940 30.69 44.03 -8.77
CA SER A 940 31.04 42.61 -8.72
C SER A 940 31.91 42.25 -7.53
N ALA A 941 32.30 43.23 -6.71
CA ALA A 941 33.18 42.93 -5.58
C ALA A 941 32.42 42.22 -4.45
N LEU A 942 31.17 42.61 -4.21
CA LEU A 942 30.40 42.14 -3.07
C LEU A 942 29.45 41.01 -3.45
N GLY A 943 29.86 40.12 -4.35
CA GLY A 943 28.97 39.07 -4.80
C GLY A 943 28.51 38.17 -3.68
N LYS A 944 29.45 37.75 -2.82
CA LYS A 944 29.12 36.77 -1.78
C LYS A 944 27.99 37.27 -0.89
N LEU A 945 28.08 38.51 -0.42
CA LEU A 945 27.07 39.03 0.49
C LEU A 945 25.70 39.11 -0.16
N GLN A 946 25.60 39.02 -1.48
CA GLN A 946 24.30 38.88 -2.10
C GLN A 946 23.78 37.46 -1.99
N ASP A 947 24.61 36.48 -2.35
CA ASP A 947 24.13 35.10 -2.41
C ASP A 947 23.62 34.65 -1.05
N VAL A 948 24.29 35.04 0.03
CA VAL A 948 23.92 34.62 1.37
C VAL A 948 22.48 34.96 1.70
N VAL A 949 21.89 35.95 1.03
CA VAL A 949 20.47 36.22 1.20
C VAL A 949 19.65 35.65 0.04
N ASN A 950 20.19 35.68 -1.18
CA ASN A 950 19.42 35.25 -2.33
C ASN A 950 18.95 33.81 -2.18
N HIS A 951 19.84 32.92 -1.74
CA HIS A 951 19.47 31.53 -1.49
C HIS A 951 18.22 31.46 -0.63
N ASN A 952 18.21 32.19 0.49
CA ASN A 952 17.04 32.17 1.36
C ASN A 952 15.82 32.65 0.60
N ALA A 953 15.95 33.77 -0.11
CA ALA A 953 14.81 34.31 -0.84
C ALA A 953 14.29 33.34 -1.89
N GLN A 954 15.09 32.35 -2.26
CA GLN A 954 14.58 31.29 -3.11
C GLN A 954 13.90 30.20 -2.29
N ALA A 955 14.60 29.70 -1.27
CA ALA A 955 14.16 28.47 -0.62
C ALA A 955 12.75 28.59 -0.06
N LEU A 956 12.51 29.63 0.74
CA LEU A 956 11.18 29.85 1.30
C LEU A 956 10.13 29.84 0.20
N ASN A 957 10.40 30.55 -0.90
CA ASN A 957 9.45 30.59 -2.00
C ASN A 957 9.07 29.18 -2.44
N THR A 958 10.08 28.34 -2.69
CA THR A 958 9.80 26.98 -3.12
C THR A 958 8.81 26.32 -2.18
N LEU A 959 9.06 26.45 -0.88
CA LEU A 959 8.19 25.81 0.10
C LEU A 959 6.74 26.17 -0.14
N VAL A 960 6.44 27.46 -0.24
CA VAL A 960 5.03 27.85 -0.32
C VAL A 960 4.42 27.34 -1.62
N LYS A 961 5.21 27.31 -2.70
CA LYS A 961 4.66 26.81 -3.95
C LYS A 961 4.29 25.35 -3.84
N GLN A 962 5.08 24.58 -3.08
CA GLN A 962 4.78 23.16 -2.95
C GLN A 962 3.46 22.93 -2.22
N LEU A 963 2.90 23.96 -1.59
CA LEU A 963 1.59 23.80 -0.97
C LEU A 963 0.51 23.53 -1.99
N SER A 964 0.69 23.94 -3.25
CA SER A 964 -0.36 23.84 -4.24
C SER A 964 -0.29 22.58 -5.08
N SER A 965 0.63 21.67 -4.78
CA SER A 965 0.81 20.48 -5.60
C SER A 965 -0.36 19.51 -5.42
N LYS A 966 -0.62 18.74 -6.49
CA LYS A 966 -1.75 17.81 -6.48
C LYS A 966 -1.51 16.66 -5.52
N PHE A 967 -0.33 16.03 -5.62
CA PHE A 967 0.01 14.84 -4.84
C PHE A 967 -0.98 13.70 -5.08
N GLY A 968 -1.46 13.59 -6.31
CA GLY A 968 -2.24 12.44 -6.71
C GLY A 968 -3.62 12.33 -6.10
N ALA A 969 -4.15 13.42 -5.54
CA ALA A 969 -5.47 13.41 -4.94
C ALA A 969 -6.49 14.02 -5.91
N ILE A 970 -7.78 13.86 -5.56
CA ILE A 970 -8.83 14.43 -6.38
C ILE A 970 -8.83 15.95 -6.26
N SER A 971 -8.56 16.48 -5.07
CA SER A 971 -8.62 17.91 -4.86
C SER A 971 -7.50 18.34 -3.93
N SER A 972 -7.13 19.61 -4.02
CA SER A 972 -6.13 20.20 -3.14
C SER A 972 -6.74 20.95 -1.95
N VAL A 973 -8.07 20.94 -1.84
CA VAL A 973 -8.78 21.57 -0.73
C VAL A 973 -9.42 20.46 0.10
N LEU A 974 -9.19 20.50 1.41
CA LEU A 974 -9.71 19.43 2.27
C LEU A 974 -11.23 19.41 2.28
N ASN A 975 -11.87 20.58 2.39
CA ASN A 975 -13.33 20.62 2.52
C ASN A 975 -14.01 20.05 1.29
N ASP A 976 -13.43 20.27 0.10
CA ASP A 976 -14.00 19.67 -1.11
C ASP A 976 -13.93 18.16 -1.04
N ILE A 977 -12.84 17.60 -0.49
CA ILE A 977 -12.74 16.16 -0.36
C ILE A 977 -13.75 15.64 0.64
N PHE A 978 -13.93 16.34 1.76
CA PHE A 978 -14.94 15.91 2.73
C PHE A 978 -16.34 15.91 2.13
N SER A 979 -16.69 17.00 1.42
CA SER A 979 -18.05 17.15 0.91
C SER A 979 -18.32 16.30 -0.31
N ARG A 980 -17.31 16.04 -1.13
CA ARG A 980 -17.53 15.40 -2.43
C ARG A 980 -17.57 13.88 -2.34
N LEU A 981 -16.89 13.29 -1.37
CA LEU A 981 -16.79 11.84 -1.26
C LEU A 981 -17.40 11.35 0.05
N ASP A 982 -17.54 10.04 0.13
CA ASP A 982 -17.98 9.40 1.36
C ASP A 982 -16.88 9.50 2.40
N PRO A 983 -17.19 9.92 3.63
CA PRO A 983 -16.15 10.04 4.67
C PRO A 983 -15.41 8.73 4.89
N PRO A 984 -16.08 7.56 4.94
CA PRO A 984 -15.31 6.32 5.12
C PRO A 984 -14.29 6.07 4.03
N GLU A 985 -14.56 6.51 2.80
CA GLU A 985 -13.60 6.38 1.70
C GLU A 985 -12.72 7.61 1.55
N ALA A 986 -12.90 8.64 2.38
CA ALA A 986 -12.08 9.84 2.26
C ALA A 986 -10.66 9.63 2.79
N GLU A 987 -10.49 8.77 3.79
CA GLU A 987 -9.19 8.57 4.40
C GLU A 987 -8.17 7.99 3.42
N VAL A 988 -8.63 7.37 2.34
CA VAL A 988 -7.70 6.87 1.34
C VAL A 988 -7.01 8.02 0.62
N GLN A 989 -7.65 9.17 0.53
CA GLN A 989 -7.07 10.31 -0.17
C GLN A 989 -6.46 11.33 0.79
N ILE A 990 -7.23 11.75 1.81
CA ILE A 990 -6.79 12.83 2.69
C ILE A 990 -5.43 12.52 3.29
N ASP A 991 -5.25 11.29 3.77
CA ASP A 991 -3.98 10.90 4.37
C ASP A 991 -2.82 11.25 3.45
N ARG A 992 -2.93 10.89 2.17
CA ARG A 992 -1.91 11.24 1.19
C ARG A 992 -1.44 12.67 1.38
N LEU A 993 -2.40 13.61 1.27
CA LEU A 993 -2.04 15.03 1.36
C LEU A 993 -1.21 15.29 2.61
N ILE A 994 -1.70 14.83 3.76
CA ILE A 994 -0.95 15.03 5.01
C ILE A 994 0.49 14.60 4.81
N THR A 995 0.68 13.31 4.49
CA THR A 995 2.03 12.79 4.33
C THR A 995 2.82 13.67 3.38
N GLY A 996 2.21 13.98 2.23
CA GLY A 996 2.92 14.77 1.23
C GLY A 996 3.44 16.07 1.80
N ARG A 997 2.54 16.84 2.44
CA ARG A 997 2.97 18.12 2.97
C ARG A 997 4.05 17.91 4.01
N LEU A 998 3.88 16.89 4.86
CA LEU A 998 4.90 16.60 5.86
C LEU A 998 6.25 16.42 5.20
N GLN A 999 6.30 15.64 4.12
CA GLN A 999 7.57 15.44 3.44
C GLN A 999 8.15 16.78 2.99
N SER A 1000 7.34 17.60 2.34
CA SER A 1000 7.86 18.85 1.80
C SER A 1000 8.37 19.77 2.88
N LEU A 1001 8.00 19.52 4.14
CA LEU A 1001 8.60 20.32 5.21
C LEU A 1001 9.97 19.78 5.56
N GLN A 1002 10.05 18.46 5.82
CA GLN A 1002 11.26 17.90 6.41
C GLN A 1002 12.48 18.18 5.55
N THR A 1003 12.36 17.95 4.24
CA THR A 1003 13.47 18.18 3.32
C THR A 1003 14.04 19.58 3.52
N TYR A 1004 13.17 20.59 3.55
CA TYR A 1004 13.64 21.96 3.71
C TYR A 1004 14.54 22.07 4.93
N VAL A 1005 14.08 21.55 6.06
CA VAL A 1005 14.85 21.67 7.30
C VAL A 1005 16.24 21.08 7.10
N THR A 1006 16.32 19.89 6.50
CA THR A 1006 17.61 19.26 6.32
C THR A 1006 18.57 20.21 5.61
N GLN A 1007 18.13 20.79 4.50
CA GLN A 1007 19.01 21.68 3.76
C GLN A 1007 19.54 22.78 4.66
N GLN A 1008 18.66 23.41 5.43
CA GLN A 1008 19.08 24.50 6.30
C GLN A 1008 20.25 24.06 7.17
N LEU A 1009 20.11 22.89 7.82
CA LEU A 1009 21.16 22.43 8.72
C LEU A 1009 22.50 22.44 8.03
N ILE A 1010 22.57 21.84 6.83
CA ILE A 1010 23.85 21.76 6.13
C ILE A 1010 24.43 23.15 5.95
N ARG A 1011 23.60 24.07 5.43
CA ARG A 1011 24.10 25.41 5.15
C ARG A 1011 24.66 26.04 6.42
N ALA A 1012 23.97 25.81 7.55
CA ALA A 1012 24.44 26.40 8.81
C ALA A 1012 25.90 26.08 9.04
N ALA A 1013 26.27 24.80 8.89
CA ALA A 1013 27.64 24.39 9.14
C ALA A 1013 28.61 25.28 8.35
N GLU A 1014 28.35 25.42 7.04
CA GLU A 1014 29.27 26.18 6.22
C GLU A 1014 29.45 27.58 6.75
N ILE A 1015 28.36 28.26 7.11
CA ILE A 1015 28.48 29.63 7.59
C ILE A 1015 29.33 29.68 8.83
N ARG A 1016 29.13 28.73 9.76
CA ARG A 1016 29.97 28.73 10.95
C ARG A 1016 31.42 28.52 10.56
N ALA A 1017 31.68 27.63 9.60
CA ALA A 1017 33.04 27.37 9.18
C ALA A 1017 33.70 28.64 8.65
N SER A 1018 32.90 29.62 8.21
CA SER A 1018 33.49 30.90 7.83
C SER A 1018 33.62 31.82 9.03
N ALA A 1019 32.59 31.90 9.88
CA ALA A 1019 32.64 32.84 10.99
C ALA A 1019 33.78 32.50 11.94
N ASN A 1020 33.93 31.22 12.27
CA ASN A 1020 35.03 30.79 13.12
C ASN A 1020 36.39 31.11 12.50
N LEU A 1021 36.46 31.26 11.19
CA LEU A 1021 37.68 31.77 10.58
C LEU A 1021 37.86 33.25 10.88
N ALA A 1022 36.79 34.04 10.68
CA ALA A 1022 36.92 35.48 10.78
C ALA A 1022 37.41 35.89 12.17
N ALA A 1023 36.89 35.25 13.21
CA ALA A 1023 37.34 35.56 14.57
C ALA A 1023 38.85 35.50 14.67
N THR A 1024 39.45 34.44 14.12
CA THR A 1024 40.90 34.33 14.19
C THR A 1024 41.57 35.48 13.46
N LYS A 1025 41.07 35.85 12.28
CA LYS A 1025 41.65 36.97 11.58
C LYS A 1025 41.42 38.29 12.30
N MET A 1026 40.46 38.33 13.22
CA MET A 1026 40.31 39.52 14.05
C MET A 1026 41.39 39.60 15.11
N SER A 1027 41.90 38.46 15.57
CA SER A 1027 42.82 38.43 16.69
C SER A 1027 44.25 38.10 16.31
N GLU A 1028 44.58 38.03 15.02
CA GLU A 1028 45.94 37.79 14.60
C GLU A 1028 46.46 38.78 13.56
N CYS A 1029 45.59 39.38 12.75
CA CYS A 1029 45.99 40.45 11.86
C CYS A 1029 45.52 41.83 12.33
N VAL A 1030 44.69 41.88 13.37
CA VAL A 1030 44.48 43.09 14.15
C VAL A 1030 44.92 42.74 15.57
N LEU A 1031 45.14 43.76 16.39
CA LEU A 1031 45.60 43.61 17.77
C LEU A 1031 46.98 42.99 17.84
N GLY A 1032 47.73 43.00 16.75
CA GLY A 1032 49.05 42.42 16.73
C GLY A 1032 49.53 42.18 15.32
N GLN A 1033 50.84 41.98 15.21
CA GLN A 1033 51.46 41.71 13.92
C GLN A 1033 51.63 40.20 13.74
N SER A 1034 51.52 39.75 12.48
CA SER A 1034 51.57 38.34 12.16
C SER A 1034 52.65 38.06 11.14
N LYS A 1035 53.42 37.00 11.35
CA LYS A 1035 54.51 36.62 10.47
C LYS A 1035 54.16 35.47 9.54
N ARG A 1036 52.92 34.99 9.57
CA ARG A 1036 52.51 33.96 8.63
C ARG A 1036 52.47 34.55 7.23
N VAL A 1037 53.03 33.82 6.26
CA VAL A 1037 53.17 34.36 4.91
C VAL A 1037 51.80 34.48 4.27
N ASP A 1038 51.52 35.67 3.71
CA ASP A 1038 50.30 35.97 2.96
C ASP A 1038 49.03 35.44 3.61
N PHE A 1039 49.01 35.35 4.94
CA PHE A 1039 47.76 35.03 5.61
C PHE A 1039 46.79 36.19 5.52
N CYS A 1040 47.28 37.43 5.57
CA CYS A 1040 46.47 38.62 5.36
C CYS A 1040 47.14 39.48 4.30
N GLY A 1041 46.39 39.82 3.26
CA GLY A 1041 46.93 40.63 2.19
C GLY A 1041 47.95 39.87 1.37
N LYS A 1042 48.75 40.62 0.62
CA LYS A 1042 49.83 40.08 -0.18
C LYS A 1042 51.09 40.87 0.10
N GLY A 1043 52.23 40.17 0.14
CA GLY A 1043 53.45 40.80 0.59
C GLY A 1043 53.48 40.87 2.11
N TYR A 1044 54.42 41.67 2.62
CA TYR A 1044 54.54 41.81 4.06
C TYR A 1044 53.38 42.62 4.62
N HIS A 1045 53.15 42.47 5.92
CA HIS A 1045 51.98 43.03 6.59
C HIS A 1045 52.40 44.09 7.60
N LEU A 1046 51.64 45.18 7.66
CA LEU A 1046 51.87 46.24 8.64
C LEU A 1046 50.68 46.49 9.55
N MET A 1047 49.50 46.75 8.99
CA MET A 1047 48.36 47.18 9.78
C MET A 1047 47.07 46.69 9.13
N SER A 1048 46.00 46.68 9.93
CA SER A 1048 44.71 46.25 9.45
C SER A 1048 43.61 47.07 10.11
N PHE A 1049 42.55 47.34 9.36
CA PHE A 1049 41.41 48.11 9.86
C PHE A 1049 40.12 47.35 9.57
N PRO A 1050 39.22 47.21 10.54
CA PRO A 1050 37.95 46.53 10.29
C PRO A 1050 36.82 47.49 9.96
N GLN A 1051 35.78 47.01 9.27
CA GLN A 1051 34.58 47.77 9.01
C GLN A 1051 33.39 46.83 8.96
N SER A 1052 32.21 47.35 9.29
CA SER A 1052 31.00 46.54 9.34
C SER A 1052 30.25 46.59 8.02
N ALA A 1053 29.42 45.57 7.79
CA ALA A 1053 28.60 45.49 6.59
C ALA A 1053 27.43 44.56 6.88
N PRO A 1054 26.33 44.64 6.11
CA PRO A 1054 25.16 43.80 6.40
C PRO A 1054 25.49 42.32 6.40
N HIS A 1055 25.36 41.69 7.57
CA HIS A 1055 25.72 40.29 7.77
C HIS A 1055 27.17 40.00 7.39
N GLY A 1056 28.08 40.91 7.67
CA GLY A 1056 29.45 40.61 7.28
C GLY A 1056 30.44 41.66 7.73
N VAL A 1057 31.71 41.33 7.54
CA VAL A 1057 32.79 42.23 7.91
C VAL A 1057 33.71 42.44 6.71
N VAL A 1058 34.31 43.63 6.66
CA VAL A 1058 35.21 44.01 5.57
C VAL A 1058 36.53 44.48 6.17
N PHE A 1059 37.62 43.86 5.74
CA PHE A 1059 38.95 44.18 6.25
C PHE A 1059 39.72 44.99 5.21
N LEU A 1060 40.44 46.00 5.67
CA LEU A 1060 41.42 46.71 4.88
C LEU A 1060 42.80 46.38 5.43
N HIS A 1061 43.66 45.80 4.58
CA HIS A 1061 45.03 45.48 4.94
C HIS A 1061 45.98 46.49 4.29
N VAL A 1062 47.00 46.90 5.03
CA VAL A 1062 48.03 47.80 4.53
C VAL A 1062 49.31 47.00 4.36
N THR A 1063 49.90 47.06 3.17
CA THR A 1063 51.01 46.20 2.80
C THR A 1063 52.19 47.00 2.27
N TYR A 1064 53.37 46.42 2.43
CA TYR A 1064 54.66 46.98 2.03
C TYR A 1064 55.24 46.11 0.93
N VAL A 1065 55.55 46.70 -0.22
CA VAL A 1065 56.05 45.91 -1.33
C VAL A 1065 57.26 46.58 -1.99
N PRO A 1066 58.30 45.81 -2.33
CA PRO A 1066 59.50 46.39 -2.95
C PRO A 1066 59.26 46.94 -4.34
N ALA A 1067 60.33 47.40 -4.98
CA ALA A 1067 60.24 48.14 -6.24
C ALA A 1067 61.48 47.82 -7.06
N GLN A 1068 61.77 48.68 -8.04
CA GLN A 1068 62.90 48.49 -8.96
C GLN A 1068 64.16 48.06 -8.22
N GLU A 1069 64.85 47.08 -8.80
CA GLU A 1069 66.00 46.45 -8.17
C GLU A 1069 67.21 46.54 -9.09
N LYS A 1070 68.35 46.08 -8.59
CA LYS A 1070 69.61 46.21 -9.30
C LYS A 1070 70.46 44.96 -9.13
N ASN A 1071 71.27 44.68 -10.15
CA ASN A 1071 72.24 43.58 -10.12
C ASN A 1071 73.36 43.88 -9.14
N PHE A 1072 74.01 42.82 -8.66
CA PHE A 1072 75.22 42.97 -7.85
C PHE A 1072 75.96 41.64 -7.83
N THR A 1073 77.25 41.71 -7.50
CA THR A 1073 78.12 40.55 -7.40
C THR A 1073 78.42 40.26 -5.93
N THR A 1074 78.41 38.98 -5.55
CA THR A 1074 78.51 38.59 -4.16
C THR A 1074 79.63 37.58 -3.95
N ALA A 1075 79.93 37.34 -2.67
CA ALA A 1075 80.89 36.34 -2.22
C ALA A 1075 80.44 35.84 -0.86
N PRO A 1076 80.76 34.61 -0.51
CA PRO A 1076 80.24 34.04 0.74
C PRO A 1076 80.96 34.48 2.00
N ALA A 1077 82.27 34.69 1.94
CA ALA A 1077 83.05 34.98 3.14
C ALA A 1077 84.30 35.76 2.77
N ILE A 1078 84.94 36.36 3.78
CA ILE A 1078 86.09 37.22 3.51
C ILE A 1078 87.32 36.68 4.23
N CYS A 1079 88.48 36.77 3.59
CA CYS A 1079 89.74 36.29 4.14
C CYS A 1079 90.61 37.48 4.53
N HIS A 1080 91.38 37.31 5.60
CA HIS A 1080 92.20 38.40 6.13
C HIS A 1080 93.38 37.78 6.87
N ASP A 1081 94.56 37.81 6.24
CA ASP A 1081 95.83 37.30 6.74
C ASP A 1081 95.69 36.02 7.58
N GLY A 1082 94.96 35.04 7.06
CA GLY A 1082 94.84 33.76 7.72
C GLY A 1082 93.47 33.53 8.36
N LYS A 1083 92.94 34.56 9.00
CA LYS A 1083 91.64 34.44 9.63
C LYS A 1083 90.53 34.62 8.59
N ALA A 1084 89.36 34.06 8.89
CA ALA A 1084 88.19 34.17 8.03
C ALA A 1084 87.11 34.98 8.75
N HIS A 1085 86.64 36.04 8.10
CA HIS A 1085 85.62 36.90 8.65
C HIS A 1085 84.29 36.66 7.95
N PHE A 1086 83.22 36.57 8.75
CA PHE A 1086 81.84 36.39 8.34
C PHE A 1086 81.01 37.58 8.80
N PRO A 1087 79.95 37.93 8.06
CA PRO A 1087 79.13 39.07 8.45
C PRO A 1087 78.17 38.73 9.57
N ARG A 1088 77.99 39.69 10.49
CA ARG A 1088 77.11 39.47 11.62
C ARG A 1088 75.66 39.36 11.18
N GLU A 1089 75.20 40.31 10.38
CA GLU A 1089 73.87 40.22 9.77
C GLU A 1089 73.88 41.15 8.55
N GLY A 1090 73.90 40.55 7.37
CA GLY A 1090 73.95 41.33 6.15
C GLY A 1090 74.57 40.51 5.03
N VAL A 1091 74.82 41.19 3.92
CA VAL A 1091 75.38 40.56 2.73
C VAL A 1091 76.58 41.36 2.26
N PHE A 1092 77.60 40.65 1.79
CA PHE A 1092 78.73 41.29 1.14
C PHE A 1092 78.41 41.58 -0.32
N VAL A 1093 78.62 42.82 -0.74
CA VAL A 1093 78.26 43.25 -2.08
C VAL A 1093 79.38 44.11 -2.61
N SER A 1094 79.43 44.27 -3.94
CA SER A 1094 80.45 45.11 -4.54
C SER A 1094 79.98 45.60 -5.91
N ASN A 1095 80.23 46.88 -6.18
CA ASN A 1095 80.01 47.41 -7.52
C ASN A 1095 81.10 46.97 -8.49
N GLY A 1096 82.04 46.13 -8.03
CA GLY A 1096 82.97 45.42 -8.88
C GLY A 1096 84.42 45.48 -8.42
N THR A 1097 84.89 46.67 -8.02
CA THR A 1097 86.18 46.81 -7.34
C THR A 1097 86.19 47.89 -6.25
N HIS A 1098 85.06 48.50 -5.87
CA HIS A 1098 84.99 48.71 -4.42
C HIS A 1098 83.95 47.80 -3.76
N TRP A 1099 84.17 47.51 -2.48
CA TRP A 1099 83.38 46.54 -1.72
C TRP A 1099 82.60 47.23 -0.62
N PHE A 1100 81.50 46.59 -0.19
CA PHE A 1100 80.67 47.10 0.89
C PHE A 1100 79.90 45.94 1.50
N VAL A 1101 79.27 46.21 2.65
CA VAL A 1101 78.37 45.27 3.31
C VAL A 1101 77.05 45.98 3.59
N THR A 1102 75.93 45.29 3.37
CA THR A 1102 74.64 45.94 3.43
C THR A 1102 73.60 45.07 4.11
N GLN A 1103 72.40 45.62 4.24
CA GLN A 1103 71.25 44.94 4.84
C GLN A 1103 70.68 43.94 3.84
N ARG A 1104 69.48 43.44 4.13
CA ARG A 1104 68.86 42.41 3.33
C ARG A 1104 67.76 42.93 2.40
N ASN A 1105 66.99 43.92 2.82
CA ASN A 1105 65.82 44.35 2.07
C ASN A 1105 65.82 45.84 1.73
N PHE A 1106 66.94 46.53 1.85
CA PHE A 1106 67.01 47.92 1.43
C PHE A 1106 68.47 48.29 1.21
N TYR A 1107 68.80 48.74 0.00
CA TYR A 1107 70.19 49.01 -0.34
C TYR A 1107 70.70 50.21 0.43
N GLU A 1108 71.80 50.02 1.16
CA GLU A 1108 72.41 51.07 1.96
C GLU A 1108 73.86 50.71 2.22
N PRO A 1109 74.80 51.18 1.40
CA PRO A 1109 76.20 50.77 1.56
C PRO A 1109 76.77 51.23 2.89
N GLN A 1110 77.68 50.43 3.42
CA GLN A 1110 78.33 50.75 4.69
C GLN A 1110 79.77 50.27 4.61
N ILE A 1111 80.64 50.91 5.38
CA ILE A 1111 82.05 50.54 5.39
C ILE A 1111 82.24 49.30 6.26
N ILE A 1112 83.05 48.37 5.79
CA ILE A 1112 83.25 47.09 6.47
C ILE A 1112 84.30 47.26 7.54
N THR A 1113 83.96 46.86 8.78
CA THR A 1113 84.88 46.94 9.90
C THR A 1113 84.83 45.65 10.72
N THR A 1114 85.45 45.67 11.89
CA THR A 1114 85.33 44.57 12.84
C THR A 1114 84.16 44.75 13.80
N ASP A 1115 83.38 45.82 13.63
CA ASP A 1115 82.24 46.04 14.51
C ASP A 1115 81.10 45.09 14.17
N ASN A 1116 80.89 44.80 12.89
CA ASN A 1116 79.76 44.01 12.44
C ASN A 1116 80.19 42.73 11.71
N THR A 1117 81.37 42.21 12.04
CA THR A 1117 81.83 40.94 11.50
C THR A 1117 82.42 40.12 12.64
N PHE A 1118 82.42 38.80 12.47
CA PHE A 1118 83.00 37.94 13.50
C PHE A 1118 83.84 36.85 12.84
N VAL A 1119 84.58 36.13 13.69
CA VAL A 1119 85.73 35.34 13.28
C VAL A 1119 85.46 33.87 13.59
N SER A 1120 85.88 32.98 12.69
CA SER A 1120 85.82 31.55 12.92
C SER A 1120 86.66 30.83 11.88
N GLY A 1121 87.47 29.88 12.34
CA GLY A 1121 88.25 29.04 11.44
C GLY A 1121 89.34 29.79 10.70
N ASN A 1122 89.69 29.26 9.53
CA ASN A 1122 90.70 29.88 8.67
C ASN A 1122 90.18 29.88 7.23
N CYS A 1123 91.01 30.37 6.31
CA CYS A 1123 90.57 30.68 4.95
C CYS A 1123 90.55 29.48 4.02
N ASP A 1124 90.98 28.30 4.46
CA ASP A 1124 91.19 27.20 3.53
C ASP A 1124 89.88 26.49 3.19
N VAL A 1125 89.08 26.17 4.21
CA VAL A 1125 87.96 25.24 4.00
C VAL A 1125 86.86 25.88 3.16
N VAL A 1126 86.56 27.16 3.40
CA VAL A 1126 85.43 27.80 2.74
C VAL A 1126 85.66 27.86 1.23
N ILE A 1127 84.57 27.82 0.47
CA ILE A 1127 84.61 27.76 -0.99
C ILE A 1127 84.32 29.15 -1.55
N GLY A 1128 85.19 29.62 -2.45
CA GLY A 1128 84.95 30.87 -3.15
C GLY A 1128 85.28 32.13 -2.39
N ILE A 1129 86.17 32.05 -1.40
CA ILE A 1129 86.48 33.22 -0.59
C ILE A 1129 87.35 34.19 -1.37
N VAL A 1130 87.23 35.47 -1.05
CA VAL A 1130 87.87 36.55 -1.81
C VAL A 1130 88.73 37.39 -0.88
N ASN A 1131 89.92 37.76 -1.35
CA ASN A 1131 90.84 38.58 -0.57
C ASN A 1131 90.38 40.03 -0.51
N ASN A 1132 90.71 40.69 0.59
CA ASN A 1132 90.42 42.11 0.78
C ASN A 1132 91.11 42.56 2.06
N THR A 1133 90.82 43.79 2.47
CA THR A 1133 91.36 44.37 3.69
C THR A 1133 90.23 44.71 4.66
N VAL A 1134 90.57 44.75 5.94
CA VAL A 1134 89.62 45.04 7.01
C VAL A 1134 90.13 46.25 7.78
N TYR A 1135 89.28 47.24 7.96
CA TYR A 1135 89.61 48.44 8.71
C TYR A 1135 89.22 48.24 10.18
N ASP A 1136 90.07 48.75 11.07
CA ASP A 1136 89.83 48.66 12.50
C ASP A 1136 89.77 50.06 13.10
N PRO A 1137 88.72 50.39 13.87
CA PRO A 1137 88.61 51.74 14.43
C PRO A 1137 89.63 52.03 15.53
N LEU A 1138 90.20 51.02 16.16
CA LEU A 1138 91.07 51.26 17.32
C LEU A 1138 92.35 51.99 16.92
N GLN A 1139 92.96 51.59 15.81
CA GLN A 1139 94.30 52.10 15.48
C GLN A 1139 94.33 53.60 15.23
N PRO A 1140 93.41 54.20 14.46
CA PRO A 1140 93.44 55.67 14.33
C PRO A 1140 93.41 56.40 15.66
N GLU A 1141 92.62 55.91 16.62
CA GLU A 1141 92.62 56.52 17.94
C GLU A 1141 93.94 56.28 18.66
N LEU A 1142 94.52 55.09 18.50
CA LEU A 1142 95.75 54.77 19.21
C LEU A 1142 96.93 55.56 18.65
N ASP A 1143 96.86 55.99 17.39
CA ASP A 1143 97.97 56.72 16.78
C ASP A 1143 98.08 58.16 17.26
N SER A 1144 97.10 58.67 17.99
CA SER A 1144 97.14 60.04 18.48
C SER A 1144 98.26 60.23 19.50
N ALA B 27 26.13 -48.45 5.45
CA ALA B 27 27.37 -47.78 5.12
C ALA B 27 27.17 -46.26 5.05
N TYR B 28 28.28 -45.52 4.95
CA TYR B 28 28.24 -44.07 4.88
C TYR B 28 29.45 -43.57 4.11
N THR B 29 29.31 -42.41 3.49
CA THR B 29 30.40 -41.84 2.69
C THR B 29 30.15 -40.35 2.51
N ASN B 30 31.25 -39.61 2.35
CA ASN B 30 31.20 -38.16 2.19
C ASN B 30 30.58 -37.76 0.87
N SER B 31 29.82 -36.65 0.89
CA SER B 31 29.22 -36.12 -0.32
C SER B 31 30.24 -35.41 -1.20
N PHE B 32 31.11 -34.60 -0.60
CA PHE B 32 32.21 -33.94 -1.31
C PHE B 32 31.73 -32.98 -2.39
N THR B 33 30.83 -32.06 -2.01
CA THR B 33 30.48 -30.88 -2.81
C THR B 33 29.97 -31.26 -4.20
N ARG B 34 28.78 -31.85 -4.21
CA ARG B 34 28.06 -32.14 -5.44
C ARG B 34 26.63 -31.59 -5.35
N GLY B 35 25.89 -31.74 -6.44
CA GLY B 35 24.47 -31.43 -6.43
C GLY B 35 24.09 -29.97 -6.53
N VAL B 36 24.39 -29.34 -7.66
CA VAL B 36 23.94 -27.98 -7.94
C VAL B 36 23.29 -27.97 -9.32
N TYR B 37 22.11 -27.36 -9.41
CA TYR B 37 21.38 -27.32 -10.67
C TYR B 37 20.86 -25.91 -10.92
N TYR B 38 20.54 -25.65 -12.18
CA TYR B 38 20.13 -24.30 -12.59
C TYR B 38 18.83 -23.92 -11.90
N PRO B 39 18.70 -22.71 -11.40
CA PRO B 39 17.47 -22.33 -10.70
C PRO B 39 16.30 -22.07 -11.64
N ASP B 40 16.59 -21.62 -12.87
CA ASP B 40 15.52 -21.31 -13.81
C ASP B 40 16.09 -21.31 -15.22
N LYS B 41 15.19 -21.14 -16.19
CA LYS B 41 15.55 -21.19 -17.60
C LYS B 41 15.70 -19.77 -18.16
N VAL B 42 16.70 -19.08 -17.63
CA VAL B 42 17.04 -17.73 -18.06
C VAL B 42 18.55 -17.68 -18.28
N PHE B 43 18.99 -16.69 -19.05
CA PHE B 43 20.41 -16.54 -19.38
C PHE B 43 21.02 -15.37 -18.61
N ARG B 44 22.23 -15.59 -18.08
CA ARG B 44 23.03 -14.54 -17.47
C ARG B 44 24.47 -14.74 -17.89
N SER B 45 25.35 -13.82 -17.49
CA SER B 45 26.75 -13.91 -17.87
C SER B 45 27.60 -12.98 -17.01
N SER B 46 28.67 -13.53 -16.44
CA SER B 46 29.71 -12.74 -15.75
C SER B 46 29.10 -11.92 -14.62
N VAL B 47 28.59 -12.62 -13.60
CA VAL B 47 27.88 -11.95 -12.51
C VAL B 47 27.87 -12.88 -11.31
N LEU B 48 27.56 -12.32 -10.14
CA LEU B 48 27.35 -13.09 -8.93
C LEU B 48 25.87 -12.99 -8.55
N HIS B 49 25.26 -14.13 -8.24
CA HIS B 49 23.84 -14.15 -7.93
C HIS B 49 23.61 -14.92 -6.64
N SER B 50 22.46 -14.68 -6.01
CA SER B 50 22.07 -15.35 -4.79
C SER B 50 20.64 -15.84 -4.91
N THR B 51 20.36 -17.03 -4.40
CA THR B 51 19.02 -17.59 -4.52
C THR B 51 18.80 -18.60 -3.41
N GLN B 52 17.57 -19.10 -3.35
CA GLN B 52 17.16 -20.08 -2.34
C GLN B 52 16.28 -21.12 -3.01
N ASP B 53 16.49 -22.38 -2.65
CA ASP B 53 15.72 -23.48 -3.23
C ASP B 53 16.05 -24.75 -2.44
N LEU B 54 15.50 -25.87 -2.87
CA LEU B 54 15.75 -27.16 -2.23
C LEU B 54 16.99 -27.79 -2.83
N PHE B 55 18.09 -27.78 -2.07
CA PHE B 55 19.37 -28.27 -2.57
C PHE B 55 19.86 -29.35 -1.62
N LEU B 56 21.09 -29.81 -1.85
CA LEU B 56 21.70 -30.83 -0.99
C LEU B 56 22.83 -30.19 -0.20
N PRO B 57 22.75 -30.13 1.13
CA PRO B 57 23.79 -29.44 1.90
C PRO B 57 25.15 -30.08 1.70
N PHE B 58 26.17 -29.23 1.65
CA PHE B 58 27.54 -29.71 1.46
C PHE B 58 27.97 -30.54 2.66
N PHE B 59 28.90 -31.47 2.42
CA PHE B 59 29.47 -32.31 3.46
C PHE B 59 28.39 -33.06 4.23
N SER B 60 27.54 -33.78 3.49
CA SER B 60 26.47 -34.57 4.06
C SER B 60 26.71 -36.05 3.80
N ASN B 61 26.60 -36.86 4.85
CA ASN B 61 26.80 -38.30 4.68
C ASN B 61 25.69 -38.88 3.82
N VAL B 62 26.04 -39.88 3.02
CA VAL B 62 25.16 -40.43 2.01
C VAL B 62 25.15 -41.95 2.12
N THR B 63 23.97 -42.55 1.96
CA THR B 63 23.83 -44.00 2.04
C THR B 63 24.53 -44.66 0.84
N TRP B 64 24.97 -45.90 1.06
CA TRP B 64 25.76 -46.61 0.07
C TRP B 64 25.27 -48.04 -0.02
N PHE B 65 25.33 -48.62 -1.22
CA PHE B 65 24.87 -49.98 -1.45
C PHE B 65 25.76 -50.68 -2.46
N HIS B 66 25.71 -52.01 -2.46
CA HIS B 66 26.43 -52.83 -3.41
C HIS B 66 25.47 -53.81 -4.07
N VAL B 67 25.79 -54.19 -5.31
CA VAL B 67 24.98 -55.14 -6.04
C VAL B 67 25.37 -56.56 -5.65
N ILE B 68 24.37 -57.41 -5.45
CA ILE B 68 24.61 -58.80 -5.07
C ILE B 68 24.99 -59.62 -6.29
N ASP B 78 19.18 -55.77 0.34
CA ASP B 78 20.23 -55.18 -0.46
C ASP B 78 19.65 -54.39 -1.63
N ASN B 79 18.33 -54.35 -1.70
CA ASN B 79 17.63 -53.49 -2.63
C ASN B 79 16.27 -53.05 -2.06
N PRO B 80 16.25 -52.46 -0.86
CA PRO B 80 14.96 -52.23 -0.20
C PRO B 80 14.27 -50.98 -0.72
N VAL B 81 13.19 -50.59 -0.07
CA VAL B 81 12.46 -49.37 -0.39
C VAL B 81 12.94 -48.27 0.55
N LEU B 82 13.26 -47.11 -0.02
CA LEU B 82 13.79 -46.01 0.76
C LEU B 82 12.83 -44.83 0.77
N PRO B 83 12.84 -44.02 1.82
CA PRO B 83 11.90 -42.91 1.92
C PRO B 83 12.10 -41.87 0.83
N PHE B 84 11.07 -41.04 0.64
CA PHE B 84 10.98 -40.04 -0.41
C PHE B 84 10.51 -38.71 0.18
N ASN B 85 11.18 -38.27 1.23
CA ASN B 85 10.67 -37.18 2.07
C ASN B 85 10.35 -35.94 1.26
N ASP B 86 11.36 -35.29 0.68
CA ASP B 86 11.13 -34.04 -0.02
C ASP B 86 12.03 -33.92 -1.24
N GLY B 87 12.09 -34.97 -2.04
CA GLY B 87 12.94 -34.94 -3.22
C GLY B 87 14.21 -35.74 -3.02
N VAL B 88 14.72 -36.29 -4.11
CA VAL B 88 15.78 -37.29 -4.03
C VAL B 88 16.91 -36.94 -4.99
N TYR B 89 18.15 -37.06 -4.48
CA TYR B 89 19.35 -36.98 -5.30
C TYR B 89 19.86 -38.39 -5.54
N PHE B 90 19.97 -38.78 -6.80
CA PHE B 90 20.32 -40.14 -7.18
C PHE B 90 21.58 -40.11 -8.04
N ALA B 91 22.51 -41.02 -7.77
CA ALA B 91 23.74 -41.07 -8.55
C ALA B 91 24.14 -42.52 -8.74
N SER B 92 24.74 -42.82 -9.89
CA SER B 92 25.04 -44.19 -10.24
C SER B 92 26.36 -44.31 -10.98
N ILE B 93 27.13 -45.33 -10.59
CA ILE B 93 28.31 -45.79 -11.29
C ILE B 93 28.02 -47.16 -11.85
N GLU B 94 28.09 -47.30 -13.17
CA GLU B 94 27.90 -48.59 -13.84
C GLU B 94 28.32 -48.41 -15.30
N LYS B 95 28.41 -49.54 -15.99
CA LYS B 95 28.77 -49.54 -17.41
C LYS B 95 27.88 -50.43 -18.27
N SER B 96 27.18 -51.39 -17.69
CA SER B 96 26.28 -52.27 -18.44
C SER B 96 24.82 -51.95 -18.21
N ASN B 97 24.51 -50.85 -17.54
CA ASN B 97 23.15 -50.37 -17.34
C ASN B 97 22.28 -51.41 -16.63
N ILE B 98 22.73 -51.78 -15.43
CA ILE B 98 21.94 -52.69 -14.60
C ILE B 98 20.71 -51.98 -14.07
N ILE B 99 20.86 -50.73 -13.63
CA ILE B 99 19.72 -49.96 -13.14
C ILE B 99 18.85 -49.57 -14.34
N ARG B 100 17.55 -49.84 -14.24
CA ARG B 100 16.67 -49.69 -15.39
C ARG B 100 15.41 -48.88 -15.14
N GLY B 101 14.98 -48.71 -13.90
CA GLY B 101 13.71 -48.03 -13.70
C GLY B 101 13.46 -47.69 -12.24
N TRP B 102 12.37 -46.98 -12.03
CA TRP B 102 11.96 -46.52 -10.71
C TRP B 102 10.46 -46.78 -10.53
N ILE B 103 10.06 -46.94 -9.28
CA ILE B 103 8.66 -47.04 -8.90
C ILE B 103 8.40 -46.11 -7.73
N PHE B 104 7.36 -45.29 -7.83
CA PHE B 104 6.99 -44.35 -6.77
C PHE B 104 5.55 -44.61 -6.37
N GLY B 105 5.28 -44.55 -5.07
CA GLY B 105 3.94 -44.80 -4.57
C GLY B 105 3.90 -44.71 -3.07
N THR B 106 2.73 -45.05 -2.53
CA THR B 106 2.52 -45.06 -1.08
C THR B 106 2.23 -46.46 -0.56
N THR B 107 1.19 -47.11 -1.07
CA THR B 107 0.81 -48.45 -0.64
C THR B 107 1.27 -49.53 -1.59
N LEU B 108 1.42 -49.20 -2.88
CA LEU B 108 1.95 -50.10 -3.90
C LEU B 108 0.98 -51.25 -4.20
N ASP B 109 -0.31 -50.96 -4.17
CA ASP B 109 -1.33 -51.94 -4.59
C ASP B 109 -1.73 -51.73 -6.05
N SER B 110 -0.73 -51.67 -6.93
CA SER B 110 -0.94 -51.60 -8.38
C SER B 110 -1.74 -50.36 -8.79
N LYS B 111 -1.56 -49.28 -8.05
CA LYS B 111 -2.33 -48.04 -8.27
C LYS B 111 -1.43 -46.82 -8.18
N THR B 112 -0.26 -46.89 -8.82
CA THR B 112 0.69 -45.78 -8.79
C THR B 112 1.55 -45.83 -10.05
N GLN B 113 2.25 -44.73 -10.31
CA GLN B 113 3.02 -44.57 -11.54
C GLN B 113 4.38 -45.23 -11.42
N SER B 114 4.99 -45.50 -12.58
CA SER B 114 6.31 -46.11 -12.64
C SER B 114 7.04 -45.56 -13.86
N LEU B 115 8.37 -45.66 -13.84
CA LEU B 115 9.20 -45.18 -14.93
C LEU B 115 10.16 -46.27 -15.34
N LEU B 116 10.20 -46.56 -16.64
CA LEU B 116 11.09 -47.57 -17.19
C LEU B 116 11.86 -46.97 -18.37
N ILE B 117 13.05 -47.51 -18.62
CA ILE B 117 13.91 -46.99 -19.69
C ILE B 117 14.50 -48.16 -20.47
N VAL B 118 14.86 -47.89 -21.71
CA VAL B 118 15.69 -48.77 -22.53
C VAL B 118 16.75 -47.88 -23.17
N ASN B 119 17.91 -47.76 -22.52
CA ASN B 119 18.95 -46.86 -22.97
C ASN B 119 20.31 -47.53 -22.85
N ASN B 120 21.12 -47.39 -23.89
CA ASN B 120 22.51 -47.85 -23.79
C ASN B 120 23.37 -46.79 -23.11
N ALA B 121 23.54 -45.64 -23.74
CA ALA B 121 24.23 -44.53 -23.08
C ALA B 121 23.50 -43.21 -23.21
N THR B 122 22.93 -42.91 -24.39
CA THR B 122 22.41 -41.58 -24.67
C THR B 122 21.10 -41.64 -25.47
N ASN B 123 20.28 -42.66 -25.26
CA ASN B 123 19.02 -42.83 -25.99
C ASN B 123 17.92 -43.16 -24.98
N VAL B 124 17.24 -42.11 -24.48
CA VAL B 124 16.29 -42.26 -23.39
C VAL B 124 14.91 -42.60 -23.95
N VAL B 125 14.31 -43.67 -23.42
CA VAL B 125 12.96 -44.09 -23.76
C VAL B 125 12.14 -44.14 -22.47
N ILE B 126 11.01 -43.46 -22.46
CA ILE B 126 10.21 -43.26 -21.25
C ILE B 126 8.80 -43.73 -21.50
N LYS B 127 8.28 -44.54 -20.58
CA LYS B 127 6.87 -44.89 -20.52
C LYS B 127 6.38 -44.67 -19.09
N VAL B 128 5.17 -44.12 -18.96
CA VAL B 128 4.69 -43.66 -17.66
C VAL B 128 3.35 -44.27 -17.30
N CYS B 129 3.07 -45.47 -17.81
CA CYS B 129 1.82 -46.14 -17.47
C CYS B 129 1.87 -46.66 -16.04
N GLU B 130 0.82 -47.39 -15.64
CA GLU B 130 0.66 -47.83 -14.26
C GLU B 130 0.73 -49.36 -14.12
N PHE B 131 1.47 -50.02 -15.01
CA PHE B 131 1.66 -51.46 -14.88
C PHE B 131 2.48 -51.79 -13.65
N GLN B 132 2.09 -52.87 -12.96
CA GLN B 132 2.75 -53.31 -11.75
C GLN B 132 3.31 -54.72 -11.95
N PHE B 133 4.58 -54.90 -11.60
CA PHE B 133 5.23 -56.19 -11.71
C PHE B 133 4.95 -56.98 -10.42
N CYS B 134 5.66 -58.08 -10.23
CA CYS B 134 5.47 -58.89 -9.03
C CYS B 134 6.09 -58.19 -7.81
N ASN B 135 6.02 -58.87 -6.66
CA ASN B 135 6.54 -58.28 -5.43
C ASN B 135 8.05 -58.18 -5.41
N ASP B 136 8.75 -58.83 -6.35
CA ASP B 136 10.20 -58.76 -6.46
C ASP B 136 10.48 -58.33 -7.90
N PRO B 137 10.35 -57.04 -8.19
CA PRO B 137 10.58 -56.58 -9.56
C PRO B 137 12.04 -56.71 -9.95
N PHE B 138 12.26 -56.97 -11.23
CA PHE B 138 13.61 -57.09 -11.78
C PHE B 138 13.51 -57.18 -13.29
N LEU B 139 14.67 -57.25 -13.94
CA LEU B 139 14.77 -57.38 -15.38
C LEU B 139 15.42 -58.72 -15.73
N ASP B 140 14.80 -59.45 -16.66
CA ASP B 140 15.30 -60.74 -17.08
C ASP B 140 16.64 -60.60 -17.80
N ASN B 160 -2.80 -42.10 -15.49
CA ASN B 160 -2.93 -42.08 -16.94
C ASN B 160 -1.57 -41.95 -17.61
N CYS B 161 -1.38 -42.68 -18.71
CA CYS B 161 -0.10 -42.64 -19.41
C CYS B 161 0.03 -41.31 -20.14
N THR B 162 0.26 -40.24 -19.38
CA THR B 162 0.24 -38.88 -19.91
C THR B 162 1.39 -38.60 -20.88
N PHE B 163 2.40 -39.47 -20.95
CA PHE B 163 3.53 -39.22 -21.81
C PHE B 163 4.08 -40.54 -22.34
N GLU B 164 4.86 -40.44 -23.41
CA GLU B 164 5.58 -41.56 -23.97
C GLU B 164 6.65 -41.00 -24.90
N TYR B 165 7.85 -41.59 -24.83
CA TYR B 165 8.94 -41.13 -25.69
C TYR B 165 9.86 -42.30 -26.00
N VAL B 166 10.36 -42.34 -27.23
CA VAL B 166 11.35 -43.33 -27.64
C VAL B 166 12.47 -42.60 -28.37
N SER B 167 13.70 -42.83 -27.96
CA SER B 167 14.85 -42.22 -28.61
C SER B 167 15.31 -43.06 -29.80
N PHE B 181 32.80 -47.63 -14.93
CA PHE B 181 34.17 -47.54 -15.44
C PHE B 181 34.44 -46.17 -16.03
N LYS B 182 33.77 -45.86 -17.14
CA LYS B 182 33.90 -44.57 -17.81
C LYS B 182 32.57 -43.82 -17.89
N ASN B 183 31.76 -43.92 -16.83
CA ASN B 183 30.43 -43.33 -16.85
C ASN B 183 30.07 -42.81 -15.46
N LEU B 184 29.18 -41.83 -15.45
CA LEU B 184 28.60 -41.28 -14.24
C LEU B 184 27.20 -40.76 -14.56
N ARG B 185 26.20 -41.28 -13.85
CA ARG B 185 24.82 -40.84 -14.04
C ARG B 185 24.37 -40.07 -12.80
N GLU B 186 23.70 -38.94 -13.00
CA GLU B 186 23.24 -38.14 -11.87
C GLU B 186 21.86 -37.59 -12.18
N PHE B 187 20.96 -37.67 -11.20
CA PHE B 187 19.58 -37.25 -11.40
C PHE B 187 19.06 -36.60 -10.13
N VAL B 188 18.09 -35.70 -10.30
CA VAL B 188 17.40 -35.07 -9.19
C VAL B 188 15.91 -35.13 -9.47
N PHE B 189 15.16 -35.71 -8.53
CA PHE B 189 13.71 -35.80 -8.63
C PHE B 189 13.09 -34.86 -7.62
N LYS B 190 12.18 -34.00 -8.08
CA LYS B 190 11.56 -33.00 -7.21
C LYS B 190 10.04 -32.98 -7.44
N ASN B 191 9.31 -32.68 -6.38
CA ASN B 191 7.85 -32.66 -6.41
C ASN B 191 7.36 -31.32 -5.86
N ILE B 192 6.61 -30.58 -6.67
CA ILE B 192 6.07 -29.29 -6.25
C ILE B 192 4.72 -29.06 -6.92
N ASP B 193 3.66 -28.93 -6.10
CA ASP B 193 2.37 -28.44 -6.55
C ASP B 193 1.83 -29.23 -7.74
N GLY B 194 1.75 -30.55 -7.58
CA GLY B 194 1.25 -31.39 -8.64
C GLY B 194 2.19 -31.55 -9.81
N TYR B 195 3.45 -31.17 -9.67
CA TYR B 195 4.44 -31.28 -10.73
C TYR B 195 5.59 -32.16 -10.28
N PHE B 196 6.04 -33.02 -11.19
CA PHE B 196 7.09 -34.00 -10.94
C PHE B 196 8.28 -33.65 -11.83
N LYS B 197 9.11 -32.73 -11.37
CA LYS B 197 10.23 -32.23 -12.16
C LYS B 197 11.40 -33.20 -12.08
N ILE B 198 12.04 -33.42 -13.23
CA ILE B 198 13.15 -34.36 -13.35
C ILE B 198 14.31 -33.64 -14.02
N TYR B 199 15.44 -33.52 -13.31
CA TYR B 199 16.66 -32.93 -13.84
C TYR B 199 17.74 -34.01 -13.93
N SER B 200 18.58 -33.94 -14.95
CA SER B 200 19.48 -35.04 -15.26
C SER B 200 20.84 -34.53 -15.70
N LYS B 201 21.84 -35.41 -15.60
CA LYS B 201 23.18 -35.10 -16.08
C LYS B 201 23.96 -36.39 -16.29
N HIS B 202 24.74 -36.42 -17.37
CA HIS B 202 25.54 -37.56 -17.78
C HIS B 202 26.97 -37.09 -17.94
N THR B 203 27.92 -37.82 -17.37
CA THR B 203 29.32 -37.41 -17.54
C THR B 203 30.30 -38.56 -17.37
N PRO B 204 31.21 -38.77 -18.32
CA PRO B 204 32.26 -39.76 -18.12
C PRO B 204 33.25 -39.31 -17.05
N ILE B 205 33.82 -40.30 -16.37
CA ILE B 205 34.78 -40.04 -15.30
C ILE B 205 36.10 -40.72 -15.66
N ILE B 206 37.19 -39.94 -15.59
CA ILE B 206 38.53 -40.49 -15.77
C ILE B 206 39.15 -40.88 -14.45
N VAL B 207 38.35 -40.99 -13.38
CA VAL B 207 38.91 -41.25 -12.05
C VAL B 207 39.18 -42.74 -11.87
N GLU B 208 38.34 -43.61 -12.44
CA GLU B 208 38.40 -45.06 -12.33
C GLU B 208 38.07 -45.46 -10.89
N PRO B 209 38.35 -46.71 -10.44
CA PRO B 209 38.03 -46.98 -9.00
C PRO B 209 39.02 -46.46 -7.98
N GLU B 210 38.51 -45.64 -7.06
CA GLU B 210 39.21 -45.25 -5.85
C GLU B 210 38.25 -45.36 -4.66
N ARG B 211 38.69 -44.82 -3.53
CA ARG B 211 37.94 -44.98 -2.29
C ARG B 211 36.64 -44.17 -2.32
N ASP B 212 36.68 -42.97 -2.88
CA ASP B 212 35.61 -42.00 -2.70
C ASP B 212 34.96 -41.62 -4.05
N LEU B 213 33.89 -40.85 -3.96
CA LEU B 213 33.16 -40.29 -5.09
C LEU B 213 34.07 -39.31 -5.83
N PRO B 214 33.93 -39.22 -7.16
CA PRO B 214 34.83 -38.35 -7.92
C PRO B 214 34.77 -36.90 -7.48
N GLN B 215 35.93 -36.24 -7.51
CA GLN B 215 36.06 -34.85 -7.10
C GLN B 215 35.95 -33.92 -8.30
N GLY B 216 35.77 -32.63 -8.00
CA GLY B 216 35.62 -31.62 -9.03
C GLY B 216 34.38 -30.78 -8.80
N PHE B 217 33.80 -30.27 -9.89
CA PHE B 217 32.58 -29.49 -9.78
C PHE B 217 31.93 -29.42 -11.15
N SER B 218 30.60 -29.32 -11.17
CA SER B 218 29.85 -29.32 -12.42
C SER B 218 28.48 -28.68 -12.16
N ALA B 219 27.61 -28.80 -13.16
CA ALA B 219 26.26 -28.24 -13.09
C ALA B 219 25.28 -29.19 -13.75
N LEU B 220 24.02 -29.05 -13.39
CA LEU B 220 22.95 -29.89 -13.92
C LEU B 220 21.99 -29.05 -14.77
N GLU B 221 21.18 -29.75 -15.57
CA GLU B 221 20.24 -29.12 -16.48
C GLU B 221 18.85 -29.71 -16.30
N PRO B 222 17.80 -28.94 -16.55
CA PRO B 222 16.44 -29.46 -16.43
C PRO B 222 15.99 -30.17 -17.69
N LEU B 223 15.32 -31.31 -17.50
CA LEU B 223 14.94 -32.17 -18.63
C LEU B 223 13.43 -32.31 -18.78
N VAL B 224 12.71 -32.79 -17.75
CA VAL B 224 11.34 -33.25 -17.97
C VAL B 224 10.39 -32.71 -16.90
N ASP B 225 9.17 -32.41 -17.33
CA ASP B 225 8.07 -32.04 -16.45
C ASP B 225 6.88 -32.96 -16.71
N LEU B 226 6.11 -33.23 -15.66
CA LEU B 226 4.91 -34.08 -15.75
C LEU B 226 3.88 -33.65 -14.70
N PRO B 227 2.64 -33.37 -15.11
CA PRO B 227 1.56 -33.00 -14.17
C PRO B 227 0.71 -34.16 -13.65
N ILE B 228 1.27 -34.93 -12.72
CA ILE B 228 0.56 -36.08 -12.17
C ILE B 228 -0.30 -35.68 -10.99
N GLY B 229 0.33 -35.20 -9.91
CA GLY B 229 -0.41 -34.75 -8.75
C GLY B 229 -0.91 -35.86 -7.85
N ILE B 230 0.00 -36.63 -7.25
CA ILE B 230 -0.34 -37.67 -6.29
C ILE B 230 0.66 -37.63 -5.14
N ASN B 231 0.15 -37.70 -3.92
CA ASN B 231 0.99 -37.77 -2.73
C ASN B 231 1.88 -39.00 -2.79
N ILE B 232 3.18 -38.80 -2.52
CA ILE B 232 4.18 -39.85 -2.62
C ILE B 232 4.99 -39.89 -1.33
N THR B 233 5.29 -41.10 -0.85
CA THR B 233 6.03 -41.27 0.39
C THR B 233 7.20 -42.25 0.31
N ARG B 234 7.24 -43.13 -0.69
CA ARG B 234 8.28 -44.16 -0.72
C ARG B 234 8.56 -44.54 -2.17
N PHE B 235 9.76 -45.08 -2.40
CA PHE B 235 10.18 -45.42 -3.75
C PHE B 235 11.18 -46.56 -3.70
N GLN B 236 11.24 -47.32 -4.80
CA GLN B 236 12.19 -48.40 -4.97
C GLN B 236 12.76 -48.37 -6.37
N THR B 237 13.96 -48.92 -6.53
CA THR B 237 14.65 -48.94 -7.81
C THR B 237 14.47 -50.30 -8.49
N LEU B 238 14.79 -50.35 -9.78
CA LEU B 238 14.64 -51.56 -10.58
C LEU B 238 16.00 -51.99 -11.11
N LEU B 239 16.37 -53.23 -10.83
CA LEU B 239 17.66 -53.79 -11.18
C LEU B 239 17.50 -54.93 -12.18
N ALA B 240 18.58 -55.23 -12.89
CA ALA B 240 18.61 -56.31 -13.86
C ALA B 240 19.29 -57.54 -13.26
N LEU B 241 18.83 -58.72 -13.69
CA LEU B 241 19.35 -59.98 -13.18
C LEU B 241 19.45 -60.98 -14.32
N HIS B 242 20.30 -61.99 -14.13
CA HIS B 242 20.45 -63.06 -15.10
C HIS B 242 20.68 -64.40 -14.42
N ALA B 260 28.80 -52.38 -10.23
CA ALA B 260 27.83 -51.30 -10.27
C ALA B 260 27.39 -50.90 -8.87
N ALA B 261 27.16 -49.60 -8.66
CA ALA B 261 26.73 -49.11 -7.36
C ALA B 261 25.99 -47.80 -7.55
N TYR B 262 25.29 -47.38 -6.50
CA TYR B 262 24.49 -46.17 -6.56
C TYR B 262 24.38 -45.58 -5.16
N TYR B 263 23.90 -44.34 -5.09
CA TYR B 263 23.76 -43.62 -3.83
C TYR B 263 22.41 -42.91 -3.77
N VAL B 264 21.98 -42.60 -2.55
CA VAL B 264 20.72 -41.90 -2.32
C VAL B 264 20.95 -40.77 -1.33
N GLY B 265 20.48 -39.57 -1.67
CA GLY B 265 20.64 -38.43 -0.80
C GLY B 265 19.35 -37.64 -0.67
N TYR B 266 19.16 -37.05 0.50
CA TYR B 266 17.94 -36.33 0.81
C TYR B 266 18.12 -34.84 0.56
N LEU B 267 17.03 -34.17 0.18
CA LEU B 267 17.04 -32.76 -0.14
C LEU B 267 16.74 -31.92 1.10
N GLN B 268 16.90 -30.61 0.97
CA GLN B 268 16.64 -29.69 2.07
C GLN B 268 16.57 -28.25 1.57
N PRO B 269 15.64 -27.44 2.08
CA PRO B 269 15.62 -26.02 1.70
C PRO B 269 16.84 -25.28 2.23
N ARG B 270 17.40 -24.40 1.39
CA ARG B 270 18.64 -23.71 1.74
C ARG B 270 18.86 -22.57 0.74
N THR B 271 19.72 -21.64 1.13
CA THR B 271 20.06 -20.48 0.31
C THR B 271 21.54 -20.54 -0.07
N PHE B 272 21.83 -20.46 -1.37
CA PHE B 272 23.20 -20.40 -1.86
C PHE B 272 23.47 -19.14 -2.65
N LEU B 273 24.76 -19.02 -3.00
CA LEU B 273 25.26 -18.01 -3.91
C LEU B 273 26.02 -18.70 -5.03
N LEU B 274 25.94 -18.16 -6.24
CA LEU B 274 26.54 -18.78 -7.40
C LEU B 274 27.27 -17.73 -8.24
N LYS B 275 28.27 -18.18 -9.00
CA LYS B 275 28.98 -17.32 -9.94
C LYS B 275 28.73 -17.77 -11.36
N TYR B 276 28.20 -16.87 -12.18
CA TYR B 276 27.99 -17.13 -13.61
C TYR B 276 29.20 -16.58 -14.37
N ASN B 277 29.87 -17.46 -15.12
CA ASN B 277 31.12 -17.16 -15.79
C ASN B 277 30.86 -16.33 -17.05
N GLU B 278 31.90 -16.18 -17.87
CA GLU B 278 31.78 -15.35 -19.08
C GLU B 278 31.03 -16.08 -20.19
N ASN B 279 31.16 -17.39 -20.29
CA ASN B 279 30.59 -18.13 -21.40
C ASN B 279 29.25 -18.77 -21.08
N GLY B 280 28.64 -18.39 -19.96
CA GLY B 280 27.29 -18.84 -19.65
C GLY B 280 27.17 -20.18 -18.97
N THR B 281 28.14 -20.57 -18.16
CA THR B 281 28.07 -21.82 -17.43
C THR B 281 28.43 -21.57 -15.96
N ILE B 282 27.86 -22.38 -15.09
CA ILE B 282 28.13 -22.28 -13.66
C ILE B 282 29.47 -22.92 -13.37
N THR B 283 30.32 -22.22 -12.63
CA THR B 283 31.63 -22.75 -12.28
C THR B 283 31.93 -22.76 -10.79
N ASP B 284 31.15 -22.07 -9.96
CA ASP B 284 31.42 -22.07 -8.53
C ASP B 284 30.18 -21.68 -7.76
N ALA B 285 30.00 -22.33 -6.61
CA ALA B 285 28.89 -22.05 -5.71
C ALA B 285 29.43 -21.97 -4.30
N VAL B 286 28.73 -21.19 -3.47
CA VAL B 286 29.13 -20.97 -2.08
C VAL B 286 27.89 -21.08 -1.19
N ASP B 287 28.04 -21.81 -0.09
CA ASP B 287 27.03 -21.91 0.95
C ASP B 287 27.22 -20.78 1.96
N CYS B 288 26.12 -20.43 2.63
CA CYS B 288 26.19 -19.59 3.82
C CYS B 288 25.29 -20.16 4.91
N ALA B 289 25.43 -21.46 5.14
CA ALA B 289 24.85 -22.08 6.32
C ALA B 289 25.77 -23.13 6.92
N LEU B 290 27.02 -23.21 6.48
CA LEU B 290 27.93 -24.30 6.85
C LEU B 290 28.87 -23.92 7.98
N ASP B 291 29.68 -22.89 7.78
CA ASP B 291 30.75 -22.51 8.68
C ASP B 291 30.66 -21.02 8.98
N PRO B 292 31.21 -20.57 10.11
CA PRO B 292 31.17 -19.14 10.40
C PRO B 292 31.83 -18.29 9.35
N LEU B 293 32.88 -18.80 8.70
CA LEU B 293 33.58 -18.01 7.70
C LEU B 293 32.68 -17.71 6.50
N SER B 294 31.95 -18.71 6.02
CA SER B 294 31.17 -18.54 4.80
C SER B 294 30.04 -17.54 4.97
N GLU B 295 29.57 -17.32 6.19
CA GLU B 295 28.51 -16.33 6.40
C GLU B 295 28.99 -14.94 6.00
N THR B 296 30.25 -14.63 6.27
CA THR B 296 30.80 -13.35 5.84
C THR B 296 30.80 -13.22 4.33
N LYS B 297 31.17 -14.29 3.62
CA LYS B 297 31.13 -14.26 2.17
C LYS B 297 29.71 -14.04 1.67
N CYS B 298 28.74 -14.73 2.29
CA CYS B 298 27.35 -14.61 1.84
C CYS B 298 26.81 -13.20 2.06
N THR B 299 27.15 -12.59 3.20
CA THR B 299 26.65 -11.25 3.49
C THR B 299 27.45 -10.16 2.81
N LEU B 300 28.62 -10.47 2.27
CA LEU B 300 29.45 -9.46 1.63
C LEU B 300 29.37 -9.50 0.11
N LYS B 301 28.83 -10.57 -0.46
CA LYS B 301 28.70 -10.72 -1.91
C LYS B 301 30.05 -10.61 -2.61
N SER B 302 30.99 -11.45 -2.18
CA SER B 302 32.32 -11.50 -2.75
C SER B 302 32.95 -12.83 -2.38
N PHE B 303 34.19 -13.03 -2.80
CA PHE B 303 34.89 -14.30 -2.58
C PHE B 303 36.09 -14.20 -1.66
N THR B 304 36.63 -13.01 -1.43
CA THR B 304 37.80 -12.84 -0.58
C THR B 304 37.58 -11.68 0.37
N VAL B 305 38.11 -11.81 1.59
CA VAL B 305 38.00 -10.77 2.60
C VAL B 305 39.38 -10.50 3.19
N GLU B 306 39.57 -9.27 3.67
CA GLU B 306 40.81 -8.86 4.30
C GLU B 306 40.70 -8.96 5.82
N LYS B 307 41.85 -8.94 6.47
CA LYS B 307 41.90 -9.18 7.91
C LYS B 307 41.13 -8.11 8.67
N GLY B 308 40.50 -8.52 9.76
CA GLY B 308 39.82 -7.60 10.64
C GLY B 308 38.59 -8.24 11.25
N ILE B 309 37.70 -7.36 11.70
CA ILE B 309 36.45 -7.73 12.36
C ILE B 309 35.30 -7.44 11.41
N TYR B 310 34.27 -8.27 11.49
CA TYR B 310 33.08 -8.08 10.67
C TYR B 310 31.84 -8.29 11.52
N GLN B 311 30.89 -7.37 11.41
CA GLN B 311 29.62 -7.47 12.11
C GLN B 311 28.57 -8.07 11.17
N THR B 312 28.77 -9.34 10.85
CA THR B 312 27.84 -10.03 9.98
C THR B 312 26.50 -10.21 10.69
N SER B 313 25.46 -10.45 9.88
CA SER B 313 24.17 -10.74 10.44
C SER B 313 24.20 -12.08 11.17
N ASN B 314 23.22 -12.29 12.04
CA ASN B 314 23.09 -13.52 12.80
C ASN B 314 22.04 -14.45 12.19
N PHE B 315 22.46 -15.67 11.85
CA PHE B 315 21.60 -16.72 11.29
C PHE B 315 21.51 -17.85 12.31
N ARG B 316 20.32 -18.02 12.90
CA ARG B 316 20.11 -19.01 13.94
C ARG B 316 18.63 -19.34 13.99
N VAL B 317 18.22 -20.07 15.03
CA VAL B 317 16.84 -20.49 15.21
C VAL B 317 16.40 -20.07 16.61
N GLN B 318 15.10 -19.95 16.79
CA GLN B 318 14.50 -19.56 18.07
C GLN B 318 13.49 -20.60 18.50
N PRO B 319 13.29 -20.78 19.80
CA PRO B 319 12.55 -21.94 20.31
C PRO B 319 11.04 -21.82 20.10
N THR B 320 10.32 -22.85 20.51
CA THR B 320 8.89 -22.94 20.28
C THR B 320 8.26 -23.88 21.29
N GLU B 321 7.01 -23.57 21.66
CA GLU B 321 6.15 -24.33 22.55
C GLU B 321 4.78 -23.68 22.54
N SER B 322 3.72 -24.50 22.65
CA SER B 322 2.36 -24.04 22.46
C SER B 322 1.60 -24.04 23.78
N ILE B 323 0.88 -22.94 24.04
CA ILE B 323 0.03 -22.78 25.23
C ILE B 323 -1.23 -22.05 24.80
N VAL B 324 -2.38 -22.53 25.24
CA VAL B 324 -3.67 -21.92 24.90
C VAL B 324 -4.52 -21.84 26.16
N ARG B 325 -5.23 -20.71 26.33
CA ARG B 325 -6.11 -20.52 27.47
C ARG B 325 -7.37 -19.78 27.03
N PHE B 326 -8.47 -20.07 27.71
CA PHE B 326 -9.76 -19.43 27.45
C PHE B 326 -10.63 -19.59 28.69
N PRO B 327 -11.65 -18.74 28.84
CA PRO B 327 -12.58 -18.92 29.96
C PRO B 327 -13.41 -20.19 29.76
N ASN B 328 -13.89 -20.73 30.88
CA ASN B 328 -14.71 -21.93 30.87
C ASN B 328 -16.16 -21.58 31.13
N ILE B 329 -17.05 -22.07 30.27
CA ILE B 329 -18.48 -21.81 30.39
C ILE B 329 -19.19 -22.84 29.53
N THR B 330 -20.41 -23.20 29.93
CA THR B 330 -21.09 -24.36 29.35
C THR B 330 -22.34 -24.03 28.54
N ASN B 331 -23.03 -22.95 28.87
CA ASN B 331 -24.35 -22.69 28.28
C ASN B 331 -24.26 -22.53 26.77
N LEU B 332 -25.14 -23.22 26.05
CA LEU B 332 -25.28 -22.98 24.63
C LEU B 332 -25.89 -21.61 24.39
N CYS B 333 -25.49 -20.99 23.29
CA CYS B 333 -25.78 -19.57 23.17
C CYS B 333 -27.09 -19.36 22.41
N PRO B 334 -27.99 -18.51 22.91
CA PRO B 334 -29.33 -18.34 22.31
C PRO B 334 -29.41 -17.38 21.11
N PHE B 335 -29.07 -17.90 19.93
CA PHE B 335 -29.33 -17.17 18.70
C PHE B 335 -30.70 -17.45 18.10
N ASP B 336 -31.37 -18.53 18.53
CA ASP B 336 -32.61 -18.92 17.89
C ASP B 336 -33.79 -18.03 18.27
N GLU B 337 -33.64 -17.19 19.28
CA GLU B 337 -34.73 -16.34 19.72
C GLU B 337 -34.76 -14.98 19.02
N VAL B 338 -33.86 -14.72 18.07
CA VAL B 338 -33.90 -13.48 17.31
C VAL B 338 -33.82 -13.69 15.82
N PHE B 339 -33.39 -14.86 15.33
CA PHE B 339 -33.30 -15.08 13.90
C PHE B 339 -34.45 -15.89 13.33
N ASN B 340 -35.13 -16.69 14.15
CA ASN B 340 -36.23 -17.51 13.69
C ASN B 340 -37.57 -17.09 14.30
N ALA B 341 -37.66 -15.86 14.80
CA ALA B 341 -38.91 -15.40 15.40
C ALA B 341 -40.01 -15.29 14.35
N THR B 342 -41.24 -15.51 14.79
CA THR B 342 -42.36 -15.52 13.86
C THR B 342 -42.64 -14.14 13.31
N ARG B 343 -42.73 -13.15 14.19
CA ARG B 343 -43.21 -11.82 13.81
C ARG B 343 -42.16 -10.77 14.19
N PHE B 344 -41.52 -10.19 13.17
CA PHE B 344 -40.57 -9.12 13.41
C PHE B 344 -41.31 -7.83 13.75
N ALA B 345 -40.58 -6.89 14.34
CA ALA B 345 -41.14 -5.61 14.72
C ALA B 345 -40.83 -4.56 13.66
N SER B 346 -41.47 -3.40 13.80
CA SER B 346 -41.36 -2.34 12.82
C SER B 346 -40.04 -1.59 12.95
N VAL B 347 -39.66 -0.92 11.86
CA VAL B 347 -38.50 -0.03 11.90
C VAL B 347 -38.72 1.09 12.92
N TYR B 348 -39.95 1.57 13.00
CA TYR B 348 -40.28 2.67 13.91
C TYR B 348 -39.96 2.36 15.36
N ALA B 349 -39.93 1.09 15.74
CA ALA B 349 -39.69 0.70 17.13
C ALA B 349 -38.71 -0.47 17.19
N TRP B 350 -37.60 -0.36 16.48
CA TRP B 350 -36.66 -1.48 16.36
C TRP B 350 -36.20 -1.95 17.73
N ASN B 351 -36.12 -3.27 17.90
CA ASN B 351 -35.98 -3.91 19.20
C ASN B 351 -34.52 -4.21 19.49
N ARG B 352 -33.97 -3.55 20.51
CA ARG B 352 -32.62 -3.84 20.96
C ARG B 352 -32.59 -5.19 21.66
N LYS B 353 -31.56 -5.99 21.38
CA LYS B 353 -31.40 -7.28 22.03
C LYS B 353 -29.97 -7.44 22.54
N ARG B 354 -29.84 -7.88 23.78
CA ARG B 354 -28.55 -8.10 24.43
C ARG B 354 -28.36 -9.59 24.68
N ILE B 355 -27.15 -10.09 24.46
CA ILE B 355 -26.72 -11.40 24.92
C ILE B 355 -25.42 -11.23 25.69
N SER B 356 -25.34 -11.86 26.86
CA SER B 356 -24.21 -11.64 27.77
C SER B 356 -23.34 -12.88 27.94
N ASN B 357 -23.91 -13.99 28.40
CA ASN B 357 -23.19 -15.24 28.56
C ASN B 357 -23.54 -16.15 27.40
N CYS B 358 -22.50 -16.71 26.76
CA CYS B 358 -22.64 -17.22 25.41
C CYS B 358 -21.41 -18.03 25.03
N VAL B 359 -21.64 -19.14 24.34
CA VAL B 359 -20.59 -19.82 23.59
C VAL B 359 -20.97 -19.69 22.13
N ALA B 360 -20.48 -18.62 21.49
CA ALA B 360 -20.96 -18.27 20.16
C ALA B 360 -20.55 -19.33 19.14
N ASP B 361 -21.45 -19.60 18.21
CA ASP B 361 -21.17 -20.48 17.08
C ASP B 361 -21.51 -19.74 15.80
N TYR B 362 -20.81 -20.07 14.73
CA TYR B 362 -21.06 -19.44 13.44
C TYR B 362 -21.11 -20.44 12.30
N SER B 363 -21.12 -21.74 12.60
CA SER B 363 -21.56 -22.72 11.61
C SER B 363 -23.02 -22.46 11.25
N VAL B 364 -23.84 -22.15 12.25
CA VAL B 364 -25.15 -21.57 11.99
C VAL B 364 -24.96 -20.26 11.23
N LEU B 365 -26.02 -19.83 10.55
CA LEU B 365 -26.10 -18.65 9.67
C LEU B 365 -25.51 -18.95 8.31
N TYR B 366 -25.02 -20.17 8.07
CA TYR B 366 -24.53 -20.58 6.75
C TYR B 366 -25.19 -21.83 6.23
N ASN B 367 -25.48 -22.80 7.11
CA ASN B 367 -26.09 -24.04 6.66
C ASN B 367 -27.47 -23.81 6.08
N LEU B 368 -28.26 -22.94 6.71
CA LEU B 368 -29.61 -22.69 6.25
C LEU B 368 -29.61 -21.66 5.13
N ALA B 369 -30.72 -21.63 4.39
CA ALA B 369 -30.82 -20.77 3.21
C ALA B 369 -30.78 -19.27 3.52
N PRO B 370 -31.52 -18.74 4.51
CA PRO B 370 -31.84 -17.30 4.48
C PRO B 370 -30.66 -16.39 4.82
N PHE B 371 -29.53 -16.54 4.15
CA PHE B 371 -28.35 -15.72 4.44
C PHE B 371 -27.62 -15.36 3.15
N PHE B 372 -28.37 -15.00 2.11
CA PHE B 372 -27.77 -14.77 0.81
C PHE B 372 -26.86 -13.54 0.82
N THR B 373 -27.27 -12.47 1.49
CA THR B 373 -26.46 -11.26 1.61
C THR B 373 -25.81 -11.23 2.99
N PHE B 374 -24.52 -10.89 3.02
CA PHE B 374 -23.76 -10.95 4.27
C PHE B 374 -22.56 -10.01 4.14
N LYS B 375 -22.52 -8.97 4.98
CA LYS B 375 -21.41 -8.05 4.97
C LYS B 375 -20.90 -7.85 6.39
N CYS B 376 -19.61 -7.58 6.51
CA CYS B 376 -19.00 -7.28 7.81
C CYS B 376 -17.96 -6.20 7.62
N TYR B 377 -18.07 -5.14 8.41
CA TYR B 377 -17.15 -4.01 8.36
C TYR B 377 -16.34 -3.97 9.63
N GLY B 378 -15.01 -4.03 9.49
CA GLY B 378 -14.10 -4.07 10.60
C GLY B 378 -13.55 -5.45 10.91
N VAL B 379 -14.27 -6.51 10.55
CA VAL B 379 -13.86 -7.88 10.83
C VAL B 379 -14.11 -8.72 9.59
N SER B 380 -13.16 -9.57 9.23
CA SER B 380 -13.34 -10.48 8.11
C SER B 380 -14.35 -11.56 8.46
N PRO B 381 -15.24 -11.93 7.54
CA PRO B 381 -16.32 -12.87 7.88
C PRO B 381 -15.83 -14.24 8.34
N THR B 382 -14.72 -14.72 7.79
CA THR B 382 -14.28 -16.08 8.10
C THR B 382 -13.80 -16.21 9.54
N LYS B 383 -13.26 -15.13 10.11
CA LYS B 383 -12.52 -15.21 11.36
C LYS B 383 -13.36 -14.88 12.59
N LEU B 384 -14.68 -14.95 12.50
CA LEU B 384 -15.51 -14.68 13.67
C LEU B 384 -15.40 -15.74 14.75
N ASN B 385 -14.76 -16.88 14.47
CA ASN B 385 -14.74 -18.01 15.38
C ASN B 385 -13.57 -17.99 16.36
N ASP B 386 -12.71 -16.99 16.31
CA ASP B 386 -11.50 -16.99 17.12
C ASP B 386 -11.46 -15.89 18.17
N LEU B 387 -11.78 -14.65 17.79
CA LEU B 387 -11.64 -13.53 18.69
C LEU B 387 -12.64 -13.61 19.84
N CYS B 388 -12.32 -12.98 20.95
CA CYS B 388 -13.20 -12.89 22.09
C CYS B 388 -13.71 -11.47 22.27
N PHE B 389 -14.91 -11.35 22.87
CA PHE B 389 -15.66 -10.11 22.81
C PHE B 389 -16.23 -9.80 24.19
N THR B 390 -16.65 -8.55 24.36
CA THR B 390 -17.17 -8.07 25.64
C THR B 390 -18.69 -8.18 25.72
N ASN B 391 -19.38 -7.48 24.82
CA ASN B 391 -20.83 -7.48 24.78
C ASN B 391 -21.28 -7.11 23.38
N VAL B 392 -22.20 -7.88 22.82
CA VAL B 392 -22.64 -7.70 21.44
C VAL B 392 -24.13 -7.41 21.43
N TYR B 393 -24.55 -6.59 20.48
CA TYR B 393 -25.94 -6.15 20.40
C TYR B 393 -26.55 -6.57 19.08
N ALA B 394 -27.85 -6.88 19.10
CA ALA B 394 -28.57 -7.34 17.92
C ALA B 394 -29.81 -6.49 17.68
N ASP B 395 -30.00 -6.08 16.42
CA ASP B 395 -31.15 -5.29 16.02
C ASP B 395 -31.73 -5.89 14.75
N SER B 396 -33.02 -5.68 14.53
CA SER B 396 -33.68 -6.28 13.37
C SER B 396 -34.88 -5.45 12.95
N PHE B 397 -35.16 -5.47 11.65
CA PHE B 397 -36.37 -4.86 11.10
C PHE B 397 -36.52 -5.30 9.64
N VAL B 398 -37.46 -4.67 8.92
CA VAL B 398 -37.79 -5.03 7.54
C VAL B 398 -37.86 -3.78 6.69
N ILE B 399 -37.34 -3.88 5.46
CA ILE B 399 -37.23 -2.76 4.53
C ILE B 399 -37.62 -3.23 3.14
N ARG B 400 -38.03 -2.29 2.29
CA ARG B 400 -38.15 -2.58 0.88
C ARG B 400 -36.77 -2.87 0.28
N GLY B 401 -36.75 -3.76 -0.71
CA GLY B 401 -35.50 -4.34 -1.16
C GLY B 401 -34.54 -3.35 -1.80
N ASP B 402 -35.05 -2.49 -2.68
CA ASP B 402 -34.19 -1.67 -3.51
C ASP B 402 -33.35 -0.68 -2.71
N GLU B 403 -33.70 -0.41 -1.45
CA GLU B 403 -32.94 0.53 -0.64
C GLU B 403 -32.25 -0.13 0.55
N VAL B 404 -32.05 -1.45 0.51
CA VAL B 404 -31.18 -2.06 1.50
C VAL B 404 -29.75 -1.58 1.29
N ARG B 405 -29.42 -1.14 0.07
CA ARG B 405 -28.12 -0.53 -0.18
C ARG B 405 -27.97 0.77 0.60
N GLN B 406 -29.09 1.44 0.91
CA GLN B 406 -29.03 2.72 1.61
C GLN B 406 -28.39 2.58 2.98
N ILE B 407 -28.72 1.51 3.69
CA ILE B 407 -28.25 1.34 5.07
C ILE B 407 -26.80 0.86 5.06
N ALA B 408 -25.87 1.81 5.13
CA ALA B 408 -24.44 1.54 5.17
C ALA B 408 -23.77 2.71 5.89
N PRO B 409 -22.62 2.48 6.52
CA PRO B 409 -21.96 3.58 7.24
C PRO B 409 -21.60 4.72 6.30
N GLY B 410 -21.83 5.94 6.78
CA GLY B 410 -21.51 7.14 6.03
C GLY B 410 -22.50 7.50 4.94
N GLN B 411 -23.46 6.64 4.65
CA GLN B 411 -24.45 6.89 3.61
C GLN B 411 -25.56 7.78 4.16
N THR B 412 -26.25 8.46 3.24
CA THR B 412 -27.35 9.35 3.59
C THR B 412 -28.57 9.00 2.76
N GLY B 413 -29.70 8.82 3.43
CA GLY B 413 -30.95 8.49 2.77
C GLY B 413 -32.10 8.71 3.73
N ASN B 414 -33.31 8.64 3.17
CA ASN B 414 -34.51 8.96 3.95
C ASN B 414 -34.61 8.11 5.21
N ILE B 415 -34.44 6.79 5.05
CA ILE B 415 -34.44 5.90 6.21
C ILE B 415 -33.30 6.27 7.15
N ALA B 416 -32.11 6.52 6.57
CA ALA B 416 -30.96 6.90 7.38
C ALA B 416 -31.16 8.29 7.99
N ASP B 417 -31.78 9.21 7.26
CA ASP B 417 -31.95 10.55 7.78
C ASP B 417 -32.97 10.61 8.92
N TYR B 418 -34.01 9.77 8.86
CA TYR B 418 -35.13 9.94 9.78
C TYR B 418 -35.44 8.73 10.66
N ASN B 419 -34.90 7.55 10.37
CA ASN B 419 -35.27 6.37 11.13
C ASN B 419 -34.12 5.69 11.84
N TYR B 420 -33.06 5.35 11.13
CA TYR B 420 -32.03 4.48 11.69
C TYR B 420 -30.75 4.62 10.87
N LYS B 421 -29.69 5.14 11.47
CA LYS B 421 -28.43 5.31 10.78
C LYS B 421 -27.27 4.87 11.67
N LEU B 422 -26.22 4.38 11.03
CA LEU B 422 -25.04 3.87 11.70
C LEU B 422 -24.11 5.01 12.09
N PRO B 423 -23.34 4.84 13.17
CA PRO B 423 -22.32 5.83 13.50
C PRO B 423 -21.15 5.78 12.52
N ASP B 424 -20.35 6.86 12.54
CA ASP B 424 -19.23 6.95 11.60
C ASP B 424 -18.20 5.86 11.85
N ASP B 425 -17.90 5.59 13.13
CA ASP B 425 -16.87 4.62 13.50
C ASP B 425 -17.45 3.24 13.81
N PHE B 426 -18.55 2.89 13.16
CA PHE B 426 -19.22 1.62 13.47
C PHE B 426 -18.42 0.43 12.96
N THR B 427 -18.41 -0.64 13.76
CA THR B 427 -17.87 -1.93 13.35
C THR B 427 -18.93 -2.98 13.63
N GLY B 428 -19.10 -3.92 12.70
CA GLY B 428 -20.11 -4.94 12.93
C GLY B 428 -20.43 -5.69 11.65
N CYS B 429 -21.66 -6.20 11.59
CA CYS B 429 -22.09 -7.00 10.45
C CYS B 429 -23.55 -6.72 10.13
N VAL B 430 -23.90 -6.91 8.86
CA VAL B 430 -25.24 -6.68 8.33
C VAL B 430 -25.66 -7.89 7.52
N ILE B 431 -26.91 -8.34 7.74
CA ILE B 431 -27.44 -9.52 7.06
C ILE B 431 -28.85 -9.19 6.57
N ALA B 432 -29.20 -9.66 5.38
CA ALA B 432 -30.53 -9.42 4.84
C ALA B 432 -30.92 -10.56 3.91
N TRP B 433 -32.24 -10.78 3.80
CA TRP B 433 -32.72 -11.86 2.94
C TRP B 433 -34.21 -11.67 2.64
N ASN B 434 -34.71 -12.51 1.73
CA ASN B 434 -36.09 -12.41 1.25
C ASN B 434 -37.09 -12.86 2.31
N SER B 435 -38.25 -12.20 2.32
CA SER B 435 -39.24 -12.50 3.33
C SER B 435 -40.68 -12.51 2.80
N ASN B 436 -40.87 -12.65 1.49
CA ASN B 436 -42.22 -12.67 0.95
C ASN B 436 -43.01 -13.87 1.46
N LYS B 437 -42.34 -15.02 1.59
CA LYS B 437 -43.04 -16.24 2.00
C LYS B 437 -43.66 -16.10 3.38
N LEU B 438 -43.12 -15.24 4.22
CA LEU B 438 -43.60 -15.13 5.60
C LEU B 438 -44.31 -13.83 5.91
N ASP B 439 -44.12 -12.78 5.11
CA ASP B 439 -44.68 -11.48 5.45
C ASP B 439 -45.66 -10.94 4.43
N SER B 440 -45.64 -11.45 3.20
CA SER B 440 -46.58 -10.97 2.19
C SER B 440 -47.99 -11.46 2.49
N LYS B 441 -48.97 -10.78 1.89
CA LYS B 441 -50.37 -11.03 2.19
C LYS B 441 -51.20 -10.72 0.95
N VAL B 442 -52.22 -11.54 0.71
CA VAL B 442 -53.18 -11.21 -0.35
C VAL B 442 -53.92 -9.94 0.06
N SER B 443 -54.13 -9.05 -0.91
CA SER B 443 -54.76 -7.75 -0.74
C SER B 443 -53.93 -6.79 0.08
N GLY B 444 -52.73 -7.19 0.54
CA GLY B 444 -51.83 -6.28 1.21
C GLY B 444 -51.85 -6.33 2.72
N ASN B 445 -50.69 -6.07 3.33
CA ASN B 445 -50.57 -5.99 4.78
C ASN B 445 -50.65 -4.53 5.23
N TYR B 446 -50.87 -4.33 6.53
CA TYR B 446 -50.91 -2.99 7.07
C TYR B 446 -50.28 -2.87 8.45
N ASN B 447 -49.49 -3.83 8.88
CA ASN B 447 -48.91 -3.81 10.22
C ASN B 447 -47.53 -3.16 10.27
N TYR B 448 -46.98 -2.73 9.15
CA TYR B 448 -45.69 -2.08 9.10
C TYR B 448 -45.88 -0.64 8.66
N LEU B 449 -45.37 0.31 9.45
CA LEU B 449 -45.59 1.72 9.22
C LEU B 449 -44.31 2.50 9.46
N TYR B 450 -44.00 3.43 8.57
CA TYR B 450 -42.84 4.30 8.73
C TYR B 450 -43.30 5.72 8.99
N ARG B 451 -42.35 6.56 9.40
CA ARG B 451 -42.63 7.96 9.66
C ARG B 451 -41.45 8.80 9.20
N LEU B 452 -41.74 10.07 8.92
CA LEU B 452 -40.74 11.02 8.45
C LEU B 452 -41.15 12.41 8.95
N PHE B 453 -40.58 13.45 8.34
CA PHE B 453 -40.87 14.85 8.63
C PHE B 453 -40.30 15.32 9.96
N ARG B 454 -39.25 14.66 10.45
CA ARG B 454 -38.59 15.11 11.66
C ARG B 454 -37.90 16.46 11.41
N LYS B 455 -37.82 17.27 12.47
CA LYS B 455 -37.32 18.63 12.31
C LYS B 455 -35.84 18.66 11.90
N SER B 456 -35.09 17.62 12.23
CA SER B 456 -33.67 17.57 11.93
C SER B 456 -33.22 16.12 11.84
N ASN B 457 -32.00 15.92 11.34
CA ASN B 457 -31.44 14.59 11.18
C ASN B 457 -31.18 13.95 12.54
N LEU B 458 -31.11 12.62 12.54
CA LEU B 458 -31.06 11.86 13.78
C LEU B 458 -29.62 11.65 14.23
N LYS B 459 -29.43 11.74 15.54
CA LYS B 459 -28.20 11.34 16.20
C LYS B 459 -28.10 9.83 16.24
N PRO B 460 -26.90 9.28 16.45
CA PRO B 460 -26.75 7.82 16.47
C PRO B 460 -27.61 7.17 17.54
N PHE B 461 -28.23 6.04 17.17
CA PHE B 461 -29.07 5.25 18.09
C PHE B 461 -30.14 6.10 18.75
N GLU B 462 -30.78 6.97 17.96
CA GLU B 462 -31.81 7.86 18.49
C GLU B 462 -33.20 7.32 18.12
N ARG B 463 -33.60 6.29 18.87
CA ARG B 463 -34.94 5.74 18.70
C ARG B 463 -35.95 6.69 19.33
N ASP B 464 -36.98 7.06 18.57
CA ASP B 464 -37.93 8.06 19.01
C ASP B 464 -39.35 7.62 18.71
N ILE B 465 -40.28 8.21 19.47
CA ILE B 465 -41.71 7.98 19.28
C ILE B 465 -42.37 9.32 18.99
N SER B 466 -43.36 9.31 18.10
CA SER B 466 -44.04 10.53 17.68
C SER B 466 -45.52 10.24 17.53
N THR B 467 -46.35 11.18 17.97
CA THR B 467 -47.79 10.98 17.99
C THR B 467 -48.61 12.14 17.43
N GLU B 468 -48.07 13.35 17.36
CA GLU B 468 -48.87 14.51 16.99
C GLU B 468 -48.90 14.68 15.47
N ILE B 469 -49.65 15.69 15.03
CA ILE B 469 -49.57 16.17 13.65
C ILE B 469 -48.52 17.26 13.62
N TYR B 470 -47.49 17.07 12.80
CA TYR B 470 -46.30 17.90 12.86
C TYR B 470 -46.25 18.84 11.67
N GLN B 471 -45.88 20.08 11.95
CA GLN B 471 -46.01 21.17 10.98
C GLN B 471 -45.05 21.00 9.82
N ALA B 472 -45.50 21.46 8.64
CA ALA B 472 -44.64 21.74 7.51
C ALA B 472 -44.42 23.22 7.31
N GLY B 473 -44.90 24.04 8.24
CA GLY B 473 -44.77 25.48 8.15
C GLY B 473 -45.08 26.13 9.48
N ASN B 474 -45.26 27.45 9.44
CA ASN B 474 -45.54 28.21 10.65
C ASN B 474 -47.02 28.32 10.97
N LYS B 475 -47.91 27.83 10.10
CA LYS B 475 -49.33 27.90 10.38
C LYS B 475 -49.71 26.84 11.42
N PRO B 476 -50.62 27.15 12.33
CA PRO B 476 -51.05 26.17 13.32
C PRO B 476 -51.86 25.04 12.71
N CYS B 477 -51.85 23.89 13.39
CA CYS B 477 -52.57 22.71 12.94
C CYS B 477 -53.83 22.44 13.75
N ASN B 478 -53.76 22.58 15.08
CA ASN B 478 -54.91 22.40 15.96
C ASN B 478 -55.53 21.01 15.82
N GLY B 479 -54.68 20.00 15.64
CA GLY B 479 -55.14 18.64 15.60
C GLY B 479 -55.84 18.22 14.33
N VAL B 480 -55.79 19.03 13.29
CA VAL B 480 -56.44 18.72 12.01
C VAL B 480 -55.40 18.81 10.91
N ALA B 481 -55.30 17.76 10.10
CA ALA B 481 -54.39 17.77 8.96
C ALA B 481 -54.89 18.73 7.89
N GLY B 482 -53.97 19.49 7.30
CA GLY B 482 -54.33 20.46 6.29
C GLY B 482 -53.14 21.19 5.70
N PHE B 483 -53.26 22.51 5.56
CA PHE B 483 -52.19 23.33 5.01
C PHE B 483 -50.95 23.27 5.89
N ASN B 484 -49.88 22.67 5.38
CA ASN B 484 -48.63 22.47 6.11
C ASN B 484 -48.89 21.73 7.44
N CYS B 485 -49.82 20.78 7.40
CA CYS B 485 -50.15 19.98 8.58
C CYS B 485 -50.52 18.59 8.09
N TYR B 486 -49.66 17.61 8.35
CA TYR B 486 -49.85 16.27 7.84
C TYR B 486 -49.44 15.24 8.89
N PHE B 487 -50.05 14.08 8.81
CA PHE B 487 -49.65 12.96 9.65
C PHE B 487 -48.30 12.40 9.18
N PRO B 488 -47.50 11.85 10.08
CA PRO B 488 -46.22 11.25 9.69
C PRO B 488 -46.31 9.82 9.22
N LEU B 489 -47.47 9.18 9.31
CA LEU B 489 -47.59 7.77 8.97
C LEU B 489 -47.42 7.53 7.48
N LYS B 490 -46.88 6.35 7.15
CA LYS B 490 -46.78 5.91 5.77
C LYS B 490 -46.78 4.38 5.76
N SER B 491 -47.57 3.77 4.89
CA SER B 491 -47.70 2.33 4.82
C SER B 491 -47.11 1.80 3.50
N TYR B 492 -46.92 0.49 3.45
CA TYR B 492 -46.34 -0.19 2.29
C TYR B 492 -47.25 -1.21 1.64
N SER B 493 -47.82 -2.13 2.42
CA SER B 493 -48.76 -3.14 1.92
C SER B 493 -48.11 -3.98 0.81
N PHE B 494 -47.11 -4.76 1.23
CA PHE B 494 -46.50 -5.71 0.33
C PHE B 494 -47.51 -6.74 -0.16
N ARG B 495 -47.51 -6.99 -1.46
CA ARG B 495 -48.40 -7.97 -2.07
C ARG B 495 -47.58 -8.99 -2.86
N PRO B 496 -48.02 -10.25 -2.88
CA PRO B 496 -47.19 -11.31 -3.49
C PRO B 496 -46.99 -11.15 -4.98
N THR B 497 -47.80 -10.35 -5.66
CA THR B 497 -47.71 -10.21 -7.11
C THR B 497 -46.76 -9.11 -7.54
N TYR B 498 -46.18 -8.37 -6.61
CA TYR B 498 -45.25 -7.29 -6.97
C TYR B 498 -43.93 -7.87 -7.48
N GLY B 499 -43.17 -7.00 -8.15
CA GLY B 499 -41.86 -7.39 -8.65
C GLY B 499 -40.81 -7.40 -7.56
N VAL B 500 -39.62 -7.88 -7.95
CA VAL B 500 -38.53 -8.03 -6.99
C VAL B 500 -38.14 -6.69 -6.39
N GLY B 501 -38.24 -5.61 -7.15
CA GLY B 501 -37.83 -4.31 -6.65
C GLY B 501 -38.62 -3.86 -5.44
N HIS B 502 -39.90 -4.19 -5.40
CA HIS B 502 -40.76 -3.78 -4.31
C HIS B 502 -40.98 -4.87 -3.26
N GLN B 503 -40.34 -6.02 -3.43
CA GLN B 503 -40.55 -7.12 -2.50
C GLN B 503 -39.94 -6.77 -1.13
N PRO B 504 -40.53 -7.28 -0.05
CA PRO B 504 -40.00 -7.00 1.29
C PRO B 504 -38.71 -7.74 1.56
N TYR B 505 -37.99 -7.29 2.58
CA TYR B 505 -36.71 -7.87 2.96
C TYR B 505 -36.54 -7.77 4.47
N ARG B 506 -36.01 -8.83 5.07
CA ARG B 506 -35.69 -8.85 6.48
C ARG B 506 -34.20 -8.57 6.66
N VAL B 507 -33.87 -7.67 7.59
CA VAL B 507 -32.50 -7.26 7.82
C VAL B 507 -32.20 -7.27 9.32
N VAL B 508 -31.01 -7.78 9.66
CA VAL B 508 -30.52 -7.85 11.02
C VAL B 508 -29.12 -7.26 11.06
N VAL B 509 -28.88 -6.36 12.01
CA VAL B 509 -27.56 -5.75 12.19
C VAL B 509 -27.02 -6.18 13.54
N LEU B 510 -25.75 -6.56 13.56
CA LEU B 510 -25.07 -7.03 14.76
C LEU B 510 -23.89 -6.13 15.03
N SER B 511 -23.82 -5.59 16.25
CA SER B 511 -22.79 -4.62 16.62
C SER B 511 -21.88 -5.21 17.68
N PHE B 512 -20.58 -5.05 17.47
CA PHE B 512 -19.54 -5.58 18.33
C PHE B 512 -18.98 -4.49 19.23
N GLU B 513 -18.22 -4.92 20.23
CA GLU B 513 -17.38 -4.04 21.03
C GLU B 513 -16.06 -4.75 21.24
N LEU B 514 -14.99 -4.24 20.63
CA LEU B 514 -13.76 -5.00 20.50
C LEU B 514 -12.63 -4.52 21.39
N LEU B 515 -12.75 -3.35 22.01
CA LEU B 515 -11.71 -2.87 22.91
C LEU B 515 -11.53 -3.83 24.07
N HIS B 516 -10.28 -4.04 24.47
CA HIS B 516 -9.90 -5.13 25.37
C HIS B 516 -10.37 -4.82 26.79
N ALA B 517 -11.67 -5.02 27.01
CA ALA B 517 -12.27 -5.02 28.34
C ALA B 517 -12.33 -6.46 28.83
N PRO B 518 -12.77 -6.73 30.05
CA PRO B 518 -12.93 -8.13 30.47
C PRO B 518 -13.85 -8.89 29.52
N ALA B 519 -13.48 -10.13 29.23
CA ALA B 519 -14.15 -10.93 28.22
C ALA B 519 -15.30 -11.73 28.84
N THR B 520 -16.37 -11.88 28.06
CA THR B 520 -17.53 -12.64 28.52
C THR B 520 -18.02 -13.63 27.48
N VAL B 521 -17.78 -13.35 26.20
CA VAL B 521 -18.31 -14.15 25.11
C VAL B 521 -17.25 -14.40 24.05
N CYS B 522 -17.12 -15.66 23.64
CA CYS B 522 -16.40 -16.07 22.43
C CYS B 522 -16.51 -17.58 22.26
N GLY B 523 -16.01 -18.04 21.11
CA GLY B 523 -16.29 -19.37 20.62
C GLY B 523 -15.57 -20.47 21.34
N PRO B 524 -15.69 -21.69 20.82
CA PRO B 524 -15.19 -22.86 21.55
C PRO B 524 -13.74 -23.18 21.28
N LYS B 525 -12.97 -23.44 22.34
CA LYS B 525 -11.60 -23.89 22.22
C LYS B 525 -11.27 -24.72 23.45
N LYS B 526 -10.22 -25.53 23.35
CA LYS B 526 -9.80 -26.40 24.44
C LYS B 526 -8.56 -25.82 25.10
N SER B 527 -8.61 -25.66 26.42
CA SER B 527 -7.52 -25.06 27.17
C SER B 527 -6.42 -26.08 27.42
N THR B 528 -5.27 -25.57 27.87
CA THR B 528 -4.11 -26.39 28.19
C THR B 528 -3.52 -25.91 29.51
N ASN B 529 -2.65 -26.73 30.08
CA ASN B 529 -2.04 -26.39 31.36
C ASN B 529 -0.98 -25.32 31.18
N LEU B 530 -0.52 -24.76 32.30
CA LEU B 530 0.37 -23.62 32.32
C LEU B 530 1.81 -24.04 32.60
N VAL B 531 2.75 -23.36 31.95
CA VAL B 531 4.18 -23.62 32.10
C VAL B 531 4.87 -22.31 32.42
N LYS B 532 5.89 -22.37 33.29
CA LYS B 532 6.58 -21.18 33.76
C LYS B 532 8.07 -21.30 33.51
N ASN B 533 8.73 -20.14 33.49
CA ASN B 533 10.20 -20.05 33.43
C ASN B 533 10.76 -20.71 32.17
N LYS B 534 10.13 -20.46 31.03
CA LYS B 534 10.62 -20.96 29.75
C LYS B 534 9.88 -20.22 28.64
N CYS B 535 10.62 -19.59 27.73
CA CYS B 535 9.98 -18.76 26.72
C CYS B 535 9.23 -19.65 25.72
N VAL B 536 7.94 -19.39 25.58
CA VAL B 536 7.03 -20.21 24.78
C VAL B 536 6.14 -19.27 23.96
N ASN B 537 5.28 -19.88 23.15
CA ASN B 537 4.28 -19.15 22.36
C ASN B 537 2.93 -19.31 23.03
N PHE B 538 2.26 -18.19 23.31
CA PHE B 538 1.06 -18.20 24.14
C PHE B 538 -0.09 -17.45 23.49
N ASN B 539 -1.30 -17.84 23.90
CA ASN B 539 -2.53 -17.20 23.48
C ASN B 539 -3.36 -16.91 24.73
N PHE B 540 -3.80 -15.66 24.88
CA PHE B 540 -4.57 -15.23 26.04
C PHE B 540 -5.75 -14.39 25.58
N ASN B 541 -6.95 -14.95 25.66
CA ASN B 541 -8.18 -14.23 25.31
C ASN B 541 -8.11 -13.66 23.89
N GLY B 542 -7.56 -14.43 22.97
CA GLY B 542 -7.43 -14.00 21.59
C GLY B 542 -6.26 -13.09 21.31
N LEU B 543 -5.42 -12.83 22.30
CA LEU B 543 -4.20 -12.05 22.13
C LEU B 543 -3.02 -13.00 22.00
N LYS B 544 -2.31 -12.93 20.89
CA LYS B 544 -1.23 -13.86 20.59
C LYS B 544 0.11 -13.21 20.89
N GLY B 545 0.98 -13.97 21.57
CA GLY B 545 2.27 -13.41 21.91
C GLY B 545 3.31 -14.50 22.08
N THR B 546 4.56 -14.07 22.29
CA THR B 546 5.67 -14.97 22.47
C THR B 546 6.58 -14.43 23.56
N GLY B 547 7.28 -15.33 24.24
CA GLY B 547 8.21 -14.94 25.28
C GLY B 547 8.01 -15.77 26.53
N VAL B 548 8.67 -15.34 27.60
CA VAL B 548 8.66 -16.07 28.86
C VAL B 548 7.78 -15.36 29.86
N LEU B 549 7.10 -16.15 30.70
CA LEU B 549 6.15 -15.67 31.69
C LEU B 549 6.76 -15.79 33.09
N THR B 550 6.62 -14.73 33.88
CA THR B 550 7.11 -14.72 35.24
C THR B 550 6.00 -14.21 36.17
N GLU B 551 6.26 -14.30 37.48
CA GLU B 551 5.30 -13.90 38.49
C GLU B 551 5.77 -12.58 39.07
N SER B 552 4.84 -11.63 39.17
CA SER B 552 5.14 -10.30 39.71
C SER B 552 4.19 -10.02 40.86
N ASN B 553 4.47 -8.93 41.56
CA ASN B 553 3.70 -8.53 42.74
C ASN B 553 3.09 -7.16 42.56
N LYS B 554 2.54 -6.90 41.37
CA LYS B 554 1.87 -5.64 41.11
C LYS B 554 0.42 -5.70 41.53
N LYS B 555 -0.07 -4.62 42.13
CA LYS B 555 -1.46 -4.54 42.55
C LYS B 555 -2.33 -4.19 41.35
N PHE B 556 -3.56 -4.71 41.36
CA PHE B 556 -4.51 -4.49 40.27
C PHE B 556 -5.86 -4.09 40.82
N LEU B 557 -6.60 -3.33 40.00
CA LEU B 557 -7.98 -2.95 40.31
C LEU B 557 -8.94 -4.07 39.93
N PRO B 558 -10.14 -4.08 40.51
CA PRO B 558 -11.10 -5.13 40.17
C PRO B 558 -11.47 -5.18 38.70
N PHE B 559 -11.56 -4.04 38.03
CA PHE B 559 -12.02 -4.00 36.65
C PHE B 559 -10.90 -3.75 35.64
N GLN B 560 -9.65 -3.75 36.07
CA GLN B 560 -8.54 -3.58 35.14
C GLN B 560 -8.18 -4.92 34.51
N GLN B 561 -7.68 -4.86 33.28
CA GLN B 561 -7.38 -6.06 32.52
C GLN B 561 -5.93 -6.18 32.07
N PHE B 562 -5.32 -5.11 31.57
CA PHE B 562 -4.01 -5.19 30.95
C PHE B 562 -3.10 -4.10 31.49
N GLY B 563 -1.80 -4.37 31.44
CA GLY B 563 -0.78 -3.38 31.74
C GLY B 563 0.01 -3.07 30.48
N ARG B 564 0.39 -1.81 30.33
CA ARG B 564 1.10 -1.35 29.14
C ARG B 564 2.36 -0.61 29.53
N ASP B 565 3.44 -0.87 28.80
CA ASP B 565 4.72 -0.25 29.06
C ASP B 565 4.81 1.09 28.35
N ILE B 566 5.99 1.70 28.39
CA ILE B 566 6.20 2.98 27.69
C ILE B 566 6.07 2.78 26.19
N ALA B 567 6.51 1.63 25.69
CA ALA B 567 6.45 1.32 24.26
C ALA B 567 5.04 1.01 23.77
N ASP B 568 4.04 1.06 24.66
CA ASP B 568 2.65 0.78 24.31
C ASP B 568 2.49 -0.63 23.74
N THR B 569 3.06 -1.60 24.44
CA THR B 569 2.92 -3.01 24.09
C THR B 569 2.68 -3.81 25.36
N THR B 570 1.82 -4.81 25.26
CA THR B 570 1.38 -5.57 26.42
C THR B 570 2.57 -6.20 27.14
N ASP B 571 2.59 -6.06 28.46
CA ASP B 571 3.65 -6.65 29.27
C ASP B 571 3.13 -7.49 30.41
N ALA B 572 2.04 -7.07 31.07
CA ALA B 572 1.49 -7.79 32.20
C ALA B 572 0.04 -8.17 31.91
N VAL B 573 -0.31 -9.41 32.24
CA VAL B 573 -1.64 -9.94 31.99
C VAL B 573 -2.17 -10.59 33.27
N ARG B 574 -3.46 -10.91 33.24
CA ARG B 574 -4.11 -11.59 34.34
C ARG B 574 -4.79 -12.85 33.82
N ASP B 575 -4.66 -13.94 34.56
CA ASP B 575 -5.15 -15.23 34.09
C ASP B 575 -6.67 -15.24 34.11
N PRO B 576 -7.33 -15.49 32.99
CA PRO B 576 -8.79 -15.41 32.97
C PRO B 576 -9.48 -16.41 33.89
N GLN B 577 -8.84 -17.53 34.23
CA GLN B 577 -9.51 -18.56 35.00
C GLN B 577 -8.90 -18.83 36.37
N THR B 578 -7.71 -18.31 36.66
CA THR B 578 -7.11 -18.46 37.98
C THR B 578 -7.12 -17.17 38.79
N LEU B 579 -7.20 -16.02 38.12
CA LEU B 579 -7.21 -14.70 38.77
C LEU B 579 -5.89 -14.42 39.48
N GLU B 580 -4.80 -14.59 38.74
CA GLU B 580 -3.46 -14.26 39.22
C GLU B 580 -2.74 -13.47 38.14
N ILE B 581 -1.75 -12.68 38.56
CA ILE B 581 -1.10 -11.70 37.70
C ILE B 581 0.24 -12.25 37.23
N LEU B 582 0.51 -12.12 35.93
CA LEU B 582 1.74 -12.60 35.33
C LEU B 582 2.34 -11.52 34.46
N ASP B 583 3.66 -11.62 34.23
CA ASP B 583 4.42 -10.64 33.47
C ASP B 583 5.13 -11.32 32.30
N ILE B 584 5.24 -10.59 31.20
CA ILE B 584 5.74 -11.12 29.93
C ILE B 584 7.05 -10.43 29.60
N THR B 585 8.08 -11.21 29.29
CA THR B 585 9.33 -10.61 28.80
C THR B 585 9.86 -11.42 27.63
N PRO B 586 10.58 -10.78 26.70
CA PRO B 586 11.10 -11.50 25.53
C PRO B 586 12.22 -12.48 25.88
N CYS B 587 12.69 -13.23 24.89
CA CYS B 587 13.55 -14.38 25.14
C CYS B 587 14.87 -14.35 24.38
N SER B 588 14.96 -13.64 23.25
CA SER B 588 16.16 -13.64 22.42
C SER B 588 17.14 -12.59 22.91
N PHE B 589 18.16 -12.29 22.09
CA PHE B 589 19.16 -11.30 22.46
C PHE B 589 19.83 -10.83 21.15
N GLY B 590 20.94 -10.12 21.28
CA GLY B 590 21.63 -9.52 20.14
C GLY B 590 22.54 -10.49 19.39
N GLY B 591 23.33 -9.91 18.49
CA GLY B 591 24.05 -10.65 17.48
C GLY B 591 25.50 -10.93 17.82
N VAL B 592 26.26 -11.36 16.80
CA VAL B 592 27.61 -11.89 16.95
C VAL B 592 28.56 -11.09 16.07
N SER B 593 29.84 -11.45 16.14
CA SER B 593 30.83 -10.84 15.28
C SER B 593 31.92 -11.86 14.94
N VAL B 594 32.60 -11.63 13.83
CA VAL B 594 33.60 -12.56 13.31
C VAL B 594 34.96 -11.86 13.28
N ILE B 595 35.98 -12.53 13.81
CA ILE B 595 37.36 -12.07 13.76
C ILE B 595 38.14 -12.98 12.83
N THR B 596 38.82 -12.39 11.84
CA THR B 596 39.56 -13.26 10.94
C THR B 596 40.74 -12.58 10.26
N PRO B 597 41.85 -13.29 10.06
CA PRO B 597 42.91 -12.76 9.19
C PRO B 597 42.51 -12.90 7.74
N GLY B 598 43.39 -12.51 6.83
CA GLY B 598 43.05 -12.58 5.42
C GLY B 598 42.91 -14.00 4.92
N THR B 599 42.03 -14.18 3.93
CA THR B 599 41.84 -15.50 3.34
C THR B 599 43.04 -15.96 2.53
N ASN B 600 43.97 -15.07 2.21
CA ASN B 600 45.14 -15.45 1.44
C ASN B 600 46.15 -16.26 2.23
N THR B 601 45.95 -16.43 3.53
CA THR B 601 46.92 -17.11 4.39
C THR B 601 46.40 -18.41 4.97
N SER B 602 45.25 -18.40 5.64
CA SER B 602 44.78 -19.58 6.36
C SER B 602 43.25 -19.58 6.35
N ASN B 603 42.66 -20.43 7.19
CA ASN B 603 41.22 -20.60 7.24
C ASN B 603 40.61 -20.43 8.62
N GLN B 604 41.38 -20.56 9.70
CA GLN B 604 40.80 -20.49 11.03
C GLN B 604 40.22 -19.10 11.28
N VAL B 605 39.13 -19.07 12.05
CA VAL B 605 38.46 -17.84 12.42
C VAL B 605 38.12 -17.90 13.91
N ALA B 606 37.67 -16.76 14.44
CA ALA B 606 37.25 -16.69 15.83
C ALA B 606 35.92 -15.97 15.93
N VAL B 607 35.14 -16.31 16.95
CA VAL B 607 33.79 -15.77 17.09
C VAL B 607 33.72 -14.96 18.37
N LEU B 608 33.05 -13.81 18.30
CA LEU B 608 32.85 -12.94 19.45
C LEU B 608 31.36 -12.81 19.72
N TYR B 609 30.97 -13.05 20.98
CA TYR B 609 29.61 -12.81 21.43
C TYR B 609 29.62 -11.57 22.29
N GLN B 610 28.68 -10.66 22.04
CA GLN B 610 28.70 -9.31 22.61
C GLN B 610 27.83 -9.23 23.85
N GLY B 611 28.41 -8.75 24.95
CA GLY B 611 27.66 -8.44 26.15
C GLY B 611 26.93 -9.60 26.78
N VAL B 612 27.61 -10.74 26.99
CA VAL B 612 26.97 -11.94 27.51
C VAL B 612 27.88 -12.60 28.53
N ASN B 613 27.30 -13.05 29.64
CA ASN B 613 27.86 -14.21 30.33
C ASN B 613 27.62 -15.42 29.46
N CYS B 614 28.58 -15.78 28.61
CA CYS B 614 28.30 -16.84 27.66
C CYS B 614 28.45 -18.23 28.26
N THR B 615 28.35 -18.34 29.58
CA THR B 615 28.07 -19.62 30.21
C THR B 615 26.75 -20.21 29.72
N GLU B 616 25.95 -19.45 28.99
CA GLU B 616 24.77 -19.95 28.28
C GLU B 616 24.96 -19.90 26.76
N VAL B 617 26.17 -20.19 26.27
CA VAL B 617 26.40 -20.16 24.82
C VAL B 617 25.48 -21.10 24.03
N PRO B 618 25.11 -22.28 24.53
CA PRO B 618 24.04 -23.02 23.84
C PRO B 618 22.71 -22.27 23.86
N VAL B 619 22.54 -21.35 24.80
CA VAL B 619 21.32 -20.57 24.89
C VAL B 619 21.48 -19.16 24.34
N ALA B 620 22.71 -18.63 24.33
CA ALA B 620 22.94 -17.33 23.72
C ALA B 620 22.56 -17.34 22.25
N ILE B 621 22.84 -18.44 21.55
CA ILE B 621 22.25 -18.74 20.26
C ILE B 621 21.70 -20.16 20.32
N HIS B 622 20.45 -20.35 19.89
CA HIS B 622 19.84 -21.66 20.00
C HIS B 622 20.44 -22.59 18.95
N ALA B 623 21.73 -22.89 19.09
CA ALA B 623 22.44 -23.69 18.10
C ALA B 623 22.04 -25.16 18.14
N ASP B 624 21.33 -25.59 19.17
CA ASP B 624 20.91 -26.99 19.28
C ASP B 624 19.86 -27.32 18.23
N GLN B 625 19.47 -26.33 17.43
CA GLN B 625 18.63 -26.53 16.27
C GLN B 625 19.31 -26.14 14.97
N LEU B 626 20.58 -25.74 15.01
CA LEU B 626 21.35 -25.40 13.82
C LEU B 626 22.21 -26.58 13.36
N THR B 627 23.12 -26.31 12.43
CA THR B 627 23.99 -27.34 11.88
C THR B 627 24.96 -27.86 12.95
N PRO B 628 25.42 -29.10 12.80
CA PRO B 628 26.38 -29.65 13.77
C PRO B 628 27.69 -28.87 13.87
N THR B 629 28.11 -28.21 12.79
CA THR B 629 29.37 -27.46 12.85
C THR B 629 29.27 -26.29 13.82
N TRP B 630 28.20 -25.50 13.73
CA TRP B 630 27.99 -24.45 14.73
C TRP B 630 27.74 -25.03 16.11
N ARG B 631 27.12 -26.23 16.17
CA ARG B 631 26.90 -26.89 17.45
C ARG B 631 28.22 -27.17 18.16
N VAL B 632 29.20 -27.68 17.42
CA VAL B 632 30.49 -28.00 18.04
C VAL B 632 31.40 -26.78 18.17
N TYR B 633 31.16 -25.73 17.37
CA TYR B 633 31.84 -24.46 17.62
C TYR B 633 31.25 -23.75 18.82
N SER B 634 30.07 -24.16 19.28
CA SER B 634 29.47 -23.61 20.49
C SER B 634 29.90 -24.34 21.75
N THR B 635 30.71 -25.40 21.64
CA THR B 635 31.07 -26.18 22.83
C THR B 635 32.04 -25.43 23.74
N GLY B 636 32.69 -24.38 23.24
CA GLY B 636 33.65 -23.66 24.05
C GLY B 636 34.90 -24.46 24.35
N SER B 637 35.72 -24.72 23.32
CA SER B 637 36.95 -25.47 23.53
C SER B 637 37.87 -24.75 24.51
N ASN B 638 37.99 -23.43 24.36
CA ASN B 638 38.74 -22.61 25.32
C ASN B 638 38.25 -21.18 25.17
N VAL B 639 37.53 -20.69 26.18
CA VAL B 639 36.83 -19.41 26.10
C VAL B 639 37.61 -18.35 26.83
N PHE B 640 37.42 -17.09 26.43
CA PHE B 640 38.01 -15.96 27.12
C PHE B 640 36.95 -14.90 27.38
N GLN B 641 37.10 -14.21 28.51
CA GLN B 641 36.13 -13.22 28.97
C GLN B 641 36.72 -11.82 28.87
N THR B 642 35.98 -10.89 28.26
CA THR B 642 36.37 -9.49 28.17
C THR B 642 35.22 -8.62 28.61
N ARG B 643 35.55 -7.37 28.96
CA ARG B 643 34.53 -6.43 29.38
C ARG B 643 33.47 -6.22 28.31
N ALA B 644 33.81 -6.46 27.05
CA ALA B 644 32.89 -6.27 25.94
C ALA B 644 32.15 -7.54 25.55
N GLY B 645 32.39 -8.66 26.26
CA GLY B 645 31.71 -9.90 25.93
C GLY B 645 32.58 -11.12 26.12
N CYS B 646 32.53 -12.07 25.18
CA CYS B 646 33.44 -13.19 25.29
C CYS B 646 33.86 -13.66 23.91
N LEU B 647 34.99 -14.35 23.88
CA LEU B 647 35.69 -14.72 22.66
C LEU B 647 35.93 -16.21 22.66
N ILE B 648 35.61 -16.85 21.55
CA ILE B 648 35.80 -18.29 21.39
C ILE B 648 36.62 -18.55 20.14
N GLY B 649 37.68 -19.32 20.29
CA GLY B 649 38.57 -19.64 19.20
C GLY B 649 39.97 -19.08 19.31
N ALA B 650 40.43 -18.70 20.50
CA ALA B 650 41.75 -18.12 20.64
C ALA B 650 42.25 -18.37 22.06
N GLU B 651 43.56 -18.24 22.23
CA GLU B 651 44.21 -18.46 23.51
C GLU B 651 44.76 -17.14 24.05
N TYR B 652 44.69 -17.00 25.37
CA TYR B 652 45.15 -15.78 26.04
C TYR B 652 46.61 -15.91 26.40
N VAL B 653 47.38 -14.85 26.13
CA VAL B 653 48.83 -14.87 26.24
C VAL B 653 49.26 -13.76 27.21
N ASN B 654 50.36 -14.00 27.92
CA ASN B 654 50.88 -13.05 28.90
C ASN B 654 51.90 -12.08 28.34
N ASN B 655 52.17 -12.13 27.03
CA ASN B 655 53.16 -11.24 26.44
C ASN B 655 52.57 -9.85 26.21
N SER B 656 53.24 -9.03 25.41
CA SER B 656 52.73 -7.70 25.09
C SER B 656 53.29 -7.27 23.75
N TYR B 657 52.42 -6.71 22.90
CA TYR B 657 52.80 -6.22 21.59
C TYR B 657 51.85 -5.12 21.17
N GLU B 658 52.30 -4.29 20.23
CA GLU B 658 51.37 -3.40 19.54
C GLU B 658 50.46 -4.23 18.65
N CYS B 659 49.20 -3.82 18.53
CA CYS B 659 48.20 -4.73 17.99
C CYS B 659 47.67 -4.25 16.65
N ASP B 660 47.08 -5.19 15.92
CA ASP B 660 46.60 -4.99 14.56
C ASP B 660 45.08 -4.85 14.51
N ILE B 661 44.35 -5.83 15.04
CA ILE B 661 42.90 -5.88 14.92
C ILE B 661 42.30 -5.40 16.23
N PRO B 662 41.63 -4.25 16.26
CA PRO B 662 40.97 -3.82 17.49
C PRO B 662 39.79 -4.71 17.81
N ILE B 663 39.56 -4.94 19.12
CA ILE B 663 38.45 -5.79 19.55
C ILE B 663 37.62 -5.15 20.65
N GLY B 664 38.12 -4.15 21.37
CA GLY B 664 37.37 -3.52 22.45
C GLY B 664 38.08 -3.64 23.79
N ALA B 665 37.78 -2.69 24.67
CA ALA B 665 38.24 -2.71 26.07
C ALA B 665 39.74 -2.91 26.17
N GLY B 666 40.47 -2.38 25.20
CA GLY B 666 41.91 -2.44 25.25
C GLY B 666 42.51 -3.81 24.99
N ILE B 667 41.80 -4.68 24.27
CA ILE B 667 42.35 -5.98 23.89
C ILE B 667 42.48 -6.01 22.37
N CYS B 668 43.39 -6.86 21.90
CA CYS B 668 43.59 -6.99 20.46
C CYS B 668 43.91 -8.44 20.15
N ALA B 669 43.92 -8.78 18.86
CA ALA B 669 44.17 -10.15 18.42
C ALA B 669 44.96 -10.14 17.12
N SER B 670 45.75 -11.20 16.92
CA SER B 670 46.59 -11.31 15.75
C SER B 670 46.92 -12.78 15.52
N TYR B 671 47.83 -13.03 14.58
CA TYR B 671 48.12 -14.37 14.07
C TYR B 671 49.62 -14.64 14.20
N GLN B 672 49.98 -15.68 14.96
CA GLN B 672 51.37 -15.90 15.33
C GLN B 672 51.75 -17.36 15.10
N THR B 673 53.06 -17.61 15.12
CA THR B 673 53.61 -18.93 14.90
C THR B 673 54.66 -19.34 15.92
N GLN B 674 55.30 -18.40 16.61
CA GLN B 674 56.41 -18.72 17.50
C GLN B 674 55.97 -19.24 18.86
N THR B 675 54.67 -19.17 19.18
CA THR B 675 54.22 -19.56 20.52
C THR B 675 54.47 -21.04 20.77
N LYS B 676 54.22 -21.89 19.77
CA LYS B 676 54.43 -23.32 19.86
C LYS B 676 55.71 -23.69 19.11
N SER B 677 55.93 -25.00 18.97
CA SER B 677 57.14 -25.49 18.32
C SER B 677 57.23 -25.02 16.87
N HIS B 678 56.09 -24.86 16.20
CA HIS B 678 56.07 -24.44 14.81
C HIS B 678 55.08 -23.30 14.58
N SER B 686 52.05 -24.87 13.09
CA SER B 686 50.93 -24.79 14.03
C SER B 686 50.62 -23.34 14.36
N GLN B 687 50.72 -22.48 13.35
CA GLN B 687 50.36 -21.08 13.52
C GLN B 687 48.90 -20.94 13.90
N SER B 688 48.61 -20.02 14.82
CA SER B 688 47.28 -19.90 15.38
C SER B 688 46.97 -18.45 15.74
N ILE B 689 45.72 -18.21 16.13
CA ILE B 689 45.23 -16.89 16.48
C ILE B 689 45.36 -16.69 17.98
N ILE B 690 45.89 -15.53 18.39
CA ILE B 690 46.02 -15.20 19.80
C ILE B 690 45.42 -13.83 20.07
N ALA B 691 45.08 -13.61 21.33
CA ALA B 691 44.53 -12.34 21.80
C ALA B 691 45.29 -11.91 23.05
N TYR B 692 45.54 -10.60 23.17
CA TYR B 692 46.37 -10.10 24.25
C TYR B 692 46.04 -8.64 24.53
N THR B 693 46.52 -8.17 25.68
CA THR B 693 46.34 -6.78 26.08
C THR B 693 47.37 -5.91 25.38
N MET B 694 46.92 -4.80 24.80
CA MET B 694 47.82 -3.96 24.02
C MET B 694 48.83 -3.26 24.91
N SER B 695 50.02 -3.05 24.35
CA SER B 695 51.12 -2.40 25.06
C SER B 695 51.43 -1.07 24.38
N LEU B 696 51.73 -0.06 25.21
CA LEU B 696 51.89 1.30 24.68
C LEU B 696 53.23 1.49 23.98
N GLY B 697 54.32 1.08 24.62
CA GLY B 697 55.63 1.24 24.04
C GLY B 697 56.71 1.02 25.08
N ALA B 698 57.94 1.25 24.64
CA ALA B 698 59.09 1.05 25.50
C ALA B 698 59.04 1.99 26.69
N GLU B 699 59.45 1.49 27.85
CA GLU B 699 59.47 2.28 29.09
C GLU B 699 60.87 2.87 29.27
N ASN B 700 60.94 4.19 29.36
CA ASN B 700 62.21 4.90 29.42
C ASN B 700 62.13 5.99 30.47
N SER B 701 63.29 6.37 31.00
CA SER B 701 63.38 7.43 31.98
C SER B 701 64.62 8.28 31.71
N VAL B 702 64.56 9.53 32.14
CA VAL B 702 65.67 10.46 32.02
C VAL B 702 66.08 10.89 33.43
N ALA B 703 67.36 10.83 33.71
CA ALA B 703 67.87 11.13 35.05
C ALA B 703 67.97 12.64 35.20
N TYR B 704 66.98 13.23 35.86
CA TYR B 704 66.97 14.67 36.11
C TYR B 704 67.96 15.02 37.20
N SER B 705 68.64 16.14 37.02
CA SER B 705 69.62 16.62 37.99
C SER B 705 69.76 18.13 37.83
N ASN B 706 69.86 18.85 38.94
CA ASN B 706 69.66 20.30 38.92
C ASN B 706 70.91 21.09 38.55
N ASN B 707 72.02 20.45 38.17
CA ASN B 707 73.16 21.23 37.73
C ASN B 707 73.90 20.59 36.57
N SER B 708 73.18 19.91 35.68
CA SER B 708 73.82 19.24 34.55
C SER B 708 72.88 19.21 33.35
N ILE B 709 73.42 19.49 32.16
CA ILE B 709 72.63 19.47 30.95
C ILE B 709 73.33 18.60 29.91
N ALA B 710 72.70 18.49 28.74
CA ALA B 710 73.23 17.74 27.62
C ALA B 710 73.14 18.60 26.36
N ILE B 711 74.06 18.36 25.43
CA ILE B 711 74.14 19.14 24.20
C ILE B 711 74.44 18.21 23.03
N PRO B 712 73.87 18.44 21.85
CA PRO B 712 74.21 17.62 20.69
C PRO B 712 75.54 18.03 20.08
N THR B 713 76.07 17.15 19.25
CA THR B 713 77.33 17.41 18.57
C THR B 713 77.22 17.16 17.06
N ASN B 714 76.34 16.24 16.66
CA ASN B 714 76.21 15.86 15.26
C ASN B 714 74.73 15.86 14.89
N PHE B 715 74.46 16.18 13.62
CA PHE B 715 73.09 16.36 13.15
C PHE B 715 72.82 15.44 11.97
N THR B 716 71.58 15.45 11.50
CA THR B 716 71.24 14.71 10.29
C THR B 716 69.99 15.30 9.65
N ILE B 717 69.76 14.92 8.40
CA ILE B 717 68.72 15.46 7.56
C ILE B 717 67.78 14.34 7.15
N SER B 718 66.47 14.62 7.19
CA SER B 718 65.47 13.62 6.83
C SER B 718 64.46 14.22 5.87
N VAL B 719 63.73 13.35 5.18
CA VAL B 719 62.66 13.72 4.27
C VAL B 719 61.43 12.90 4.60
N THR B 720 60.26 13.52 4.56
CA THR B 720 59.02 12.85 4.90
C THR B 720 57.91 13.25 3.92
N THR B 721 56.84 12.47 3.92
CA THR B 721 55.80 12.52 2.91
C THR B 721 54.45 12.85 3.54
N GLU B 722 53.62 13.60 2.82
CA GLU B 722 52.24 13.83 3.24
C GLU B 722 51.33 13.82 2.02
N ILE B 723 50.10 13.34 2.21
CA ILE B 723 49.14 13.14 1.12
C ILE B 723 47.80 13.78 1.50
N LEU B 724 47.16 14.45 0.52
CA LEU B 724 45.86 15.07 0.78
C LEU B 724 44.91 14.99 -0.43
N PRO B 725 43.65 14.63 -0.20
CA PRO B 725 42.66 14.70 -1.28
C PRO B 725 42.25 16.14 -1.54
N VAL B 726 41.95 16.45 -2.80
CA VAL B 726 41.64 17.82 -3.18
C VAL B 726 40.25 17.94 -3.78
N SER B 727 39.78 16.89 -4.45
CA SER B 727 38.47 16.98 -5.09
C SER B 727 37.93 15.60 -5.37
N MET B 728 36.62 15.51 -5.53
CA MET B 728 35.92 14.30 -5.90
C MET B 728 35.40 14.42 -7.33
N THR B 729 34.99 13.29 -7.88
CA THR B 729 34.51 13.30 -9.26
C THR B 729 33.12 13.94 -9.34
N LYS B 730 32.77 14.36 -10.55
CA LYS B 730 31.55 15.12 -10.81
C LYS B 730 30.54 14.22 -11.50
N THR B 731 29.28 14.33 -11.13
CA THR B 731 28.24 13.45 -11.64
C THR B 731 26.94 14.22 -11.86
N SER B 732 26.06 13.65 -12.68
CA SER B 732 24.75 14.23 -12.92
C SER B 732 23.74 13.12 -13.19
N VAL B 733 22.48 13.41 -12.87
CA VAL B 733 21.39 12.43 -12.93
C VAL B 733 20.20 13.06 -13.66
N ASP B 734 19.52 12.26 -14.47
CA ASP B 734 18.28 12.65 -15.11
C ASP B 734 17.12 11.97 -14.39
N CYS B 735 16.04 12.72 -14.16
CA CYS B 735 14.94 12.17 -13.38
C CYS B 735 13.99 11.34 -14.23
N THR B 736 13.45 11.93 -15.30
CA THR B 736 12.36 11.29 -16.03
C THR B 736 12.80 9.98 -16.69
N MET B 737 13.98 9.97 -17.31
CA MET B 737 14.44 8.75 -17.97
C MET B 737 14.64 7.62 -16.98
N TYR B 738 15.21 7.92 -15.81
CA TYR B 738 15.49 6.88 -14.83
C TYR B 738 14.23 6.39 -14.13
N ILE B 739 13.24 7.27 -13.94
CA ILE B 739 12.11 6.89 -13.10
C ILE B 739 11.25 5.83 -13.79
N CYS B 740 11.06 5.92 -15.10
CA CYS B 740 10.25 4.94 -15.82
C CYS B 740 10.91 4.34 -17.04
N GLY B 741 11.70 5.10 -17.78
CA GLY B 741 12.33 4.51 -18.95
C GLY B 741 11.42 4.30 -20.14
N ASP B 742 11.00 5.39 -20.78
CA ASP B 742 10.30 5.35 -22.06
C ASP B 742 8.93 4.67 -21.95
N SER B 743 8.06 5.30 -21.17
CA SER B 743 6.64 4.95 -21.15
C SER B 743 5.82 6.24 -21.08
N THR B 744 4.97 6.45 -22.09
CA THR B 744 4.20 7.69 -22.16
C THR B 744 3.24 7.82 -20.98
N GLU B 745 2.75 6.70 -20.46
CA GLU B 745 1.85 6.76 -19.31
C GLU B 745 2.54 7.35 -18.09
N CYS B 746 3.82 7.02 -17.88
CA CYS B 746 4.58 7.74 -16.87
C CYS B 746 4.74 9.21 -17.21
N SER B 747 4.99 9.51 -18.49
CA SER B 747 5.12 10.92 -18.87
C SER B 747 3.88 11.70 -18.51
N ASN B 748 2.73 11.04 -18.45
CA ASN B 748 1.50 11.68 -18.02
C ASN B 748 1.34 11.67 -16.50
N LEU B 749 1.67 10.55 -15.85
CA LEU B 749 1.36 10.41 -14.42
C LEU B 749 2.34 11.18 -13.55
N LEU B 750 3.56 11.38 -14.01
CA LEU B 750 4.57 12.03 -13.17
C LEU B 750 4.29 13.51 -13.00
N LEU B 751 3.48 14.11 -13.88
CA LEU B 751 3.26 15.56 -13.82
C LEU B 751 2.57 15.98 -12.54
N GLN B 752 1.50 15.28 -12.14
CA GLN B 752 0.76 15.73 -10.98
C GLN B 752 1.45 15.44 -9.66
N TYR B 753 2.58 14.74 -9.67
CA TYR B 753 3.38 14.62 -8.46
C TYR B 753 4.13 15.90 -8.11
N GLY B 754 4.13 16.87 -9.00
CA GLY B 754 4.66 18.18 -8.71
C GLY B 754 5.97 18.46 -9.43
N SER B 755 6.72 19.41 -8.88
CA SER B 755 7.99 19.85 -9.43
C SER B 755 9.17 19.21 -8.69
N PHE B 756 9.02 17.94 -8.31
CA PHE B 756 10.01 17.28 -7.49
C PHE B 756 11.39 17.27 -8.16
N CYS B 757 11.51 16.62 -9.31
CA CYS B 757 12.81 16.49 -9.95
C CYS B 757 13.25 17.77 -10.64
N THR B 758 12.60 18.90 -10.36
CA THR B 758 13.08 20.18 -10.86
C THR B 758 14.17 20.76 -9.96
N GLN B 759 14.22 20.36 -8.69
CA GLN B 759 15.23 20.88 -7.78
C GLN B 759 16.44 19.97 -7.64
N LEU B 760 16.33 18.70 -8.05
CA LEU B 760 17.50 17.81 -8.00
C LEU B 760 18.59 18.32 -8.93
N LYS B 761 18.21 18.86 -10.08
CA LYS B 761 19.19 19.45 -10.99
C LYS B 761 19.99 20.55 -10.27
N ARG B 762 19.29 21.46 -9.59
CA ARG B 762 19.98 22.54 -8.88
C ARG B 762 20.86 21.99 -7.78
N ALA B 763 20.34 21.03 -7.01
CA ALA B 763 21.11 20.51 -5.89
C ALA B 763 22.39 19.85 -6.36
N LEU B 764 22.34 19.12 -7.47
CA LEU B 764 23.56 18.46 -7.95
C LEU B 764 24.49 19.45 -8.65
N THR B 765 23.95 20.38 -9.43
CA THR B 765 24.83 21.31 -10.13
C THR B 765 25.52 22.28 -9.18
N GLY B 766 24.98 22.48 -7.98
CA GLY B 766 25.71 23.25 -6.99
C GLY B 766 27.06 22.64 -6.67
N ILE B 767 27.06 21.35 -6.32
CA ILE B 767 28.32 20.64 -6.10
C ILE B 767 29.15 20.61 -7.37
N ALA B 768 28.48 20.41 -8.52
CA ALA B 768 29.20 20.29 -9.77
C ALA B 768 30.02 21.54 -10.07
N VAL B 769 29.45 22.72 -9.84
CA VAL B 769 30.20 23.94 -10.13
C VAL B 769 31.17 24.26 -9.00
N GLU B 770 30.83 23.91 -7.75
CA GLU B 770 31.75 24.21 -6.67
C GLU B 770 33.03 23.39 -6.76
N GLN B 771 32.95 22.19 -7.34
CA GLN B 771 34.12 21.32 -7.38
C GLN B 771 35.28 21.90 -8.19
N ASP B 772 35.02 22.90 -9.04
CA ASP B 772 36.11 23.51 -9.79
C ASP B 772 36.75 24.69 -9.07
N LYS B 773 36.20 25.11 -7.93
CA LYS B 773 36.80 26.20 -7.18
C LYS B 773 38.01 25.76 -6.38
N ASN B 774 38.00 24.52 -5.88
CA ASN B 774 39.10 24.06 -5.03
C ASN B 774 40.42 23.99 -5.78
N THR B 775 40.39 23.45 -7.00
CA THR B 775 41.63 23.36 -7.77
C THR B 775 42.19 24.74 -8.07
N GLN B 776 41.31 25.69 -8.42
CA GLN B 776 41.76 27.06 -8.67
C GLN B 776 42.33 27.68 -7.40
N GLU B 777 41.72 27.39 -6.25
CA GLU B 777 42.21 27.99 -5.01
C GLU B 777 43.54 27.39 -4.58
N VAL B 778 43.79 26.12 -4.90
CA VAL B 778 45.03 25.49 -4.43
C VAL B 778 46.18 25.78 -5.39
N PHE B 779 45.97 25.58 -6.69
CA PHE B 779 47.09 25.55 -7.63
C PHE B 779 47.36 26.89 -8.31
N ALA B 780 46.43 27.84 -8.28
CA ALA B 780 46.65 29.14 -8.92
C ALA B 780 47.15 30.17 -7.90
N GLN B 781 48.27 29.84 -7.27
CA GLN B 781 48.87 30.70 -6.27
C GLN B 781 49.81 31.74 -6.85
N VAL B 782 50.12 31.65 -8.14
CA VAL B 782 51.03 32.59 -8.79
C VAL B 782 50.41 33.02 -10.12
N LYS B 783 50.88 34.17 -10.61
CA LYS B 783 50.36 34.72 -11.86
C LYS B 783 51.23 34.30 -13.05
N GLN B 784 52.52 34.61 -13.00
CA GLN B 784 53.40 34.34 -14.12
C GLN B 784 53.84 32.88 -14.10
N ILE B 785 54.62 32.49 -15.10
CA ILE B 785 55.16 31.14 -15.21
C ILE B 785 56.65 31.26 -15.48
N TYR B 786 57.46 30.72 -14.58
CA TYR B 786 58.90 30.73 -14.74
C TYR B 786 59.36 29.46 -15.46
N LYS B 787 60.67 29.33 -15.64
CA LYS B 787 61.20 28.16 -16.33
C LYS B 787 62.58 27.82 -15.78
N THR B 788 62.90 26.54 -15.82
CA THR B 788 64.20 26.06 -15.34
C THR B 788 65.32 26.60 -16.23
N PRO B 789 66.50 26.88 -15.66
CA PRO B 789 67.61 27.32 -16.49
C PRO B 789 68.17 26.16 -17.30
N PRO B 790 68.77 26.43 -18.46
CA PRO B 790 69.19 25.35 -19.36
C PRO B 790 70.33 24.50 -18.83
N ILE B 791 71.08 24.96 -17.83
CA ILE B 791 72.22 24.22 -17.30
C ILE B 791 71.84 23.66 -15.94
N LYS B 792 72.08 22.36 -15.76
CA LYS B 792 71.68 21.65 -14.54
C LYS B 792 72.89 21.59 -13.60
N TYR B 793 72.93 22.48 -12.63
CA TYR B 793 73.95 22.45 -11.58
C TYR B 793 73.51 23.39 -10.47
N PHE B 794 73.55 22.91 -9.23
CA PHE B 794 73.10 23.68 -8.08
C PHE B 794 74.04 23.47 -6.90
N GLY B 795 75.34 23.55 -7.16
CA GLY B 795 76.32 23.49 -6.07
C GLY B 795 76.40 22.17 -5.35
N GLY B 796 76.39 21.06 -6.09
CA GLY B 796 76.57 19.75 -5.49
C GLY B 796 75.27 18.99 -5.29
N PHE B 797 74.20 19.71 -4.98
CA PHE B 797 72.90 19.08 -4.80
C PHE B 797 72.43 18.48 -6.12
N ASN B 798 71.75 17.33 -6.03
CA ASN B 798 71.25 16.60 -7.19
C ASN B 798 69.72 16.64 -7.14
N PHE B 799 69.11 17.37 -8.06
CA PHE B 799 67.67 17.53 -8.08
C PHE B 799 67.02 16.94 -9.33
N SER B 800 67.53 15.81 -9.82
CA SER B 800 66.99 15.21 -11.04
C SER B 800 65.80 14.30 -10.77
N GLN B 801 65.38 14.14 -9.52
CA GLN B 801 64.28 13.25 -9.19
C GLN B 801 62.93 13.96 -9.15
N ILE B 802 62.88 15.28 -9.30
CA ILE B 802 61.60 15.99 -9.28
C ILE B 802 61.45 16.99 -10.40
N LEU B 803 62.51 17.38 -11.10
CA LEU B 803 62.35 18.29 -12.22
C LEU B 803 61.73 17.56 -13.42
N PRO B 804 61.05 18.28 -14.30
CA PRO B 804 60.42 17.62 -15.45
C PRO B 804 61.45 17.01 -16.39
N ASP B 805 61.03 15.93 -17.07
CA ASP B 805 61.86 15.22 -18.02
C ASP B 805 61.28 15.34 -19.41
N PRO B 806 62.00 15.92 -20.38
CA PRO B 806 61.46 16.03 -21.74
C PRO B 806 61.45 14.73 -22.52
N SER B 807 62.03 13.65 -21.97
CA SER B 807 62.10 12.39 -22.72
C SER B 807 60.72 11.81 -22.96
N LYS B 808 59.85 11.82 -21.95
CA LYS B 808 58.53 11.23 -22.08
C LYS B 808 57.68 12.02 -23.07
N PRO B 809 56.69 11.37 -23.68
CA PRO B 809 55.72 12.13 -24.50
C PRO B 809 54.98 13.19 -23.71
N SER B 810 54.72 12.95 -22.43
CA SER B 810 54.08 13.92 -21.55
C SER B 810 55.09 14.44 -20.54
N LYS B 811 55.08 15.74 -20.31
CA LYS B 811 56.08 16.37 -19.46
C LYS B 811 55.85 16.06 -17.99
N ARG B 812 56.48 15.01 -17.48
CA ARG B 812 56.33 14.58 -16.10
C ARG B 812 57.66 14.01 -15.60
N SER B 813 57.81 13.99 -14.29
CA SER B 813 59.01 13.48 -13.64
C SER B 813 58.79 12.06 -13.16
N PRO B 814 59.85 11.35 -12.74
CA PRO B 814 59.67 9.96 -12.31
C PRO B 814 58.73 9.77 -11.13
N ILE B 815 58.70 10.70 -10.17
CA ILE B 815 57.95 10.45 -8.93
C ILE B 815 56.46 10.34 -9.23
N GLU B 816 55.90 11.32 -9.93
CA GLU B 816 54.47 11.22 -10.22
C GLU B 816 54.19 10.18 -11.30
N ASP B 817 55.18 9.81 -12.12
CA ASP B 817 55.00 8.68 -13.01
C ASP B 817 54.77 7.39 -12.21
N LEU B 818 55.55 7.19 -11.15
CA LEU B 818 55.29 6.04 -10.27
C LEU B 818 53.95 6.19 -9.56
N LEU B 819 53.63 7.41 -9.12
CA LEU B 819 52.42 7.62 -8.34
C LEU B 819 51.16 7.37 -9.18
N PHE B 820 51.21 7.69 -10.47
CA PHE B 820 50.03 7.61 -11.32
C PHE B 820 49.58 6.16 -11.51
N ASN B 821 50.53 5.23 -11.63
CA ASN B 821 50.21 3.86 -11.98
C ASN B 821 49.90 2.98 -10.77
N LYS B 822 49.92 3.53 -9.55
CA LYS B 822 49.58 2.78 -8.35
C LYS B 822 48.17 3.12 -7.86
N VAL B 823 47.53 4.11 -8.46
CA VAL B 823 46.14 4.45 -8.15
C VAL B 823 45.27 3.83 -9.23
N THR B 824 44.38 2.92 -8.81
CA THR B 824 43.57 2.15 -9.75
C THR B 824 42.43 2.99 -10.31
N LEU B 825 42.81 4.07 -10.99
CA LEU B 825 41.83 4.92 -11.64
C LEU B 825 41.29 4.22 -12.88
N ALA B 826 39.96 4.23 -13.04
CA ALA B 826 39.31 3.65 -14.21
C ALA B 826 39.20 4.65 -15.35
N ASP B 827 40.05 5.68 -15.36
CA ASP B 827 40.04 6.75 -16.37
C ASP B 827 38.73 7.54 -16.35
N ALA B 828 37.94 7.41 -15.29
CA ALA B 828 36.74 8.19 -15.03
C ALA B 828 35.66 8.02 -16.11
N GLY B 829 35.91 7.18 -17.11
CA GLY B 829 34.95 6.98 -18.17
C GLY B 829 34.56 8.22 -18.93
N PHE B 830 35.54 9.09 -19.24
CA PHE B 830 35.27 10.26 -20.06
C PHE B 830 35.75 10.08 -21.50
N ILE B 831 36.28 8.92 -21.85
CA ILE B 831 36.79 8.68 -23.20
C ILE B 831 35.62 8.17 -24.03
N LYS B 832 34.80 9.11 -24.49
CA LYS B 832 33.70 8.89 -25.44
C LYS B 832 33.05 7.52 -25.27
N GLN B 833 32.53 7.30 -24.05
CA GLN B 833 32.03 5.97 -23.70
C GLN B 833 30.88 5.55 -24.62
N TYR B 834 29.87 6.41 -24.77
CA TYR B 834 28.67 6.01 -25.50
C TYR B 834 28.98 5.69 -26.96
N GLY B 835 29.80 6.51 -27.61
CA GLY B 835 30.24 6.20 -28.96
C GLY B 835 31.04 4.92 -29.04
N ASP B 836 31.81 4.60 -28.00
CA ASP B 836 32.56 3.37 -27.92
C ASP B 836 31.75 2.22 -27.34
N CYS B 837 30.59 2.49 -26.74
CA CYS B 837 29.79 1.44 -26.10
C CYS B 837 29.20 0.47 -27.12
N LEU B 838 29.11 0.86 -28.40
CA LEU B 838 28.62 -0.06 -29.42
C LEU B 838 29.57 -1.23 -29.63
N GLY B 839 30.83 -1.11 -29.20
CA GLY B 839 31.74 -2.24 -29.23
C GLY B 839 31.45 -3.21 -28.11
N ASP B 840 30.26 -3.81 -28.15
CA ASP B 840 29.78 -4.65 -27.07
C ASP B 840 30.63 -5.92 -26.95
N ILE B 841 30.86 -6.34 -25.71
CA ILE B 841 31.64 -7.54 -25.41
C ILE B 841 31.12 -8.12 -24.11
N ALA B 842 31.39 -9.42 -23.92
CA ALA B 842 30.98 -10.08 -22.69
C ALA B 842 31.63 -9.44 -21.46
N ALA B 843 32.84 -8.89 -21.63
CA ALA B 843 33.49 -8.13 -20.57
C ALA B 843 32.89 -6.72 -20.55
N ARG B 844 31.63 -6.67 -20.14
CA ARG B 844 30.87 -5.42 -20.18
C ARG B 844 31.52 -4.36 -19.32
N ASP B 845 31.67 -3.17 -19.89
CA ASP B 845 32.12 -2.02 -19.12
C ASP B 845 30.99 -1.56 -18.21
N LEU B 846 31.28 -1.48 -16.91
CA LEU B 846 30.25 -1.05 -15.96
C LEU B 846 29.73 0.34 -16.32
N ILE B 847 30.58 1.17 -16.92
CA ILE B 847 30.18 2.52 -17.30
C ILE B 847 29.18 2.46 -18.45
N CYS B 848 29.41 1.59 -19.43
CA CYS B 848 28.42 1.39 -20.49
C CYS B 848 27.10 0.89 -19.91
N ALA B 849 27.17 -0.04 -18.95
CA ALA B 849 25.95 -0.57 -18.35
C ALA B 849 25.16 0.53 -17.64
N GLN B 850 25.84 1.38 -16.87
CA GLN B 850 25.13 2.41 -16.12
C GLN B 850 24.78 3.63 -16.96
N LYS B 851 25.37 3.75 -18.15
CA LYS B 851 25.04 4.88 -19.02
C LYS B 851 23.59 4.80 -19.50
N PHE B 852 23.07 3.59 -19.71
CA PHE B 852 21.76 3.43 -20.30
C PHE B 852 20.62 3.77 -19.34
N LYS B 853 20.91 4.00 -18.07
CA LYS B 853 19.86 4.26 -17.10
C LYS B 853 19.71 5.74 -16.76
N GLY B 854 20.56 6.60 -17.28
CA GLY B 854 20.40 8.04 -17.14
C GLY B 854 21.41 8.75 -16.26
N LEU B 855 22.39 8.05 -15.72
CA LEU B 855 23.42 8.68 -14.92
C LEU B 855 24.64 8.98 -15.79
N THR B 856 25.13 10.21 -15.72
CA THR B 856 26.25 10.64 -16.56
C THR B 856 27.36 11.23 -15.69
N VAL B 857 28.58 11.16 -16.22
CA VAL B 857 29.74 11.76 -15.57
C VAL B 857 30.25 12.89 -16.46
N LEU B 858 30.98 13.80 -15.85
CA LEU B 858 31.48 14.98 -16.53
C LEU B 858 32.99 15.08 -16.39
N PRO B 859 33.67 15.68 -17.36
CA PRO B 859 35.11 15.85 -17.25
C PRO B 859 35.45 17.09 -16.47
N PRO B 860 36.54 17.09 -15.72
CA PRO B 860 36.90 18.25 -14.91
C PRO B 860 37.34 19.42 -15.79
N LEU B 861 37.26 20.61 -15.19
CA LEU B 861 37.56 21.83 -15.94
C LEU B 861 39.01 21.89 -16.39
N LEU B 862 39.94 21.51 -15.51
CA LEU B 862 41.37 21.57 -15.81
C LEU B 862 41.89 20.16 -16.07
N THR B 863 42.57 19.98 -17.20
CA THR B 863 43.17 18.70 -17.55
C THR B 863 44.48 18.53 -16.80
N ASP B 864 45.27 17.54 -17.20
CA ASP B 864 46.52 17.26 -16.49
C ASP B 864 47.65 18.19 -16.92
N GLU B 865 47.59 18.72 -18.14
CA GLU B 865 48.71 19.51 -18.64
C GLU B 865 48.91 20.78 -17.81
N MET B 866 47.83 21.51 -17.50
CA MET B 866 48.01 22.72 -16.71
C MET B 866 48.39 22.40 -15.28
N ILE B 867 47.93 21.26 -14.75
CA ILE B 867 48.38 20.85 -13.43
C ILE B 867 49.89 20.64 -13.42
N ALA B 868 50.41 19.96 -14.45
CA ALA B 868 51.86 19.79 -14.55
C ALA B 868 52.57 21.13 -14.70
N GLN B 869 52.00 22.03 -15.50
CA GLN B 869 52.61 23.34 -15.69
C GLN B 869 52.72 24.10 -14.37
N TYR B 870 51.64 24.11 -13.59
CA TYR B 870 51.68 24.83 -12.31
C TYR B 870 52.63 24.18 -11.32
N THR B 871 52.61 22.84 -11.23
CA THR B 871 53.51 22.19 -10.30
C THR B 871 54.96 22.26 -10.74
N SER B 872 55.23 22.62 -11.99
CA SER B 872 56.60 22.90 -12.38
C SER B 872 56.98 24.35 -12.08
N ALA B 873 56.05 25.28 -12.32
CA ALA B 873 56.34 26.69 -12.08
C ALA B 873 56.64 26.95 -10.61
N LEU B 874 55.83 26.40 -9.71
CA LEU B 874 56.07 26.63 -8.29
C LEU B 874 57.44 26.10 -7.88
N LEU B 875 57.80 24.91 -8.36
CA LEU B 875 59.08 24.32 -7.99
C LEU B 875 60.23 25.15 -8.51
N ALA B 876 60.15 25.62 -9.76
CA ALA B 876 61.23 26.44 -10.29
C ALA B 876 61.39 27.73 -9.52
N GLY B 877 60.27 28.37 -9.18
CA GLY B 877 60.35 29.58 -8.37
C GLY B 877 61.03 29.33 -7.04
N THR B 878 60.62 28.27 -6.33
CA THR B 878 61.21 27.99 -5.03
C THR B 878 62.69 27.66 -5.14
N ILE B 879 63.08 26.92 -6.18
CA ILE B 879 64.47 26.50 -6.30
C ILE B 879 65.39 27.64 -6.70
N THR B 880 64.92 28.62 -7.47
CA THR B 880 65.85 29.63 -7.96
C THR B 880 65.72 30.97 -7.25
N SER B 881 64.50 31.46 -7.01
CA SER B 881 64.33 32.82 -6.52
C SER B 881 64.19 32.89 -5.01
N GLY B 882 64.61 31.86 -4.29
CA GLY B 882 64.50 31.90 -2.84
C GLY B 882 63.05 31.88 -2.42
N TRP B 883 62.65 32.87 -1.62
CA TRP B 883 61.28 32.95 -1.14
C TRP B 883 60.69 34.35 -1.31
N THR B 884 61.30 35.20 -2.12
CA THR B 884 60.78 36.55 -2.30
C THR B 884 59.71 36.62 -3.38
N PHE B 885 59.69 35.67 -4.31
CA PHE B 885 58.77 35.76 -5.44
C PHE B 885 57.32 35.66 -5.00
N GLY B 886 57.06 35.11 -3.83
CA GLY B 886 55.71 35.03 -3.32
C GLY B 886 55.18 36.29 -2.69
N ALA B 887 55.97 37.36 -2.69
CA ALA B 887 55.54 38.61 -2.08
C ALA B 887 55.79 39.84 -2.94
N GLY B 888 56.51 39.73 -4.05
CA GLY B 888 56.81 40.86 -4.89
C GLY B 888 57.52 40.47 -6.16
N PRO B 889 58.21 41.41 -6.79
CA PRO B 889 58.97 41.10 -8.00
C PRO B 889 60.05 40.07 -7.72
N ALA B 890 60.28 39.19 -8.70
CA ALA B 890 61.20 38.08 -8.51
C ALA B 890 62.65 38.57 -8.42
N LEU B 891 63.46 37.81 -7.69
CA LEU B 891 64.88 38.08 -7.51
C LEU B 891 65.66 36.81 -7.85
N GLN B 892 66.95 36.80 -7.55
CA GLN B 892 67.73 35.59 -7.69
C GLN B 892 68.87 35.58 -6.67
N ILE B 893 69.12 34.42 -6.08
CA ILE B 893 70.17 34.24 -5.08
C ILE B 893 70.83 32.89 -5.31
N PRO B 894 72.15 32.79 -5.30
CA PRO B 894 72.80 31.49 -5.51
C PRO B 894 72.39 30.52 -4.43
N PHE B 895 72.23 29.25 -4.83
CA PHE B 895 71.64 28.27 -3.92
C PHE B 895 72.42 28.05 -2.63
N PRO B 896 73.76 27.96 -2.62
CA PRO B 896 74.44 27.66 -1.35
C PRO B 896 74.46 28.84 -0.39
N MET B 897 73.60 29.83 -0.60
CA MET B 897 73.36 30.88 0.38
C MET B 897 71.95 30.86 0.96
N GLN B 898 70.97 30.44 0.18
CA GLN B 898 69.61 30.32 0.71
C GLN B 898 69.57 29.31 1.85
N MET B 899 70.33 28.21 1.72
CA MET B 899 70.37 27.24 2.80
C MET B 899 71.01 27.83 4.04
N ALA B 900 72.01 28.70 3.86
CA ALA B 900 72.59 29.39 5.00
C ALA B 900 71.57 30.27 5.70
N TYR B 901 70.77 30.99 4.94
CA TYR B 901 69.70 31.78 5.54
C TYR B 901 68.72 30.89 6.30
N ARG B 902 68.39 29.73 5.72
CA ARG B 902 67.46 28.81 6.37
C ARG B 902 68.01 28.34 7.72
N PHE B 903 69.28 27.94 7.78
CA PHE B 903 69.84 27.59 9.08
C PHE B 903 69.82 28.77 10.03
N ASN B 904 70.20 29.96 9.57
CA ASN B 904 70.24 31.10 10.48
C ASN B 904 68.86 31.39 11.04
N GLY B 905 67.82 31.00 10.33
CA GLY B 905 66.46 31.24 10.81
C GLY B 905 66.08 30.43 12.04
N ILE B 906 66.77 29.34 12.35
CA ILE B 906 66.35 28.45 13.42
C ILE B 906 67.37 28.40 14.55
N GLY B 907 68.24 29.40 14.65
CA GLY B 907 69.09 29.59 15.81
C GLY B 907 70.53 29.14 15.65
N VAL B 908 70.85 28.37 14.64
CA VAL B 908 72.22 27.89 14.45
C VAL B 908 72.99 28.91 13.63
N THR B 909 74.19 29.27 14.11
CA THR B 909 75.02 30.23 13.41
C THR B 909 75.45 29.67 12.05
N GLN B 910 75.44 30.54 11.03
CA GLN B 910 75.63 30.07 9.66
C GLN B 910 77.02 29.50 9.41
N ASN B 911 78.00 29.80 10.27
CA ASN B 911 79.35 29.35 10.00
C ASN B 911 79.47 27.83 9.95
N VAL B 912 78.47 27.12 10.47
CA VAL B 912 78.47 25.67 10.35
C VAL B 912 78.35 25.24 8.90
N LEU B 913 77.40 25.84 8.17
CA LEU B 913 77.06 25.31 6.84
C LEU B 913 78.26 25.33 5.91
N TYR B 914 79.00 26.42 5.89
CA TYR B 914 80.11 26.53 4.95
C TYR B 914 81.28 25.62 5.30
N GLU B 915 81.27 25.00 6.47
CA GLU B 915 82.34 24.08 6.84
C GLU B 915 81.99 22.62 6.56
N ASN B 916 80.77 22.33 6.11
CA ASN B 916 80.34 20.96 5.92
C ASN B 916 79.51 20.79 4.65
N GLN B 917 79.81 21.56 3.61
CA GLN B 917 78.95 21.59 2.43
C GLN B 917 78.86 20.22 1.77
N LYS B 918 80.01 19.56 1.59
CA LYS B 918 79.99 18.25 0.94
C LYS B 918 79.21 17.24 1.76
N LEU B 919 79.31 17.30 3.07
CA LEU B 919 78.56 16.38 3.92
C LEU B 919 77.06 16.58 3.76
N ILE B 920 76.61 17.85 3.73
CA ILE B 920 75.20 18.12 3.53
C ILE B 920 74.74 17.60 2.18
N ALA B 921 75.54 17.84 1.14
CA ALA B 921 75.16 17.38 -0.19
C ALA B 921 75.03 15.87 -0.23
N ASN B 922 76.00 15.15 0.37
CA ASN B 922 75.95 13.71 0.36
C ASN B 922 74.74 13.19 1.13
N GLN B 923 74.45 13.80 2.29
CA GLN B 923 73.30 13.39 3.07
C GLN B 923 72.01 13.57 2.28
N PHE B 924 71.86 14.73 1.62
CA PHE B 924 70.64 14.98 0.85
C PHE B 924 70.50 14.01 -0.31
N ASN B 925 71.59 13.77 -1.03
CA ASN B 925 71.53 12.88 -2.17
C ASN B 925 71.18 11.46 -1.76
N SER B 926 71.71 11.00 -0.62
CA SER B 926 71.36 9.66 -0.17
C SER B 926 69.94 9.61 0.40
N ALA B 927 69.48 10.72 0.99
CA ALA B 927 68.15 10.72 1.59
C ALA B 927 67.05 10.70 0.54
N ILE B 928 67.22 11.46 -0.55
CA ILE B 928 66.19 11.47 -1.58
C ILE B 928 66.07 10.11 -2.25
N GLY B 929 67.09 9.27 -2.13
CA GLY B 929 67.10 8.02 -2.87
C GLY B 929 66.06 7.02 -2.41
N LYS B 930 65.84 6.93 -1.10
CA LYS B 930 65.02 5.85 -0.55
C LYS B 930 63.52 6.13 -0.62
N ILE B 931 63.10 7.29 -1.11
CA ILE B 931 61.69 7.62 -1.11
C ILE B 931 60.91 6.70 -2.04
N GLN B 932 61.52 6.30 -3.17
CA GLN B 932 60.83 5.42 -4.10
C GLN B 932 60.62 4.04 -3.48
N ASP B 933 61.66 3.49 -2.85
CA ASP B 933 61.52 2.19 -2.21
C ASP B 933 60.52 2.26 -1.06
N SER B 934 60.52 3.36 -0.31
CA SER B 934 59.56 3.49 0.79
C SER B 934 58.13 3.55 0.27
N LEU B 935 57.91 4.24 -0.85
CA LEU B 935 56.58 4.27 -1.44
C LEU B 935 56.18 2.88 -1.94
N SER B 936 57.13 2.16 -2.55
CA SER B 936 56.79 0.85 -3.10
C SER B 936 56.50 -0.17 -2.00
N SER B 937 57.24 -0.13 -0.90
CA SER B 937 57.13 -1.17 0.12
C SER B 937 55.77 -1.14 0.80
N THR B 938 55.33 0.02 1.26
CA THR B 938 54.08 0.11 1.99
C THR B 938 52.91 -0.06 1.02
N PRO B 939 52.03 -1.04 1.24
CA PRO B 939 50.92 -1.25 0.31
C PRO B 939 49.73 -0.34 0.61
N SER B 940 49.62 0.12 1.85
CA SER B 940 48.50 0.94 2.29
C SER B 940 48.85 2.41 2.41
N ALA B 941 50.00 2.83 1.87
CA ALA B 941 50.41 4.22 2.00
C ALA B 941 49.44 5.16 1.27
N LEU B 942 49.03 4.80 0.07
CA LEU B 942 48.20 5.67 -0.77
C LEU B 942 46.71 5.49 -0.54
N GLY B 943 46.32 4.65 0.42
CA GLY B 943 44.90 4.34 0.61
C GLY B 943 44.05 5.58 0.81
N LYS B 944 44.62 6.62 1.42
CA LYS B 944 43.85 7.84 1.66
C LYS B 944 43.27 8.41 0.38
N LEU B 945 44.01 8.31 -0.73
CA LEU B 945 43.46 8.72 -2.01
C LEU B 945 42.44 7.71 -2.53
N GLN B 946 42.77 6.42 -2.40
CA GLN B 946 41.98 5.38 -3.07
C GLN B 946 40.52 5.44 -2.65
N ASP B 947 40.26 5.67 -1.37
CA ASP B 947 38.89 5.71 -0.87
C ASP B 947 38.05 6.70 -1.65
N VAL B 948 38.62 7.86 -1.99
CA VAL B 948 37.85 8.87 -2.72
C VAL B 948 37.38 8.31 -4.05
N VAL B 949 38.23 7.54 -4.73
CA VAL B 949 37.79 6.92 -5.98
C VAL B 949 36.91 5.72 -5.70
N ASN B 950 37.08 5.06 -4.54
CA ASN B 950 36.37 3.82 -4.28
C ASN B 950 34.92 4.09 -3.85
N HIS B 951 34.74 4.78 -2.73
CA HIS B 951 33.42 4.89 -2.12
C HIS B 951 32.37 5.34 -3.12
N ASN B 952 32.65 6.44 -3.84
CA ASN B 952 31.66 6.99 -4.75
C ASN B 952 31.23 5.96 -5.78
N ALA B 953 32.19 5.22 -6.33
CA ALA B 953 31.86 4.19 -7.30
C ALA B 953 30.83 3.23 -6.71
N GLN B 954 31.08 2.76 -5.50
CA GLN B 954 30.12 1.87 -4.86
C GLN B 954 28.77 2.56 -4.68
N ALA B 955 28.80 3.83 -4.27
CA ALA B 955 27.55 4.56 -4.08
C ALA B 955 26.79 4.75 -5.39
N LEU B 956 27.45 4.52 -6.52
CA LEU B 956 26.76 4.57 -7.80
C LEU B 956 26.26 3.23 -8.27
N ASN B 957 26.86 2.14 -7.77
CA ASN B 957 26.40 0.81 -8.19
C ASN B 957 25.10 0.43 -7.51
N THR B 958 24.98 0.68 -6.21
CA THR B 958 23.80 0.23 -5.47
C THR B 958 22.53 0.86 -6.02
N LEU B 959 22.61 2.11 -6.49
CA LEU B 959 21.45 2.77 -7.04
C LEU B 959 20.89 2.03 -8.25
N VAL B 960 21.73 1.30 -8.98
CA VAL B 960 21.22 0.46 -10.07
C VAL B 960 20.45 -0.73 -9.51
N LYS B 961 21.01 -1.38 -8.49
CA LYS B 961 20.43 -2.63 -8.00
C LYS B 961 19.04 -2.43 -7.42
N GLN B 962 18.79 -1.27 -6.80
CA GLN B 962 17.47 -1.00 -6.24
C GLN B 962 16.40 -0.97 -7.30
N LEU B 963 16.79 -0.90 -8.58
CA LEU B 963 15.83 -0.96 -9.67
C LEU B 963 15.20 -2.34 -9.82
N SER B 964 15.70 -3.36 -9.12
CA SER B 964 15.18 -4.71 -9.27
C SER B 964 14.10 -5.07 -8.27
N SER B 965 14.06 -4.42 -7.12
CA SER B 965 13.09 -4.76 -6.09
C SER B 965 11.68 -4.46 -6.55
N LYS B 966 10.73 -5.29 -6.11
CA LYS B 966 9.36 -5.18 -6.56
C LYS B 966 8.52 -4.20 -5.76
N PHE B 967 8.95 -3.84 -4.55
CA PHE B 967 8.21 -2.92 -3.69
C PHE B 967 6.80 -3.41 -3.41
N GLY B 968 6.60 -4.72 -3.36
CA GLY B 968 5.30 -5.27 -3.04
C GLY B 968 4.28 -5.22 -4.15
N ALA B 969 4.67 -4.86 -5.37
CA ALA B 969 3.75 -4.81 -6.48
C ALA B 969 3.64 -6.18 -7.14
N ILE B 970 2.91 -6.24 -8.25
CA ILE B 970 2.68 -7.51 -8.94
C ILE B 970 3.97 -7.98 -9.61
N SER B 971 4.67 -7.08 -10.29
CA SER B 971 5.88 -7.44 -11.01
C SER B 971 6.78 -6.21 -11.10
N SER B 972 8.08 -6.47 -11.25
CA SER B 972 9.04 -5.38 -11.30
C SER B 972 9.03 -4.67 -12.65
N VAL B 973 8.85 -5.42 -13.74
CA VAL B 973 8.87 -4.82 -15.07
C VAL B 973 7.66 -3.91 -15.23
N LEU B 974 7.91 -2.70 -15.75
CA LEU B 974 6.87 -1.68 -15.76
C LEU B 974 5.88 -1.85 -16.91
N ASN B 975 6.24 -2.61 -17.94
CA ASN B 975 5.33 -2.81 -19.07
C ASN B 975 4.31 -3.92 -18.82
N ASP B 976 4.63 -4.89 -17.97
CA ASP B 976 3.72 -5.99 -17.73
C ASP B 976 2.41 -5.51 -17.12
N ILE B 977 2.48 -4.55 -16.20
CA ILE B 977 1.28 -4.07 -15.53
C ILE B 977 0.33 -3.44 -16.54
N PHE B 978 0.85 -2.63 -17.46
CA PHE B 978 0.00 -2.02 -18.47
C PHE B 978 -0.40 -3.00 -19.57
N SER B 979 0.33 -4.09 -19.75
CA SER B 979 -0.06 -5.08 -20.75
C SER B 979 -0.97 -6.18 -20.20
N ARG B 980 -1.21 -6.21 -18.89
CA ARG B 980 -2.08 -7.22 -18.30
C ARG B 980 -3.32 -6.64 -17.66
N LEU B 981 -3.18 -5.69 -16.73
CA LEU B 981 -4.32 -5.15 -16.01
C LEU B 981 -5.08 -4.17 -16.89
N ASP B 982 -5.98 -3.41 -16.27
CA ASP B 982 -6.79 -2.41 -16.95
C ASP B 982 -6.49 -1.01 -16.44
N PRO B 983 -6.77 0.02 -17.25
CA PRO B 983 -6.48 1.40 -16.84
C PRO B 983 -7.15 1.79 -15.52
N PRO B 984 -8.39 1.36 -15.24
CA PRO B 984 -9.01 1.77 -13.97
C PRO B 984 -8.26 1.31 -12.73
N GLU B 985 -7.48 0.23 -12.79
CA GLU B 985 -6.88 -0.32 -11.58
C GLU B 985 -5.35 -0.34 -11.56
N ALA B 986 -4.68 0.00 -12.66
CA ALA B 986 -3.22 0.03 -12.64
C ALA B 986 -2.67 1.15 -11.78
N GLU B 987 -3.50 2.15 -11.46
CA GLU B 987 -3.04 3.27 -10.65
C GLU B 987 -2.88 2.88 -9.19
N VAL B 988 -3.53 1.80 -8.75
CA VAL B 988 -3.31 1.30 -7.41
C VAL B 988 -1.91 0.73 -7.28
N GLN B 989 -1.32 0.26 -8.39
CA GLN B 989 0.00 -0.37 -8.37
C GLN B 989 1.12 0.59 -8.72
N ILE B 990 0.94 1.46 -9.71
CA ILE B 990 2.04 2.30 -10.18
C ILE B 990 2.54 3.23 -9.06
N ASP B 991 1.65 3.61 -8.15
CA ASP B 991 2.00 4.55 -7.09
C ASP B 991 3.11 3.98 -6.21
N ARG B 992 3.04 2.70 -5.89
CA ARG B 992 4.05 2.09 -5.03
C ARG B 992 5.42 2.16 -5.66
N LEU B 993 5.52 1.82 -6.95
CA LEU B 993 6.82 1.87 -7.62
C LEU B 993 7.34 3.30 -7.67
N ILE B 994 6.47 4.26 -7.99
CA ILE B 994 6.93 5.65 -8.11
C ILE B 994 7.49 6.14 -6.77
N THR B 995 6.75 5.90 -5.68
CA THR B 995 7.23 6.32 -4.37
C THR B 995 8.52 5.61 -4.00
N GLY B 996 8.59 4.30 -4.26
CA GLY B 996 9.77 3.55 -3.88
C GLY B 996 11.03 4.05 -4.58
N ARG B 997 10.90 4.46 -5.84
CA ARG B 997 12.09 4.97 -6.52
C ARG B 997 12.44 6.39 -6.09
N LEU B 998 11.43 7.25 -5.88
CA LEU B 998 11.74 8.62 -5.45
C LEU B 998 12.46 8.63 -4.10
N GLN B 999 12.08 7.73 -3.20
CA GLN B 999 12.77 7.66 -1.91
C GLN B 999 14.27 7.44 -2.09
N SER B 1000 14.63 6.45 -2.91
CA SER B 1000 16.04 6.15 -3.12
C SER B 1000 16.77 7.32 -3.76
N LEU B 1001 16.14 7.97 -4.73
CA LEU B 1001 16.80 9.11 -5.36
C LEU B 1001 17.10 10.21 -4.35
N GLN B 1002 16.12 10.53 -3.49
CA GLN B 1002 16.35 11.57 -2.49
C GLN B 1002 17.47 11.19 -1.54
N THR B 1003 17.51 9.93 -1.10
CA THR B 1003 18.57 9.51 -0.18
C THR B 1003 19.95 9.67 -0.83
N TYR B 1004 20.07 9.27 -2.09
CA TYR B 1004 21.37 9.41 -2.76
C TYR B 1004 21.80 10.86 -2.84
N VAL B 1005 20.87 11.76 -3.18
CA VAL B 1005 21.25 13.18 -3.27
C VAL B 1005 21.73 13.69 -1.91
N THR B 1006 21.03 13.33 -0.83
CA THR B 1006 21.45 13.80 0.49
C THR B 1006 22.86 13.32 0.84
N GLN B 1007 23.14 12.04 0.59
CA GLN B 1007 24.47 11.53 0.91
C GLN B 1007 25.56 12.27 0.12
N GLN B 1008 25.31 12.51 -1.18
CA GLN B 1008 26.30 13.22 -1.97
C GLN B 1008 26.55 14.61 -1.41
N LEU B 1009 25.48 15.31 -1.02
CA LEU B 1009 25.64 16.66 -0.49
C LEU B 1009 26.51 16.67 0.76
N ILE B 1010 26.26 15.75 1.69
CA ILE B 1010 27.05 15.72 2.91
C ILE B 1010 28.51 15.41 2.61
N ARG B 1011 28.77 14.45 1.70
CA ARG B 1011 30.16 14.11 1.43
C ARG B 1011 30.93 15.28 0.83
N ALA B 1012 30.31 16.01 -0.10
CA ALA B 1012 31.01 17.16 -0.67
C ALA B 1012 31.28 18.24 0.38
N ALA B 1013 30.27 18.50 1.23
CA ALA B 1013 30.47 19.50 2.28
C ALA B 1013 31.57 19.07 3.24
N GLU B 1014 31.81 17.78 3.39
CA GLU B 1014 32.94 17.33 4.20
C GLU B 1014 34.26 17.56 3.48
N ILE B 1015 34.33 17.22 2.20
CA ILE B 1015 35.61 17.29 1.48
C ILE B 1015 36.11 18.74 1.39
N ARG B 1016 35.18 19.70 1.36
CA ARG B 1016 35.59 21.10 1.25
C ARG B 1016 36.60 21.49 2.32
N ALA B 1017 36.44 20.99 3.54
CA ALA B 1017 37.34 21.37 4.63
C ALA B 1017 38.77 20.90 4.37
N SER B 1018 38.93 19.67 3.90
CA SER B 1018 40.27 19.18 3.60
C SER B 1018 40.89 19.95 2.44
N ALA B 1019 40.09 20.31 1.44
CA ALA B 1019 40.63 21.12 0.36
C ALA B 1019 41.14 22.46 0.87
N ASN B 1020 40.38 23.10 1.76
CA ASN B 1020 40.82 24.37 2.33
C ASN B 1020 42.09 24.21 3.14
N LEU B 1021 42.19 23.12 3.92
CA LEU B 1021 43.41 22.90 4.70
C LEU B 1021 44.63 22.76 3.80
N ALA B 1022 44.49 22.00 2.69
CA ALA B 1022 45.61 21.87 1.78
C ALA B 1022 45.97 23.21 1.16
N ALA B 1023 44.96 24.02 0.82
CA ALA B 1023 45.24 25.34 0.26
C ALA B 1023 46.04 26.20 1.21
N THR B 1024 45.67 26.18 2.50
CA THR B 1024 46.45 26.96 3.47
C THR B 1024 47.87 26.41 3.60
N LYS B 1025 48.01 25.08 3.69
CA LYS B 1025 49.32 24.50 3.92
C LYS B 1025 50.29 24.81 2.79
N MET B 1026 49.81 24.74 1.54
CA MET B 1026 50.68 25.03 0.41
C MET B 1026 51.32 26.40 0.54
N SER B 1027 50.50 27.43 0.74
CA SER B 1027 51.01 28.78 0.81
C SER B 1027 51.87 28.99 2.05
N GLU B 1028 51.52 28.36 3.17
CA GLU B 1028 52.24 28.65 4.40
C GLU B 1028 53.54 27.87 4.54
N CYS B 1029 53.72 26.77 3.79
CA CYS B 1029 54.93 25.99 3.92
C CYS B 1029 55.65 25.74 2.60
N VAL B 1030 55.31 26.48 1.54
CA VAL B 1030 56.08 26.45 0.30
C VAL B 1030 56.73 27.80 -0.01
N LEU B 1031 55.98 28.88 0.14
CA LEU B 1031 56.49 30.22 -0.15
C LEU B 1031 57.08 30.90 1.07
N GLY B 1032 57.62 30.13 2.00
CA GLY B 1032 58.21 30.73 3.19
C GLY B 1032 58.70 29.66 4.15
N GLN B 1033 59.04 30.09 5.35
CA GLN B 1033 59.46 29.20 6.41
C GLN B 1033 58.61 29.46 7.64
N SER B 1034 58.17 28.39 8.29
CA SER B 1034 57.22 28.50 9.39
C SER B 1034 57.82 27.96 10.68
N LYS B 1035 57.56 28.67 11.78
CA LYS B 1035 58.04 28.30 13.11
C LYS B 1035 57.05 27.43 13.88
N ARG B 1036 55.87 27.17 13.32
CA ARG B 1036 54.88 26.35 14.02
C ARG B 1036 55.37 24.91 14.08
N VAL B 1037 55.57 24.39 15.30
CA VAL B 1037 56.17 23.08 15.46
C VAL B 1037 55.20 22.00 15.02
N ASP B 1038 55.71 21.06 14.23
CA ASP B 1038 55.00 19.88 13.75
C ASP B 1038 53.83 20.20 12.82
N PHE B 1039 53.65 21.46 12.44
CA PHE B 1039 52.63 21.75 11.43
C PHE B 1039 53.03 21.20 10.07
N CYS B 1040 54.31 21.28 9.74
CA CYS B 1040 54.82 20.77 8.48
C CYS B 1040 56.02 19.87 8.78
N GLY B 1041 55.86 18.58 8.55
CA GLY B 1041 56.92 17.64 8.83
C GLY B 1041 57.06 17.38 10.32
N LYS B 1042 58.13 16.64 10.65
CA LYS B 1042 58.48 16.33 12.03
C LYS B 1042 59.84 16.93 12.35
N GLY B 1043 59.92 17.72 13.41
CA GLY B 1043 61.12 18.44 13.71
C GLY B 1043 61.14 19.81 13.09
N TYR B 1044 62.31 20.43 13.12
CA TYR B 1044 62.48 21.75 12.54
C TYR B 1044 62.33 21.70 11.04
N HIS B 1045 61.94 22.83 10.45
CA HIS B 1045 61.53 22.89 9.05
C HIS B 1045 62.57 23.63 8.22
N LEU B 1046 62.87 23.10 7.03
CA LEU B 1046 63.76 23.78 6.09
C LEU B 1046 63.10 24.10 4.76
N MET B 1047 62.55 23.11 4.06
CA MET B 1047 61.98 23.32 2.73
C MET B 1047 60.87 22.32 2.48
N SER B 1048 60.05 22.63 1.48
CA SER B 1048 58.98 21.74 1.04
C SER B 1048 58.87 21.77 -0.47
N PHE B 1049 58.50 20.63 -1.05
CA PHE B 1049 58.33 20.50 -2.49
C PHE B 1049 56.95 19.91 -2.79
N PRO B 1050 56.20 20.50 -3.72
CA PRO B 1050 54.88 19.96 -4.04
C PRO B 1050 54.88 19.03 -5.24
N GLN B 1051 53.96 18.07 -5.27
CA GLN B 1051 53.77 17.21 -6.43
C GLN B 1051 52.29 16.90 -6.57
N SER B 1052 51.87 16.63 -7.80
CA SER B 1052 50.47 16.35 -8.11
C SER B 1052 50.22 14.86 -8.19
N ALA B 1053 48.94 14.48 -8.10
CA ALA B 1053 48.55 13.08 -8.19
C ALA B 1053 47.07 13.03 -8.57
N PRO B 1054 46.59 11.89 -9.10
CA PRO B 1054 45.18 11.80 -9.48
C PRO B 1054 44.24 12.16 -8.35
N HIS B 1055 43.49 13.25 -8.53
CA HIS B 1055 42.56 13.76 -7.52
C HIS B 1055 43.25 14.03 -6.19
N GLY B 1056 44.48 14.55 -6.21
CA GLY B 1056 45.12 14.81 -4.94
C GLY B 1056 46.48 15.47 -5.08
N VAL B 1057 47.03 15.86 -3.94
CA VAL B 1057 48.32 16.52 -3.88
C VAL B 1057 49.18 15.82 -2.84
N VAL B 1058 50.50 15.87 -3.04
CA VAL B 1058 51.44 15.29 -2.11
C VAL B 1058 52.57 16.29 -1.85
N PHE B 1059 53.06 16.28 -0.61
CA PHE B 1059 54.11 17.18 -0.18
C PHE B 1059 55.32 16.39 0.29
N LEU B 1060 56.51 16.87 -0.05
CA LEU B 1060 57.76 16.37 0.49
C LEU B 1060 58.34 17.42 1.42
N HIS B 1061 58.50 17.07 2.70
CA HIS B 1061 59.08 17.96 3.69
C HIS B 1061 60.52 17.57 3.98
N VAL B 1062 61.38 18.56 4.16
CA VAL B 1062 62.78 18.36 4.52
C VAL B 1062 62.98 18.86 5.95
N THR B 1063 63.59 18.03 6.80
CA THR B 1063 63.69 18.36 8.21
C THR B 1063 65.11 18.13 8.73
N TYR B 1064 65.43 18.86 9.80
CA TYR B 1064 66.72 18.86 10.47
C TYR B 1064 66.56 18.29 11.88
N VAL B 1065 67.43 17.34 12.26
CA VAL B 1065 67.27 16.74 13.59
C VAL B 1065 68.61 16.35 14.21
N PRO B 1066 68.81 16.64 15.49
CA PRO B 1066 70.06 16.26 16.15
C PRO B 1066 70.01 14.85 16.72
N ALA B 1067 71.16 14.18 16.67
CA ALA B 1067 71.22 12.77 17.08
C ALA B 1067 72.15 12.52 18.26
N GLN B 1068 73.43 12.88 18.15
CA GLN B 1068 74.44 12.45 19.12
C GLN B 1068 74.61 13.50 20.20
N GLU B 1069 74.66 13.06 21.46
CA GLU B 1069 74.60 13.97 22.60
C GLU B 1069 75.74 13.69 23.57
N LYS B 1070 76.05 14.69 24.39
CA LYS B 1070 77.08 14.55 25.41
C LYS B 1070 76.70 15.41 26.61
N ASN B 1071 77.24 15.05 27.77
CA ASN B 1071 76.88 15.68 29.04
C ASN B 1071 77.82 16.81 29.40
N PHE B 1072 77.32 17.76 30.19
CA PHE B 1072 78.11 18.89 30.65
C PHE B 1072 77.50 19.42 31.94
N THR B 1073 78.31 20.18 32.68
CA THR B 1073 77.91 20.82 33.93
C THR B 1073 77.81 22.32 33.72
N THR B 1074 76.74 22.93 34.24
CA THR B 1074 76.43 24.33 33.95
C THR B 1074 76.38 25.16 35.22
N ALA B 1075 76.04 26.43 35.03
CA ALA B 1075 75.90 27.40 36.10
C ALA B 1075 75.21 28.64 35.53
N PRO B 1076 74.51 29.40 36.36
CA PRO B 1076 73.70 30.50 35.82
C PRO B 1076 74.44 31.80 35.55
N ALA B 1077 75.50 32.12 36.29
CA ALA B 1077 76.19 33.40 36.12
C ALA B 1077 77.57 33.32 36.73
N ILE B 1078 78.40 34.33 36.45
CA ILE B 1078 79.77 34.36 36.96
C ILE B 1078 80.02 35.67 37.70
N CYS B 1079 80.54 35.57 38.93
CA CYS B 1079 80.88 36.73 39.73
C CYS B 1079 82.36 37.05 39.59
N HIS B 1080 82.66 38.35 39.44
CA HIS B 1080 84.03 38.81 39.25
C HIS B 1080 84.13 40.26 39.71
N ASP B 1081 85.07 40.51 40.63
CA ASP B 1081 85.27 41.86 41.18
C ASP B 1081 83.97 42.42 41.73
N GLY B 1082 83.21 41.57 42.42
CA GLY B 1082 81.92 41.95 42.96
C GLY B 1082 80.80 42.03 41.96
N LYS B 1083 81.10 42.24 40.69
CA LYS B 1083 80.05 42.34 39.68
C LYS B 1083 79.58 40.95 39.27
N ALA B 1084 78.43 40.92 38.59
CA ALA B 1084 77.87 39.69 38.05
C ALA B 1084 77.89 39.76 36.52
N HIS B 1085 78.06 38.60 35.88
CA HIS B 1085 78.12 38.50 34.44
C HIS B 1085 77.20 37.37 33.98
N PHE B 1086 76.39 37.67 32.97
CA PHE B 1086 75.49 36.75 32.30
C PHE B 1086 75.95 36.50 30.87
N PRO B 1087 75.34 35.55 30.16
CA PRO B 1087 75.64 35.41 28.74
C PRO B 1087 74.72 36.26 27.87
N ARG B 1088 75.26 36.67 26.73
CA ARG B 1088 74.46 37.39 25.73
C ARG B 1088 73.62 36.43 24.90
N GLU B 1089 74.23 35.37 24.40
CA GLU B 1089 73.50 34.31 23.73
C GLU B 1089 74.25 33.00 23.91
N GLY B 1090 73.53 31.96 24.28
CA GLY B 1090 74.12 30.68 24.57
C GLY B 1090 73.97 30.29 26.02
N VAL B 1091 74.89 29.45 26.48
CA VAL B 1091 74.86 28.96 27.85
C VAL B 1091 76.28 28.60 28.25
N PHE B 1092 76.53 28.65 29.56
CA PHE B 1092 77.84 28.33 30.11
C PHE B 1092 78.01 26.82 30.24
N VAL B 1093 79.15 26.31 29.80
CA VAL B 1093 79.44 24.89 29.81
C VAL B 1093 80.87 24.67 30.26
N SER B 1094 81.07 23.70 31.14
CA SER B 1094 82.39 23.39 31.69
C SER B 1094 82.66 21.90 31.55
N ASN B 1095 83.81 21.56 30.97
CA ASN B 1095 84.18 20.16 30.79
C ASN B 1095 84.93 19.59 31.98
N GLY B 1096 85.28 20.40 32.97
CA GLY B 1096 85.93 19.88 34.16
C GLY B 1096 87.04 20.76 34.71
N THR B 1097 87.64 21.61 33.86
CA THR B 1097 88.76 22.44 34.28
C THR B 1097 88.66 23.89 33.86
N HIS B 1098 87.74 24.26 32.99
CA HIS B 1098 87.63 25.62 32.50
C HIS B 1098 86.15 25.96 32.33
N TRP B 1099 85.87 27.05 31.64
CA TRP B 1099 84.50 27.47 31.39
C TRP B 1099 84.41 28.12 30.02
N PHE B 1100 83.42 27.73 29.25
CA PHE B 1100 83.22 28.26 27.90
C PHE B 1100 81.74 28.59 27.71
N VAL B 1101 81.42 29.23 26.59
CA VAL B 1101 80.05 29.56 26.22
C VAL B 1101 79.74 28.88 24.89
N THR B 1102 78.52 28.35 24.78
CA THR B 1102 78.15 27.64 23.55
C THR B 1102 76.74 28.01 23.14
N GLN B 1103 76.45 27.77 21.86
CA GLN B 1103 75.08 27.86 21.38
C GLN B 1103 74.25 26.72 21.93
N ARG B 1104 72.96 26.74 21.64
CA ARG B 1104 72.03 25.80 22.24
C ARG B 1104 71.82 24.55 21.39
N ASN B 1105 72.35 24.49 20.17
CA ASN B 1105 72.02 23.39 19.30
C ASN B 1105 73.22 22.78 18.57
N PHE B 1106 74.44 23.26 18.83
CA PHE B 1106 75.61 22.70 18.18
C PHE B 1106 76.84 23.05 19.01
N TYR B 1107 77.49 22.04 19.57
CA TYR B 1107 78.60 22.27 20.48
C TYR B 1107 79.74 22.98 19.77
N GLU B 1108 80.14 24.13 20.30
CA GLU B 1108 81.17 24.96 19.70
C GLU B 1108 81.77 25.84 20.78
N PRO B 1109 82.86 25.42 21.43
CA PRO B 1109 83.40 26.21 22.54
C PRO B 1109 84.04 27.50 22.07
N GLN B 1110 84.10 28.47 22.99
CA GLN B 1110 84.71 29.75 22.74
C GLN B 1110 85.31 30.26 24.05
N ILE B 1111 86.18 31.26 23.94
CA ILE B 1111 86.82 31.85 25.10
C ILE B 1111 85.93 32.98 25.62
N ILE B 1112 85.66 32.97 26.92
CA ILE B 1112 84.76 33.95 27.53
C ILE B 1112 85.47 35.28 27.61
N THR B 1113 84.82 36.34 27.13
CA THR B 1113 85.37 37.69 27.11
C THR B 1113 84.35 38.66 27.67
N THR B 1114 84.66 39.94 27.55
CA THR B 1114 83.71 41.00 27.90
C THR B 1114 82.89 41.46 26.70
N ASP B 1115 83.06 40.82 25.54
CA ASP B 1115 82.28 41.18 24.37
C ASP B 1115 80.93 40.48 24.37
N ASN B 1116 80.88 39.20 24.76
CA ASN B 1116 79.66 38.42 24.77
C ASN B 1116 79.06 38.28 26.16
N THR B 1117 79.31 39.23 27.05
CA THR B 1117 78.68 39.28 28.37
C THR B 1117 78.31 40.72 28.67
N PHE B 1118 77.39 40.89 29.63
CA PHE B 1118 77.00 42.22 30.07
C PHE B 1118 76.74 42.21 31.56
N VAL B 1119 76.90 43.39 32.17
CA VAL B 1119 76.95 43.55 33.62
C VAL B 1119 75.56 43.91 34.16
N SER B 1120 75.25 43.42 35.35
CA SER B 1120 73.96 43.66 35.99
C SER B 1120 74.08 44.27 37.38
N GLY B 1121 75.03 43.82 38.19
CA GLY B 1121 75.16 44.36 39.53
C GLY B 1121 75.98 43.42 40.41
N ASN B 1122 75.90 43.66 41.72
CA ASN B 1122 76.62 42.85 42.68
C ASN B 1122 76.07 41.43 42.72
N CYS B 1123 76.96 40.48 43.02
CA CYS B 1123 76.66 39.06 42.87
C CYS B 1123 76.21 38.40 44.17
N ASP B 1124 75.50 39.13 45.02
CA ASP B 1124 75.01 38.58 46.28
C ASP B 1124 73.49 38.45 46.28
N VAL B 1125 72.89 38.24 45.11
CA VAL B 1125 71.44 38.09 45.00
C VAL B 1125 71.06 36.77 44.33
N VAL B 1126 71.76 36.38 43.28
CA VAL B 1126 71.44 35.15 42.55
C VAL B 1126 71.84 33.96 43.41
N ILE B 1127 71.41 32.76 43.01
CA ILE B 1127 71.65 31.54 43.76
C ILE B 1127 72.48 30.60 42.90
N GLY B 1128 73.60 30.13 43.45
CA GLY B 1128 74.43 29.16 42.77
C GLY B 1128 75.51 29.72 41.88
N ILE B 1129 75.84 31.00 42.02
CA ILE B 1129 76.86 31.59 41.16
C ILE B 1129 78.24 31.04 41.53
N VAL B 1130 79.16 31.08 40.57
CA VAL B 1130 80.45 30.42 40.71
C VAL B 1130 81.57 31.43 40.42
N ASN B 1131 82.73 31.17 41.00
CA ASN B 1131 83.89 32.04 40.88
C ASN B 1131 84.75 31.68 39.67
N ASN B 1132 85.24 32.70 38.98
CA ASN B 1132 86.18 32.51 37.88
C ASN B 1132 86.72 33.89 37.47
N THR B 1133 87.48 33.90 36.38
CA THR B 1133 88.07 35.11 35.84
C THR B 1133 87.59 35.35 34.41
N VAL B 1134 87.84 36.55 33.91
CA VAL B 1134 87.44 36.96 32.56
C VAL B 1134 88.61 37.67 31.90
N TYR B 1135 88.53 37.79 30.58
CA TYR B 1135 89.55 38.46 29.79
C TYR B 1135 89.00 39.74 29.20
N ASP B 1136 89.85 40.46 28.46
CA ASP B 1136 89.50 41.73 27.86
C ASP B 1136 90.28 41.91 26.57
N PRO B 1137 89.67 42.48 25.53
CA PRO B 1137 90.37 42.62 24.24
C PRO B 1137 91.41 43.73 24.22
N LEU B 1138 91.38 44.67 25.17
CA LEU B 1138 92.36 45.76 25.17
C LEU B 1138 93.65 45.39 25.87
N GLN B 1139 93.75 44.19 26.44
CA GLN B 1139 94.95 43.81 27.19
C GLN B 1139 96.23 43.89 26.36
N PRO B 1140 96.30 43.38 25.12
CA PRO B 1140 97.55 43.54 24.35
C PRO B 1140 97.95 44.98 24.13
N GLU B 1141 96.98 45.89 23.95
CA GLU B 1141 97.32 47.30 23.81
C GLU B 1141 97.69 47.92 25.16
N LEU B 1142 97.13 47.40 26.26
CA LEU B 1142 97.49 47.91 27.58
C LEU B 1142 98.95 47.63 27.91
N ASP B 1143 99.50 46.53 27.40
CA ASP B 1143 100.90 46.20 27.65
C ASP B 1143 101.86 47.05 26.84
N SER B 1144 101.38 47.79 25.86
CA SER B 1144 102.25 48.64 25.05
C SER B 1144 101.52 49.92 24.63
N ALA C 27 -26.39 31.93 45.11
CA ALA C 27 -25.21 31.92 45.98
C ALA C 27 -24.12 31.02 45.41
N TYR C 28 -23.14 31.63 44.77
CA TYR C 28 -22.06 30.89 44.13
C TYR C 28 -20.98 30.53 45.15
N THR C 29 -20.11 29.60 44.77
CA THR C 29 -18.88 29.38 45.49
C THR C 29 -17.85 28.76 44.54
N ASN C 30 -16.66 28.49 45.06
CA ASN C 30 -15.50 28.17 44.25
C ASN C 30 -15.08 26.72 44.43
N SER C 31 -14.91 26.01 43.32
CA SER C 31 -14.32 24.69 43.34
C SER C 31 -12.81 24.79 43.47
N PHE C 32 -12.17 23.69 43.87
CA PHE C 32 -10.73 23.70 44.10
C PHE C 32 -10.17 22.33 43.75
N THR C 33 -9.70 22.20 42.50
CA THR C 33 -8.97 21.03 42.03
C THR C 33 -9.69 19.73 42.35
N ARG C 34 -10.86 19.56 41.74
CA ARG C 34 -11.64 18.34 41.88
C ARG C 34 -12.33 18.02 40.57
N GLY C 35 -12.71 16.76 40.43
CA GLY C 35 -13.40 16.32 39.24
C GLY C 35 -12.50 15.74 38.17
N VAL C 36 -11.69 14.75 38.54
CA VAL C 36 -10.82 14.05 37.60
C VAL C 36 -11.07 12.56 37.72
N TYR C 37 -11.14 11.87 36.58
CA TYR C 37 -11.49 10.46 36.56
C TYR C 37 -10.63 9.74 35.52
N TYR C 38 -10.56 8.42 35.66
CA TYR C 38 -9.76 7.61 34.76
C TYR C 38 -10.35 7.65 33.36
N PRO C 39 -9.58 8.03 32.35
CA PRO C 39 -10.15 8.11 30.99
C PRO C 39 -10.56 6.76 30.43
N ASP C 40 -9.67 5.78 30.53
CA ASP C 40 -9.85 4.50 29.88
C ASP C 40 -9.47 3.37 30.84
N LYS C 41 -9.84 2.15 30.45
CA LYS C 41 -9.71 0.99 31.33
C LYS C 41 -8.43 0.21 31.03
N VAL C 42 -7.30 0.87 31.27
CA VAL C 42 -5.98 0.25 31.13
C VAL C 42 -5.14 0.68 32.32
N PHE C 43 -4.19 -0.17 32.69
CA PHE C 43 -3.31 0.08 33.83
C PHE C 43 -1.93 0.52 33.33
N ARG C 44 -1.46 1.65 33.82
CA ARG C 44 -0.11 2.14 33.57
C ARG C 44 0.63 2.24 34.91
N SER C 45 1.84 2.79 34.87
CA SER C 45 2.63 2.91 36.09
C SER C 45 3.78 3.88 35.88
N SER C 46 3.87 4.87 36.75
CA SER C 46 5.05 5.73 36.90
C SER C 46 5.47 6.36 35.58
N VAL C 47 4.58 7.21 35.05
CA VAL C 47 4.85 7.89 33.79
C VAL C 47 3.90 9.06 33.66
N LEU C 48 4.25 10.02 32.82
CA LEU C 48 3.38 11.13 32.51
C LEU C 48 2.53 10.79 31.28
N HIS C 49 1.41 11.50 31.15
CA HIS C 49 0.52 11.26 30.01
C HIS C 49 -0.34 12.50 29.81
N SER C 50 -1.01 12.55 28.65
CA SER C 50 -1.91 13.66 28.36
C SER C 50 -3.06 13.14 27.50
N THR C 51 -4.24 13.71 27.70
CA THR C 51 -5.40 13.26 26.94
C THR C 51 -6.48 14.34 26.94
N GLN C 52 -7.37 14.24 25.95
CA GLN C 52 -8.43 15.21 25.72
C GLN C 52 -9.80 14.54 25.90
N ASP C 53 -10.66 15.16 26.71
CA ASP C 53 -12.01 14.65 26.91
C ASP C 53 -12.82 15.68 27.70
N LEU C 54 -14.03 15.32 28.09
CA LEU C 54 -14.89 16.21 28.87
C LEU C 54 -14.51 16.13 30.34
N PHE C 55 -14.39 17.28 30.98
CA PHE C 55 -13.97 17.34 32.38
C PHE C 55 -14.58 18.57 33.03
N LEU C 56 -14.20 18.80 34.29
CA LEU C 56 -14.61 19.98 35.03
C LEU C 56 -13.42 20.91 35.16
N PRO C 57 -13.44 22.10 34.58
CA PRO C 57 -12.27 22.97 34.62
C PRO C 57 -11.98 23.47 36.02
N PHE C 58 -10.71 23.74 36.27
CA PHE C 58 -10.30 24.25 37.58
C PHE C 58 -10.84 25.66 37.80
N PHE C 59 -11.05 25.99 39.08
CA PHE C 59 -11.49 27.33 39.49
C PHE C 59 -12.75 27.75 38.74
N SER C 60 -13.78 26.91 38.82
CA SER C 60 -15.05 27.17 38.18
C SER C 60 -16.13 27.43 39.23
N ASN C 61 -17.02 28.38 38.94
CA ASN C 61 -18.10 28.70 39.85
C ASN C 61 -19.08 27.53 39.94
N VAL C 62 -19.57 27.26 41.14
CA VAL C 62 -20.55 26.22 41.37
C VAL C 62 -21.69 26.77 42.21
N THR C 63 -22.92 26.40 41.84
CA THR C 63 -24.13 26.87 42.50
C THR C 63 -24.32 26.13 43.84
N TRP C 64 -25.00 26.79 44.77
CA TRP C 64 -25.24 26.26 46.10
C TRP C 64 -26.74 26.16 46.33
N PHE C 65 -27.18 25.07 46.94
CA PHE C 65 -28.58 24.87 47.26
C PHE C 65 -28.73 24.61 48.76
N HIS C 66 -29.97 24.68 49.23
CA HIS C 66 -30.27 24.45 50.63
C HIS C 66 -31.58 23.69 50.77
N VAL C 67 -31.70 22.97 51.89
CA VAL C 67 -32.89 22.17 52.16
C VAL C 67 -34.09 23.07 52.38
N ILE C 68 -35.25 22.64 51.89
CA ILE C 68 -36.49 23.38 52.11
C ILE C 68 -36.94 23.22 53.57
N ASP C 78 -34.40 21.77 48.52
CA ASP C 78 -35.09 22.21 47.31
C ASP C 78 -34.68 21.39 46.09
N ASN C 79 -35.53 21.43 45.07
CA ASN C 79 -35.25 20.72 43.82
C ASN C 79 -35.76 21.50 42.62
N PRO C 80 -35.23 22.68 42.33
CA PRO C 80 -35.62 23.39 41.11
C PRO C 80 -35.04 22.72 39.88
N VAL C 81 -35.60 23.10 38.72
CA VAL C 81 -35.15 22.55 37.46
C VAL C 81 -33.71 22.96 37.20
N LEU C 82 -32.88 22.00 36.78
CA LEU C 82 -31.47 22.25 36.53
C LEU C 82 -31.14 21.86 35.09
N PRO C 83 -30.72 22.79 34.24
CA PRO C 83 -30.40 22.42 32.85
C PRO C 83 -29.26 21.42 32.79
N PHE C 84 -29.35 20.50 31.85
CA PHE C 84 -28.36 19.45 31.65
C PHE C 84 -27.62 19.74 30.34
N ASN C 85 -26.48 20.41 30.44
CA ASN C 85 -25.69 20.76 29.27
C ASN C 85 -24.45 19.88 29.22
N ASP C 86 -24.61 18.69 28.64
CA ASP C 86 -23.51 17.78 28.33
C ASP C 86 -22.76 17.37 29.61
N GLY C 87 -23.48 16.65 30.46
CA GLY C 87 -22.84 16.02 31.62
C GLY C 87 -22.91 16.89 32.85
N VAL C 88 -22.96 16.23 34.01
CA VAL C 88 -23.15 16.93 35.28
C VAL C 88 -22.28 16.30 36.35
N TYR C 89 -21.66 17.13 37.19
CA TYR C 89 -20.92 16.69 38.36
C TYR C 89 -21.71 17.05 39.60
N PHE C 90 -21.98 16.04 40.44
CA PHE C 90 -22.89 16.18 41.57
C PHE C 90 -22.17 15.71 42.84
N ALA C 91 -22.03 16.60 43.82
CA ALA C 91 -21.38 16.25 45.06
C ALA C 91 -22.36 16.45 46.21
N SER C 92 -22.32 15.55 47.19
CA SER C 92 -23.26 15.63 48.30
C SER C 92 -22.54 15.49 49.62
N ILE C 93 -22.85 16.40 50.55
CA ILE C 93 -22.39 16.33 51.93
C ILE C 93 -23.62 16.17 52.81
N GLU C 94 -23.61 15.17 53.70
CA GLU C 94 -24.81 14.85 54.45
C GLU C 94 -24.46 14.10 55.71
N LYS C 95 -25.44 13.99 56.61
CA LYS C 95 -25.31 13.16 57.80
C LYS C 95 -25.60 11.70 57.49
N SER C 96 -26.82 11.39 57.06
CA SER C 96 -27.19 10.03 56.72
C SER C 96 -28.49 10.02 55.94
N ASN C 97 -28.46 9.49 54.72
CA ASN C 97 -29.66 9.13 53.95
C ASN C 97 -30.58 10.34 53.75
N ILE C 98 -30.08 11.30 52.98
CA ILE C 98 -30.86 12.46 52.61
C ILE C 98 -31.08 12.57 51.10
N ILE C 99 -30.20 12.00 50.28
CA ILE C 99 -30.34 12.00 48.83
C ILE C 99 -30.63 10.58 48.38
N ARG C 100 -31.68 10.41 47.58
CA ARG C 100 -32.20 9.08 47.33
C ARG C 100 -32.55 8.76 45.88
N GLY C 101 -32.53 9.73 44.97
CA GLY C 101 -32.93 9.40 43.61
C GLY C 101 -32.70 10.53 42.64
N TRP C 102 -32.98 10.23 41.38
CA TRP C 102 -32.84 11.19 40.29
C TRP C 102 -33.87 10.89 39.21
N ILE C 103 -34.40 11.95 38.60
CA ILE C 103 -35.40 11.84 37.55
C ILE C 103 -34.94 12.66 36.36
N PHE C 104 -34.85 12.03 35.18
CA PHE C 104 -34.35 12.69 34.00
C PHE C 104 -35.49 12.89 33.01
N GLY C 105 -35.24 13.66 31.97
CA GLY C 105 -36.18 13.76 30.87
C GLY C 105 -36.15 15.14 30.24
N THR C 106 -37.14 15.38 29.38
CA THR C 106 -37.30 16.66 28.71
C THR C 106 -38.61 17.35 29.04
N THR C 107 -39.73 16.67 28.84
CA THR C 107 -41.05 17.27 29.05
C THR C 107 -41.67 16.88 30.38
N LEU C 108 -41.48 15.63 30.81
CA LEU C 108 -41.97 15.14 32.10
C LEU C 108 -43.48 15.28 32.22
N ASP C 109 -44.20 14.76 31.22
CA ASP C 109 -45.67 14.75 31.26
C ASP C 109 -46.25 13.44 30.79
N SER C 110 -45.46 12.36 30.79
CA SER C 110 -45.82 11.01 30.36
C SER C 110 -46.11 10.92 28.87
N LYS C 111 -46.03 12.03 28.13
CA LYS C 111 -46.24 11.99 26.69
C LYS C 111 -45.03 11.39 25.97
N THR C 112 -43.83 11.75 26.39
CA THR C 112 -42.59 11.27 25.79
C THR C 112 -41.78 10.48 26.81
N GLN C 113 -40.58 10.07 26.41
CA GLN C 113 -39.78 9.18 27.23
C GLN C 113 -39.26 9.89 28.48
N SER C 114 -39.01 9.10 29.52
CA SER C 114 -38.50 9.61 30.79
C SER C 114 -37.80 8.48 31.52
N LEU C 115 -36.77 8.83 32.30
CA LEU C 115 -35.96 7.86 33.00
C LEU C 115 -35.95 8.15 34.50
N LEU C 116 -35.99 7.09 35.30
CA LEU C 116 -35.95 7.23 36.75
C LEU C 116 -34.90 6.31 37.34
N ILE C 117 -34.18 6.81 38.33
CA ILE C 117 -33.21 6.01 39.09
C ILE C 117 -33.50 6.23 40.57
N VAL C 118 -33.76 5.14 41.30
CA VAL C 118 -34.00 5.21 42.73
C VAL C 118 -33.16 4.15 43.41
N ASN C 119 -32.84 4.37 44.68
CA ASN C 119 -32.17 3.35 45.47
C ASN C 119 -32.90 3.17 46.80
N ASN C 120 -32.43 2.20 47.57
CA ASN C 120 -32.98 1.86 48.87
C ASN C 120 -31.82 1.38 49.76
N ALA C 121 -32.15 0.91 50.95
CA ALA C 121 -31.15 0.28 51.81
C ALA C 121 -30.80 -1.13 51.36
N THR C 122 -31.55 -1.70 50.42
CA THR C 122 -31.35 -3.07 49.97
C THR C 122 -31.04 -3.16 48.49
N ASN C 123 -31.83 -2.50 47.65
CA ASN C 123 -31.78 -2.68 46.21
C ASN C 123 -31.86 -1.32 45.52
N VAL C 124 -31.60 -1.32 44.21
CA VAL C 124 -31.67 -0.14 43.38
C VAL C 124 -32.53 -0.46 42.16
N VAL C 125 -33.24 0.54 41.65
CA VAL C 125 -34.15 0.37 40.53
C VAL C 125 -33.84 1.41 39.47
N ILE C 126 -33.69 0.97 38.22
CA ILE C 126 -33.51 1.84 37.08
C ILE C 126 -34.62 1.52 36.07
N LYS C 127 -35.41 2.53 35.71
CA LYS C 127 -36.55 2.36 34.82
C LYS C 127 -36.49 3.39 33.70
N VAL C 128 -37.00 2.99 32.53
CA VAL C 128 -36.90 3.81 31.33
C VAL C 128 -38.27 4.18 30.75
N CYS C 129 -39.36 3.59 31.26
CA CYS C 129 -40.66 3.82 30.67
C CYS C 129 -41.18 5.22 31.00
N GLU C 130 -42.23 5.61 30.27
CA GLU C 130 -42.67 7.00 30.17
C GLU C 130 -43.46 7.49 31.38
N PHE C 131 -43.77 6.62 32.33
CA PHE C 131 -44.66 7.01 33.42
C PHE C 131 -44.04 8.12 34.25
N GLN C 132 -44.82 9.18 34.48
CA GLN C 132 -44.45 10.31 35.33
C GLN C 132 -45.47 10.33 36.48
N PHE C 133 -45.11 9.64 37.58
CA PHE C 133 -46.09 9.39 38.64
C PHE C 133 -46.41 10.65 39.43
N CYS C 134 -45.41 11.50 39.69
CA CYS C 134 -45.57 12.60 40.62
C CYS C 134 -45.15 13.92 39.98
N ASN C 135 -45.76 15.00 40.46
CA ASN C 135 -45.40 16.36 40.05
C ASN C 135 -44.39 16.99 41.00
N ASP C 136 -44.53 16.74 42.30
CA ASP C 136 -43.56 17.16 43.32
C ASP C 136 -43.12 15.89 44.03
N PRO C 137 -42.12 15.19 43.50
CA PRO C 137 -41.82 13.84 43.97
C PRO C 137 -41.40 13.81 45.44
N PHE C 138 -41.82 12.75 46.12
CA PHE C 138 -41.37 12.45 47.47
C PHE C 138 -41.37 10.94 47.63
N LEU C 139 -40.39 10.43 48.37
CA LEU C 139 -40.24 8.99 48.50
C LEU C 139 -41.36 8.39 49.35
N ASP C 140 -41.78 7.18 48.98
CA ASP C 140 -42.88 6.50 49.65
C ASP C 140 -42.54 6.20 51.12
N ASN C 160 -44.68 -2.51 31.84
CA ASN C 160 -44.57 -2.61 30.40
C ASN C 160 -43.41 -1.78 29.87
N CYS C 161 -42.47 -1.44 30.75
CA CYS C 161 -41.33 -0.63 30.36
C CYS C 161 -40.41 -1.41 29.44
N THR C 162 -39.83 -0.71 28.45
CA THR C 162 -39.00 -1.38 27.46
C THR C 162 -37.70 -1.91 28.06
N PHE C 163 -37.23 -1.30 29.15
CA PHE C 163 -35.98 -1.74 29.77
C PHE C 163 -36.08 -1.50 31.27
N GLU C 164 -35.52 -2.42 32.05
CA GLU C 164 -35.56 -2.36 33.50
C GLU C 164 -34.24 -2.90 34.03
N TYR C 165 -33.86 -2.45 35.23
CA TYR C 165 -32.66 -3.03 35.84
C TYR C 165 -32.71 -2.92 37.35
N VAL C 166 -32.23 -3.97 38.02
CA VAL C 166 -32.02 -3.99 39.45
C VAL C 166 -30.64 -4.60 39.72
N SER C 167 -30.12 -4.35 40.91
CA SER C 167 -28.84 -4.92 41.33
C SER C 167 -29.03 -6.27 42.01
N PHE C 181 -22.81 15.86 58.57
CA PHE C 181 -21.95 16.19 57.43
C PHE C 181 -20.75 15.25 57.39
N LYS C 182 -20.90 14.06 57.99
CA LYS C 182 -19.82 13.10 58.01
C LYS C 182 -19.67 12.37 56.68
N ASN C 183 -20.71 12.37 55.86
CA ASN C 183 -20.72 11.57 54.63
C ASN C 183 -20.54 12.47 53.42
N LEU C 184 -19.55 12.15 52.59
CA LEU C 184 -19.25 12.87 51.37
C LEU C 184 -19.26 11.91 50.19
N ARG C 185 -20.08 12.19 49.18
CA ARG C 185 -20.20 11.33 48.02
C ARG C 185 -20.07 12.15 46.75
N GLU C 186 -19.45 11.57 45.72
CA GLU C 186 -19.25 12.26 44.46
C GLU C 186 -19.74 11.40 43.30
N PHE C 187 -20.41 12.03 42.34
CA PHE C 187 -20.91 11.34 41.15
C PHE C 187 -20.68 12.22 39.93
N VAL C 188 -20.53 11.58 38.77
CA VAL C 188 -20.45 12.25 37.49
C VAL C 188 -21.31 11.48 36.49
N PHE C 189 -22.21 12.20 35.82
CA PHE C 189 -23.09 11.61 34.82
C PHE C 189 -22.69 12.13 33.45
N LYS C 190 -22.46 11.23 32.50
CA LYS C 190 -22.16 11.69 31.14
C LYS C 190 -22.76 10.74 30.11
N ASN C 191 -23.30 11.30 29.04
CA ASN C 191 -23.93 10.50 27.99
C ASN C 191 -23.29 10.84 26.65
N ILE C 192 -22.90 9.81 25.90
CA ILE C 192 -22.31 9.97 24.58
C ILE C 192 -22.77 8.81 23.71
N ASP C 193 -23.25 9.13 22.50
CA ASP C 193 -23.58 8.13 21.49
C ASP C 193 -24.55 7.07 22.02
N GLY C 194 -25.56 7.54 22.76
CA GLY C 194 -26.57 6.66 23.29
C GLY C 194 -26.14 5.84 24.50
N TYR C 195 -24.89 5.98 24.93
CA TYR C 195 -24.40 5.28 26.11
C TYR C 195 -24.38 6.23 27.29
N PHE C 196 -24.95 5.80 28.40
CA PHE C 196 -25.06 6.60 29.62
C PHE C 196 -24.11 6.00 30.64
N LYS C 197 -23.11 6.78 31.05
CA LYS C 197 -22.06 6.31 31.94
C LYS C 197 -22.13 7.06 33.27
N ILE C 198 -22.01 6.29 34.36
CA ILE C 198 -22.06 6.81 35.71
C ILE C 198 -20.72 6.53 36.39
N TYR C 199 -20.08 7.57 36.90
CA TYR C 199 -18.86 7.43 37.70
C TYR C 199 -19.16 7.85 39.14
N SER C 200 -18.61 7.13 40.10
CA SER C 200 -18.92 7.38 41.50
C SER C 200 -17.67 7.25 42.36
N LYS C 201 -17.72 7.90 43.52
CA LYS C 201 -16.62 7.84 44.47
C LYS C 201 -17.14 8.11 45.88
N HIS C 202 -16.66 7.33 46.83
CA HIS C 202 -17.03 7.43 48.24
C HIS C 202 -15.76 7.66 49.03
N THR C 203 -15.72 8.76 49.77
CA THR C 203 -14.58 9.10 50.62
C THR C 203 -15.08 9.96 51.77
N PRO C 204 -15.29 9.38 52.95
CA PRO C 204 -15.83 10.16 54.07
C PRO C 204 -14.74 10.89 54.83
N ILE C 205 -15.10 12.07 55.33
CA ILE C 205 -14.23 12.87 56.18
C ILE C 205 -14.94 13.08 57.51
N ILE C 206 -14.22 12.84 58.61
CA ILE C 206 -14.86 12.85 59.93
C ILE C 206 -14.92 14.27 60.49
N VAL C 207 -13.81 15.00 60.40
CA VAL C 207 -13.65 16.28 61.10
C VAL C 207 -13.17 17.36 60.13
N GLU C 208 -13.13 18.60 60.64
CA GLU C 208 -12.90 19.86 59.93
C GLU C 208 -13.56 19.91 58.55
N PRO C 209 -14.89 19.96 58.49
CA PRO C 209 -15.54 20.24 57.20
C PRO C 209 -15.31 21.66 56.71
N GLU C 210 -15.34 22.64 57.62
CA GLU C 210 -14.97 24.03 57.36
C GLU C 210 -15.88 24.72 56.35
N ARG C 211 -17.08 24.17 56.13
CA ARG C 211 -18.12 24.79 55.30
C ARG C 211 -17.58 25.12 53.90
N ASP C 212 -16.86 24.17 53.32
CA ASP C 212 -16.38 24.29 51.95
C ASP C 212 -15.88 22.92 51.50
N LEU C 213 -15.58 22.81 50.22
CA LEU C 213 -14.96 21.61 49.71
C LEU C 213 -13.52 21.53 50.20
N PRO C 214 -13.11 20.43 50.84
CA PRO C 214 -11.76 20.37 51.40
C PRO C 214 -10.69 20.46 50.32
N GLN C 215 -9.60 21.16 50.64
CA GLN C 215 -8.47 21.22 49.74
C GLN C 215 -7.68 19.92 49.77
N GLY C 216 -7.29 19.45 48.61
CA GLY C 216 -6.59 18.17 48.52
C GLY C 216 -6.69 17.61 47.11
N PHE C 217 -6.78 16.28 47.05
CA PHE C 217 -6.90 15.60 45.77
C PHE C 217 -7.66 14.30 45.95
N SER C 218 -8.23 13.80 44.85
CA SER C 218 -8.99 12.55 44.86
C SER C 218 -9.09 12.02 43.44
N ALA C 219 -9.84 10.95 43.27
CA ALA C 219 -10.03 10.32 41.98
C ALA C 219 -11.38 9.63 41.95
N LEU C 220 -11.84 9.31 40.74
CA LEU C 220 -13.14 8.68 40.53
C LEU C 220 -12.98 7.39 39.73
N GLU C 221 -13.96 6.50 39.88
CA GLU C 221 -13.96 5.19 39.25
C GLU C 221 -15.28 4.95 38.53
N PRO C 222 -15.27 4.11 37.49
CA PRO C 222 -16.51 3.84 36.75
C PRO C 222 -17.31 2.68 37.33
N LEU C 223 -18.63 2.82 37.29
CA LEU C 223 -19.52 1.78 37.82
C LEU C 223 -20.40 1.14 36.76
N VAL C 224 -21.21 1.90 36.04
CA VAL C 224 -22.25 1.32 35.20
C VAL C 224 -22.37 2.10 33.88
N ASP C 225 -22.53 1.35 32.78
CA ASP C 225 -22.87 1.88 31.47
C ASP C 225 -24.19 1.27 31.03
N LEU C 226 -25.09 2.10 30.51
CA LEU C 226 -26.40 1.63 30.09
C LEU C 226 -26.76 2.16 28.70
N PRO C 227 -27.42 1.34 27.88
CA PRO C 227 -27.87 1.77 26.55
C PRO C 227 -29.30 2.31 26.56
N ILE C 228 -29.54 3.36 27.36
CA ILE C 228 -30.90 3.88 27.48
C ILE C 228 -31.35 4.54 26.18
N GLY C 229 -30.43 5.22 25.48
CA GLY C 229 -30.74 5.81 24.20
C GLY C 229 -31.85 6.85 24.21
N ILE C 230 -31.78 7.81 25.13
CA ILE C 230 -32.81 8.83 25.27
C ILE C 230 -32.20 10.19 25.00
N ASN C 231 -32.93 11.02 24.24
CA ASN C 231 -32.60 12.44 24.20
C ASN C 231 -32.90 13.04 25.56
N ILE C 232 -31.93 13.74 26.14
CA ILE C 232 -32.01 14.25 27.49
C ILE C 232 -31.66 15.72 27.51
N THR C 233 -32.42 16.52 28.25
CA THR C 233 -32.11 17.94 28.37
C THR C 233 -32.21 18.45 29.79
N ARG C 234 -33.04 17.82 30.63
CA ARG C 234 -33.30 18.34 31.97
C ARG C 234 -33.37 17.20 32.97
N PHE C 235 -33.16 17.55 34.24
CA PHE C 235 -33.20 16.57 35.32
C PHE C 235 -33.59 17.24 36.62
N GLN C 236 -34.07 16.43 37.56
CA GLN C 236 -34.45 16.87 38.89
C GLN C 236 -33.91 15.89 39.93
N THR C 237 -33.55 16.44 41.08
CA THR C 237 -33.05 15.66 42.20
C THR C 237 -34.21 15.25 43.11
N LEU C 238 -33.92 14.32 44.01
CA LEU C 238 -34.91 13.80 44.95
C LEU C 238 -34.52 14.18 46.38
N LEU C 239 -35.54 14.38 47.21
CA LEU C 239 -35.35 14.69 48.62
C LEU C 239 -35.92 13.56 49.46
N ALA C 240 -35.14 13.09 50.42
CA ALA C 240 -35.53 11.91 51.20
C ALA C 240 -36.71 12.22 52.10
N LEU C 241 -37.76 11.39 51.99
CA LEU C 241 -38.93 11.49 52.85
C LEU C 241 -39.48 10.09 53.08
N HIS C 242 -40.17 9.92 54.20
CA HIS C 242 -40.74 8.62 54.54
C HIS C 242 -42.00 8.34 53.74
N ALA C 260 -27.51 19.12 55.71
CA ALA C 260 -27.09 18.44 54.48
C ALA C 260 -27.23 19.36 53.28
N ALA C 261 -26.37 19.17 52.28
CA ALA C 261 -26.36 20.04 51.11
C ALA C 261 -25.71 19.29 49.95
N TYR C 262 -25.87 19.85 48.75
CA TYR C 262 -25.30 19.27 47.55
C TYR C 262 -24.96 20.36 46.56
N TYR C 263 -23.81 20.19 45.89
CA TYR C 263 -23.31 21.14 44.90
C TYR C 263 -23.38 20.52 43.50
N VAL C 264 -23.63 21.38 42.52
CA VAL C 264 -23.79 20.98 41.12
C VAL C 264 -22.77 21.74 40.29
N GLY C 265 -22.26 21.08 39.24
CA GLY C 265 -21.33 21.74 38.34
C GLY C 265 -21.41 21.18 36.94
N TYR C 266 -21.02 22.02 35.98
CA TYR C 266 -21.08 21.66 34.58
C TYR C 266 -19.74 21.09 34.09
N LEU C 267 -19.71 20.70 32.83
CA LEU C 267 -18.53 20.12 32.20
C LEU C 267 -18.24 20.84 30.89
N GLN C 268 -17.01 20.67 30.42
CA GLN C 268 -16.58 21.25 29.15
C GLN C 268 -15.53 20.34 28.54
N PRO C 269 -15.33 20.39 27.22
CA PRO C 269 -14.25 19.63 26.59
C PRO C 269 -12.91 20.33 26.79
N ARG C 270 -11.95 19.63 27.38
CA ARG C 270 -10.63 20.19 27.66
C ARG C 270 -9.57 19.12 27.43
N THR C 271 -8.34 19.48 27.76
CA THR C 271 -7.19 18.58 27.65
C THR C 271 -6.39 18.66 28.94
N PHE C 272 -6.09 17.51 29.52
CA PHE C 272 -5.38 17.43 30.80
C PHE C 272 -4.08 16.67 30.65
N LEU C 273 -3.16 16.96 31.59
CA LEU C 273 -1.93 16.20 31.76
C LEU C 273 -1.97 15.51 33.12
N LEU C 274 -1.53 14.26 33.15
CA LEU C 274 -1.68 13.41 34.33
C LEU C 274 -0.35 12.75 34.64
N LYS C 275 -0.12 12.49 35.93
CA LYS C 275 1.08 11.79 36.37
C LYS C 275 0.67 10.54 37.13
N TYR C 276 1.11 9.39 36.64
CA TYR C 276 0.85 8.11 37.29
C TYR C 276 2.07 7.73 38.13
N ASN C 277 1.86 7.52 39.42
CA ASN C 277 2.94 7.19 40.33
C ASN C 277 3.28 5.70 40.20
N GLU C 278 4.07 5.19 41.14
CA GLU C 278 4.56 3.81 41.05
C GLU C 278 3.49 2.77 41.41
N ASN C 279 2.34 3.17 41.92
CA ASN C 279 1.32 2.22 42.32
C ASN C 279 0.03 2.35 41.52
N GLY C 280 0.05 3.09 40.42
CA GLY C 280 -1.09 3.17 39.52
C GLY C 280 -2.19 4.12 39.94
N THR C 281 -2.01 4.89 41.01
CA THR C 281 -3.03 5.82 41.47
C THR C 281 -2.65 7.24 41.06
N ILE C 282 -3.58 7.92 40.39
CA ILE C 282 -3.34 9.29 39.98
C ILE C 282 -3.22 10.18 41.20
N THR C 283 -2.15 10.98 41.25
CA THR C 283 -1.95 11.93 42.33
C THR C 283 -1.66 13.35 41.86
N ASP C 284 -1.28 13.56 40.61
CA ASP C 284 -0.92 14.88 40.12
C ASP C 284 -1.57 15.13 38.76
N ALA C 285 -2.31 16.22 38.66
CA ALA C 285 -2.98 16.62 37.44
C ALA C 285 -2.68 18.08 37.14
N VAL C 286 -2.54 18.40 35.86
CA VAL C 286 -2.23 19.75 35.42
C VAL C 286 -3.17 20.13 34.28
N ASP C 287 -3.84 21.27 34.42
CA ASP C 287 -4.67 21.80 33.36
C ASP C 287 -3.79 22.35 32.24
N CYS C 288 -4.36 22.44 31.05
CA CYS C 288 -3.65 22.95 29.88
C CYS C 288 -4.34 24.18 29.30
N ALA C 289 -5.15 24.88 30.11
CA ALA C 289 -5.79 26.10 29.64
C ALA C 289 -5.91 27.20 30.71
N LEU C 290 -5.22 27.08 31.84
CA LEU C 290 -5.45 28.03 32.93
C LEU C 290 -4.70 29.34 32.72
N ASP C 291 -3.37 29.29 32.70
CA ASP C 291 -2.57 30.49 32.49
C ASP C 291 -1.39 30.11 31.60
N PRO C 292 -0.68 31.10 31.04
CA PRO C 292 0.43 30.78 30.14
C PRO C 292 1.47 29.85 30.75
N LEU C 293 1.70 29.92 32.06
CA LEU C 293 2.59 28.98 32.71
C LEU C 293 2.06 27.55 32.54
N SER C 294 0.75 27.37 32.66
CA SER C 294 0.16 26.06 32.45
C SER C 294 0.37 25.60 31.00
N GLU C 295 0.25 26.51 30.04
CA GLU C 295 0.48 26.13 28.65
C GLU C 295 1.93 25.71 28.42
N THR C 296 2.87 26.41 29.03
CA THR C 296 4.27 26.03 28.92
C THR C 296 4.52 24.64 29.51
N LYS C 297 3.94 24.37 30.68
CA LYS C 297 4.04 23.03 31.24
C LYS C 297 3.42 21.99 30.31
N CYS C 298 2.27 22.33 29.71
CA CYS C 298 1.58 21.41 28.82
C CYS C 298 2.42 21.04 27.61
N THR C 299 3.07 22.03 27.01
CA THR C 299 3.88 21.77 25.82
C THR C 299 5.20 21.09 26.16
N LEU C 300 5.85 21.50 27.25
CA LEU C 300 7.16 20.95 27.57
C LEU C 300 7.09 19.50 28.04
N LYS C 301 5.92 19.01 28.43
CA LYS C 301 5.73 17.62 28.86
C LYS C 301 6.55 17.30 30.10
N SER C 302 6.36 18.11 31.15
CA SER C 302 6.98 17.87 32.45
C SER C 302 6.34 18.81 33.45
N PHE C 303 6.90 18.84 34.66
CA PHE C 303 6.40 19.68 35.73
C PHE C 303 7.31 20.87 36.04
N THR C 304 8.61 20.74 35.77
CA THR C 304 9.59 21.75 36.15
C THR C 304 10.07 22.49 34.91
N VAL C 305 10.10 23.82 34.99
CA VAL C 305 10.55 24.67 33.91
C VAL C 305 11.76 25.45 34.38
N GLU C 306 12.84 25.39 33.62
CA GLU C 306 14.03 26.17 33.90
C GLU C 306 13.92 27.54 33.24
N LYS C 307 14.71 28.49 33.74
CA LYS C 307 14.63 29.86 33.23
C LYS C 307 15.04 29.92 31.77
N GLY C 308 14.45 30.85 31.05
CA GLY C 308 14.70 31.00 29.63
C GLY C 308 13.48 31.58 28.94
N ILE C 309 13.39 31.31 27.64
CA ILE C 309 12.29 31.76 26.80
C ILE C 309 11.79 30.60 25.98
N TYR C 310 10.47 30.43 25.90
CA TYR C 310 9.85 29.32 25.19
C TYR C 310 8.76 29.83 24.27
N GLN C 311 8.50 29.05 23.21
CA GLN C 311 7.43 29.33 22.26
C GLN C 311 6.40 28.22 22.37
N THR C 312 5.22 28.54 22.90
CA THR C 312 4.20 27.53 23.12
C THR C 312 3.31 27.33 21.91
N SER C 313 2.66 28.40 21.45
CA SER C 313 1.68 28.25 20.38
C SER C 313 1.35 29.61 19.78
N ASN C 314 0.40 29.58 18.84
CA ASN C 314 -0.14 30.76 18.17
C ASN C 314 -1.63 30.81 18.43
N PHE C 315 -2.13 31.95 18.88
CA PHE C 315 -3.55 32.06 19.20
C PHE C 315 -4.38 32.15 17.93
N ARG C 316 -5.55 31.48 17.94
CA ARG C 316 -6.42 31.42 16.78
C ARG C 316 -7.87 31.51 17.24
N VAL C 317 -8.58 32.55 16.78
CA VAL C 317 -10.00 32.66 17.09
C VAL C 317 -10.78 31.58 16.35
N GLN C 318 -11.85 31.06 17.00
CA GLN C 318 -12.59 29.96 16.41
C GLN C 318 -13.92 30.44 15.83
N PRO C 319 -14.42 29.77 14.79
CA PRO C 319 -15.66 30.22 14.15
C PRO C 319 -16.88 30.00 15.04
N THR C 320 -17.94 30.76 14.73
CA THR C 320 -19.18 30.71 15.51
C THR C 320 -20.42 30.44 14.67
N GLU C 321 -20.53 30.96 13.46
CA GLU C 321 -21.74 30.87 12.66
C GLU C 321 -21.41 30.22 11.32
N SER C 322 -22.45 29.77 10.63
CA SER C 322 -22.33 29.23 9.28
C SER C 322 -23.16 30.07 8.33
N ILE C 323 -22.57 30.46 7.20
CA ILE C 323 -23.20 31.34 6.23
C ILE C 323 -23.20 30.66 4.87
N VAL C 324 -24.35 30.68 4.20
CA VAL C 324 -24.50 30.13 2.86
C VAL C 324 -25.17 31.17 1.99
N ARG C 325 -24.61 31.41 0.80
CA ARG C 325 -25.16 32.38 -0.14
C ARG C 325 -25.34 31.70 -1.50
N PHE C 326 -26.55 31.71 -2.00
CA PHE C 326 -26.93 31.08 -3.26
C PHE C 326 -27.75 32.03 -4.11
N PRO C 327 -27.84 31.77 -5.42
CA PRO C 327 -28.72 32.57 -6.27
C PRO C 327 -30.18 32.41 -5.88
N ASN C 328 -31.02 33.26 -6.47
CA ASN C 328 -32.39 33.47 -6.05
C ASN C 328 -33.43 33.11 -7.12
N ILE C 329 -33.88 31.86 -7.05
CA ILE C 329 -34.99 31.35 -7.84
C ILE C 329 -35.60 30.18 -7.07
N THR C 330 -36.93 30.08 -7.09
CA THR C 330 -37.67 29.11 -6.28
C THR C 330 -38.78 28.45 -7.10
N ASN C 331 -38.44 27.97 -8.29
CA ASN C 331 -39.40 27.31 -9.17
C ASN C 331 -38.97 25.88 -9.45
N LEU C 332 -39.95 24.98 -9.53
CA LEU C 332 -39.71 23.59 -9.91
C LEU C 332 -39.80 23.45 -11.42
N CYS C 333 -39.40 22.27 -11.92
CA CYS C 333 -39.26 22.06 -13.36
C CYS C 333 -39.34 20.57 -13.70
N PRO C 334 -39.34 20.17 -15.00
CA PRO C 334 -39.71 18.80 -15.35
C PRO C 334 -38.66 17.72 -15.13
N PHE C 335 -37.68 17.96 -14.25
CA PHE C 335 -36.75 16.92 -13.83
C PHE C 335 -37.45 15.58 -13.65
N ASP C 336 -38.44 15.54 -12.75
CA ASP C 336 -39.23 14.34 -12.55
C ASP C 336 -39.99 13.96 -13.82
N GLU C 337 -40.55 14.96 -14.52
CA GLU C 337 -41.28 14.70 -15.75
C GLU C 337 -40.36 14.12 -16.83
N VAL C 338 -39.14 14.63 -16.95
CA VAL C 338 -38.17 14.04 -17.86
C VAL C 338 -37.88 12.60 -17.45
N PHE C 339 -37.75 12.37 -16.14
CA PHE C 339 -37.64 10.99 -15.64
C PHE C 339 -38.91 10.20 -15.96
N ASN C 340 -40.08 10.80 -15.71
CA ASN C 340 -41.36 10.13 -15.89
C ASN C 340 -41.92 10.30 -17.30
N ALA C 341 -41.06 10.50 -18.30
CA ALA C 341 -41.52 10.65 -19.66
C ALA C 341 -42.20 9.37 -20.15
N THR C 342 -43.31 9.53 -20.85
CA THR C 342 -44.06 8.38 -21.34
C THR C 342 -43.23 7.57 -22.34
N ARG C 343 -42.53 8.26 -23.23
CA ARG C 343 -41.68 7.62 -24.22
C ARG C 343 -40.25 8.14 -24.10
N PHE C 344 -39.29 7.24 -24.20
CA PHE C 344 -37.88 7.58 -24.11
C PHE C 344 -37.21 7.40 -25.47
N ALA C 345 -36.40 8.39 -25.85
CA ALA C 345 -35.77 8.40 -27.17
C ALA C 345 -34.49 7.57 -27.16
N SER C 346 -33.80 7.58 -28.29
CA SER C 346 -32.56 6.83 -28.47
C SER C 346 -31.37 7.77 -28.37
N VAL C 347 -30.16 7.19 -28.47
CA VAL C 347 -28.94 7.98 -28.39
C VAL C 347 -28.86 8.93 -29.59
N TYR C 348 -29.14 8.41 -30.79
CA TYR C 348 -29.15 9.27 -31.98
C TYR C 348 -30.28 10.28 -31.92
N ALA C 349 -31.36 9.95 -31.20
CA ALA C 349 -32.45 10.90 -30.96
C ALA C 349 -32.07 11.77 -29.75
N TRP C 350 -31.10 12.65 -29.99
CA TRP C 350 -30.56 13.48 -28.92
C TRP C 350 -31.61 14.45 -28.41
N ASN C 351 -31.81 14.47 -27.10
CA ASN C 351 -32.82 15.33 -26.47
C ASN C 351 -32.24 16.00 -25.23
N ARG C 352 -31.05 16.56 -25.37
CA ARG C 352 -30.42 17.28 -24.26
C ARG C 352 -31.28 18.47 -23.86
N LYS C 353 -31.50 18.62 -22.55
CA LYS C 353 -32.34 19.67 -22.00
C LYS C 353 -31.49 20.60 -21.15
N ARG C 354 -31.49 21.89 -21.50
CA ARG C 354 -30.79 22.91 -20.71
C ARG C 354 -31.73 23.40 -19.62
N ILE C 355 -31.75 22.66 -18.52
CA ILE C 355 -32.68 22.96 -17.43
C ILE C 355 -32.21 24.21 -16.71
N SER C 356 -33.11 25.18 -16.58
CA SER C 356 -32.79 26.46 -15.95
C SER C 356 -34.01 26.98 -15.21
N ASN C 357 -33.79 27.98 -14.36
CA ASN C 357 -34.83 28.55 -13.51
C ASN C 357 -35.44 27.46 -12.62
N CYS C 358 -34.58 26.88 -11.78
CA CYS C 358 -34.95 25.72 -10.98
C CYS C 358 -34.28 25.76 -9.62
N VAL C 359 -34.85 25.00 -8.69
CA VAL C 359 -34.16 24.55 -7.50
C VAL C 359 -33.85 23.07 -7.71
N ALA C 360 -32.59 22.70 -7.53
CA ALA C 360 -32.18 21.31 -7.76
C ALA C 360 -32.67 20.44 -6.60
N ASP C 361 -33.99 20.32 -6.46
CA ASP C 361 -34.60 19.57 -5.36
C ASP C 361 -34.43 18.09 -5.65
N TYR C 362 -33.23 17.58 -5.35
CA TYR C 362 -32.96 16.15 -5.52
C TYR C 362 -33.65 15.30 -4.46
N SER C 363 -34.24 15.91 -3.43
CA SER C 363 -34.97 15.14 -2.43
C SER C 363 -36.17 14.44 -3.05
N VAL C 364 -36.98 15.16 -3.82
CA VAL C 364 -38.14 14.53 -4.45
C VAL C 364 -37.70 13.57 -5.54
N LEU C 365 -36.56 13.83 -6.19
CA LEU C 365 -36.02 12.89 -7.15
C LEU C 365 -35.63 11.57 -6.48
N TYR C 366 -35.05 11.66 -5.27
CA TYR C 366 -34.78 10.46 -4.49
C TYR C 366 -36.07 9.77 -4.06
N ASN C 367 -37.09 10.56 -3.71
CA ASN C 367 -38.38 9.98 -3.36
C ASN C 367 -39.07 9.32 -4.55
N LEU C 368 -38.64 9.64 -5.78
CA LEU C 368 -39.23 9.04 -6.96
C LEU C 368 -38.99 7.53 -6.96
N ALA C 369 -40.08 6.77 -7.05
CA ALA C 369 -40.05 5.33 -6.87
C ALA C 369 -39.56 4.55 -8.09
N PRO C 370 -40.12 4.73 -9.29
CA PRO C 370 -39.80 3.79 -10.38
C PRO C 370 -38.33 3.72 -10.73
N PHE C 371 -37.60 4.82 -10.68
CA PHE C 371 -36.19 4.82 -11.07
C PHE C 371 -35.39 4.07 -10.01
N PHE C 372 -34.76 2.96 -10.41
CA PHE C 372 -34.16 2.03 -9.47
C PHE C 372 -32.65 2.20 -9.33
N THR C 373 -31.89 2.06 -10.42
CA THR C 373 -30.44 2.13 -10.33
C THR C 373 -29.98 3.58 -10.35
N PHE C 374 -28.97 3.88 -9.54
CA PHE C 374 -28.54 5.25 -9.31
C PHE C 374 -27.05 5.25 -8.98
N LYS C 375 -26.26 6.03 -9.72
CA LYS C 375 -24.84 6.13 -9.40
C LYS C 375 -24.33 7.47 -9.90
N CYS C 376 -23.21 7.92 -9.33
CA CYS C 376 -22.58 9.16 -9.72
C CYS C 376 -21.08 8.96 -9.88
N TYR C 377 -20.48 9.76 -10.75
CA TYR C 377 -19.05 9.71 -11.02
C TYR C 377 -18.46 11.10 -10.84
N GLY C 378 -17.31 11.16 -10.18
CA GLY C 378 -16.71 12.40 -9.77
C GLY C 378 -17.14 12.86 -8.39
N VAL C 379 -18.39 12.55 -7.99
CA VAL C 379 -18.91 12.87 -6.68
C VAL C 379 -19.56 11.63 -6.10
N SER C 380 -19.72 11.62 -4.78
CA SER C 380 -20.44 10.54 -4.13
C SER C 380 -21.92 10.59 -4.54
N PRO C 381 -22.57 9.42 -4.66
CA PRO C 381 -23.97 9.42 -5.13
C PRO C 381 -24.92 10.23 -4.26
N THR C 382 -24.67 10.34 -2.96
CA THR C 382 -25.61 10.99 -2.06
C THR C 382 -25.34 12.48 -1.90
N LYS C 383 -24.37 13.04 -2.62
CA LYS C 383 -24.01 14.45 -2.46
C LYS C 383 -24.73 15.36 -3.44
N LEU C 384 -25.60 14.82 -4.29
CA LEU C 384 -26.29 15.65 -5.29
C LEU C 384 -27.10 16.77 -4.64
N ASN C 385 -27.60 16.55 -3.42
CA ASN C 385 -28.40 17.56 -2.75
C ASN C 385 -27.57 18.74 -2.25
N ASP C 386 -26.24 18.63 -2.25
CA ASP C 386 -25.38 19.69 -1.75
C ASP C 386 -24.57 20.36 -2.86
N LEU C 387 -25.10 20.42 -4.08
CA LEU C 387 -24.36 20.92 -5.22
C LEU C 387 -25.11 22.05 -5.91
N CYS C 388 -24.35 22.98 -6.47
CA CYS C 388 -24.88 24.05 -7.32
C CYS C 388 -24.22 23.93 -8.70
N PHE C 389 -25.00 24.25 -9.73
CA PHE C 389 -24.55 24.09 -11.11
C PHE C 389 -24.78 25.36 -11.89
N THR C 390 -23.78 25.75 -12.69
CA THR C 390 -23.97 26.86 -13.62
C THR C 390 -24.99 26.49 -14.70
N ASN C 391 -24.89 25.28 -15.24
CA ASN C 391 -25.84 24.78 -16.22
C ASN C 391 -26.15 23.33 -15.92
N VAL C 392 -27.34 22.90 -16.32
CA VAL C 392 -27.80 21.52 -16.11
C VAL C 392 -27.98 20.89 -17.48
N TYR C 393 -27.24 19.82 -17.74
CA TYR C 393 -27.33 19.09 -19.00
C TYR C 393 -27.93 17.72 -18.70
N ALA C 394 -29.17 17.50 -19.16
CA ALA C 394 -29.88 16.26 -18.90
C ALA C 394 -30.14 15.55 -20.22
N ASP C 395 -29.81 14.26 -20.27
CA ASP C 395 -30.02 13.45 -21.47
C ASP C 395 -30.80 12.20 -21.08
N SER C 396 -31.66 11.75 -22.00
CA SER C 396 -32.49 10.57 -21.77
C SER C 396 -32.34 9.60 -22.93
N PHE C 397 -32.04 8.34 -22.61
CA PHE C 397 -31.84 7.30 -23.62
C PHE C 397 -32.46 6.00 -23.13
N VAL C 398 -32.39 4.99 -23.99
CA VAL C 398 -32.75 3.61 -23.67
C VAL C 398 -31.51 2.75 -23.86
N ILE C 399 -31.19 1.94 -22.85
CA ILE C 399 -29.96 1.15 -22.84
C ILE C 399 -30.29 -0.31 -22.57
N ARG C 400 -29.31 -1.17 -22.87
CA ARG C 400 -29.41 -2.60 -22.63
C ARG C 400 -29.02 -2.94 -21.18
N GLY C 401 -29.71 -2.28 -20.26
CA GLY C 401 -29.52 -2.51 -18.84
C GLY C 401 -28.12 -2.22 -18.33
N ASP C 402 -27.41 -3.29 -17.94
CA ASP C 402 -26.07 -3.17 -17.36
C ASP C 402 -25.10 -2.40 -18.25
N GLU C 403 -25.46 -2.18 -19.52
CA GLU C 403 -24.61 -1.41 -20.43
C GLU C 403 -24.49 0.03 -19.98
N VAL C 404 -25.23 0.41 -18.92
CA VAL C 404 -24.97 1.71 -18.29
C VAL C 404 -23.52 1.80 -17.85
N ARG C 405 -22.92 0.69 -17.45
CA ARG C 405 -21.50 0.69 -17.10
C ARG C 405 -20.65 1.13 -18.27
N GLN C 406 -21.04 0.74 -19.49
CA GLN C 406 -20.36 1.26 -20.67
C GLN C 406 -20.60 2.75 -20.84
N ILE C 407 -21.84 3.20 -20.59
CA ILE C 407 -22.14 4.63 -20.62
C ILE C 407 -21.36 5.33 -19.53
N ALA C 408 -21.21 4.68 -18.38
CA ALA C 408 -20.43 5.22 -17.28
C ALA C 408 -18.95 5.21 -17.63
N PRO C 409 -18.15 6.09 -17.02
CA PRO C 409 -16.70 6.03 -17.23
C PRO C 409 -16.12 4.71 -16.76
N GLY C 410 -15.14 4.21 -17.49
CA GLY C 410 -14.51 2.95 -17.14
C GLY C 410 -13.82 2.25 -18.29
N GLN C 411 -13.94 0.93 -18.33
CA GLN C 411 -13.24 0.12 -19.31
C GLN C 411 -13.80 0.37 -20.71
N THR C 412 -12.96 0.11 -21.72
CA THR C 412 -13.35 0.31 -23.10
C THR C 412 -14.33 -0.77 -23.55
N GLY C 413 -15.10 -0.44 -24.58
CA GLY C 413 -16.08 -1.37 -25.12
C GLY C 413 -16.78 -0.74 -26.30
N ASN C 414 -17.68 -1.53 -26.92
CA ASN C 414 -18.40 -1.04 -28.08
C ASN C 414 -19.34 0.09 -27.71
N ILE C 415 -20.18 -0.11 -26.69
CA ILE C 415 -21.13 0.92 -26.29
C ILE C 415 -20.40 2.13 -25.70
N ALA C 416 -19.36 1.88 -24.91
CA ALA C 416 -18.64 2.97 -24.26
C ALA C 416 -17.96 3.88 -25.28
N ASP C 417 -17.38 3.30 -26.33
CA ASP C 417 -16.56 4.09 -27.24
C ASP C 417 -17.33 4.57 -28.47
N TYR C 418 -18.23 3.76 -29.00
CA TYR C 418 -18.86 4.04 -30.29
C TYR C 418 -20.30 4.48 -30.18
N ASN C 419 -20.87 4.52 -28.97
CA ASN C 419 -22.24 5.00 -28.78
C ASN C 419 -22.31 6.22 -27.87
N TYR C 420 -21.72 6.14 -26.68
CA TYR C 420 -21.75 7.24 -25.72
C TYR C 420 -20.57 7.09 -24.77
N LYS C 421 -19.77 8.13 -24.63
CA LYS C 421 -18.57 8.09 -23.82
C LYS C 421 -18.60 9.19 -22.78
N LEU C 422 -17.99 8.91 -21.62
CA LEU C 422 -17.83 9.86 -20.54
C LEU C 422 -16.41 9.70 -20.02
N PRO C 423 -15.65 10.80 -19.91
CA PRO C 423 -14.25 10.69 -19.49
C PRO C 423 -14.12 10.25 -18.04
N ASP C 424 -12.89 9.88 -17.68
CA ASP C 424 -12.63 9.41 -16.32
C ASP C 424 -12.83 10.53 -15.30
N ASP C 425 -12.39 11.74 -15.63
CA ASP C 425 -12.54 12.89 -14.74
C ASP C 425 -13.91 13.55 -14.86
N PHE C 426 -14.86 12.90 -15.51
CA PHE C 426 -16.19 13.48 -15.69
C PHE C 426 -16.93 13.59 -14.36
N THR C 427 -17.64 14.70 -14.19
CA THR C 427 -18.47 14.95 -13.01
C THR C 427 -19.93 14.88 -13.45
N GLY C 428 -20.65 13.89 -12.95
CA GLY C 428 -22.03 13.73 -13.35
C GLY C 428 -22.65 12.52 -12.68
N CYS C 429 -23.84 12.16 -13.14
CA CYS C 429 -24.58 11.05 -12.57
C CYS C 429 -25.35 10.31 -13.65
N VAL C 430 -25.60 9.03 -13.41
CA VAL C 430 -26.39 8.18 -14.29
C VAL C 430 -27.46 7.49 -13.45
N ILE C 431 -28.72 7.61 -13.89
CA ILE C 431 -29.85 7.03 -13.19
C ILE C 431 -30.63 6.22 -14.21
N ALA C 432 -31.26 5.14 -13.77
CA ALA C 432 -31.99 4.29 -14.70
C ALA C 432 -33.16 3.60 -14.02
N TRP C 433 -34.23 3.43 -14.78
CA TRP C 433 -35.43 2.73 -14.36
C TRP C 433 -35.62 1.50 -15.25
N ASN C 434 -35.90 0.36 -14.62
CA ASN C 434 -36.15 -0.87 -15.36
C ASN C 434 -37.42 -0.71 -16.21
N SER C 435 -37.24 -0.64 -17.52
CA SER C 435 -38.34 -0.42 -18.44
C SER C 435 -38.84 -1.71 -19.09
N ASN C 436 -38.36 -2.87 -18.62
CA ASN C 436 -38.85 -4.13 -19.14
C ASN C 436 -40.34 -4.31 -18.85
N LYS C 437 -40.84 -3.67 -17.79
CA LYS C 437 -42.27 -3.74 -17.50
C LYS C 437 -43.09 -2.99 -18.54
N LEU C 438 -42.52 -1.97 -19.16
CA LEU C 438 -43.23 -1.11 -20.10
C LEU C 438 -42.81 -1.31 -21.55
N ASP C 439 -41.50 -1.30 -21.83
CA ASP C 439 -41.02 -1.42 -23.20
C ASP C 439 -41.26 -2.79 -23.81
N SER C 440 -41.59 -3.79 -23.00
CA SER C 440 -41.85 -5.12 -23.54
C SER C 440 -43.11 -5.11 -24.39
N LYS C 441 -43.03 -5.73 -25.56
CA LYS C 441 -44.15 -5.81 -26.49
C LYS C 441 -44.27 -7.23 -27.01
N VAL C 442 -45.36 -7.49 -27.73
CA VAL C 442 -45.60 -8.82 -28.29
C VAL C 442 -44.55 -9.11 -29.35
N SER C 443 -43.97 -10.31 -29.28
CA SER C 443 -42.94 -10.78 -30.22
C SER C 443 -41.69 -9.91 -30.19
N GLY C 444 -41.43 -9.25 -29.07
CA GLY C 444 -40.24 -8.45 -28.91
C GLY C 444 -40.40 -7.03 -29.43
N ASN C 445 -39.43 -6.19 -29.08
CA ASN C 445 -39.39 -4.79 -29.50
C ASN C 445 -38.19 -4.56 -30.39
N TYR C 446 -38.41 -3.93 -31.54
CA TYR C 446 -37.35 -3.70 -32.52
C TYR C 446 -37.27 -2.23 -32.92
N ASN C 447 -37.63 -1.33 -32.00
CA ASN C 447 -37.68 0.09 -32.31
C ASN C 447 -36.39 0.83 -31.96
N TYR C 448 -35.37 0.13 -31.48
CA TYR C 448 -34.13 0.76 -31.08
C TYR C 448 -32.95 0.09 -31.77
N LEU C 449 -31.91 0.88 -32.05
CA LEU C 449 -30.71 0.39 -32.70
C LEU C 449 -29.48 0.86 -31.94
N TYR C 450 -28.43 0.04 -31.98
CA TYR C 450 -27.17 0.34 -31.34
C TYR C 450 -26.03 -0.02 -32.28
N ARG C 451 -24.90 0.67 -32.11
CA ARG C 451 -23.73 0.44 -32.95
C ARG C 451 -22.88 -0.67 -32.36
N LEU C 452 -22.51 -1.64 -33.20
CA LEU C 452 -21.72 -2.78 -32.75
C LEU C 452 -20.23 -2.54 -32.90
N PHE C 453 -19.79 -1.90 -33.98
CA PHE C 453 -18.38 -1.66 -34.22
C PHE C 453 -18.20 -0.30 -34.89
N ARG C 454 -17.02 0.28 -34.69
CA ARG C 454 -16.68 1.56 -35.31
C ARG C 454 -15.17 1.67 -35.40
N LYS C 455 -14.71 2.52 -36.31
CA LYS C 455 -13.28 2.71 -36.54
C LYS C 455 -12.73 3.95 -35.85
N SER C 456 -13.53 4.60 -34.99
CA SER C 456 -13.07 5.76 -34.26
C SER C 456 -13.91 5.92 -32.99
N ASN C 457 -13.26 6.30 -31.91
CA ASN C 457 -13.95 6.55 -30.66
C ASN C 457 -14.73 7.86 -30.74
N LEU C 458 -15.75 7.97 -29.89
CA LEU C 458 -16.61 9.15 -29.85
C LEU C 458 -16.26 9.99 -28.63
N LYS C 459 -16.03 11.27 -28.85
CA LYS C 459 -15.84 12.20 -27.76
C LYS C 459 -17.15 12.41 -27.02
N PRO C 460 -17.11 12.80 -25.74
CA PRO C 460 -18.35 12.92 -24.98
C PRO C 460 -19.31 13.93 -25.58
N PHE C 461 -20.61 13.61 -25.50
CA PHE C 461 -21.69 14.48 -25.94
C PHE C 461 -21.56 14.82 -27.43
N GLU C 462 -21.59 13.79 -28.26
CA GLU C 462 -21.50 13.93 -29.70
C GLU C 462 -22.66 13.22 -30.39
N ARG C 463 -23.17 13.85 -31.45
CA ARG C 463 -24.14 13.24 -32.35
C ARG C 463 -23.53 13.22 -33.75
N ASP C 464 -23.39 12.04 -34.32
CA ASP C 464 -22.71 11.86 -35.60
C ASP C 464 -23.68 11.27 -36.62
N ILE C 465 -23.67 11.83 -37.83
CA ILE C 465 -24.54 11.35 -38.89
C ILE C 465 -23.94 10.22 -39.69
N SER C 466 -22.73 9.79 -39.38
CA SER C 466 -22.06 8.71 -40.10
C SER C 466 -22.65 7.38 -39.66
N THR C 467 -23.70 6.93 -40.34
CA THR C 467 -24.36 5.66 -40.07
C THR C 467 -24.37 4.80 -41.33
N GLU C 468 -23.23 4.75 -42.01
CA GLU C 468 -23.12 4.05 -43.28
C GLU C 468 -22.56 2.64 -43.05
N ILE C 469 -22.25 1.96 -44.15
CA ILE C 469 -21.85 0.56 -44.11
C ILE C 469 -20.33 0.47 -43.94
N TYR C 470 -19.87 -0.70 -43.51
CA TYR C 470 -18.45 -1.01 -43.41
C TYR C 470 -18.11 -2.15 -44.36
N GLN C 471 -16.86 -2.15 -44.84
CA GLN C 471 -16.40 -3.14 -45.81
C GLN C 471 -15.20 -3.89 -45.25
N ALA C 472 -15.12 -5.19 -45.58
CA ALA C 472 -14.03 -6.04 -45.12
C ALA C 472 -13.55 -6.97 -46.22
N GLY C 473 -13.61 -6.54 -47.48
CA GLY C 473 -13.17 -7.37 -48.58
C GLY C 473 -12.98 -6.55 -49.84
N ASN C 474 -12.28 -7.16 -50.79
CA ASN C 474 -12.00 -6.49 -52.07
C ASN C 474 -13.24 -6.38 -52.95
N LYS C 475 -14.23 -7.25 -52.75
CA LYS C 475 -15.41 -7.22 -53.59
C LYS C 475 -16.24 -5.96 -53.33
N PRO C 476 -16.89 -5.43 -54.36
CA PRO C 476 -17.73 -4.23 -54.18
C PRO C 476 -19.06 -4.61 -53.52
N CYS C 477 -19.35 -4.00 -52.39
CA CYS C 477 -20.59 -4.27 -51.66
C CYS C 477 -21.78 -3.52 -52.23
N ASN C 478 -21.55 -2.51 -53.06
CA ASN C 478 -22.61 -1.69 -53.67
C ASN C 478 -23.47 -0.98 -52.62
N GLY C 479 -22.96 -0.83 -51.39
CA GLY C 479 -23.74 -0.21 -50.35
C GLY C 479 -24.83 -1.07 -49.77
N VAL C 480 -24.80 -2.38 -50.01
CA VAL C 480 -25.83 -3.31 -49.54
C VAL C 480 -25.21 -4.22 -48.49
N ALA C 481 -25.92 -4.41 -47.38
CA ALA C 481 -25.43 -5.27 -46.30
C ALA C 481 -25.33 -6.71 -46.76
N GLY C 482 -24.31 -7.39 -46.25
CA GLY C 482 -24.08 -8.78 -46.61
C GLY C 482 -22.82 -9.28 -45.94
N PHE C 483 -22.47 -10.53 -46.24
CA PHE C 483 -21.25 -11.11 -45.69
C PHE C 483 -20.03 -10.36 -46.22
N ASN C 484 -19.09 -10.08 -45.32
CA ASN C 484 -17.93 -9.23 -45.56
C ASN C 484 -18.33 -7.79 -45.88
N CYS C 485 -19.59 -7.44 -45.70
CA CYS C 485 -20.13 -6.10 -45.89
C CYS C 485 -21.05 -5.75 -44.73
N TYR C 486 -20.59 -6.00 -43.50
CA TYR C 486 -21.44 -5.91 -42.33
C TYR C 486 -21.89 -4.47 -42.07
N PHE C 487 -23.04 -4.34 -41.42
CA PHE C 487 -23.66 -3.09 -41.01
C PHE C 487 -23.49 -2.89 -39.50
N PRO C 488 -23.06 -1.71 -39.06
CA PRO C 488 -22.74 -1.52 -37.64
C PRO C 488 -23.95 -1.44 -36.73
N LEU C 489 -25.08 -0.99 -37.24
CA LEU C 489 -26.28 -0.75 -36.44
C LEU C 489 -27.20 -1.96 -36.49
N LYS C 490 -27.55 -2.49 -35.32
CA LYS C 490 -28.47 -3.60 -35.21
C LYS C 490 -29.23 -3.50 -33.89
N SER C 491 -30.38 -4.16 -33.84
CA SER C 491 -31.23 -4.13 -32.66
C SER C 491 -30.88 -5.27 -31.70
N TYR C 492 -31.42 -5.19 -30.49
CA TYR C 492 -31.25 -6.23 -29.48
C TYR C 492 -32.50 -7.04 -29.24
N SER C 493 -33.65 -6.62 -29.75
CA SER C 493 -34.92 -7.35 -29.63
C SER C 493 -35.27 -7.62 -28.17
N PHE C 494 -35.49 -6.54 -27.43
CA PHE C 494 -35.81 -6.64 -26.01
C PHE C 494 -37.08 -7.46 -25.79
N ARG C 495 -37.02 -8.36 -24.82
CA ARG C 495 -38.13 -9.24 -24.48
C ARG C 495 -38.24 -9.35 -22.97
N PRO C 496 -39.43 -9.63 -22.44
CA PRO C 496 -39.60 -9.70 -20.98
C PRO C 496 -38.76 -10.78 -20.31
N THR C 497 -38.49 -11.90 -20.99
CA THR C 497 -37.76 -12.99 -20.38
C THR C 497 -36.28 -12.72 -20.22
N TYR C 498 -35.77 -11.63 -20.78
CA TYR C 498 -34.33 -11.37 -20.76
C TYR C 498 -33.86 -11.04 -19.34
N GLY C 499 -32.55 -11.17 -19.14
CA GLY C 499 -31.93 -10.88 -17.86
C GLY C 499 -31.57 -9.42 -17.70
N VAL C 500 -30.82 -9.14 -16.63
CA VAL C 500 -30.44 -7.77 -16.32
C VAL C 500 -29.57 -7.18 -17.43
N GLY C 501 -28.61 -7.97 -17.91
CA GLY C 501 -27.72 -7.50 -18.97
C GLY C 501 -28.39 -7.32 -20.32
N HIS C 502 -29.61 -7.84 -20.48
CA HIS C 502 -30.34 -7.70 -21.73
C HIS C 502 -31.65 -6.93 -21.62
N GLN C 503 -32.18 -6.73 -20.41
CA GLN C 503 -33.43 -6.02 -20.27
C GLN C 503 -33.29 -4.55 -20.64
N PRO C 504 -34.31 -3.95 -21.24
CA PRO C 504 -34.24 -2.53 -21.58
C PRO C 504 -34.43 -1.65 -20.35
N TYR C 505 -33.63 -0.59 -20.28
CA TYR C 505 -33.67 0.36 -19.18
C TYR C 505 -33.78 1.77 -19.73
N ARG C 506 -34.52 2.62 -19.04
CA ARG C 506 -34.63 4.03 -19.39
C ARG C 506 -33.68 4.82 -18.52
N VAL C 507 -32.72 5.51 -19.15
CA VAL C 507 -31.57 6.08 -18.46
C VAL C 507 -31.58 7.59 -18.64
N VAL C 508 -31.30 8.30 -17.56
CA VAL C 508 -31.07 9.74 -17.57
C VAL C 508 -29.66 10.01 -17.09
N VAL C 509 -28.90 10.76 -17.89
CA VAL C 509 -27.52 11.13 -17.58
C VAL C 509 -27.49 12.63 -17.35
N LEU C 510 -26.93 13.03 -16.21
CA LEU C 510 -26.86 14.43 -15.81
C LEU C 510 -25.40 14.86 -15.77
N SER C 511 -25.09 15.98 -16.44
CA SER C 511 -23.75 16.55 -16.49
C SER C 511 -23.81 18.04 -16.21
N PHE C 512 -22.76 18.54 -15.56
CA PHE C 512 -22.70 19.93 -15.11
C PHE C 512 -21.27 20.42 -15.27
N GLU C 513 -20.96 21.56 -14.65
CA GLU C 513 -19.65 22.18 -14.71
C GLU C 513 -19.06 22.31 -13.30
N LEU C 514 -17.79 22.67 -13.23
CA LEU C 514 -17.08 22.81 -11.96
C LEU C 514 -17.03 24.26 -11.52
N LEU C 515 -18.22 24.78 -11.19
CA LEU C 515 -18.41 26.11 -10.58
C LEU C 515 -17.46 27.17 -11.16
N HIS C 516 -17.42 27.23 -12.49
CA HIS C 516 -16.63 28.25 -13.17
C HIS C 516 -17.33 29.59 -13.24
N ALA C 517 -18.58 29.67 -12.80
CA ALA C 517 -19.38 30.89 -12.90
C ALA C 517 -20.42 30.86 -11.79
N PRO C 518 -21.07 31.98 -11.50
CA PRO C 518 -22.18 31.95 -10.56
C PRO C 518 -23.24 30.97 -11.01
N ALA C 519 -23.77 30.21 -10.04
CA ALA C 519 -24.72 29.15 -10.36
C ALA C 519 -26.06 29.72 -10.79
N THR C 520 -26.73 28.99 -11.68
CA THR C 520 -28.08 29.33 -12.11
C THR C 520 -29.15 28.48 -11.44
N VAL C 521 -28.82 27.24 -11.07
CA VAL C 521 -29.73 26.35 -10.36
C VAL C 521 -28.99 25.77 -9.16
N CYS C 522 -29.58 25.91 -7.97
CA CYS C 522 -29.03 25.35 -6.75
C CYS C 522 -30.07 24.43 -6.12
N GLY C 523 -29.70 23.85 -4.97
CA GLY C 523 -30.55 22.87 -4.33
C GLY C 523 -31.71 23.49 -3.59
N PRO C 524 -32.46 22.64 -2.90
CA PRO C 524 -33.62 23.14 -2.14
C PRO C 524 -33.24 24.07 -1.00
N LYS C 525 -31.98 24.06 -0.56
CA LYS C 525 -31.56 24.93 0.52
C LYS C 525 -31.66 26.39 0.11
N LYS C 526 -32.17 27.23 1.00
CA LYS C 526 -32.33 28.65 0.74
C LYS C 526 -31.13 29.42 1.23
N SER C 527 -30.88 30.57 0.59
CA SER C 527 -29.78 31.43 1.02
C SER C 527 -30.11 32.10 2.36
N THR C 528 -29.06 32.46 3.08
CA THR C 528 -29.18 33.10 4.37
C THR C 528 -28.52 34.48 4.34
N ASN C 529 -28.81 35.28 5.36
CA ASN C 529 -28.23 36.62 5.44
C ASN C 529 -26.73 36.51 5.77
N LEU C 530 -25.98 37.53 5.37
CA LEU C 530 -24.53 37.53 5.47
C LEU C 530 -24.07 38.32 6.69
N VAL C 531 -23.15 37.74 7.46
CA VAL C 531 -22.55 38.38 8.63
C VAL C 531 -21.14 38.81 8.27
N LYS C 532 -20.70 39.93 8.84
CA LYS C 532 -19.42 40.52 8.48
C LYS C 532 -18.60 40.83 9.73
N ASN C 533 -17.28 40.94 9.53
CA ASN C 533 -16.34 41.31 10.58
C ASN C 533 -16.36 40.33 11.75
N LYS C 534 -16.50 39.04 11.43
CA LYS C 534 -16.49 37.99 12.44
C LYS C 534 -16.20 36.67 11.74
N CYS C 535 -15.10 36.02 12.12
CA CYS C 535 -14.64 34.88 11.33
C CYS C 535 -15.53 33.66 11.57
N VAL C 536 -16.03 33.10 10.46
CA VAL C 536 -17.03 32.05 10.47
C VAL C 536 -16.76 31.10 9.32
N ASN C 537 -17.62 30.08 9.20
CA ASN C 537 -17.57 29.16 8.07
C ASN C 537 -18.56 29.63 7.00
N PHE C 538 -18.07 29.79 5.77
CA PHE C 538 -18.85 30.37 4.69
C PHE C 538 -18.79 29.48 3.46
N ASN C 539 -19.83 29.60 2.62
CA ASN C 539 -19.90 28.90 1.35
C ASN C 539 -20.47 29.86 0.31
N PHE C 540 -19.64 30.18 -0.68
CA PHE C 540 -20.01 31.10 -1.77
C PHE C 540 -20.00 30.34 -3.08
N ASN C 541 -21.20 30.05 -3.61
CA ASN C 541 -21.35 29.43 -4.92
C ASN C 541 -20.61 28.09 -5.00
N GLY C 542 -20.64 27.32 -3.91
CA GLY C 542 -19.95 26.06 -3.84
C GLY C 542 -18.52 26.12 -3.36
N LEU C 543 -17.99 27.33 -3.13
CA LEU C 543 -16.63 27.49 -2.62
C LEU C 543 -16.71 27.60 -1.09
N LYS C 544 -16.13 26.62 -0.41
CA LYS C 544 -16.18 26.57 1.05
C LYS C 544 -14.92 27.17 1.65
N GLY C 545 -15.09 27.81 2.80
CA GLY C 545 -13.93 28.38 3.48
C GLY C 545 -14.31 28.79 4.89
N THR C 546 -13.28 29.21 5.64
CA THR C 546 -13.47 29.72 6.99
C THR C 546 -12.54 30.90 7.22
N GLY C 547 -13.05 31.92 7.89
CA GLY C 547 -12.23 33.05 8.26
C GLY C 547 -13.06 34.32 8.34
N VAL C 548 -12.34 35.44 8.35
CA VAL C 548 -12.94 36.77 8.43
C VAL C 548 -13.22 37.26 7.01
N LEU C 549 -14.44 37.73 6.79
CA LEU C 549 -14.83 38.37 5.54
C LEU C 549 -15.02 39.85 5.80
N THR C 550 -14.26 40.68 5.09
CA THR C 550 -14.28 42.12 5.28
C THR C 550 -14.44 42.82 3.94
N GLU C 551 -14.51 44.15 4.00
CA GLU C 551 -14.61 44.96 2.80
C GLU C 551 -13.30 44.91 2.01
N SER C 552 -13.32 45.49 0.81
CA SER C 552 -12.18 45.47 -0.08
C SER C 552 -12.14 46.73 -0.91
N ASN C 553 -10.95 47.05 -1.42
CA ASN C 553 -10.75 48.18 -2.32
C ASN C 553 -10.16 47.75 -3.65
N LYS C 554 -10.20 46.47 -3.98
CA LYS C 554 -9.62 45.94 -5.22
C LYS C 554 -10.55 46.27 -6.39
N LYS C 555 -10.26 45.67 -7.55
CA LYS C 555 -11.08 45.86 -8.73
C LYS C 555 -10.94 44.64 -9.62
N PHE C 556 -12.04 43.94 -9.84
CA PHE C 556 -12.08 42.83 -10.80
C PHE C 556 -12.50 43.34 -12.18
N LEU C 557 -12.12 42.56 -13.19
CA LEU C 557 -12.68 42.75 -14.51
C LEU C 557 -14.13 42.25 -14.51
N PRO C 558 -14.93 42.67 -15.48
CA PRO C 558 -16.36 42.31 -15.44
C PRO C 558 -16.63 40.81 -15.38
N PHE C 559 -15.71 39.98 -15.87
CA PHE C 559 -15.96 38.55 -15.94
C PHE C 559 -15.27 37.75 -14.84
N GLN C 560 -14.12 38.19 -14.35
CA GLN C 560 -13.38 37.42 -13.36
C GLN C 560 -14.15 37.32 -12.06
N GLN C 561 -14.13 36.13 -11.46
CA GLN C 561 -14.97 35.81 -10.29
C GLN C 561 -14.19 35.82 -8.98
N PHE C 562 -13.06 35.11 -8.91
CA PHE C 562 -12.33 34.92 -7.67
C PHE C 562 -10.92 35.47 -7.79
N GLY C 563 -10.41 35.97 -6.66
CA GLY C 563 -9.03 36.42 -6.58
C GLY C 563 -8.16 35.35 -5.94
N ARG C 564 -7.09 34.98 -6.65
CA ARG C 564 -6.18 33.95 -6.20
C ARG C 564 -4.84 34.60 -5.84
N ASP C 565 -4.27 34.20 -4.70
CA ASP C 565 -3.03 34.76 -4.23
C ASP C 565 -1.85 33.87 -4.62
N ILE C 566 -0.68 34.16 -4.07
CA ILE C 566 0.54 33.44 -4.45
C ILE C 566 0.41 31.95 -4.11
N ALA C 567 -0.12 31.65 -2.94
CA ALA C 567 -0.23 30.27 -2.46
C ALA C 567 -1.41 29.52 -3.06
N ASP C 568 -2.01 30.05 -4.14
CA ASP C 568 -3.13 29.41 -4.82
C ASP C 568 -4.31 29.18 -3.89
N THR C 569 -4.53 30.11 -2.96
CA THR C 569 -5.69 30.07 -2.08
C THR C 569 -6.50 31.35 -2.27
N THR C 570 -7.82 31.17 -2.36
CA THR C 570 -8.70 32.30 -2.69
C THR C 570 -8.71 33.33 -1.58
N ASP C 571 -8.60 34.60 -1.96
CA ASP C 571 -8.62 35.71 -1.01
C ASP C 571 -9.62 36.80 -1.34
N ALA C 572 -10.07 36.91 -2.60
CA ALA C 572 -11.06 37.90 -2.98
C ALA C 572 -12.21 37.18 -3.68
N VAL C 573 -13.43 37.40 -3.21
CA VAL C 573 -14.60 36.69 -3.72
C VAL C 573 -15.64 37.71 -4.19
N ARG C 574 -16.36 37.35 -5.24
CA ARG C 574 -17.44 38.20 -5.75
C ARG C 574 -18.78 37.69 -5.24
N ASP C 575 -19.63 38.61 -4.82
CA ASP C 575 -20.93 38.24 -4.28
C ASP C 575 -21.79 37.59 -5.37
N PRO C 576 -22.50 36.51 -5.06
CA PRO C 576 -23.31 35.83 -6.07
C PRO C 576 -24.56 36.60 -6.46
N GLN C 577 -24.92 37.66 -5.76
CA GLN C 577 -26.15 38.38 -6.04
C GLN C 577 -25.97 39.89 -6.18
N THR C 578 -24.75 40.40 -6.08
CA THR C 578 -24.49 41.81 -6.31
C THR C 578 -23.03 41.99 -6.71
N LEU C 579 -22.73 43.17 -7.27
CA LEU C 579 -21.39 43.46 -7.80
C LEU C 579 -20.56 44.15 -6.72
N GLU C 580 -19.96 43.34 -5.86
CA GLU C 580 -19.02 43.83 -4.86
C GLU C 580 -17.98 42.75 -4.60
N ILE C 581 -16.85 43.16 -4.03
CA ILE C 581 -15.72 42.27 -3.79
C ILE C 581 -15.48 42.19 -2.29
N LEU C 582 -15.28 40.97 -1.79
CA LEU C 582 -15.15 40.70 -0.37
C LEU C 582 -13.79 40.06 -0.11
N ASP C 583 -13.11 40.53 0.93
CA ASP C 583 -11.75 40.10 1.27
C ASP C 583 -11.79 39.02 2.36
N ILE C 584 -10.89 38.04 2.24
CA ILE C 584 -10.78 36.95 3.19
C ILE C 584 -9.47 37.08 3.94
N THR C 585 -9.53 37.01 5.27
CA THR C 585 -8.33 37.02 6.10
C THR C 585 -8.63 36.14 7.29
N PRO C 586 -7.77 35.16 7.59
CA PRO C 586 -8.08 34.20 8.67
C PRO C 586 -8.27 34.90 10.01
N CYS C 587 -8.81 34.14 10.97
CA CYS C 587 -9.05 34.68 12.31
C CYS C 587 -7.75 35.20 12.90
N SER C 588 -7.89 36.14 13.83
CA SER C 588 -6.73 36.81 14.41
C SER C 588 -5.75 35.80 14.98
N PHE C 589 -4.47 35.97 14.63
CA PHE C 589 -3.45 35.00 15.00
C PHE C 589 -2.16 35.73 15.35
N GLY C 590 -1.34 35.06 16.15
CA GLY C 590 -0.10 35.62 16.63
C GLY C 590 0.57 34.69 17.61
N GLY C 591 1.91 34.63 17.58
CA GLY C 591 2.63 33.73 18.45
C GLY C 591 2.78 34.32 19.84
N VAL C 592 2.58 33.46 20.84
CA VAL C 592 2.72 33.85 22.25
C VAL C 592 4.00 33.24 22.79
N SER C 593 4.77 34.06 23.51
CA SER C 593 6.01 33.61 24.12
C SER C 593 5.96 33.90 25.61
N VAL C 594 6.46 32.95 26.40
CA VAL C 594 6.42 33.03 27.86
C VAL C 594 7.81 33.34 28.36
N ILE C 595 7.92 34.36 29.20
CA ILE C 595 9.19 34.70 29.86
C ILE C 595 9.00 34.46 31.35
N THR C 596 9.88 33.64 31.93
CA THR C 596 9.78 33.29 33.33
C THR C 596 11.13 32.95 33.93
N PRO C 597 11.38 33.34 35.17
CA PRO C 597 12.56 32.83 35.86
C PRO C 597 12.34 31.40 36.28
N GLY C 598 13.30 30.81 36.98
CA GLY C 598 13.20 29.41 37.39
C GLY C 598 11.97 29.11 38.24
N THR C 599 11.27 28.03 37.88
CA THR C 599 10.08 27.66 38.64
C THR C 599 10.42 27.31 40.08
N ASN C 600 11.65 26.83 40.32
CA ASN C 600 12.07 26.49 41.68
C ASN C 600 12.17 27.71 42.58
N THR C 601 12.16 28.92 42.02
CA THR C 601 12.34 30.14 42.80
C THR C 601 11.06 30.93 43.00
N SER C 602 10.28 31.17 41.96
CA SER C 602 9.12 32.04 42.07
C SER C 602 8.00 31.49 41.18
N ASN C 603 6.98 32.31 40.94
CA ASN C 603 5.83 31.88 40.15
C ASN C 603 5.30 32.93 39.20
N GLN C 604 5.91 34.11 39.11
CA GLN C 604 5.41 35.14 38.22
C GLN C 604 5.71 34.76 36.77
N VAL C 605 5.02 35.42 35.83
CA VAL C 605 5.23 35.18 34.41
C VAL C 605 5.11 36.50 33.67
N ALA C 606 5.63 36.53 32.45
CA ALA C 606 5.43 37.66 31.55
C ALA C 606 5.16 37.12 30.15
N VAL C 607 4.44 37.90 29.35
CA VAL C 607 4.04 37.40 28.04
C VAL C 607 4.54 38.37 26.97
N LEU C 608 4.91 37.80 25.83
CA LEU C 608 5.33 38.57 24.67
C LEU C 608 4.50 38.13 23.46
N TYR C 609 3.81 39.09 22.85
CA TYR C 609 3.06 38.83 21.62
C TYR C 609 3.95 39.18 20.44
N GLN C 610 4.09 38.25 19.49
CA GLN C 610 5.09 38.37 18.45
C GLN C 610 4.61 39.27 17.32
N GLY C 611 5.26 40.42 17.17
CA GLY C 611 5.11 41.24 15.97
C GLY C 611 3.70 41.72 15.68
N VAL C 612 2.98 42.18 16.68
CA VAL C 612 1.64 42.72 16.50
C VAL C 612 1.49 43.98 17.33
N ASN C 613 0.85 44.98 16.76
CA ASN C 613 0.51 46.19 17.51
C ASN C 613 -0.52 45.82 18.58
N CYS C 614 -0.09 45.78 19.84
CA CYS C 614 -0.92 45.16 20.87
C CYS C 614 -2.10 46.02 21.30
N THR C 615 -2.44 47.06 20.56
CA THR C 615 -3.79 47.61 20.64
C THR C 615 -4.81 46.63 20.09
N GLU C 616 -4.39 45.72 19.21
CA GLU C 616 -5.26 44.67 18.70
C GLU C 616 -5.48 43.56 19.72
N VAL C 617 -4.54 43.36 20.63
CA VAL C 617 -4.57 42.28 21.61
C VAL C 617 -5.90 42.23 22.37
N PRO C 618 -6.47 43.38 22.81
CA PRO C 618 -7.76 43.31 23.52
C PRO C 618 -8.89 42.59 22.78
N VAL C 619 -8.66 42.20 21.52
CA VAL C 619 -9.65 41.41 20.80
C VAL C 619 -9.91 40.10 21.54
N ALA C 620 -8.86 39.45 22.04
CA ALA C 620 -9.02 38.22 22.79
C ALA C 620 -9.84 38.48 24.06
N ILE C 621 -10.83 37.63 24.30
CA ILE C 621 -11.74 37.78 25.42
C ILE C 621 -11.97 36.40 26.05
N HIS C 622 -12.04 36.37 27.39
CA HIS C 622 -12.15 35.10 28.11
C HIS C 622 -13.42 34.35 27.71
N ALA C 623 -14.54 35.05 27.62
CA ALA C 623 -15.79 34.42 27.24
C ALA C 623 -15.95 34.26 25.74
N ASP C 624 -15.08 34.87 24.94
CA ASP C 624 -15.17 34.77 23.50
C ASP C 624 -14.69 33.39 23.04
N GLN C 625 -15.16 32.99 21.85
CA GLN C 625 -14.84 31.68 21.29
C GLN C 625 -13.37 31.67 20.88
N LEU C 626 -12.54 31.05 21.72
CA LEU C 626 -11.09 31.11 21.58
C LEU C 626 -10.47 30.14 22.58
N THR C 627 -9.34 29.53 22.20
CA THR C 627 -8.69 28.59 23.09
C THR C 627 -7.87 29.31 24.17
N PRO C 628 -6.93 30.22 23.84
CA PRO C 628 -6.27 31.00 24.89
C PRO C 628 -7.10 32.22 25.26
N THR C 629 -7.60 32.23 26.49
CA THR C 629 -8.58 33.23 26.94
C THR C 629 -8.19 33.80 28.30
N TRP C 630 -6.94 34.23 28.43
CA TRP C 630 -6.47 34.79 29.69
C TRP C 630 -6.92 36.25 29.82
N ARG C 631 -7.21 36.66 31.05
CA ARG C 631 -7.89 37.92 31.28
C ARG C 631 -6.93 39.10 31.43
N VAL C 632 -6.05 39.06 32.43
CA VAL C 632 -5.28 40.24 32.80
C VAL C 632 -4.28 40.59 31.71
N TYR C 633 -3.64 39.58 31.11
CA TYR C 633 -2.62 39.87 30.10
C TYR C 633 -3.22 40.41 28.81
N SER C 634 -4.52 40.24 28.58
CA SER C 634 -5.14 40.84 27.41
C SER C 634 -5.16 42.36 27.51
N THR C 635 -5.55 42.88 28.66
CA THR C 635 -5.56 44.31 28.89
C THR C 635 -4.18 44.77 29.34
N GLY C 636 -4.06 46.03 29.75
CA GLY C 636 -2.78 46.58 30.12
C GLY C 636 -2.78 47.56 31.28
N SER C 637 -1.95 47.28 32.28
CA SER C 637 -1.65 48.25 33.33
C SER C 637 -0.24 48.80 33.22
N ASN C 638 0.66 48.06 32.59
CA ASN C 638 2.03 48.52 32.32
C ASN C 638 2.54 47.71 31.14
N VAL C 639 2.62 48.33 29.97
CA VAL C 639 2.92 47.63 28.73
C VAL C 639 4.11 48.28 28.04
N PHE C 640 4.79 47.52 27.19
CA PHE C 640 5.92 48.04 26.46
C PHE C 640 5.85 47.56 25.01
N GLN C 641 6.47 48.33 24.12
CA GLN C 641 6.46 48.04 22.69
C GLN C 641 7.89 47.90 22.20
N THR C 642 8.17 46.80 21.50
CA THR C 642 9.49 46.56 20.94
C THR C 642 9.33 46.27 19.45
N ARG C 643 10.44 46.41 18.72
CA ARG C 643 10.40 46.11 17.29
C ARG C 643 10.03 44.66 17.03
N ALA C 644 10.14 43.79 18.03
CA ALA C 644 9.75 42.40 17.88
C ALA C 644 8.32 42.11 18.27
N GLY C 645 7.61 43.05 18.87
CA GLY C 645 6.23 42.83 19.24
C GLY C 645 5.85 43.67 20.46
N CYS C 646 5.03 43.08 21.32
CA CYS C 646 4.55 43.80 22.49
C CYS C 646 4.78 42.96 23.74
N LEU C 647 5.20 43.63 24.82
CA LEU C 647 5.56 42.97 26.07
C LEU C 647 4.59 43.38 27.17
N ILE C 648 4.00 42.38 27.83
CA ILE C 648 3.04 42.60 28.90
C ILE C 648 3.51 41.89 30.16
N GLY C 649 3.37 42.57 31.29
CA GLY C 649 3.77 42.04 32.57
C GLY C 649 5.10 42.54 33.10
N ALA C 650 5.80 43.36 32.33
CA ALA C 650 7.13 43.84 32.71
C ALA C 650 7.08 45.30 33.15
N GLU C 651 8.10 45.69 33.91
CA GLU C 651 8.25 47.04 34.43
C GLU C 651 9.56 47.61 33.91
N TYR C 652 9.50 48.80 33.31
CA TYR C 652 10.67 49.38 32.67
C TYR C 652 11.53 50.14 33.68
N VAL C 653 12.84 49.99 33.54
CA VAL C 653 13.81 50.67 34.39
C VAL C 653 14.95 51.19 33.50
N ASN C 654 15.41 52.41 33.81
CA ASN C 654 16.45 53.04 32.99
C ASN C 654 17.86 52.61 33.36
N ASN C 655 18.08 52.12 34.58
CA ASN C 655 19.41 51.67 34.97
C ASN C 655 19.83 50.47 34.14
N SER C 656 21.07 50.49 33.67
CA SER C 656 21.56 49.51 32.72
C SER C 656 22.43 48.47 33.41
N TYR C 657 22.20 47.20 33.08
CA TYR C 657 22.96 46.09 33.63
C TYR C 657 23.33 45.14 32.52
N GLU C 658 24.34 44.32 32.77
CA GLU C 658 24.73 43.27 31.83
C GLU C 658 23.64 42.20 31.84
N CYS C 659 22.88 42.10 30.76
CA CYS C 659 21.64 41.35 30.78
C CYS C 659 21.86 39.85 30.67
N ASP C 660 20.91 39.09 31.22
CA ASP C 660 21.03 37.65 31.39
C ASP C 660 20.28 36.84 30.34
N ILE C 661 19.02 37.18 30.05
CA ILE C 661 18.26 36.41 29.06
C ILE C 661 17.84 37.33 27.92
N PRO C 662 17.82 36.85 26.69
CA PRO C 662 17.52 37.71 25.55
C PRO C 662 16.06 37.73 25.16
N ILE C 663 15.65 38.82 24.52
CA ILE C 663 14.31 38.94 23.96
C ILE C 663 14.40 39.33 22.49
N GLY C 664 15.04 40.45 22.20
CA GLY C 664 15.17 40.94 20.85
C GLY C 664 15.31 42.44 20.83
N ALA C 665 15.78 42.95 19.69
CA ALA C 665 15.93 44.39 19.46
C ALA C 665 16.71 45.05 20.59
N GLY C 666 17.66 44.31 21.16
CA GLY C 666 18.46 44.84 22.25
C GLY C 666 17.71 45.09 23.54
N ILE C 667 16.77 44.23 23.90
CA ILE C 667 16.04 44.32 25.17
C ILE C 667 16.21 43.01 25.92
N CYS C 668 16.50 43.10 27.22
CA CYS C 668 16.65 41.91 28.04
C CYS C 668 15.84 42.02 29.32
N ALA C 669 15.47 40.87 29.86
CA ALA C 669 14.69 40.77 31.08
C ALA C 669 15.50 40.08 32.16
N SER C 670 15.12 40.34 33.41
CA SER C 670 15.84 39.78 34.54
C SER C 670 14.93 39.84 35.76
N TYR C 671 15.39 39.18 36.83
CA TYR C 671 14.63 39.06 38.07
C TYR C 671 15.52 39.48 39.22
N GLN C 672 15.16 40.58 39.88
CA GLN C 672 15.95 41.09 40.99
C GLN C 672 15.06 41.82 41.96
N THR C 673 15.54 41.97 43.19
CA THR C 673 14.78 42.58 44.28
C THR C 673 14.74 44.10 44.06
N GLN C 674 13.78 44.53 43.25
CA GLN C 674 13.64 45.96 42.98
C GLN C 674 12.96 46.68 44.15
N THR C 675 11.73 46.29 44.46
CA THR C 675 10.99 46.88 45.56
C THR C 675 9.83 45.97 45.99
N SER C 686 8.16 41.82 47.15
CA SER C 686 9.32 42.68 47.32
C SER C 686 10.21 42.65 46.10
N GLN C 687 9.76 41.94 45.05
CA GLN C 687 10.55 41.80 43.84
C GLN C 687 9.63 41.46 42.68
N SER C 688 10.01 41.93 41.49
CA SER C 688 9.26 41.67 40.27
C SER C 688 10.21 41.78 39.09
N ILE C 689 9.82 41.17 37.98
CA ILE C 689 10.68 41.08 36.82
C ILE C 689 10.84 42.45 36.15
N ILE C 690 12.00 42.67 35.56
CA ILE C 690 12.38 43.97 35.00
C ILE C 690 12.92 43.76 33.59
N ALA C 691 12.65 44.72 32.71
CA ALA C 691 13.18 44.72 31.35
C ALA C 691 13.96 46.00 31.11
N TYR C 692 15.07 45.90 30.39
CA TYR C 692 15.91 47.07 30.14
C TYR C 692 16.71 46.89 28.87
N THR C 693 17.24 48.01 28.38
CA THR C 693 18.15 48.01 27.24
C THR C 693 19.53 47.55 27.67
N MET C 694 20.24 46.88 26.76
CA MET C 694 21.53 46.31 27.11
C MET C 694 22.55 47.40 27.43
N SER C 695 23.52 47.04 28.26
CA SER C 695 24.64 47.90 28.59
C SER C 695 25.87 47.39 27.85
N LEU C 696 26.47 48.26 27.02
CA LEU C 696 27.57 47.81 26.18
C LEU C 696 28.78 47.41 27.01
N GLY C 697 29.14 48.22 28.00
CA GLY C 697 30.28 47.93 28.83
C GLY C 697 30.82 49.21 29.45
N ALA C 698 31.76 49.02 30.37
CA ALA C 698 32.39 50.16 31.03
C ALA C 698 33.24 50.94 30.04
N GLU C 699 33.35 52.24 30.29
CA GLU C 699 34.07 53.14 29.38
C GLU C 699 35.31 53.71 30.06
N ASN C 700 36.22 54.21 29.24
CA ASN C 700 37.48 54.76 29.68
C ASN C 700 37.89 55.88 28.73
N SER C 701 39.15 56.31 28.82
CA SER C 701 39.68 57.32 27.92
C SER C 701 41.20 57.20 27.89
N VAL C 702 41.78 57.73 26.81
CA VAL C 702 43.22 57.64 26.58
C VAL C 702 43.77 59.05 26.38
N ALA C 703 44.85 59.36 27.09
CA ALA C 703 45.45 60.69 27.03
C ALA C 703 46.53 60.72 25.94
N TYR C 704 46.06 60.91 24.71
CA TYR C 704 46.99 61.02 23.58
C TYR C 704 47.80 62.30 23.69
N SER C 705 49.03 62.26 23.19
CA SER C 705 49.90 63.43 23.23
C SER C 705 50.89 63.35 22.08
N ASN C 706 51.69 64.41 21.95
CA ASN C 706 52.70 64.45 20.91
C ASN C 706 53.94 63.65 21.28
N ASN C 707 54.42 63.79 22.51
CA ASN C 707 55.71 63.24 22.91
C ASN C 707 55.66 62.65 24.32
N SER C 708 54.64 61.85 24.59
CA SER C 708 54.49 61.21 25.89
C SER C 708 54.38 59.70 25.74
N ILE C 709 54.98 58.96 26.67
CA ILE C 709 54.95 57.50 26.65
C ILE C 709 54.60 57.00 28.03
N ALA C 710 54.22 55.73 28.10
CA ALA C 710 53.90 55.09 29.36
C ALA C 710 54.51 53.70 29.38
N ILE C 711 55.18 53.34 30.47
CA ILE C 711 55.78 52.01 30.54
C ILE C 711 55.49 51.34 31.86
N PRO C 712 55.43 50.01 31.91
CA PRO C 712 55.12 49.31 33.16
C PRO C 712 56.36 49.16 34.03
N THR C 713 56.12 48.76 35.28
CA THR C 713 57.20 48.63 36.26
C THR C 713 57.13 47.37 37.11
N ASN C 714 56.08 46.56 37.02
CA ASN C 714 55.95 45.38 37.86
C ASN C 714 54.97 44.43 37.18
N PHE C 715 55.14 43.14 37.43
CA PHE C 715 54.49 42.11 36.65
C PHE C 715 53.72 41.14 37.55
N THR C 716 52.72 40.48 36.97
CA THR C 716 51.91 39.50 37.67
C THR C 716 51.70 38.29 36.78
N ILE C 717 51.36 37.16 37.40
CA ILE C 717 51.23 35.88 36.72
C ILE C 717 49.85 35.31 36.99
N SER C 718 49.19 34.82 35.95
CA SER C 718 47.83 34.28 36.07
C SER C 718 47.75 32.91 35.41
N VAL C 719 46.67 32.19 35.71
CA VAL C 719 46.38 30.90 35.10
C VAL C 719 44.91 30.86 34.71
N THR C 720 44.63 30.27 33.54
CA THR C 720 43.27 30.20 33.03
C THR C 720 42.95 28.79 32.55
N THR C 721 41.65 28.51 32.44
CA THR C 721 41.14 27.18 32.15
C THR C 721 40.33 27.19 30.87
N GLU C 722 40.51 26.15 30.05
CA GLU C 722 39.71 25.98 28.84
C GLU C 722 39.29 24.53 28.71
N ILE C 723 38.12 24.30 28.11
CA ILE C 723 37.53 22.97 28.01
C ILE C 723 37.14 22.68 26.57
N LEU C 724 37.35 21.43 26.13
CA LEU C 724 36.98 21.04 24.76
C LEU C 724 36.51 19.60 24.66
N PRO C 725 35.42 19.34 23.94
CA PRO C 725 34.99 17.96 23.71
C PRO C 725 35.83 17.30 22.63
N VAL C 726 35.87 15.97 22.68
CA VAL C 726 36.76 15.22 21.79
C VAL C 726 36.07 14.07 21.06
N SER C 727 34.96 13.52 21.54
CA SER C 727 34.29 12.43 20.85
C SER C 727 32.85 12.34 21.34
N MET C 728 32.11 11.40 20.78
CA MET C 728 30.72 11.16 21.16
C MET C 728 30.50 9.68 21.34
N THR C 729 29.43 9.34 22.07
CA THR C 729 29.16 7.95 22.40
C THR C 729 28.82 7.14 21.15
N LYS C 730 29.25 5.88 21.15
CA LYS C 730 29.02 4.98 20.04
C LYS C 730 27.66 4.31 20.19
N THR C 731 27.08 3.89 19.06
CA THR C 731 25.74 3.34 19.08
C THR C 731 25.57 2.31 17.97
N SER C 732 24.52 1.49 18.10
CA SER C 732 24.22 0.49 17.09
C SER C 732 22.73 0.13 17.16
N VAL C 733 22.19 -0.23 16.00
CA VAL C 733 20.78 -0.56 15.87
C VAL C 733 20.64 -1.86 15.08
N ASP C 734 19.53 -2.54 15.30
CA ASP C 734 19.21 -3.79 14.60
C ASP C 734 18.01 -3.55 13.70
N CYS C 735 18.15 -3.86 12.42
CA CYS C 735 17.13 -3.46 11.45
C CYS C 735 15.84 -4.24 11.61
N THR C 736 15.93 -5.57 11.69
CA THR C 736 14.73 -6.39 11.60
C THR C 736 13.89 -6.35 12.89
N MET C 737 14.54 -6.42 14.04
CA MET C 737 13.81 -6.49 15.30
C MET C 737 12.97 -5.24 15.53
N TYR C 738 13.53 -4.08 15.21
CA TYR C 738 12.81 -2.83 15.43
C TYR C 738 11.59 -2.68 14.54
N ILE C 739 11.56 -3.36 13.40
CA ILE C 739 10.48 -3.15 12.43
C ILE C 739 9.45 -4.28 12.44
N CYS C 740 9.80 -5.47 12.90
CA CYS C 740 8.83 -6.56 12.95
C CYS C 740 8.51 -7.04 14.37
N GLY C 741 9.49 -7.07 15.26
CA GLY C 741 9.22 -7.50 16.62
C GLY C 741 8.82 -8.95 16.74
N ASP C 742 9.61 -9.83 16.13
CA ASP C 742 9.49 -11.29 16.22
C ASP C 742 8.20 -11.78 15.56
N SER C 743 7.65 -11.01 14.64
CA SER C 743 6.54 -11.51 13.84
C SER C 743 7.06 -12.50 12.82
N THR C 744 6.20 -13.42 12.39
CA THR C 744 6.66 -14.48 11.49
C THR C 744 6.71 -14.00 10.04
N GLU C 745 5.56 -13.65 9.47
CA GLU C 745 5.54 -13.29 8.05
C GLU C 745 5.93 -11.84 7.82
N CYS C 746 6.14 -11.06 8.88
CA CYS C 746 6.64 -9.71 8.71
C CYS C 746 8.00 -9.74 8.03
N SER C 747 8.84 -10.72 8.39
CA SER C 747 10.14 -10.85 7.73
C SER C 747 9.97 -11.11 6.24
N ASN C 748 9.03 -11.98 5.87
CA ASN C 748 8.80 -12.26 4.45
C ASN C 748 8.34 -11.02 3.72
N LEU C 749 7.40 -10.27 4.30
CA LEU C 749 6.95 -9.04 3.65
C LEU C 749 8.06 -8.00 3.58
N LEU C 750 8.99 -8.00 4.55
CA LEU C 750 10.06 -7.02 4.57
C LEU C 750 11.16 -7.33 3.57
N LEU C 751 11.44 -8.61 3.33
CA LEU C 751 12.55 -8.98 2.46
C LEU C 751 12.37 -8.49 1.02
N GLN C 752 11.17 -8.09 0.63
CA GLN C 752 10.95 -7.66 -0.73
C GLN C 752 11.43 -6.23 -0.97
N TYR C 753 11.38 -5.36 0.04
CA TYR C 753 11.58 -3.93 -0.19
C TYR C 753 13.01 -3.55 -0.55
N GLY C 754 13.97 -4.46 -0.44
CA GLY C 754 15.28 -4.14 -0.97
C GLY C 754 16.44 -4.24 0.00
N SER C 755 17.21 -3.16 0.13
CA SER C 755 18.48 -3.22 0.84
C SER C 755 18.70 -2.01 1.74
N PHE C 756 17.65 -1.53 2.41
CA PHE C 756 17.83 -0.51 3.43
C PHE C 756 18.65 -1.06 4.60
N CYS C 757 18.30 -2.26 5.06
CA CYS C 757 19.01 -2.88 6.16
C CYS C 757 20.44 -3.24 5.79
N THR C 758 20.75 -3.29 4.49
CA THR C 758 22.11 -3.57 4.07
C THR C 758 23.02 -2.35 4.25
N GLN C 759 22.50 -1.15 4.01
CA GLN C 759 23.35 0.04 4.03
C GLN C 759 23.25 0.84 5.32
N LEU C 760 22.20 0.67 6.12
CA LEU C 760 22.15 1.38 7.40
C LEU C 760 23.30 0.95 8.30
N LYS C 761 23.65 -0.34 8.28
CA LYS C 761 24.73 -0.82 9.11
C LYS C 761 26.06 -0.17 8.72
N ARG C 762 26.32 -0.05 7.41
CA ARG C 762 27.54 0.65 6.98
C ARG C 762 27.50 2.12 7.39
N ALA C 763 26.35 2.77 7.23
CA ALA C 763 26.25 4.18 7.58
C ALA C 763 26.59 4.40 9.05
N LEU C 764 26.16 3.49 9.92
CA LEU C 764 26.50 3.63 11.33
C LEU C 764 27.94 3.20 11.63
N THR C 765 28.44 2.19 10.93
CA THR C 765 29.81 1.73 11.16
C THR C 765 30.81 2.81 10.83
N GLY C 766 30.48 3.70 9.89
CA GLY C 766 31.37 4.83 9.63
C GLY C 766 31.68 5.64 10.88
N ILE C 767 30.64 6.08 11.58
CA ILE C 767 30.84 6.80 12.83
C ILE C 767 31.50 5.90 13.87
N ALA C 768 31.04 4.66 13.95
CA ALA C 768 31.57 3.75 14.97
C ALA C 768 33.06 3.49 14.81
N VAL C 769 33.62 3.73 13.62
CA VAL C 769 35.06 3.52 13.45
C VAL C 769 35.81 4.85 13.50
N GLU C 770 35.15 5.96 13.14
CA GLU C 770 35.84 7.24 13.22
C GLU C 770 35.96 7.74 14.66
N GLN C 771 35.02 7.35 15.53
CA GLN C 771 35.02 7.83 16.91
C GLN C 771 36.22 7.35 17.69
N ASP C 772 36.92 6.31 17.22
CA ASP C 772 38.15 5.88 17.88
C ASP C 772 39.38 6.47 17.22
N LYS C 773 39.32 6.71 15.91
CA LYS C 773 40.41 7.41 15.25
C LYS C 773 40.63 8.78 15.85
N ASN C 774 39.54 9.48 16.21
CA ASN C 774 39.70 10.79 16.83
C ASN C 774 40.56 10.73 18.09
N THR C 775 40.19 9.85 19.02
CA THR C 775 40.92 9.76 20.28
C THR C 775 42.33 9.25 20.06
N GLN C 776 42.52 8.28 19.16
CA GLN C 776 43.87 7.79 18.90
C GLN C 776 44.77 8.89 18.34
N GLU C 777 44.21 9.79 17.54
CA GLU C 777 45.02 10.84 16.94
C GLU C 777 45.32 11.96 17.95
N VAL C 778 44.38 12.29 18.82
CA VAL C 778 44.59 13.44 19.70
C VAL C 778 45.69 13.17 20.71
N PHE C 779 45.73 11.97 21.29
CA PHE C 779 46.52 11.71 22.48
C PHE C 779 47.83 10.98 22.23
N ALA C 780 48.22 10.75 20.98
CA ALA C 780 49.39 9.91 20.68
C ALA C 780 50.48 10.68 19.95
N GLN C 781 50.77 11.90 20.39
CA GLN C 781 51.81 12.70 19.75
C GLN C 781 53.21 12.36 20.23
N VAL C 782 53.35 11.48 21.21
CA VAL C 782 54.65 11.02 21.69
C VAL C 782 54.63 9.50 21.72
N LYS C 783 55.77 8.89 21.37
CA LYS C 783 55.82 7.44 21.31
C LYS C 783 56.18 6.84 22.67
N GLN C 784 57.34 7.22 23.21
CA GLN C 784 57.81 6.61 24.45
C GLN C 784 56.93 7.03 25.62
N ILE C 785 57.13 6.34 26.75
CA ILE C 785 56.44 6.64 27.99
C ILE C 785 57.48 7.00 29.04
N TYR C 786 57.36 8.19 29.62
CA TYR C 786 58.31 8.67 30.60
C TYR C 786 57.72 8.53 32.00
N LYS C 787 58.48 8.96 33.00
CA LYS C 787 57.99 9.00 34.36
C LYS C 787 58.83 10.00 35.15
N THR C 788 58.20 10.63 36.13
CA THR C 788 58.86 11.65 36.92
C THR C 788 59.92 11.03 37.83
N PRO C 789 60.98 11.77 38.13
CA PRO C 789 62.00 11.28 39.07
C PRO C 789 61.40 11.05 40.45
N PRO C 790 62.01 10.18 41.26
CA PRO C 790 61.45 9.89 42.59
C PRO C 790 61.43 11.09 43.54
N ILE C 791 62.22 12.12 43.28
CA ILE C 791 62.28 13.31 44.14
C ILE C 791 61.53 14.44 43.46
N LYS C 792 60.67 15.12 44.21
CA LYS C 792 59.77 16.14 43.66
C LYS C 792 60.25 17.56 43.95
N TYR C 793 61.53 17.76 44.22
CA TYR C 793 62.06 19.11 44.41
C TYR C 793 62.35 19.76 43.06
N PHE C 794 61.96 21.03 42.92
CA PHE C 794 62.14 21.74 41.67
C PHE C 794 62.56 23.18 41.87
N GLY C 795 63.34 23.46 42.91
CA GLY C 795 63.91 24.78 43.07
C GLY C 795 62.98 25.84 43.62
N GLY C 796 61.81 25.46 44.11
CA GLY C 796 60.91 26.43 44.72
C GLY C 796 59.46 26.27 44.37
N PHE C 797 59.18 25.80 43.15
CA PHE C 797 57.81 25.61 42.71
C PHE C 797 57.18 24.41 43.43
N ASN C 798 55.95 24.10 43.06
CA ASN C 798 55.20 23.04 43.72
C ASN C 798 54.17 22.48 42.76
N PHE C 799 54.39 21.24 42.29
CA PHE C 799 53.52 20.60 41.32
C PHE C 799 52.65 19.50 41.94
N SER C 800 52.42 19.53 43.24
CA SER C 800 51.75 18.42 43.90
C SER C 800 50.27 18.32 43.53
N GLN C 801 49.71 19.30 42.85
CA GLN C 801 48.29 19.28 42.54
C GLN C 801 47.99 18.71 41.15
N ILE C 802 48.99 18.47 40.31
CA ILE C 802 48.78 17.96 38.97
C ILE C 802 49.40 16.58 38.76
N LEU C 803 50.55 16.32 39.38
CA LEU C 803 51.18 15.01 39.28
C LEU C 803 50.26 13.93 39.85
N PRO C 804 50.32 12.72 39.31
CA PRO C 804 49.51 11.63 39.88
C PRO C 804 49.91 11.33 41.31
N ASP C 805 48.92 10.94 42.11
CA ASP C 805 49.12 10.68 43.53
C ASP C 805 49.28 9.19 43.77
N PRO C 806 50.44 8.73 44.25
CA PRO C 806 50.62 7.30 44.48
C PRO C 806 49.65 6.71 45.50
N SER C 807 49.24 7.49 46.50
CA SER C 807 48.42 6.95 47.59
C SER C 807 47.04 6.50 47.12
N LYS C 808 46.51 7.14 46.09
CA LYS C 808 45.22 6.74 45.55
C LYS C 808 45.31 5.32 44.99
N PRO C 809 44.29 4.48 45.20
CA PRO C 809 44.31 3.13 44.60
C PRO C 809 44.32 3.15 43.08
N SER C 810 43.91 4.25 42.44
CA SER C 810 43.93 4.37 40.99
C SER C 810 44.90 5.49 40.59
N LYS C 811 45.51 5.32 39.42
CA LYS C 811 46.51 6.26 38.92
C LYS C 811 45.79 7.50 38.39
N ARG C 812 45.52 8.45 39.29
CA ARG C 812 44.83 9.67 38.92
C ARG C 812 45.39 10.83 39.73
N SER C 813 44.90 12.03 39.44
CA SER C 813 45.38 13.23 40.10
C SER C 813 44.22 14.05 40.65
N PRO C 814 44.46 14.87 41.68
CA PRO C 814 43.33 15.52 42.37
C PRO C 814 42.42 16.34 41.48
N ILE C 815 42.95 17.06 40.50
CA ILE C 815 42.08 17.83 39.61
C ILE C 815 41.21 16.88 38.77
N GLU C 816 41.80 15.82 38.24
CA GLU C 816 41.02 14.83 37.50
C GLU C 816 39.97 14.19 38.39
N ASP C 817 40.34 13.89 39.64
CA ASP C 817 39.40 13.28 40.57
C ASP C 817 38.22 14.21 40.85
N LEU C 818 38.48 15.50 41.02
CA LEU C 818 37.39 16.44 41.22
C LEU C 818 36.57 16.60 39.95
N LEU C 819 37.19 16.48 38.78
CA LEU C 819 36.43 16.59 37.53
C LEU C 819 35.46 15.43 37.36
N PHE C 820 35.92 14.21 37.62
CA PHE C 820 35.12 13.02 37.32
C PHE C 820 33.76 13.01 38.03
N ASN C 821 33.65 13.64 39.19
CA ASN C 821 32.42 13.60 39.96
C ASN C 821 31.50 14.79 39.69
N LYS C 822 31.85 15.66 38.76
CA LYS C 822 31.05 16.82 38.44
C LYS C 822 30.21 16.65 37.17
N VAL C 823 30.27 15.49 36.53
CA VAL C 823 29.47 15.22 35.34
C VAL C 823 28.74 13.89 35.53
N THR C 824 27.46 13.87 35.18
CA THR C 824 26.60 12.71 35.42
C THR C 824 26.61 11.83 34.18
N LEU C 825 27.54 10.88 34.15
CA LEU C 825 27.63 9.96 33.02
C LEU C 825 26.42 9.02 33.02
N ALA C 826 26.01 8.61 31.82
CA ALA C 826 24.90 7.69 31.68
C ALA C 826 25.27 6.30 32.18
N ASP C 827 24.24 5.50 32.43
CA ASP C 827 24.44 4.17 32.98
C ASP C 827 25.20 3.28 31.99
N ALA C 828 26.04 2.41 32.53
CA ALA C 828 26.84 1.48 31.73
C ALA C 828 27.46 0.46 32.68
N GLY C 829 28.34 -0.37 32.13
CA GLY C 829 29.09 -1.36 32.89
C GLY C 829 29.03 -2.74 32.27
N PHE C 830 27.86 -3.13 31.77
CA PHE C 830 27.67 -4.32 30.93
C PHE C 830 28.28 -5.58 31.53
N ILE C 831 28.52 -5.61 32.84
CA ILE C 831 29.15 -6.77 33.44
C ILE C 831 28.21 -7.97 33.40
N LYS C 832 26.91 -7.73 33.57
CA LYS C 832 25.89 -8.76 33.44
C LYS C 832 24.57 -8.07 33.15
N GLN C 833 23.85 -8.57 32.16
CA GLN C 833 22.66 -7.86 31.70
C GLN C 833 21.41 -8.74 31.63
N TYR C 834 21.56 -10.01 31.26
CA TYR C 834 20.39 -10.86 31.04
C TYR C 834 19.66 -11.12 32.35
N GLY C 835 18.35 -10.90 32.35
CA GLY C 835 17.53 -11.18 33.49
C GLY C 835 17.60 -10.17 34.63
N ASP C 836 18.26 -9.04 34.42
CA ASP C 836 18.39 -8.06 35.50
C ASP C 836 17.06 -7.42 35.83
N CYS C 837 16.33 -6.96 34.83
CA CYS C 837 15.04 -6.30 35.05
C CYS C 837 13.91 -7.29 35.31
N LEU C 838 14.23 -8.55 35.57
CA LEU C 838 13.22 -9.53 35.96
C LEU C 838 12.99 -9.60 37.46
N GLY C 839 14.03 -9.33 38.25
CA GLY C 839 13.93 -9.47 39.69
C GLY C 839 13.63 -8.18 40.43
N ASP C 840 14.59 -7.71 41.23
CA ASP C 840 14.38 -6.51 42.03
C ASP C 840 14.27 -5.24 41.19
N ILE C 841 14.59 -5.33 39.90
CA ILE C 841 14.51 -4.16 39.02
C ILE C 841 13.21 -4.32 38.25
N ALA C 842 12.26 -5.04 38.85
CA ALA C 842 10.92 -5.14 38.25
C ALA C 842 10.32 -3.77 38.01
N ALA C 843 10.68 -2.79 38.84
CA ALA C 843 10.45 -1.39 38.49
C ALA C 843 11.43 -1.05 37.36
N ARG C 844 10.96 -1.16 36.12
CA ARG C 844 11.85 -1.14 34.97
C ARG C 844 12.63 0.16 34.87
N ASP C 845 13.93 0.03 34.64
CA ASP C 845 14.79 1.16 34.35
C ASP C 845 14.82 1.40 32.84
N LEU C 846 15.18 2.63 32.46
CA LEU C 846 15.10 3.02 31.06
C LEU C 846 16.09 2.23 30.21
N ILE C 847 17.23 1.82 30.78
CA ILE C 847 18.28 1.20 29.99
C ILE C 847 17.82 -0.13 29.42
N CYS C 848 17.22 -0.99 30.24
CA CYS C 848 16.80 -2.29 29.73
C CYS C 848 15.54 -2.18 28.88
N ALA C 849 14.70 -1.17 29.13
CA ALA C 849 13.58 -0.91 28.25
C ALA C 849 14.07 -0.55 26.85
N GLN C 850 15.12 0.27 26.76
CA GLN C 850 15.75 0.52 25.46
C GLN C 850 16.35 -0.75 24.89
N LYS C 851 17.00 -1.56 25.75
CA LYS C 851 17.69 -2.75 25.27
C LYS C 851 16.73 -3.73 24.62
N PHE C 852 15.52 -3.88 25.19
CA PHE C 852 14.59 -4.88 24.68
C PHE C 852 14.09 -4.59 23.27
N LYS C 853 14.30 -3.39 22.74
CA LYS C 853 13.83 -3.03 21.42
C LYS C 853 14.91 -3.10 20.36
N GLY C 854 16.14 -3.47 20.72
CA GLY C 854 17.20 -3.63 19.74
C GLY C 854 18.12 -2.44 19.56
N LEU C 855 18.08 -1.45 20.44
CA LEU C 855 18.98 -0.31 20.38
C LEU C 855 20.09 -0.52 21.43
N THR C 856 21.33 -0.55 20.99
CA THR C 856 22.44 -0.90 21.87
C THR C 856 23.56 0.11 21.75
N VAL C 857 24.47 0.07 22.73
CA VAL C 857 25.67 0.88 22.73
C VAL C 857 26.87 -0.04 22.89
N LEU C 858 28.05 0.49 22.58
CA LEU C 858 29.28 -0.29 22.57
C LEU C 858 30.33 0.38 23.43
N PRO C 859 31.29 -0.38 23.95
CA PRO C 859 32.33 0.20 24.79
C PRO C 859 33.42 0.83 23.93
N PRO C 860 34.08 1.87 24.43
CA PRO C 860 35.15 2.51 23.67
C PRO C 860 36.41 1.67 23.66
N LEU C 861 37.28 1.98 22.69
CA LEU C 861 38.52 1.22 22.54
C LEU C 861 39.48 1.50 23.69
N LEU C 862 39.52 2.74 24.17
CA LEU C 862 40.44 3.14 25.22
C LEU C 862 39.65 3.51 26.48
N THR C 863 39.96 2.86 27.59
CA THR C 863 39.35 3.17 28.87
C THR C 863 39.97 4.45 29.44
N ASP C 864 39.63 4.74 30.70
CA ASP C 864 40.18 5.93 31.35
C ASP C 864 41.62 5.74 31.79
N GLU C 865 41.99 4.51 32.17
CA GLU C 865 43.29 4.27 32.80
C GLU C 865 44.43 4.62 31.85
N MET C 866 44.38 4.14 30.62
CA MET C 866 45.47 4.46 29.71
C MET C 866 45.48 5.93 29.30
N ILE C 867 44.32 6.60 29.28
CA ILE C 867 44.31 8.03 29.04
C ILE C 867 45.06 8.76 30.14
N ALA C 868 44.79 8.37 31.39
CA ALA C 868 45.55 8.95 32.50
C ALA C 868 47.04 8.67 32.34
N GLN C 869 47.38 7.49 31.81
CA GLN C 869 48.78 7.17 31.60
C GLN C 869 49.42 8.08 30.55
N TYR C 870 48.74 8.31 29.41
CA TYR C 870 49.29 9.24 28.43
C TYR C 870 49.50 10.62 29.03
N THR C 871 48.53 11.09 29.81
CA THR C 871 48.67 12.42 30.39
C THR C 871 49.84 12.49 31.35
N SER C 872 49.98 11.49 32.23
CA SER C 872 51.12 11.45 33.13
C SER C 872 52.43 11.22 32.39
N ALA C 873 52.38 10.82 31.12
CA ALA C 873 53.58 10.78 30.31
C ALA C 873 53.94 12.14 29.74
N LEU C 874 52.98 12.81 29.10
CA LEU C 874 53.27 14.12 28.49
C LEU C 874 53.70 15.14 29.53
N LEU C 875 53.02 15.18 30.67
CA LEU C 875 53.36 16.19 31.66
C LEU C 875 54.76 15.95 32.23
N ALA C 876 55.09 14.69 32.50
CA ALA C 876 56.42 14.38 32.98
C ALA C 876 57.48 14.70 31.92
N GLY C 877 57.12 14.56 30.65
CA GLY C 877 58.05 14.94 29.60
C GLY C 877 58.29 16.45 29.57
N THR C 878 57.23 17.23 29.73
CA THR C 878 57.39 18.68 29.60
C THR C 878 57.89 19.33 30.88
N ILE C 879 57.90 18.64 32.02
CA ILE C 879 58.40 19.26 33.23
C ILE C 879 59.92 19.20 33.37
N THR C 880 60.58 18.19 32.80
CA THR C 880 62.00 17.97 33.05
C THR C 880 62.84 17.94 31.78
N SER C 881 62.29 18.31 30.63
CA SER C 881 63.09 18.25 29.41
C SER C 881 62.82 19.42 28.48
N GLY C 882 62.26 20.52 28.97
CA GLY C 882 62.00 21.65 28.12
C GLY C 882 61.04 21.29 27.01
N TRP C 883 61.34 21.76 25.80
CA TRP C 883 60.51 21.49 24.64
C TRP C 883 61.25 20.74 23.56
N THR C 884 62.34 20.05 23.90
CA THR C 884 63.11 19.36 22.87
C THR C 884 62.57 17.98 22.55
N PHE C 885 61.81 17.35 23.46
CA PHE C 885 61.44 15.97 23.18
C PHE C 885 60.38 15.86 22.10
N GLY C 886 59.83 16.97 21.64
CA GLY C 886 58.91 16.93 20.52
C GLY C 886 59.56 16.71 19.17
N ALA C 887 60.89 16.80 19.10
CA ALA C 887 61.60 16.59 17.85
C ALA C 887 62.53 15.38 17.88
N GLY C 888 63.45 15.31 18.83
CA GLY C 888 64.41 14.23 18.89
C GLY C 888 64.53 13.62 20.27
N PRO C 889 65.74 13.17 20.62
CA PRO C 889 65.93 12.56 21.92
C PRO C 889 65.78 13.57 23.05
N ALA C 890 65.40 13.06 24.22
CA ALA C 890 65.18 13.92 25.37
C ALA C 890 66.50 14.48 25.90
N LEU C 891 66.49 15.75 26.29
CA LEU C 891 67.66 16.43 26.82
C LEU C 891 67.25 17.16 28.09
N GLN C 892 67.94 16.89 29.19
CA GLN C 892 67.53 17.41 30.49
C GLN C 892 68.10 18.81 30.73
N ILE C 893 67.28 19.67 31.31
CA ILE C 893 67.67 21.04 31.65
C ILE C 893 67.11 21.40 33.01
N PRO C 894 67.87 22.05 33.89
CA PRO C 894 67.31 22.47 35.17
C PRO C 894 66.17 23.45 34.97
N PHE C 895 65.20 23.41 35.88
CA PHE C 895 63.97 24.18 35.68
C PHE C 895 64.19 25.69 35.59
N PRO C 896 64.94 26.33 36.49
CA PRO C 896 65.06 27.80 36.38
C PRO C 896 65.64 28.28 35.07
N MET C 897 66.62 27.59 34.50
CA MET C 897 67.14 28.01 33.21
C MET C 897 66.08 27.87 32.13
N GLN C 898 65.25 26.83 32.18
CA GLN C 898 64.17 26.70 31.22
C GLN C 898 63.20 27.86 31.35
N MET C 899 62.86 28.25 32.59
CA MET C 899 61.97 29.39 32.77
C MET C 899 62.59 30.66 32.21
N ALA C 900 63.90 30.84 32.42
CA ALA C 900 64.58 32.00 31.86
C ALA C 900 64.48 32.03 30.34
N TYR C 901 64.71 30.87 29.71
CA TYR C 901 64.64 30.83 28.26
C TYR C 901 63.22 31.05 27.76
N ARG C 902 62.21 30.66 28.54
CA ARG C 902 60.83 30.97 28.19
C ARG C 902 60.59 32.47 28.24
N PHE C 903 61.07 33.15 29.29
CA PHE C 903 60.96 34.60 29.34
C PHE C 903 61.66 35.27 28.17
N ASN C 904 62.81 34.74 27.76
CA ASN C 904 63.62 35.42 26.76
C ASN C 904 62.88 35.65 25.44
N GLY C 905 61.84 34.87 25.18
CA GLY C 905 61.14 34.97 23.92
C GLY C 905 60.04 35.99 23.82
N ILE C 906 59.80 36.79 24.85
CA ILE C 906 58.73 37.79 24.77
C ILE C 906 59.25 39.17 25.17
N GLY C 907 60.57 39.37 25.10
CA GLY C 907 61.17 40.67 25.23
C GLY C 907 61.81 40.97 26.58
N VAL C 908 61.48 40.20 27.61
CA VAL C 908 62.07 40.45 28.93
C VAL C 908 63.49 39.91 28.95
N THR C 909 64.42 40.73 29.42
CA THR C 909 65.82 40.34 29.47
C THR C 909 66.03 39.21 30.47
N GLN C 910 67.04 38.38 30.21
CA GLN C 910 67.30 37.19 31.02
C GLN C 910 67.59 37.52 32.48
N ASN C 911 67.99 38.75 32.79
CA ASN C 911 68.41 39.06 34.15
C ASN C 911 67.25 39.30 35.11
N VAL C 912 66.02 39.42 34.61
CA VAL C 912 64.90 39.72 35.50
C VAL C 912 64.56 38.55 36.39
N LEU C 913 64.51 37.34 35.82
CA LEU C 913 64.03 36.19 36.58
C LEU C 913 64.96 35.84 37.73
N TYR C 914 66.27 35.85 37.49
CA TYR C 914 67.21 35.39 38.50
C TYR C 914 67.28 36.30 39.71
N GLU C 915 66.63 37.47 39.69
CA GLU C 915 66.63 38.38 40.82
C GLU C 915 65.30 38.41 41.56
N ASN C 916 64.28 37.71 41.06
CA ASN C 916 62.93 37.74 41.64
C ASN C 916 62.37 36.33 41.76
N GLN C 917 63.21 35.36 42.12
CA GLN C 917 62.80 33.96 42.03
C GLN C 917 61.68 33.64 43.01
N LYS C 918 61.86 33.99 44.29
CA LYS C 918 60.88 33.61 45.30
C LYS C 918 59.54 34.30 45.07
N LEU C 919 59.57 35.57 44.66
CA LEU C 919 58.33 36.30 44.45
C LEU C 919 57.57 35.79 43.22
N ILE C 920 58.22 35.01 42.37
CA ILE C 920 57.51 34.34 41.29
C ILE C 920 57.00 32.97 41.73
N ALA C 921 57.81 32.24 42.49
CA ALA C 921 57.37 30.92 42.96
C ALA C 921 56.13 31.03 43.81
N ASN C 922 56.12 31.98 44.76
CA ASN C 922 54.96 32.11 45.64
C ASN C 922 53.71 32.51 44.85
N GLN C 923 53.86 33.41 43.89
CA GLN C 923 52.71 33.83 43.10
C GLN C 923 52.16 32.67 42.26
N PHE C 924 53.05 31.86 41.68
CA PHE C 924 52.59 30.72 40.91
C PHE C 924 51.84 29.72 41.79
N ASN C 925 52.37 29.45 42.98
CA ASN C 925 51.68 28.52 43.88
C ASN C 925 50.31 29.05 44.27
N SER C 926 50.23 30.36 44.59
CA SER C 926 48.94 30.94 44.95
C SER C 926 47.96 30.86 43.79
N ALA C 927 48.44 31.08 42.57
CA ALA C 927 47.56 30.99 41.41
C ALA C 927 47.06 29.57 41.20
N ILE C 928 47.92 28.57 41.38
CA ILE C 928 47.47 27.18 41.24
C ILE C 928 46.44 26.85 42.30
N GLY C 929 46.59 27.41 43.50
CA GLY C 929 45.70 27.07 44.60
C GLY C 929 44.23 27.41 44.39
N LYS C 930 43.90 28.25 43.40
CA LYS C 930 42.55 28.74 43.23
C LYS C 930 41.71 27.92 42.25
N ILE C 931 42.30 26.95 41.56
CA ILE C 931 41.59 26.29 40.48
C ILE C 931 40.43 25.44 41.01
N GLN C 932 40.63 24.79 42.16
CA GLN C 932 39.56 23.97 42.72
C GLN C 932 38.32 24.81 43.02
N ASP C 933 38.51 25.94 43.69
CA ASP C 933 37.39 26.83 43.98
C ASP C 933 36.78 27.40 42.71
N SER C 934 37.64 27.75 41.73
CA SER C 934 37.12 28.29 40.48
C SER C 934 36.21 27.30 39.78
N LEU C 935 36.60 26.02 39.76
CA LEU C 935 35.77 25.00 39.12
C LEU C 935 34.52 24.73 39.94
N SER C 936 34.62 24.75 41.27
CA SER C 936 33.48 24.42 42.11
C SER C 936 32.47 25.57 42.25
N SER C 937 32.85 26.79 41.86
CA SER C 937 31.99 27.94 42.11
C SER C 937 30.74 27.91 41.24
N THR C 938 30.90 27.69 39.94
CA THR C 938 29.80 27.83 39.00
C THR C 938 29.25 26.47 38.61
N PRO C 939 27.94 26.25 38.71
CA PRO C 939 27.37 24.96 38.29
C PRO C 939 27.55 24.68 36.80
N SER C 940 27.77 25.69 35.97
CA SER C 940 27.94 25.51 34.54
C SER C 940 29.40 25.47 34.13
N ALA C 941 30.26 24.91 34.98
CA ALA C 941 31.68 24.81 34.65
C ALA C 941 31.92 23.86 33.48
N LEU C 942 31.20 22.74 33.44
CA LEU C 942 31.44 21.70 32.45
C LEU C 942 30.29 21.59 31.45
N GLY C 943 29.52 22.67 31.26
CA GLY C 943 28.35 22.58 30.40
C GLY C 943 28.68 22.11 29.00
N LYS C 944 29.80 22.59 28.45
CA LYS C 944 30.18 22.22 27.09
C LYS C 944 30.30 20.72 26.91
N LEU C 945 30.64 19.99 27.99
CA LEU C 945 30.64 18.53 27.89
C LEU C 945 29.24 17.96 28.13
N GLN C 946 28.52 18.51 29.11
CA GLN C 946 27.27 17.90 29.54
C GLN C 946 26.30 17.74 28.38
N ASP C 947 26.09 18.81 27.62
CA ASP C 947 25.15 18.75 26.51
C ASP C 947 25.51 17.63 25.55
N VAL C 948 26.80 17.39 25.33
CA VAL C 948 27.23 16.37 24.39
C VAL C 948 26.65 15.02 24.78
N VAL C 949 26.59 14.73 26.08
CA VAL C 949 25.94 13.51 26.52
C VAL C 949 24.43 13.59 26.31
N ASN C 950 23.84 14.69 26.76
CA ASN C 950 22.37 14.75 26.89
C ASN C 950 21.71 14.49 25.55
N HIS C 951 22.19 15.14 24.49
CA HIS C 951 21.60 14.94 23.17
C HIS C 951 21.56 13.46 22.82
N ASN C 952 22.70 12.78 22.94
CA ASN C 952 22.72 11.38 22.53
C ASN C 952 22.04 10.47 23.53
N ALA C 953 21.70 10.98 24.70
CA ALA C 953 20.90 10.24 25.65
C ALA C 953 19.43 10.58 25.55
N GLN C 954 19.05 11.46 24.63
CA GLN C 954 17.67 11.91 24.49
C GLN C 954 17.02 11.49 23.19
N ALA C 955 17.70 11.71 22.06
CA ALA C 955 17.09 11.41 20.76
C ALA C 955 16.66 9.95 20.68
N LEU C 956 17.51 9.03 21.13
CA LEU C 956 17.15 7.62 21.15
C LEU C 956 15.82 7.40 21.84
N ASN C 957 15.63 8.03 22.99
CA ASN C 957 14.38 7.89 23.72
C ASN C 957 13.20 8.25 22.84
N THR C 958 13.29 9.40 22.16
CA THR C 958 12.20 9.81 21.27
C THR C 958 11.87 8.73 20.27
N LEU C 959 12.90 8.09 19.72
CA LEU C 959 12.67 7.06 18.71
C LEU C 959 11.77 5.96 19.25
N VAL C 960 12.00 5.53 20.50
CA VAL C 960 11.13 4.51 21.09
C VAL C 960 9.71 5.04 21.20
N LYS C 961 9.55 6.28 21.67
CA LYS C 961 8.23 6.87 21.76
C LYS C 961 7.58 7.01 20.38
N GLN C 962 8.38 6.97 19.32
CA GLN C 962 7.83 7.01 17.98
C GLN C 962 6.99 5.78 17.66
N LEU C 963 7.24 4.66 18.34
CA LEU C 963 6.67 3.38 17.95
C LEU C 963 5.16 3.32 18.13
N SER C 964 4.55 4.29 18.81
CA SER C 964 3.13 4.23 19.14
C SER C 964 2.22 4.74 18.03
N SER C 965 2.76 5.35 16.99
CA SER C 965 1.92 5.88 15.92
C SER C 965 1.29 4.75 15.13
N LYS C 966 0.04 4.97 14.69
CA LYS C 966 -0.62 4.00 13.83
C LYS C 966 -0.51 4.35 12.35
N PHE C 967 -0.08 5.56 12.01
CA PHE C 967 0.20 5.94 10.63
C PHE C 967 -1.02 5.78 9.74
N GLY C 968 -2.21 5.99 10.28
CA GLY C 968 -3.42 5.87 9.48
C GLY C 968 -3.95 4.47 9.30
N ALA C 969 -3.46 3.50 10.06
CA ALA C 969 -4.00 2.15 10.03
C ALA C 969 -5.17 2.05 11.00
N ILE C 970 -5.60 0.83 11.32
CA ILE C 970 -6.68 0.64 12.27
C ILE C 970 -6.20 0.22 13.65
N SER C 971 -4.91 -0.12 13.78
CA SER C 971 -4.38 -0.49 15.08
C SER C 971 -2.87 -0.32 15.05
N SER C 972 -2.27 -0.29 16.24
CA SER C 972 -0.82 -0.10 16.37
C SER C 972 -0.09 -1.43 16.44
N VAL C 973 -0.50 -2.32 17.33
CA VAL C 973 0.17 -3.60 17.47
C VAL C 973 -0.02 -4.40 16.18
N LEU C 974 0.98 -5.22 15.86
CA LEU C 974 1.00 -5.91 14.58
C LEU C 974 0.25 -7.23 14.60
N ASN C 975 0.17 -7.89 15.76
CA ASN C 975 -0.51 -9.18 15.82
C ASN C 975 -2.00 -9.04 15.54
N ASP C 976 -2.61 -7.92 15.93
CA ASP C 976 -4.04 -7.73 15.71
C ASP C 976 -4.37 -7.72 14.22
N ILE C 977 -3.54 -7.06 13.41
CA ILE C 977 -3.81 -7.01 11.97
C ILE C 977 -3.71 -8.40 11.36
N PHE C 978 -2.81 -9.24 11.87
CA PHE C 978 -2.66 -10.59 11.33
C PHE C 978 -3.77 -11.52 11.78
N SER C 979 -4.22 -11.40 13.03
CA SER C 979 -5.23 -12.33 13.55
C SER C 979 -6.65 -11.94 13.16
N ARG C 980 -6.93 -10.65 13.06
CA ARG C 980 -8.30 -10.18 12.89
C ARG C 980 -8.75 -10.13 11.44
N LEU C 981 -7.82 -10.10 10.48
CA LEU C 981 -8.22 -9.85 9.09
C LEU C 981 -7.75 -10.94 8.15
N ASP C 982 -7.86 -10.70 6.85
CA ASP C 982 -7.63 -11.67 5.80
C ASP C 982 -6.54 -11.18 4.86
N PRO C 983 -5.87 -12.11 4.16
CA PRO C 983 -4.70 -11.74 3.33
C PRO C 983 -5.02 -10.72 2.25
N PRO C 984 -6.12 -10.85 1.48
CA PRO C 984 -6.26 -10.01 0.27
C PRO C 984 -6.21 -8.51 0.52
N GLU C 985 -6.29 -8.05 1.77
CA GLU C 985 -6.08 -6.64 2.10
C GLU C 985 -5.12 -6.44 3.27
N ALA C 986 -4.69 -7.51 3.92
CA ALA C 986 -3.71 -7.38 5.01
C ALA C 986 -2.43 -6.74 4.52
N GLU C 987 -2.01 -7.04 3.28
CA GLU C 987 -0.82 -6.40 2.73
C GLU C 987 -1.02 -4.89 2.61
N VAL C 988 -2.20 -4.47 2.15
CA VAL C 988 -2.50 -3.04 2.09
C VAL C 988 -2.42 -2.43 3.47
N GLN C 989 -2.89 -3.16 4.49
CA GLN C 989 -2.82 -2.64 5.85
C GLN C 989 -1.37 -2.52 6.33
N ILE C 990 -0.55 -3.53 6.06
CA ILE C 990 0.81 -3.55 6.59
C ILE C 990 1.69 -2.51 5.93
N ASP C 991 1.49 -2.27 4.62
CA ASP C 991 2.38 -1.39 3.87
C ASP C 991 2.51 -0.03 4.52
N ARG C 992 1.41 0.51 5.05
CA ARG C 992 1.46 1.82 5.70
C ARG C 992 2.44 1.81 6.88
N LEU C 993 2.30 0.84 7.77
CA LEU C 993 3.18 0.79 8.94
C LEU C 993 4.63 0.61 8.54
N ILE C 994 4.89 -0.29 7.58
CA ILE C 994 6.27 -0.54 7.20
C ILE C 994 6.90 0.71 6.61
N THR C 995 6.17 1.39 5.71
CA THR C 995 6.69 2.62 5.13
C THR C 995 6.92 3.68 6.20
N GLY C 996 5.99 3.83 7.14
CA GLY C 996 6.16 4.84 8.17
C GLY C 996 7.41 4.62 9.01
N ARG C 997 7.62 3.39 9.48
CA ARG C 997 8.77 3.14 10.33
C ARG C 997 10.07 3.23 9.55
N LEU C 998 10.09 2.67 8.33
CA LEU C 998 11.30 2.74 7.51
C LEU C 998 11.67 4.18 7.19
N GLN C 999 10.67 5.05 7.07
CA GLN C 999 10.98 6.47 6.88
C GLN C 999 11.43 7.11 8.18
N SER C 1000 10.88 6.68 9.31
CA SER C 1000 11.24 7.30 10.58
C SER C 1000 12.71 7.07 10.92
N LEU C 1001 13.24 5.89 10.60
CA LEU C 1001 14.60 5.57 11.03
C LEU C 1001 15.66 6.44 10.32
N GLN C 1002 15.39 6.84 9.08
CA GLN C 1002 16.37 7.61 8.33
C GLN C 1002 16.65 8.97 8.94
N THR C 1003 15.66 9.58 9.59
CA THR C 1003 15.89 10.87 10.24
C THR C 1003 16.95 10.74 11.32
N TYR C 1004 16.86 9.70 12.14
CA TYR C 1004 17.87 9.47 13.16
C TYR C 1004 19.24 9.25 12.52
N VAL C 1005 19.29 8.48 11.44
CA VAL C 1005 20.58 8.24 10.78
C VAL C 1005 21.21 9.57 10.32
N THR C 1006 20.42 10.41 9.64
CA THR C 1006 20.96 11.65 9.08
C THR C 1006 21.43 12.60 10.17
N GLN C 1007 20.63 12.74 11.24
CA GLN C 1007 21.04 13.64 12.31
C GLN C 1007 22.32 13.15 12.97
N GLN C 1008 22.47 11.83 13.14
CA GLN C 1008 23.72 11.32 13.69
C GLN C 1008 24.90 11.67 12.79
N LEU C 1009 24.74 11.53 11.47
CA LEU C 1009 25.81 11.91 10.57
C LEU C 1009 26.22 13.37 10.77
N ILE C 1010 25.25 14.28 10.81
CA ILE C 1010 25.61 15.69 10.91
C ILE C 1010 26.33 15.99 12.22
N ARG C 1011 25.82 15.44 13.33
CA ARG C 1011 26.46 15.73 14.61
C ARG C 1011 27.89 15.19 14.66
N ALA C 1012 28.10 13.98 14.12
CA ALA C 1012 29.47 13.46 14.06
C ALA C 1012 30.36 14.34 13.20
N ALA C 1013 29.82 14.87 12.11
CA ALA C 1013 30.60 15.76 11.26
C ALA C 1013 31.05 17.00 12.01
N GLU C 1014 30.21 17.54 12.88
CA GLU C 1014 30.62 18.69 13.69
C GLU C 1014 31.70 18.31 14.70
N ILE C 1015 31.50 17.18 15.40
CA ILE C 1015 32.45 16.80 16.43
C ILE C 1015 33.83 16.53 15.84
N ARG C 1016 33.89 16.04 14.59
CA ARG C 1016 35.19 15.82 13.96
C ARG C 1016 35.99 17.12 13.87
N ALA C 1017 35.36 18.20 13.44
CA ALA C 1017 36.05 19.48 13.33
C ALA C 1017 36.49 19.98 14.70
N SER C 1018 35.62 19.83 15.71
CA SER C 1018 36.01 20.28 17.05
C SER C 1018 37.24 19.51 17.55
N ALA C 1019 37.27 18.20 17.33
CA ALA C 1019 38.42 17.41 17.76
C ALA C 1019 39.67 17.80 17.01
N ASN C 1020 39.55 18.12 15.71
CA ASN C 1020 40.72 18.54 14.96
C ASN C 1020 41.30 19.84 15.53
N LEU C 1021 40.44 20.80 15.86
CA LEU C 1021 40.93 22.04 16.47
C LEU C 1021 41.62 21.74 17.80
N ALA C 1022 41.05 20.85 18.60
CA ALA C 1022 41.68 20.48 19.86
C ALA C 1022 43.06 19.86 19.61
N ALA C 1023 43.18 19.04 18.58
CA ALA C 1023 44.47 18.43 18.26
C ALA C 1023 45.50 19.49 17.91
N THR C 1024 45.12 20.49 17.13
CA THR C 1024 46.06 21.56 16.81
C THR C 1024 46.50 22.29 18.07
N LYS C 1025 45.54 22.60 18.95
CA LYS C 1025 45.90 23.29 20.20
C LYS C 1025 46.88 22.45 21.02
N MET C 1026 46.65 21.14 21.09
CA MET C 1026 47.55 20.27 21.84
C MET C 1026 48.94 20.23 21.21
N SER C 1027 49.01 20.19 19.88
CA SER C 1027 50.30 20.09 19.22
C SER C 1027 51.09 21.38 19.25
N GLU C 1028 50.44 22.54 19.37
CA GLU C 1028 51.14 23.81 19.23
C GLU C 1028 51.41 24.54 20.53
N CYS C 1029 50.63 24.32 21.58
CA CYS C 1029 50.71 25.16 22.78
C CYS C 1029 51.05 24.41 24.05
N VAL C 1030 51.60 23.20 23.97
CA VAL C 1030 52.11 22.55 25.17
C VAL C 1030 53.49 21.98 24.87
N LEU C 1031 53.82 21.89 23.59
CA LEU C 1031 55.06 21.26 23.15
C LEU C 1031 56.00 22.29 22.53
N GLY C 1032 55.91 23.53 23.00
CA GLY C 1032 56.72 24.62 22.47
C GLY C 1032 56.29 25.96 23.03
N GLN C 1033 56.19 26.97 22.16
CA GLN C 1033 55.73 28.28 22.56
C GLN C 1033 55.21 28.99 21.32
N SER C 1034 54.10 29.70 21.46
CA SER C 1034 53.45 30.34 20.33
C SER C 1034 53.33 31.83 20.54
N LYS C 1035 53.60 32.60 19.49
CA LYS C 1035 53.48 34.05 19.52
C LYS C 1035 52.18 34.56 18.92
N ARG C 1036 51.28 33.66 18.52
CA ARG C 1036 49.99 34.09 17.99
C ARG C 1036 49.15 34.64 19.14
N VAL C 1037 48.86 35.94 19.09
CA VAL C 1037 48.19 36.60 20.19
C VAL C 1037 46.78 36.06 20.34
N ASP C 1038 46.39 35.78 21.58
CA ASP C 1038 45.04 35.37 21.99
C ASP C 1038 44.70 33.97 21.48
N PHE C 1039 45.62 33.28 20.81
CA PHE C 1039 45.34 31.91 20.37
C PHE C 1039 45.30 30.95 21.55
N CYS C 1040 46.18 31.16 22.54
CA CYS C 1040 46.24 30.31 23.72
C CYS C 1040 46.30 31.22 24.94
N GLY C 1041 45.19 31.31 25.66
CA GLY C 1041 45.12 32.13 26.86
C GLY C 1041 44.97 33.61 26.54
N LYS C 1042 44.98 34.40 27.60
CA LYS C 1042 44.87 35.86 27.51
C LYS C 1042 46.18 36.49 27.95
N GLY C 1043 46.72 37.38 27.12
CA GLY C 1043 48.01 37.96 27.39
C GLY C 1043 49.12 37.20 26.68
N TYR C 1044 50.32 37.31 27.23
CA TYR C 1044 51.43 36.56 26.67
C TYR C 1044 51.44 35.13 27.20
N HIS C 1045 52.18 34.26 26.52
CA HIS C 1045 52.12 32.83 26.77
C HIS C 1045 53.44 32.31 27.29
N LEU C 1046 53.38 31.47 28.33
CA LEU C 1046 54.55 30.78 28.83
C LEU C 1046 54.46 29.27 28.69
N MET C 1047 53.46 28.63 29.31
CA MET C 1047 53.41 27.17 29.41
C MET C 1047 51.96 26.73 29.53
N SER C 1048 51.75 25.42 29.33
CA SER C 1048 50.43 24.84 29.44
C SER C 1048 50.53 23.43 30.00
N PHE C 1049 49.42 22.96 30.56
CA PHE C 1049 49.31 21.61 31.11
C PHE C 1049 47.96 21.01 30.75
N PRO C 1050 47.94 19.79 30.22
CA PRO C 1050 46.67 19.14 29.88
C PRO C 1050 46.15 18.24 30.99
N GLN C 1051 44.83 18.05 30.99
CA GLN C 1051 44.18 17.11 31.89
C GLN C 1051 42.99 16.49 31.18
N SER C 1052 42.67 15.25 31.56
CA SER C 1052 41.62 14.48 30.90
C SER C 1052 40.29 14.59 31.65
N ALA C 1053 39.21 14.32 30.94
CA ALA C 1053 37.87 14.33 31.51
C ALA C 1053 36.97 13.50 30.62
N PRO C 1054 35.82 13.02 31.15
CA PRO C 1054 34.95 12.17 30.33
C PRO C 1054 34.58 12.79 29.00
N HIS C 1055 35.04 12.18 27.91
CA HIS C 1055 34.79 12.67 26.55
C HIS C 1055 35.33 14.09 26.35
N GLY C 1056 36.52 14.38 26.87
CA GLY C 1056 37.08 15.68 26.57
C GLY C 1056 38.35 15.96 27.34
N VAL C 1057 38.89 17.16 27.08
CA VAL C 1057 40.13 17.60 27.69
C VAL C 1057 39.95 19.00 28.26
N VAL C 1058 40.77 19.31 29.26
CA VAL C 1058 40.83 20.65 29.82
C VAL C 1058 42.29 21.09 29.86
N PHE C 1059 42.54 22.31 29.40
CA PHE C 1059 43.88 22.88 29.39
C PHE C 1059 43.99 23.94 30.47
N LEU C 1060 45.15 23.97 31.13
CA LEU C 1060 45.53 25.06 32.02
C LEU C 1060 46.64 25.85 31.34
N HIS C 1061 46.42 27.15 31.16
CA HIS C 1061 47.39 28.03 30.53
C HIS C 1061 47.97 28.99 31.55
N VAL C 1062 49.28 29.24 31.45
CA VAL C 1062 50.00 30.16 32.32
C VAL C 1062 50.30 31.42 31.53
N THR C 1063 50.06 32.60 32.11
CA THR C 1063 50.20 33.85 31.38
C THR C 1063 50.86 34.91 32.24
N TYR C 1064 51.46 35.88 31.56
CA TYR C 1064 52.26 36.96 32.15
C TYR C 1064 51.63 38.29 31.78
N VAL C 1065 51.40 39.16 32.77
CA VAL C 1065 50.66 40.39 32.54
C VAL C 1065 51.30 41.57 33.27
N PRO C 1066 51.59 42.67 32.57
CA PRO C 1066 52.04 43.88 33.25
C PRO C 1066 50.92 44.50 34.07
N ALA C 1067 51.28 45.11 35.19
CA ALA C 1067 50.28 45.58 36.14
C ALA C 1067 50.28 47.09 36.33
N GLN C 1068 51.40 47.67 36.74
CA GLN C 1068 51.46 49.06 37.15
C GLN C 1068 52.30 49.84 36.15
N GLU C 1069 51.85 51.04 35.77
CA GLU C 1069 52.51 51.81 34.73
C GLU C 1069 52.79 53.23 35.20
N LYS C 1070 53.77 53.85 34.55
CA LYS C 1070 54.21 55.20 34.89
C LYS C 1070 54.39 56.01 33.62
N ASN C 1071 54.12 57.32 33.74
CA ASN C 1071 54.25 58.27 32.64
C ASN C 1071 55.73 58.57 32.40
N PHE C 1072 56.04 59.04 31.19
CA PHE C 1072 57.38 59.50 30.88
C PHE C 1072 57.33 60.39 29.64
N THR C 1073 58.39 61.17 29.44
CA THR C 1073 58.55 62.03 28.27
C THR C 1073 59.65 61.44 27.39
N THR C 1074 59.39 61.35 26.09
CA THR C 1074 60.27 60.64 25.17
C THR C 1074 60.62 61.52 23.97
N ALA C 1075 61.66 61.09 23.26
CA ALA C 1075 62.12 61.71 22.03
C ALA C 1075 62.55 60.61 21.07
N PRO C 1076 62.45 60.85 19.77
CA PRO C 1076 62.71 59.76 18.81
C PRO C 1076 64.18 59.45 18.59
N ALA C 1077 65.06 60.46 18.58
CA ALA C 1077 66.47 60.24 18.30
C ALA C 1077 67.28 61.33 18.96
N ILE C 1078 68.60 61.11 19.08
CA ILE C 1078 69.42 62.04 19.83
C ILE C 1078 70.50 62.61 18.91
N CYS C 1079 70.98 63.80 19.25
CA CYS C 1079 71.88 64.56 18.39
C CYS C 1079 73.16 64.92 19.13
N HIS C 1080 74.30 64.83 18.45
CA HIS C 1080 75.59 65.09 19.08
C HIS C 1080 76.63 65.33 18.00
N ASP C 1081 77.31 66.49 18.06
CA ASP C 1081 78.44 66.80 17.19
C ASP C 1081 78.07 66.67 15.71
N GLY C 1082 76.89 67.17 15.36
CA GLY C 1082 76.38 67.07 14.00
C GLY C 1082 75.86 65.71 13.61
N LYS C 1083 76.29 64.65 14.29
CA LYS C 1083 75.80 63.31 14.01
C LYS C 1083 74.51 63.06 14.77
N ALA C 1084 73.80 62.02 14.36
CA ALA C 1084 72.57 61.58 15.02
C ALA C 1084 72.74 60.15 15.48
N HIS C 1085 72.36 59.87 16.72
CA HIS C 1085 72.43 58.54 17.30
C HIS C 1085 71.03 57.99 17.49
N PHE C 1086 70.88 56.71 17.16
CA PHE C 1086 69.68 55.90 17.35
C PHE C 1086 69.96 54.76 18.32
N PRO C 1087 68.95 54.29 19.05
CA PRO C 1087 69.16 53.17 19.98
C PRO C 1087 68.97 51.82 19.30
N ARG C 1088 69.83 50.88 19.66
CA ARG C 1088 69.78 49.56 19.05
C ARG C 1088 68.50 48.82 19.42
N GLU C 1089 68.09 48.88 20.70
CA GLU C 1089 66.81 48.35 21.11
C GLU C 1089 66.29 49.21 22.25
N GLY C 1090 64.98 49.27 22.39
CA GLY C 1090 64.37 50.11 23.40
C GLY C 1090 64.28 51.56 22.96
N VAL C 1091 63.78 52.39 23.87
CA VAL C 1091 63.47 53.78 23.56
C VAL C 1091 64.12 54.68 24.59
N PHE C 1092 64.25 55.96 24.22
CA PHE C 1092 64.84 56.95 25.10
C PHE C 1092 63.81 57.49 26.07
N VAL C 1093 64.14 57.47 27.35
CA VAL C 1093 63.23 57.90 28.41
C VAL C 1093 63.95 58.90 29.30
N SER C 1094 63.29 60.02 29.58
CA SER C 1094 63.85 61.09 30.40
C SER C 1094 62.89 61.44 31.52
N ASN C 1095 63.39 61.47 32.75
CA ASN C 1095 62.59 61.80 33.92
C ASN C 1095 62.56 63.30 34.20
N GLY C 1096 62.91 64.11 33.21
CA GLY C 1096 62.98 65.55 33.39
C GLY C 1096 64.35 66.07 33.81
N THR C 1097 65.27 65.19 34.16
CA THR C 1097 66.61 65.59 34.59
C THR C 1097 67.71 65.04 33.71
N HIS C 1098 67.65 63.76 33.34
CA HIS C 1098 68.66 63.14 32.50
C HIS C 1098 67.95 62.26 31.49
N TRP C 1099 68.72 61.47 30.74
CA TRP C 1099 68.17 60.61 29.70
C TRP C 1099 68.76 59.22 29.84
N PHE C 1100 67.96 58.21 29.51
CA PHE C 1100 68.39 56.82 29.62
C PHE C 1100 67.71 56.00 28.54
N VAL C 1101 68.14 54.75 28.41
CA VAL C 1101 67.48 53.78 27.55
C VAL C 1101 66.95 52.66 28.44
N THR C 1102 65.98 51.92 27.90
CA THR C 1102 65.34 50.87 28.69
C THR C 1102 64.71 49.86 27.75
N GLN C 1103 64.36 48.70 28.32
CA GLN C 1103 63.60 47.72 27.57
C GLN C 1103 62.18 48.21 27.34
N ARG C 1104 61.43 47.47 26.53
CA ARG C 1104 60.09 47.89 26.17
C ARG C 1104 59.01 47.37 27.10
N ASN C 1105 59.34 46.49 28.04
CA ASN C 1105 58.33 45.86 28.89
C ASN C 1105 58.72 45.77 30.36
N PHE C 1106 59.76 46.46 30.79
CA PHE C 1106 60.15 46.44 32.19
C PHE C 1106 61.12 47.59 32.45
N TYR C 1107 60.82 48.41 33.45
CA TYR C 1107 61.61 49.60 33.71
C TYR C 1107 62.98 49.22 34.27
N GLU C 1108 64.04 49.63 33.60
CA GLU C 1108 65.38 49.28 34.01
C GLU C 1108 66.39 50.23 33.40
N PRO C 1109 66.58 51.42 33.98
CA PRO C 1109 67.43 52.42 33.35
C PRO C 1109 68.89 52.00 33.30
N GLN C 1110 69.57 52.48 32.26
CA GLN C 1110 71.01 52.35 32.11
C GLN C 1110 71.56 53.70 31.66
N ILE C 1111 72.88 53.80 31.58
CA ILE C 1111 73.53 55.03 31.15
C ILE C 1111 73.82 54.94 29.66
N ILE C 1112 73.51 56.00 28.93
CA ILE C 1112 73.68 56.00 27.48
C ILE C 1112 75.16 55.98 27.13
N THR C 1113 75.53 55.07 26.23
CA THR C 1113 76.92 54.96 25.79
C THR C 1113 76.98 54.79 24.27
N THR C 1114 78.17 54.51 23.75
CA THR C 1114 78.33 54.16 22.35
C THR C 1114 78.25 52.67 22.11
N ASP C 1115 78.15 51.87 23.17
CA ASP C 1115 78.11 50.42 23.05
C ASP C 1115 76.70 49.86 22.91
N ASN C 1116 75.67 50.70 22.93
CA ASN C 1116 74.32 50.21 22.69
C ASN C 1116 73.51 51.14 21.80
N THR C 1117 74.16 51.95 20.98
CA THR C 1117 73.52 52.80 20.00
C THR C 1117 74.29 52.69 18.70
N PHE C 1118 73.78 53.33 17.64
CA PHE C 1118 74.54 53.38 16.40
C PHE C 1118 74.19 54.66 15.64
N VAL C 1119 74.88 54.85 14.51
CA VAL C 1119 74.98 56.14 13.83
C VAL C 1119 74.41 56.01 12.43
N SER C 1120 73.64 57.00 12.02
CA SER C 1120 73.10 57.04 10.66
C SER C 1120 72.66 58.47 10.35
N GLY C 1121 72.83 58.87 9.09
CA GLY C 1121 72.35 60.16 8.65
C GLY C 1121 73.09 61.32 9.29
N ASN C 1122 72.36 62.41 9.51
CA ASN C 1122 72.92 63.60 10.14
C ASN C 1122 71.79 64.38 10.81
N CYS C 1123 72.19 65.32 11.66
CA CYS C 1123 71.25 66.01 12.54
C CYS C 1123 70.48 67.11 11.83
N ASP C 1124 69.80 66.77 10.74
CA ASP C 1124 69.06 67.78 9.99
C ASP C 1124 67.63 67.37 9.65
N VAL C 1125 67.39 66.10 9.35
CA VAL C 1125 66.14 65.69 8.73
C VAL C 1125 65.10 65.27 9.75
N VAL C 1126 65.50 64.46 10.75
CA VAL C 1126 64.53 63.91 11.68
C VAL C 1126 63.83 65.05 12.44
N ILE C 1127 62.59 64.80 12.83
CA ILE C 1127 61.75 65.80 13.48
C ILE C 1127 61.63 65.47 14.96
N GLY C 1128 61.77 66.49 15.80
CA GLY C 1128 61.70 66.32 17.24
C GLY C 1128 63.01 65.97 17.91
N ILE C 1129 64.12 66.01 17.18
CA ILE C 1129 65.41 65.64 17.74
C ILE C 1129 65.82 66.66 18.81
N VAL C 1130 66.60 66.20 19.79
CA VAL C 1130 67.02 67.04 20.91
C VAL C 1130 68.52 66.85 21.13
N ASN C 1131 69.23 67.95 21.35
CA ASN C 1131 70.66 67.89 21.61
C ASN C 1131 70.92 67.36 23.01
N ASN C 1132 72.07 66.71 23.19
CA ASN C 1132 72.47 66.15 24.48
C ASN C 1132 73.91 65.69 24.37
N THR C 1133 74.39 65.05 25.43
CA THR C 1133 75.76 64.56 25.51
C THR C 1133 75.82 63.06 25.26
N VAL C 1134 77.02 62.59 24.93
CA VAL C 1134 77.29 61.19 24.63
C VAL C 1134 78.53 60.76 25.39
N TYR C 1135 78.46 59.59 26.03
CA TYR C 1135 79.55 59.05 26.83
C TYR C 1135 80.35 58.04 26.02
N ASP C 1136 81.65 57.99 26.26
CA ASP C 1136 82.56 57.09 25.57
C ASP C 1136 83.28 56.24 26.62
N PRO C 1137 83.18 54.91 26.56
CA PRO C 1137 83.82 54.09 27.60
C PRO C 1137 85.34 54.08 27.55
N LEU C 1138 85.95 54.36 26.40
CA LEU C 1138 87.40 54.27 26.30
C LEU C 1138 88.11 55.51 26.83
N GLN C 1139 87.39 56.61 27.02
CA GLN C 1139 88.02 57.84 27.51
C GLN C 1139 88.61 57.70 28.90
N PRO C 1140 87.89 57.20 29.92
CA PRO C 1140 88.52 57.06 31.25
C PRO C 1140 89.57 55.97 31.32
N GLU C 1141 89.70 55.13 30.29
CA GLU C 1141 90.72 54.10 30.26
C GLU C 1141 91.97 54.51 29.48
N LEU C 1142 91.84 55.44 28.53
CA LEU C 1142 92.97 55.91 27.75
C LEU C 1142 93.61 57.16 28.33
N ASP C 1143 93.14 57.65 29.48
CA ASP C 1143 93.76 58.80 30.12
C ASP C 1143 95.04 58.46 30.85
N SER C 1144 95.37 57.17 30.97
CA SER C 1144 96.58 56.74 31.65
C SER C 1144 97.82 57.01 30.80
N ASP D 1 -38.25 -25.11 24.83
CA ASP D 1 -39.57 -25.70 25.08
C ASP D 1 -40.39 -24.81 26.00
N ILE D 2 -41.41 -24.17 25.43
CA ILE D 2 -42.29 -23.30 26.21
C ILE D 2 -43.32 -24.16 26.91
N GLN D 3 -43.39 -24.05 28.24
CA GLN D 3 -44.37 -24.80 28.99
C GLN D 3 -45.73 -24.12 28.89
N MET D 4 -46.79 -24.88 29.12
CA MET D 4 -48.14 -24.38 28.92
C MET D 4 -49.06 -25.09 29.91
N THR D 5 -49.91 -24.31 30.59
CA THR D 5 -50.81 -24.86 31.59
C THR D 5 -52.16 -24.16 31.52
N GLN D 6 -53.18 -24.82 32.08
CA GLN D 6 -54.54 -24.28 32.07
C GLN D 6 -55.15 -24.45 33.45
N SER D 7 -56.21 -23.66 33.70
CA SER D 7 -56.97 -23.79 34.93
C SER D 7 -58.35 -23.17 34.76
N PRO D 8 -59.39 -23.72 35.40
CA PRO D 8 -59.39 -24.92 36.24
C PRO D 8 -59.53 -26.17 35.39
N SER D 9 -59.60 -27.36 35.98
CA SER D 9 -59.74 -28.58 35.19
C SER D 9 -61.12 -28.67 34.54
N SER D 10 -62.17 -28.41 35.30
CA SER D 10 -63.53 -28.43 34.79
C SER D 10 -64.43 -27.62 35.70
N LEU D 11 -65.58 -27.21 35.18
CA LEU D 11 -66.51 -26.41 35.95
C LEU D 11 -67.91 -26.53 35.37
N SER D 12 -68.88 -26.10 36.16
CA SER D 12 -70.29 -26.15 35.79
C SER D 12 -70.93 -24.78 35.96
N ALA D 13 -71.99 -24.54 35.22
CA ALA D 13 -72.65 -23.24 35.25
C ALA D 13 -74.14 -23.44 34.93
N SER D 14 -74.81 -22.34 34.60
CA SER D 14 -76.23 -22.36 34.27
C SER D 14 -76.51 -21.29 33.22
N VAL D 15 -77.79 -21.08 32.91
CA VAL D 15 -78.15 -20.17 31.83
C VAL D 15 -77.84 -18.73 32.22
N GLY D 16 -77.20 -18.01 31.31
CA GLY D 16 -76.92 -16.59 31.51
C GLY D 16 -75.94 -16.26 32.62
N ASP D 17 -74.80 -16.95 32.69
CA ASP D 17 -73.76 -16.63 33.65
C ASP D 17 -72.42 -16.51 32.97
N ARG D 18 -71.64 -15.53 33.41
CA ARG D 18 -70.28 -15.35 32.89
C ARG D 18 -69.41 -16.51 33.35
N VAL D 19 -68.51 -16.94 32.48
CA VAL D 19 -67.56 -18.00 32.82
C VAL D 19 -66.18 -17.63 32.30
N THR D 20 -65.17 -17.76 33.16
CA THR D 20 -63.82 -17.36 32.84
C THR D 20 -62.86 -18.53 33.02
N ILE D 21 -61.81 -18.55 32.21
CA ILE D 21 -60.79 -19.59 32.25
C ILE D 21 -59.44 -18.88 32.23
N THR D 22 -58.44 -19.49 32.86
CA THR D 22 -57.09 -18.93 32.89
C THR D 22 -56.11 -19.87 32.20
N CYS D 23 -55.20 -19.28 31.43
CA CYS D 23 -54.16 -19.99 30.70
C CYS D 23 -52.82 -19.38 31.06
N GLN D 24 -51.84 -20.22 31.39
CA GLN D 24 -50.58 -19.77 31.97
C GLN D 24 -49.39 -20.32 31.20
N ALA D 25 -48.33 -19.50 31.13
CA ALA D 25 -47.11 -19.86 30.42
C ALA D 25 -45.89 -19.72 31.34
N SER D 26 -44.70 -19.83 30.77
CA SER D 26 -43.46 -19.73 31.52
C SER D 26 -42.62 -18.53 31.14
N GLN D 27 -42.37 -18.32 29.85
CA GLN D 27 -41.59 -17.18 29.39
C GLN D 27 -42.50 -15.99 29.09
N ASP D 28 -41.87 -14.83 28.87
CA ASP D 28 -42.59 -13.58 28.71
C ASP D 28 -43.23 -13.51 27.32
N ILE D 29 -44.26 -14.34 27.14
CA ILE D 29 -45.06 -14.26 25.93
C ILE D 29 -45.78 -12.92 25.87
N SER D 30 -46.06 -12.45 24.66
CA SER D 30 -46.80 -11.21 24.48
C SER D 30 -47.64 -11.30 23.21
N ASN D 31 -48.93 -11.03 23.37
CA ASN D 31 -49.94 -10.89 22.31
C ASN D 31 -49.70 -11.83 21.14
N TYR D 32 -49.34 -13.07 21.44
CA TYR D 32 -49.09 -14.12 20.45
C TYR D 32 -49.90 -15.36 20.83
N LEU D 33 -51.17 -15.17 21.10
CA LEU D 33 -52.02 -16.18 21.74
C LEU D 33 -53.17 -16.56 20.82
N ASN D 34 -53.66 -17.79 20.97
CA ASN D 34 -54.76 -18.31 20.18
C ASN D 34 -55.73 -19.06 21.07
N TRP D 35 -57.00 -19.10 20.68
CA TRP D 35 -58.02 -19.87 21.37
C TRP D 35 -58.79 -20.73 20.38
N TYR D 36 -58.84 -22.03 20.65
CA TYR D 36 -59.55 -23.00 19.82
C TYR D 36 -60.74 -23.59 20.56
N GLN D 37 -61.82 -23.84 19.81
CA GLN D 37 -63.02 -24.47 20.35
C GLN D 37 -63.22 -25.85 19.74
N GLN D 38 -63.67 -26.79 20.57
CA GLN D 38 -63.81 -28.19 20.19
C GLN D 38 -65.24 -28.65 20.47
N LYS D 39 -65.98 -28.91 19.41
CA LYS D 39 -67.29 -29.53 19.50
C LYS D 39 -67.13 -31.05 19.62
N PRO D 40 -68.15 -31.76 20.09
CA PRO D 40 -68.00 -33.21 20.32
C PRO D 40 -67.86 -33.96 19.01
N GLY D 41 -66.70 -34.60 18.82
CA GLY D 41 -66.49 -35.51 17.71
C GLY D 41 -66.54 -34.88 16.34
N LYS D 42 -65.92 -33.72 16.17
CA LYS D 42 -65.91 -33.02 14.88
C LYS D 42 -64.58 -32.28 14.75
N ALA D 43 -64.54 -31.33 13.82
CA ALA D 43 -63.36 -30.52 13.58
C ALA D 43 -63.34 -29.29 14.49
N PRO D 44 -62.17 -28.76 14.80
CA PRO D 44 -62.08 -27.60 15.69
C PRO D 44 -62.41 -26.31 14.96
N LYS D 45 -62.42 -25.22 15.70
CA LYS D 45 -62.71 -23.89 15.17
C LYS D 45 -62.06 -22.83 16.04
N LEU D 46 -62.00 -21.61 15.51
CA LEU D 46 -61.28 -20.51 16.14
C LEU D 46 -62.24 -19.46 16.67
N LEU D 47 -61.91 -18.89 17.82
CA LEU D 47 -62.67 -17.79 18.38
C LEU D 47 -61.87 -16.50 18.43
N ILE D 48 -60.73 -16.50 19.10
CA ILE D 48 -59.91 -15.30 19.24
C ILE D 48 -58.45 -15.69 18.99
N TYR D 49 -57.85 -15.08 17.97
CA TYR D 49 -56.48 -15.39 17.57
C TYR D 49 -55.50 -14.30 17.96
N ASP D 50 -55.93 -13.35 18.79
CA ASP D 50 -55.08 -12.26 19.23
C ASP D 50 -55.31 -12.08 20.72
N ALA D 51 -54.87 -10.95 21.25
CA ALA D 51 -55.14 -10.66 22.66
C ALA D 51 -56.64 -10.54 22.91
N SER D 52 -57.31 -9.66 22.15
CA SER D 52 -58.74 -9.45 22.33
C SER D 52 -59.45 -9.22 21.00
N ASN D 53 -58.97 -9.82 19.92
CA ASN D 53 -59.54 -9.59 18.60
C ASN D 53 -60.54 -10.69 18.28
N LEU D 54 -61.77 -10.30 17.97
CA LEU D 54 -62.81 -11.24 17.61
C LEU D 54 -62.65 -11.66 16.15
N GLU D 55 -63.44 -12.65 15.75
CA GLU D 55 -63.34 -13.20 14.41
C GLU D 55 -64.66 -13.02 13.67
N THR D 56 -64.57 -12.76 12.37
CA THR D 56 -65.73 -12.38 11.57
C THR D 56 -66.77 -13.49 11.52
N GLY D 57 -68.04 -13.11 11.59
CA GLY D 57 -69.13 -14.04 11.48
C GLY D 57 -69.54 -14.73 12.76
N VAL D 58 -68.56 -15.05 13.60
CA VAL D 58 -68.83 -15.71 14.89
C VAL D 58 -69.63 -14.76 15.78
N PRO D 59 -70.61 -15.24 16.54
CA PRO D 59 -71.36 -14.34 17.42
C PRO D 59 -70.44 -13.64 18.41
N SER D 60 -70.75 -12.36 18.67
CA SER D 60 -69.87 -11.50 19.46
C SER D 60 -70.24 -11.62 20.94
N ARG D 61 -69.80 -12.72 21.56
CA ARG D 61 -70.07 -12.98 22.95
C ARG D 61 -68.81 -13.19 23.78
N PHE D 62 -67.67 -13.48 23.16
CA PHE D 62 -66.47 -13.89 23.86
C PHE D 62 -65.51 -12.72 24.04
N SER D 63 -64.59 -12.86 24.97
CA SER D 63 -63.56 -11.86 25.19
C SER D 63 -62.38 -12.51 25.90
N GLY D 64 -61.28 -11.78 25.97
CA GLY D 64 -60.10 -12.27 26.66
C GLY D 64 -59.00 -11.23 26.65
N SER D 65 -58.10 -11.36 27.62
CA SER D 65 -57.00 -10.42 27.75
C SER D 65 -55.95 -11.00 28.71
N GLY D 66 -54.78 -10.39 28.71
CA GLY D 66 -53.72 -10.80 29.59
C GLY D 66 -52.37 -10.34 29.05
N SER D 67 -51.32 -10.73 29.77
CA SER D 67 -49.95 -10.37 29.40
C SER D 67 -49.01 -11.15 30.31
N GLY D 68 -47.72 -10.94 30.11
CA GLY D 68 -46.73 -11.60 30.94
C GLY D 68 -46.82 -13.10 30.79
N THR D 69 -47.13 -13.78 31.89
CA THR D 69 -47.33 -15.22 31.90
C THR D 69 -48.79 -15.62 32.15
N ASP D 70 -49.71 -14.65 32.17
CA ASP D 70 -51.09 -14.90 32.53
C ASP D 70 -52.02 -14.47 31.42
N PHE D 71 -53.08 -15.24 31.19
CA PHE D 71 -54.12 -14.83 30.27
C PHE D 71 -55.45 -15.36 30.75
N THR D 72 -56.51 -14.63 30.45
CA THR D 72 -57.86 -15.00 30.87
C THR D 72 -58.81 -14.84 29.70
N LEU D 73 -59.79 -15.75 29.63
CA LEU D 73 -60.84 -15.71 28.64
C LEU D 73 -62.19 -15.74 29.33
N THR D 74 -63.12 -14.91 28.83
CA THR D 74 -64.39 -14.66 29.48
C THR D 74 -65.53 -14.82 28.49
N ILE D 75 -66.63 -15.41 28.97
CA ILE D 75 -67.89 -15.52 28.23
C ILE D 75 -68.99 -14.87 29.06
N SER D 76 -69.80 -14.04 28.42
CA SER D 76 -70.74 -13.21 29.16
C SER D 76 -72.02 -13.96 29.49
N SER D 77 -72.77 -14.37 28.46
CA SER D 77 -74.08 -14.97 28.65
C SER D 77 -74.05 -16.38 28.10
N LEU D 78 -74.18 -17.36 28.99
CA LEU D 78 -74.19 -18.75 28.57
C LEU D 78 -75.46 -19.07 27.80
N GLN D 79 -75.32 -19.90 26.78
CA GLN D 79 -76.44 -20.45 26.03
C GLN D 79 -76.23 -21.94 25.85
N PRO D 80 -77.32 -22.72 25.73
CA PRO D 80 -77.18 -24.19 25.74
C PRO D 80 -76.26 -24.73 24.67
N GLU D 81 -76.26 -24.15 23.47
CA GLU D 81 -75.44 -24.67 22.39
C GLU D 81 -73.95 -24.40 22.60
N ASP D 82 -73.59 -23.61 23.60
CA ASP D 82 -72.21 -23.21 23.82
C ASP D 82 -71.38 -24.30 24.49
N ILE D 83 -71.96 -25.45 24.79
CA ILE D 83 -71.20 -26.54 25.40
C ILE D 83 -70.11 -26.99 24.43
N ALA D 84 -68.86 -26.95 24.88
CA ALA D 84 -67.72 -27.26 24.02
C ALA D 84 -66.48 -27.41 24.89
N THR D 85 -65.32 -27.48 24.25
CA THR D 85 -64.02 -27.59 24.91
C THR D 85 -63.13 -26.45 24.41
N TYR D 86 -62.14 -26.06 25.22
CA TYR D 86 -61.37 -24.87 24.94
C TYR D 86 -59.87 -25.16 24.96
N TYR D 87 -59.13 -24.43 24.11
CA TYR D 87 -57.69 -24.60 23.97
C TYR D 87 -57.02 -23.23 23.80
N CYS D 88 -55.78 -23.12 24.30
CA CYS D 88 -54.98 -21.90 24.18
C CYS D 88 -53.60 -22.21 23.62
N GLN D 89 -53.10 -21.30 22.77
CA GLN D 89 -51.90 -21.53 21.96
C GLN D 89 -50.96 -20.34 21.96
N GLN D 90 -49.66 -20.62 21.80
CA GLN D 90 -48.62 -19.60 21.77
C GLN D 90 -47.66 -19.89 20.62
N TYR D 91 -47.20 -18.84 19.95
CA TYR D 91 -46.35 -19.02 18.78
C TYR D 91 -45.23 -17.97 18.68
N LYS D 92 -44.45 -17.79 19.76
CA LYS D 92 -43.28 -16.92 19.66
C LYS D 92 -42.26 -17.44 18.68
N ILE D 93 -41.85 -18.70 18.82
CA ILE D 93 -40.78 -19.26 18.00
C ILE D 93 -41.37 -19.68 16.67
N LEU D 94 -40.52 -20.07 15.72
CA LEU D 94 -41.04 -20.47 14.41
C LEU D 94 -41.75 -21.82 14.49
N LEU D 95 -41.08 -22.85 15.00
CA LEU D 95 -41.62 -24.19 14.90
C LEU D 95 -41.45 -24.96 16.21
N THR D 96 -41.76 -24.31 17.33
CA THR D 96 -41.87 -25.01 18.61
C THR D 96 -43.27 -24.81 19.17
N TRP D 97 -44.24 -24.80 18.27
CA TRP D 97 -45.65 -24.69 18.61
C TRP D 97 -46.01 -25.76 19.65
N THR D 98 -46.82 -25.38 20.64
CA THR D 98 -47.25 -26.34 21.66
C THR D 98 -48.73 -26.17 21.98
N PHE D 99 -49.40 -27.28 22.29
CA PHE D 99 -50.76 -27.25 22.79
C PHE D 99 -50.81 -27.30 24.30
N GLY D 100 -51.94 -26.89 24.84
CA GLY D 100 -52.17 -26.89 26.28
C GLY D 100 -52.66 -28.23 26.78
N GLN D 101 -53.70 -28.24 27.62
CA GLN D 101 -54.15 -29.48 28.21
C GLN D 101 -55.63 -29.75 27.92
N GLY D 102 -56.47 -28.73 28.05
CA GLY D 102 -57.90 -28.92 27.89
C GLY D 102 -58.65 -28.60 29.18
N THR D 103 -59.94 -28.33 29.02
CA THR D 103 -60.79 -27.95 30.14
C THR D 103 -62.24 -28.25 29.77
N LYS D 104 -63.04 -28.64 30.77
CA LYS D 104 -64.42 -29.04 30.57
C LYS D 104 -65.39 -28.04 31.21
N VAL D 105 -66.54 -27.87 30.56
CA VAL D 105 -67.60 -27.01 31.04
C VAL D 105 -68.90 -27.81 30.98
N GLU D 106 -69.89 -27.37 31.75
CA GLU D 106 -71.14 -28.09 31.84
C GLU D 106 -72.22 -27.17 32.42
N ILE D 107 -73.47 -27.53 32.19
CA ILE D 107 -74.62 -26.82 32.76
C ILE D 107 -75.45 -27.81 33.57
N LYS D 108 -76.23 -27.26 34.50
CA LYS D 108 -77.06 -28.05 35.40
C LYS D 108 -78.54 -27.85 35.06
N ARG D 109 -79.39 -28.42 35.90
CA ARG D 109 -80.83 -28.49 35.62
C ARG D 109 -81.54 -28.66 36.96
N THR D 110 -82.87 -28.70 36.90
CA THR D 110 -83.65 -29.13 38.05
C THR D 110 -83.61 -30.65 38.17
N VAL D 111 -83.53 -31.12 39.41
CA VAL D 111 -83.51 -32.56 39.65
C VAL D 111 -84.86 -33.17 39.29
N ALA D 112 -84.84 -34.43 38.88
CA ALA D 112 -86.07 -35.12 38.47
C ALA D 112 -85.87 -36.62 38.62
N ALA D 113 -87.00 -37.34 38.66
CA ALA D 113 -87.00 -38.78 38.75
C ALA D 113 -86.69 -39.42 37.40
N PRO D 114 -85.97 -40.53 37.38
CA PRO D 114 -85.62 -41.18 36.12
C PRO D 114 -86.78 -41.96 35.52
N SER D 115 -86.69 -42.19 34.22
CA SER D 115 -87.63 -43.02 33.48
C SER D 115 -86.92 -44.30 33.03
N VAL D 116 -87.55 -45.44 33.29
CA VAL D 116 -86.90 -46.74 33.17
C VAL D 116 -87.66 -47.61 32.18
N PHE D 117 -86.91 -48.31 31.32
CA PHE D 117 -87.43 -49.34 30.45
C PHE D 117 -86.62 -50.62 30.67
N ILE D 118 -87.23 -51.76 30.33
CA ILE D 118 -86.55 -53.04 30.43
C ILE D 118 -86.81 -53.84 29.16
N PHE D 119 -85.92 -54.80 28.89
CA PHE D 119 -86.08 -55.65 27.74
C PHE D 119 -86.08 -57.12 28.14
N PRO D 120 -86.99 -57.92 27.58
CA PRO D 120 -87.00 -59.35 27.88
C PRO D 120 -85.83 -60.05 27.23
N PRO D 121 -85.48 -61.26 27.68
CA PRO D 121 -84.40 -62.00 27.02
C PRO D 121 -84.71 -62.24 25.55
N SER D 122 -83.66 -62.15 24.73
CA SER D 122 -83.80 -62.28 23.28
C SER D 122 -83.77 -63.75 22.90
N ASP D 123 -84.86 -64.23 22.30
CA ASP D 123 -84.91 -65.61 21.84
C ASP D 123 -83.86 -65.87 20.77
N GLU D 124 -83.59 -64.85 19.94
CA GLU D 124 -82.53 -64.98 18.93
C GLU D 124 -81.18 -65.20 19.59
N GLN D 125 -80.90 -64.47 20.68
CA GLN D 125 -79.65 -64.67 21.41
C GLN D 125 -79.63 -65.99 22.18
N LEU D 126 -80.80 -66.53 22.52
CA LEU D 126 -80.86 -67.79 23.25
C LEU D 126 -80.39 -68.97 22.41
N LYS D 127 -80.22 -68.80 21.10
CA LYS D 127 -79.74 -69.88 20.25
C LYS D 127 -78.24 -70.11 20.42
N SER D 128 -77.52 -69.14 20.98
CA SER D 128 -76.07 -69.23 21.13
C SER D 128 -75.64 -69.75 22.49
N GLY D 129 -76.57 -70.09 23.37
CA GLY D 129 -76.24 -70.57 24.69
C GLY D 129 -75.99 -69.50 25.73
N THR D 130 -76.07 -68.23 25.35
CA THR D 130 -75.86 -67.11 26.27
C THR D 130 -77.11 -66.26 26.32
N ALA D 131 -77.50 -65.88 27.54
CA ALA D 131 -78.69 -65.07 27.77
C ALA D 131 -78.29 -63.72 28.34
N SER D 132 -78.98 -62.66 27.89
CA SER D 132 -78.67 -61.31 28.32
C SER D 132 -79.96 -60.52 28.48
N VAL D 133 -79.99 -59.67 29.52
CA VAL D 133 -81.13 -58.82 29.84
C VAL D 133 -80.65 -57.38 29.91
N VAL D 134 -81.43 -56.47 29.33
CA VAL D 134 -81.05 -55.07 29.19
C VAL D 134 -82.00 -54.19 30.00
N CYS D 135 -81.43 -53.24 30.74
CA CYS D 135 -82.18 -52.29 31.54
C CYS D 135 -81.73 -50.89 31.15
N LEU D 136 -82.68 -50.05 30.74
CA LEU D 136 -82.40 -48.75 30.14
C LEU D 136 -82.98 -47.64 31.00
N LEU D 137 -82.24 -46.54 31.12
CA LEU D 137 -82.72 -45.32 31.76
C LEU D 137 -82.65 -44.19 30.74
N ASN D 138 -83.80 -43.59 30.45
CA ASN D 138 -83.88 -42.60 29.37
C ASN D 138 -83.38 -41.23 29.81
N ASN D 139 -84.02 -40.65 30.82
CA ASN D 139 -83.69 -39.31 31.27
C ASN D 139 -83.50 -39.30 32.78
N PHE D 140 -82.38 -38.76 33.23
CA PHE D 140 -82.10 -38.66 34.66
C PHE D 140 -81.05 -37.59 34.89
N TYR D 141 -80.96 -37.17 36.14
CA TYR D 141 -80.07 -36.10 36.59
C TYR D 141 -80.18 -36.14 38.11
N PRO D 142 -79.09 -35.93 38.88
CA PRO D 142 -77.70 -35.64 38.51
C PRO D 142 -76.82 -36.88 38.43
N ARG D 143 -77.21 -37.91 37.69
CA ARG D 143 -76.52 -39.20 37.54
C ARG D 143 -76.20 -39.85 38.88
N GLU D 144 -76.84 -39.42 39.96
CA GLU D 144 -76.62 -40.03 41.26
C GLU D 144 -77.37 -41.35 41.43
N ALA D 145 -78.26 -41.69 40.51
CA ALA D 145 -79.02 -42.92 40.61
C ALA D 145 -78.10 -44.14 40.44
N LYS D 146 -78.30 -45.12 41.30
CA LYS D 146 -77.55 -46.37 41.26
C LYS D 146 -78.47 -47.48 40.75
N VAL D 147 -78.00 -48.21 39.74
CA VAL D 147 -78.77 -49.28 39.12
C VAL D 147 -78.12 -50.61 39.50
N GLN D 148 -78.94 -51.56 39.92
CA GLN D 148 -78.47 -52.87 40.36
C GLN D 148 -79.34 -53.96 39.75
N TRP D 149 -78.76 -55.15 39.64
CA TRP D 149 -79.47 -56.34 39.19
C TRP D 149 -79.59 -57.28 40.38
N LYS D 150 -80.82 -57.69 40.69
CA LYS D 150 -81.09 -58.56 41.81
C LYS D 150 -81.49 -59.94 41.32
N VAL D 151 -80.74 -60.95 41.74
CA VAL D 151 -81.04 -62.34 41.43
C VAL D 151 -81.95 -62.88 42.52
N ASP D 152 -83.13 -63.34 42.13
CA ASP D 152 -84.18 -63.72 43.07
C ASP D 152 -84.49 -62.57 44.03
N ASN D 153 -84.46 -61.35 43.49
CA ASN D 153 -84.67 -60.12 44.26
C ASN D 153 -83.68 -60.02 45.42
N ALA D 154 -82.45 -60.46 45.22
CA ALA D 154 -81.41 -60.43 46.23
C ALA D 154 -80.12 -59.89 45.65
N LEU D 155 -79.35 -59.18 46.48
CA LEU D 155 -78.10 -58.60 46.03
C LEU D 155 -77.01 -59.67 46.00
N GLN D 156 -76.18 -59.63 44.96
CA GLN D 156 -75.12 -60.62 44.77
C GLN D 156 -73.77 -59.95 44.59
N SER D 157 -72.76 -60.72 44.18
CA SER D 157 -71.38 -60.27 44.15
C SER D 157 -70.92 -60.02 42.72
N GLY D 158 -70.86 -58.74 42.35
CA GLY D 158 -70.25 -58.31 41.09
C GLY D 158 -70.72 -59.01 39.84
N ASN D 159 -71.97 -58.78 39.43
CA ASN D 159 -72.57 -59.51 38.32
C ASN D 159 -72.85 -58.68 37.08
N SER D 160 -72.69 -57.36 37.14
CA SER D 160 -73.05 -56.53 36.00
C SER D 160 -72.30 -55.21 36.03
N GLN D 161 -72.30 -54.52 34.89
CA GLN D 161 -71.71 -53.20 34.75
C GLN D 161 -72.72 -52.27 34.08
N GLU D 162 -72.29 -51.07 33.70
CA GLU D 162 -73.21 -50.10 33.10
C GLU D 162 -72.44 -49.14 32.21
N SER D 163 -73.18 -48.44 31.35
CA SER D 163 -72.64 -47.43 30.45
C SER D 163 -73.54 -46.21 30.48
N VAL D 164 -72.94 -45.04 30.20
CA VAL D 164 -73.64 -43.77 30.28
C VAL D 164 -73.39 -42.97 29.02
N THR D 165 -74.23 -41.95 28.80
CA THR D 165 -74.04 -40.98 27.74
C THR D 165 -74.24 -39.58 28.29
N GLU D 166 -73.68 -38.60 27.57
CA GLU D 166 -73.78 -37.20 27.97
C GLU D 166 -75.17 -36.66 27.66
N GLN D 167 -75.34 -35.36 27.82
CA GLN D 167 -76.62 -34.70 27.65
C GLN D 167 -76.67 -33.94 26.32
N ASP D 168 -77.77 -33.23 26.11
CA ASP D 168 -77.99 -32.42 24.93
C ASP D 168 -78.81 -31.20 25.32
N SER D 169 -78.74 -30.16 24.48
CA SER D 169 -79.48 -28.93 24.76
C SER D 169 -80.97 -29.19 24.84
N LYS D 170 -81.51 -29.99 23.93
CA LYS D 170 -82.92 -30.33 23.95
C LYS D 170 -83.28 -31.28 25.08
N ASP D 171 -82.29 -31.84 25.79
CA ASP D 171 -82.53 -32.87 26.78
C ASP D 171 -82.30 -32.38 28.20
N SER D 172 -81.14 -31.80 28.48
CA SER D 172 -80.71 -31.40 29.82
C SER D 172 -80.64 -32.56 30.81
N THR D 173 -80.72 -33.79 30.31
CA THR D 173 -80.58 -34.99 31.14
C THR D 173 -79.73 -36.00 30.39
N TYR D 174 -79.37 -37.07 31.09
CA TYR D 174 -78.48 -38.09 30.55
C TYR D 174 -79.23 -39.42 30.35
N SER D 175 -78.54 -40.37 29.72
CA SER D 175 -79.11 -41.70 29.49
C SER D 175 -78.11 -42.76 29.92
N LEU D 176 -78.64 -43.91 30.35
CA LEU D 176 -77.82 -44.98 30.90
C LEU D 176 -78.34 -46.33 30.41
N SER D 177 -77.42 -47.29 30.31
CA SER D 177 -77.75 -48.66 29.91
C SER D 177 -77.03 -49.63 30.81
N SER D 178 -77.64 -50.80 31.02
CA SER D 178 -77.03 -51.85 31.83
C SER D 178 -77.45 -53.20 31.27
N THR D 179 -76.59 -54.20 31.45
CA THR D 179 -76.81 -55.53 30.90
C THR D 179 -76.35 -56.59 31.89
N LEU D 180 -77.17 -57.64 32.03
CA LEU D 180 -76.83 -58.81 32.83
C LEU D 180 -76.79 -60.02 31.93
N THR D 181 -75.66 -60.75 31.94
CA THR D 181 -75.42 -61.84 31.01
C THR D 181 -75.01 -63.10 31.77
N LEU D 182 -75.60 -64.23 31.36
CA LEU D 182 -75.26 -65.52 31.95
C LEU D 182 -75.33 -66.59 30.86
N SER D 183 -75.10 -67.84 31.27
CA SER D 183 -75.18 -68.98 30.38
C SER D 183 -76.47 -69.75 30.63
N LYS D 184 -76.74 -70.72 29.75
CA LYS D 184 -77.96 -71.51 29.86
C LYS D 184 -77.97 -72.33 31.15
N ALA D 185 -76.85 -72.98 31.46
CA ALA D 185 -76.77 -73.77 32.68
C ALA D 185 -76.90 -72.89 33.92
N ASP D 186 -76.26 -71.71 33.90
CA ASP D 186 -76.36 -70.80 35.04
C ASP D 186 -77.75 -70.22 35.19
N TYR D 187 -78.44 -69.98 34.07
CA TYR D 187 -79.76 -69.35 34.10
C TYR D 187 -80.79 -70.17 34.88
N GLU D 188 -80.59 -71.48 34.98
CA GLU D 188 -81.50 -72.34 35.73
C GLU D 188 -81.23 -72.35 37.23
N LYS D 189 -80.17 -71.67 37.68
CA LYS D 189 -79.79 -71.71 39.08
C LYS D 189 -80.66 -70.83 39.97
N HIS D 190 -81.48 -69.96 39.39
CA HIS D 190 -82.32 -69.05 40.17
C HIS D 190 -83.62 -68.82 39.41
N LYS D 191 -84.65 -68.38 40.14
CA LYS D 191 -86.00 -68.35 39.61
C LYS D 191 -86.49 -66.97 39.18
N VAL D 192 -86.03 -65.90 39.84
CA VAL D 192 -86.52 -64.54 39.56
C VAL D 192 -85.33 -63.64 39.30
N TYR D 193 -85.50 -62.70 38.36
CA TYR D 193 -84.43 -61.75 38.06
C TYR D 193 -85.05 -60.36 37.89
N ALA D 194 -84.42 -59.37 38.53
CA ALA D 194 -85.01 -58.03 38.56
C ALA D 194 -83.93 -56.97 38.34
N CYS D 195 -84.37 -55.82 37.83
CA CYS D 195 -83.54 -54.63 37.70
C CYS D 195 -84.13 -53.52 38.57
N GLU D 196 -83.30 -52.93 39.41
CA GLU D 196 -83.72 -51.85 40.30
C GLU D 196 -82.86 -50.62 40.06
N VAL D 197 -83.44 -49.45 40.29
CA VAL D 197 -82.70 -48.20 40.29
C VAL D 197 -83.16 -47.36 41.47
N THR D 198 -82.21 -46.80 42.20
CA THR D 198 -82.49 -45.98 43.36
C THR D 198 -81.82 -44.63 43.21
N HIS D 199 -82.57 -43.55 43.44
CA HIS D 199 -82.06 -42.20 43.27
C HIS D 199 -82.49 -41.34 44.45
N GLN D 200 -81.72 -40.29 44.70
CA GLN D 200 -82.09 -39.31 45.72
C GLN D 200 -83.37 -38.57 45.34
N GLY D 201 -83.65 -38.45 44.05
CA GLY D 201 -84.86 -37.82 43.57
C GLY D 201 -86.08 -38.70 43.59
N LEU D 202 -85.94 -39.95 44.03
CA LEU D 202 -87.05 -40.89 44.11
C LEU D 202 -87.35 -41.20 45.57
N SER D 203 -88.65 -41.23 45.89
CA SER D 203 -89.08 -41.64 47.23
C SER D 203 -89.03 -43.15 47.42
N SER D 204 -88.91 -43.92 46.35
CA SER D 204 -88.82 -45.37 46.42
C SER D 204 -88.10 -45.87 45.18
N PRO D 205 -87.36 -46.97 45.28
CA PRO D 205 -86.66 -47.49 44.09
C PRO D 205 -87.64 -47.97 43.04
N VAL D 206 -87.22 -47.82 41.78
CA VAL D 206 -87.99 -48.30 40.63
C VAL D 206 -87.51 -49.69 40.27
N THR D 207 -88.46 -50.63 40.19
CA THR D 207 -88.16 -52.05 40.05
C THR D 207 -88.90 -52.63 38.85
N LYS D 208 -88.22 -53.52 38.14
CA LYS D 208 -88.83 -54.34 37.09
C LYS D 208 -88.34 -55.76 37.27
N SER D 209 -89.24 -56.68 37.66
CA SER D 209 -88.88 -58.03 38.02
C SER D 209 -89.60 -59.02 37.12
N PHE D 210 -88.87 -59.99 36.59
CA PHE D 210 -89.41 -61.03 35.72
C PHE D 210 -89.07 -62.40 36.27
N ASN D 211 -89.81 -63.39 35.81
CA ASN D 211 -89.67 -64.78 36.25
C ASN D 211 -89.12 -65.62 35.12
N ARG D 212 -88.23 -66.55 35.46
CA ARG D 212 -87.62 -67.41 34.45
C ARG D 212 -88.65 -68.35 33.81
N GLY D 213 -89.72 -68.68 34.53
CA GLY D 213 -90.72 -69.57 33.97
C GLY D 213 -91.47 -68.97 32.80
N GLU D 214 -91.76 -67.67 32.88
CA GLU D 214 -92.50 -66.98 31.83
C GLU D 214 -91.60 -66.07 30.99
N CYS D 215 -90.29 -66.30 31.03
CA CYS D 215 -89.36 -65.53 30.22
C CYS D 215 -88.24 -66.41 29.67
N GLU E 1 -65.57 -19.52 -1.94
CA GLU E 1 -65.75 -20.77 -1.22
C GLU E 1 -64.64 -21.75 -1.59
N VAL E 2 -64.30 -22.63 -0.66
CA VAL E 2 -63.24 -23.61 -0.87
C VAL E 2 -63.72 -24.96 -0.36
N GLN E 3 -63.04 -26.01 -0.81
CA GLN E 3 -63.37 -27.36 -0.41
C GLN E 3 -62.10 -28.13 -0.11
N LEU E 4 -62.22 -29.10 0.80
CA LEU E 4 -61.12 -29.95 1.21
C LEU E 4 -61.60 -31.38 1.35
N VAL E 5 -60.74 -32.34 1.01
CA VAL E 5 -61.12 -33.74 0.93
C VAL E 5 -59.97 -34.60 1.47
N GLN E 6 -60.34 -35.67 2.19
CA GLN E 6 -59.40 -36.65 2.72
C GLN E 6 -59.80 -38.03 2.22
N SER E 7 -59.14 -39.05 2.75
CA SER E 7 -59.47 -40.43 2.44
C SER E 7 -59.94 -41.15 3.71
N GLY E 8 -60.45 -42.36 3.52
CA GLY E 8 -61.02 -43.13 4.62
C GLY E 8 -59.96 -43.71 5.54
N ALA E 9 -60.44 -44.38 6.58
CA ALA E 9 -59.57 -44.98 7.58
C ALA E 9 -58.89 -46.24 7.06
N GLU E 10 -57.73 -46.56 7.64
CA GLU E 10 -57.02 -47.79 7.31
C GLU E 10 -56.55 -48.50 8.57
N VAL E 11 -56.39 -49.81 8.45
CA VAL E 11 -55.73 -50.64 9.45
C VAL E 11 -54.68 -51.49 8.74
N LYS E 12 -53.47 -51.50 9.30
CA LYS E 12 -52.32 -52.11 8.63
C LYS E 12 -51.55 -53.00 9.60
N LYS E 13 -50.75 -53.90 9.02
CA LYS E 13 -49.85 -54.80 9.72
C LYS E 13 -48.57 -54.08 10.12
N PRO E 14 -47.86 -54.58 11.13
CA PRO E 14 -46.53 -54.03 11.42
C PRO E 14 -45.57 -54.25 10.26
N GLY E 15 -44.68 -53.27 10.04
CA GLY E 15 -43.69 -53.35 9.01
C GLY E 15 -44.14 -52.94 7.63
N GLU E 16 -45.36 -52.45 7.47
CA GLU E 16 -45.85 -52.03 6.17
C GLU E 16 -45.53 -50.57 5.91
N SER E 17 -45.89 -50.10 4.72
CA SER E 17 -45.78 -48.72 4.33
C SER E 17 -47.17 -48.10 4.21
N LEU E 18 -47.21 -46.78 4.00
CA LEU E 18 -48.47 -46.06 4.01
C LEU E 18 -48.31 -44.76 3.22
N LYS E 19 -49.45 -44.17 2.85
CA LYS E 19 -49.46 -42.96 2.05
C LYS E 19 -50.83 -42.31 2.18
N ILE E 20 -50.87 -41.00 2.47
CA ILE E 20 -52.14 -40.30 2.63
C ILE E 20 -52.10 -39.03 1.80
N SER E 21 -53.27 -38.59 1.34
CA SER E 21 -53.37 -37.38 0.54
C SER E 21 -54.48 -36.48 1.07
N CYS E 22 -54.21 -35.17 1.07
CA CYS E 22 -55.21 -34.16 1.37
C CYS E 22 -55.36 -33.26 0.15
N LYS E 23 -56.60 -33.10 -0.30
CA LYS E 23 -56.89 -32.33 -1.50
C LYS E 23 -57.67 -31.09 -1.12
N ALA E 24 -57.50 -30.02 -1.89
CA ALA E 24 -58.25 -28.79 -1.65
C ALA E 24 -58.40 -28.04 -2.96
N SER E 25 -59.39 -27.15 -2.98
CA SER E 25 -59.64 -26.35 -4.18
C SER E 25 -60.46 -25.12 -3.81
N GLY E 26 -60.45 -24.15 -4.72
CA GLY E 26 -61.28 -22.96 -4.57
C GLY E 26 -60.53 -21.65 -4.67
N TYR E 27 -59.36 -21.58 -4.05
CA TYR E 27 -58.51 -20.40 -4.09
C TYR E 27 -57.26 -20.69 -4.92
N ASN E 28 -56.34 -19.73 -4.95
CA ASN E 28 -55.06 -19.93 -5.62
C ASN E 28 -54.17 -20.74 -4.70
N PHE E 29 -53.97 -22.01 -5.02
CA PHE E 29 -53.32 -22.93 -4.10
C PHE E 29 -51.86 -22.56 -3.86
N ALA E 30 -51.23 -21.81 -4.75
CA ALA E 30 -49.79 -21.62 -4.69
C ALA E 30 -49.35 -20.57 -3.67
N TYR E 31 -50.26 -19.87 -3.01
CA TYR E 31 -49.90 -18.71 -2.19
C TYR E 31 -50.37 -18.84 -0.75
N TYR E 32 -50.47 -20.06 -0.24
CA TYR E 32 -50.86 -20.29 1.15
C TYR E 32 -50.02 -21.43 1.71
N TRP E 33 -50.29 -21.82 2.96
CA TRP E 33 -49.50 -22.83 3.63
C TRP E 33 -50.37 -24.00 4.05
N ILE E 34 -49.79 -25.20 4.03
CA ILE E 34 -50.50 -26.42 4.37
C ILE E 34 -49.84 -27.07 5.56
N GLY E 35 -50.63 -27.39 6.60
CA GLY E 35 -50.09 -27.96 7.80
C GLY E 35 -50.85 -29.21 8.22
N TRP E 36 -50.21 -30.02 9.06
CA TRP E 36 -50.81 -31.28 9.48
C TRP E 36 -50.83 -31.39 11.00
N VAL E 37 -51.84 -32.10 11.51
CA VAL E 37 -52.09 -32.21 12.94
C VAL E 37 -52.51 -33.63 13.29
N ARG E 38 -51.98 -34.14 14.40
CA ARG E 38 -52.27 -35.48 14.89
C ARG E 38 -53.08 -35.41 16.17
N GLN E 39 -54.04 -36.32 16.33
CA GLN E 39 -54.79 -36.47 17.56
C GLN E 39 -54.89 -37.94 17.94
N MET E 40 -54.59 -38.25 19.20
CA MET E 40 -54.72 -39.61 19.71
C MET E 40 -55.92 -39.63 20.64
N PRO E 41 -56.93 -40.46 20.38
CA PRO E 41 -58.24 -40.28 21.04
C PRO E 41 -58.17 -40.41 22.55
N GLY E 42 -58.95 -39.59 23.23
CA GLY E 42 -59.01 -39.59 24.67
C GLY E 42 -58.02 -38.68 25.36
N LYS E 43 -57.11 -38.05 24.61
CA LYS E 43 -56.10 -37.17 25.18
C LYS E 43 -55.91 -35.98 24.25
N GLY E 44 -54.83 -35.24 24.45
CA GLY E 44 -54.60 -34.00 23.72
C GLY E 44 -54.18 -34.17 22.28
N LEU E 45 -53.45 -33.18 21.77
CA LEU E 45 -53.04 -33.12 20.37
C LEU E 45 -51.62 -32.58 20.31
N GLU E 46 -51.04 -32.56 19.12
CA GLU E 46 -49.71 -31.98 18.93
C GLU E 46 -49.46 -31.79 17.45
N TRP E 47 -48.66 -30.77 17.12
CA TRP E 47 -48.45 -30.40 15.73
C TRP E 47 -47.57 -31.43 15.03
N MET E 48 -47.60 -31.39 13.69
CA MET E 48 -46.85 -32.31 12.85
C MET E 48 -45.80 -31.60 12.01
N GLY E 49 -46.21 -30.63 11.21
CA GLY E 49 -45.29 -29.98 10.29
C GLY E 49 -46.05 -29.18 9.26
N ILE E 50 -45.30 -28.32 8.56
CA ILE E 50 -45.90 -27.42 7.58
C ILE E 50 -45.09 -27.40 6.29
N ILE E 51 -45.77 -27.00 5.22
CA ILE E 51 -45.21 -27.03 3.88
C ILE E 51 -45.75 -25.84 3.10
N TYR E 52 -44.90 -25.30 2.24
CA TYR E 52 -45.25 -24.21 1.34
C TYR E 52 -44.84 -24.61 -0.07
N PRO E 53 -45.78 -24.82 -0.97
CA PRO E 53 -45.41 -25.19 -2.35
C PRO E 53 -44.90 -23.99 -3.14
N GLY E 54 -44.58 -24.22 -4.41
CA GLY E 54 -43.98 -23.19 -5.22
C GLY E 54 -42.50 -23.06 -4.92
N ASP E 55 -42.18 -22.62 -3.70
CA ASP E 55 -40.80 -22.59 -3.23
C ASP E 55 -40.33 -23.95 -2.73
N SER E 56 -41.22 -24.92 -2.62
CA SER E 56 -40.89 -26.28 -2.16
C SER E 56 -40.24 -26.26 -0.78
N ASP E 57 -40.82 -25.46 0.13
CA ASP E 57 -40.24 -25.31 1.47
C ASP E 57 -40.96 -26.19 2.47
N THR E 58 -40.18 -26.86 3.31
CA THR E 58 -40.70 -27.81 4.29
C THR E 58 -40.16 -27.45 5.66
N ARG E 59 -40.96 -27.62 6.70
CA ARG E 59 -40.50 -27.39 8.05
C ARG E 59 -41.12 -28.42 8.99
N TYR E 60 -40.29 -28.98 9.86
CA TYR E 60 -40.61 -30.20 10.60
C TYR E 60 -40.65 -29.94 12.11
N SER E 61 -41.56 -30.63 12.78
CA SER E 61 -41.70 -30.54 14.22
C SER E 61 -40.47 -31.12 14.92
N PRO E 62 -40.19 -30.68 16.16
CA PRO E 62 -39.00 -31.20 16.86
C PRO E 62 -38.99 -32.72 17.01
N SER E 63 -40.05 -33.29 17.61
CA SER E 63 -40.03 -34.70 17.92
C SER E 63 -39.96 -35.57 16.65
N PHE E 64 -40.71 -35.19 15.62
CA PHE E 64 -40.89 -36.02 14.45
C PHE E 64 -39.91 -35.70 13.33
N GLN E 65 -38.73 -35.20 13.67
CA GLN E 65 -37.74 -34.88 12.65
C GLN E 65 -37.23 -36.16 12.00
N GLY E 66 -37.35 -36.24 10.68
CA GLY E 66 -36.77 -37.33 9.93
C GLY E 66 -37.53 -38.64 9.96
N GLN E 67 -38.72 -38.67 10.56
CA GLN E 67 -39.50 -39.89 10.63
C GLN E 67 -40.76 -39.84 9.77
N VAL E 68 -40.99 -38.75 9.05
CA VAL E 68 -42.09 -38.62 8.10
C VAL E 68 -41.58 -37.90 6.87
N THR E 69 -42.47 -37.63 5.92
CA THR E 69 -42.10 -36.82 4.77
C THR E 69 -43.33 -36.12 4.23
N ILE E 70 -43.19 -34.83 3.95
CA ILE E 70 -44.28 -33.96 3.52
C ILE E 70 -43.96 -33.46 2.13
N SER E 71 -44.90 -33.62 1.20
CA SER E 71 -44.69 -33.17 -0.17
C SER E 71 -45.95 -32.51 -0.68
N ALA E 72 -45.84 -31.89 -1.85
CA ALA E 72 -46.98 -31.22 -2.45
C ALA E 72 -46.88 -31.30 -3.96
N ASP E 73 -48.03 -31.14 -4.62
CA ASP E 73 -48.10 -31.06 -6.07
C ASP E 73 -49.02 -29.91 -6.45
N LYS E 74 -48.52 -29.01 -7.31
CA LYS E 74 -49.29 -27.83 -7.68
C LYS E 74 -50.18 -28.07 -8.88
N SER E 75 -49.84 -29.03 -9.74
CA SER E 75 -50.66 -29.31 -10.91
C SER E 75 -52.07 -29.74 -10.53
N ILE E 76 -52.17 -30.61 -9.53
CA ILE E 76 -53.45 -31.06 -9.01
C ILE E 76 -53.70 -30.56 -7.59
N SER E 77 -52.81 -29.72 -7.07
CA SER E 77 -53.02 -29.00 -5.80
C SER E 77 -53.33 -29.95 -4.65
N THR E 78 -52.35 -30.79 -4.33
CA THR E 78 -52.50 -31.80 -3.29
C THR E 78 -51.32 -31.78 -2.33
N ALA E 79 -51.59 -32.24 -1.11
CA ALA E 79 -50.57 -32.44 -0.09
C ALA E 79 -50.44 -33.93 0.19
N TYR E 80 -49.20 -34.42 0.22
CA TYR E 80 -48.93 -35.85 0.28
C TYR E 80 -48.12 -36.15 1.54
N LEU E 81 -48.67 -37.03 2.38
CA LEU E 81 -48.03 -37.48 3.61
C LEU E 81 -47.46 -38.87 3.35
N GLN E 82 -46.15 -39.03 3.56
CA GLN E 82 -45.50 -40.30 3.32
C GLN E 82 -44.77 -40.75 4.57
N TRP E 83 -44.99 -42.01 4.96
CA TRP E 83 -44.29 -42.62 6.08
C TRP E 83 -43.07 -43.38 5.56
N SER E 84 -42.34 -44.01 6.47
CA SER E 84 -41.25 -44.91 6.12
C SER E 84 -41.54 -46.34 6.52
N SER E 85 -41.87 -46.56 7.79
CA SER E 85 -42.20 -47.90 8.28
C SER E 85 -43.26 -47.75 9.36
N LEU E 86 -44.40 -48.40 9.16
CA LEU E 86 -45.50 -48.25 10.11
C LEU E 86 -45.15 -48.90 11.44
N LYS E 87 -45.69 -48.32 12.51
CA LYS E 87 -45.39 -48.74 13.87
C LYS E 87 -46.68 -48.90 14.65
N ALA E 88 -46.68 -49.83 15.59
CA ALA E 88 -47.88 -50.13 16.37
C ALA E 88 -48.32 -48.96 17.24
N SER E 89 -47.47 -47.95 17.41
CA SER E 89 -47.79 -46.79 18.22
C SER E 89 -48.31 -45.62 17.40
N ASP E 90 -49.05 -45.88 16.34
CA ASP E 90 -49.52 -44.83 15.44
C ASP E 90 -51.03 -44.81 15.27
N THR E 91 -51.77 -45.50 16.12
CA THR E 91 -53.24 -45.48 16.03
C THR E 91 -53.74 -44.11 16.45
N ALA E 92 -54.25 -43.34 15.49
CA ALA E 92 -54.65 -41.97 15.76
C ALA E 92 -55.50 -41.47 14.60
N MET E 93 -55.76 -40.16 14.58
CA MET E 93 -56.43 -39.49 13.49
C MET E 93 -55.62 -38.28 13.06
N TYR E 94 -55.59 -38.02 11.76
CA TYR E 94 -54.78 -36.97 11.18
C TYR E 94 -55.66 -36.01 10.40
N TYR E 95 -55.30 -34.72 10.42
CA TYR E 95 -56.06 -33.68 9.74
C TYR E 95 -55.21 -33.04 8.65
N CYS E 96 -55.74 -31.97 8.05
CA CYS E 96 -54.97 -31.13 7.15
C CYS E 96 -55.60 -29.75 7.12
N ALA E 97 -54.77 -28.71 7.27
CA ALA E 97 -55.28 -27.36 7.51
C ALA E 97 -54.61 -26.34 6.62
N ARG E 98 -55.38 -25.32 6.25
CA ARG E 98 -54.93 -24.18 5.47
C ARG E 98 -54.57 -23.03 6.39
N GLY E 99 -53.42 -22.40 6.12
CA GLY E 99 -52.99 -21.32 6.98
C GLY E 99 -52.07 -20.30 6.34
N GLU E 100 -52.15 -19.06 6.81
CA GLU E 100 -51.26 -17.98 6.42
C GLU E 100 -50.49 -17.50 7.64
N MET E 101 -49.24 -17.08 7.41
CA MET E 101 -48.33 -16.86 8.53
C MET E 101 -48.60 -15.53 9.24
N THR E 102 -49.04 -14.51 8.53
CA THR E 102 -49.01 -13.17 9.10
C THR E 102 -50.10 -12.95 10.16
N ALA E 103 -51.36 -13.22 9.82
CA ALA E 103 -52.46 -12.78 10.68
C ALA E 103 -53.30 -13.94 11.20
N VAL E 104 -53.84 -14.80 10.34
CA VAL E 104 -54.82 -15.81 10.73
C VAL E 104 -54.32 -17.16 10.25
N PHE E 105 -54.49 -18.18 11.10
CA PHE E 105 -53.94 -19.49 10.80
C PHE E 105 -54.94 -20.62 11.03
N GLY E 106 -56.23 -20.32 11.05
CA GLY E 106 -57.21 -21.36 11.25
C GLY E 106 -58.47 -21.21 10.41
N ASP E 107 -58.34 -20.63 9.23
CA ASP E 107 -59.47 -20.32 8.38
C ASP E 107 -60.46 -21.47 8.23
N TYR E 108 -60.05 -22.53 7.55
CA TYR E 108 -60.91 -23.64 7.18
C TYR E 108 -60.18 -24.95 7.37
N TRP E 109 -60.93 -25.97 7.77
CA TRP E 109 -60.32 -27.25 8.10
C TRP E 109 -60.94 -28.39 7.32
N GLY E 110 -60.56 -29.63 7.63
CA GLY E 110 -61.04 -30.79 6.89
C GLY E 110 -61.92 -31.73 7.69
N GLN E 111 -61.73 -33.04 7.51
CA GLN E 111 -62.56 -34.04 8.16
C GLN E 111 -61.76 -35.00 9.03
N GLY E 112 -60.58 -35.39 8.58
CA GLY E 112 -59.74 -36.22 9.42
C GLY E 112 -59.84 -37.69 9.04
N THR E 113 -58.70 -38.38 9.16
CA THR E 113 -58.55 -39.77 8.74
C THR E 113 -58.08 -40.60 9.93
N LEU E 114 -58.58 -41.82 10.04
CA LEU E 114 -58.24 -42.71 11.14
C LEU E 114 -57.27 -43.79 10.65
N VAL E 115 -56.21 -44.01 11.42
CA VAL E 115 -55.23 -45.05 11.11
C VAL E 115 -55.01 -45.91 12.34
N THR E 116 -54.98 -47.23 12.13
CA THR E 116 -54.75 -48.18 13.20
C THR E 116 -53.81 -49.27 12.70
N VAL E 117 -52.87 -49.67 13.55
CA VAL E 117 -51.97 -50.78 13.28
C VAL E 117 -52.31 -51.91 14.23
N SER E 118 -52.51 -53.11 13.69
CA SER E 118 -52.83 -54.25 14.54
C SER E 118 -52.41 -55.52 13.82
N SER E 119 -52.05 -56.53 14.62
CA SER E 119 -51.71 -57.84 14.11
C SER E 119 -52.89 -58.81 14.12
N ALA E 120 -54.05 -58.39 14.63
CA ALA E 120 -55.20 -59.26 14.74
C ALA E 120 -55.99 -59.23 13.43
N SER E 121 -57.20 -59.81 13.45
CA SER E 121 -58.07 -59.83 12.29
C SER E 121 -59.46 -59.34 12.70
N THR E 122 -60.20 -58.85 11.71
CA THR E 122 -61.51 -58.27 11.95
C THR E 122 -62.53 -59.36 12.29
N LYS E 123 -63.66 -58.92 12.84
CA LYS E 123 -64.77 -59.79 13.18
C LYS E 123 -66.04 -59.19 12.60
N GLY E 124 -66.80 -59.99 11.86
CA GLY E 124 -68.02 -59.52 11.24
C GLY E 124 -69.12 -59.26 12.25
N PRO E 125 -69.57 -58.01 12.32
CA PRO E 125 -70.66 -57.67 13.25
C PRO E 125 -71.99 -58.25 12.80
N SER E 126 -72.87 -58.45 13.77
CA SER E 126 -74.22 -58.94 13.54
C SER E 126 -75.21 -58.07 14.30
N VAL E 127 -76.43 -57.99 13.79
CA VAL E 127 -77.46 -57.11 14.35
C VAL E 127 -78.71 -57.93 14.63
N PHE E 128 -79.35 -57.66 15.75
CA PHE E 128 -80.61 -58.27 16.15
C PHE E 128 -81.64 -57.21 16.46
N PRO E 129 -82.92 -57.47 16.21
CA PRO E 129 -83.95 -56.47 16.46
C PRO E 129 -84.53 -56.55 17.87
N LEU E 130 -84.88 -55.38 18.39
CA LEU E 130 -85.59 -55.24 19.67
C LEU E 130 -86.91 -54.55 19.36
N ALA E 131 -88.00 -55.22 19.70
CA ALA E 131 -89.31 -54.76 19.23
C ALA E 131 -90.23 -54.43 20.40
N PRO E 132 -91.11 -53.45 20.22
CA PRO E 132 -92.14 -53.20 21.23
C PRO E 132 -93.18 -54.30 21.24
N SER E 133 -93.89 -54.40 22.35
CA SER E 133 -94.94 -55.41 22.49
C SER E 133 -96.09 -55.12 21.53
N SER E 134 -96.81 -56.18 21.16
CA SER E 134 -97.96 -56.02 20.27
C SER E 134 -99.03 -55.13 20.91
N LYS E 135 -99.24 -55.26 22.21
CA LYS E 135 -100.14 -54.40 22.95
C LYS E 135 -99.37 -53.21 23.51
N SER E 136 -100.05 -52.07 23.60
CA SER E 136 -99.41 -50.86 24.08
C SER E 136 -98.93 -51.03 25.52
N THR E 137 -97.70 -50.57 25.78
CA THR E 137 -97.08 -50.71 27.08
C THR E 137 -97.51 -49.55 27.98
N SER E 138 -96.85 -49.41 29.13
CA SER E 138 -97.19 -48.35 30.07
C SER E 138 -96.93 -46.97 29.50
N GLY E 139 -96.00 -46.86 28.55
CA GLY E 139 -95.66 -45.59 27.95
C GLY E 139 -96.50 -45.17 26.76
N GLY E 140 -97.53 -45.94 26.41
CA GLY E 140 -98.34 -45.63 25.25
C GLY E 140 -97.60 -45.91 23.97
N THR E 141 -96.56 -45.13 23.70
CA THR E 141 -95.62 -45.39 22.61
C THR E 141 -94.36 -46.02 23.20
N ALA E 142 -94.00 -47.19 22.69
CA ALA E 142 -92.96 -48.01 23.29
C ALA E 142 -91.66 -47.93 22.51
N ALA E 143 -90.60 -48.48 23.11
CA ALA E 143 -89.28 -48.42 22.51
C ALA E 143 -89.14 -49.45 21.39
N LEU E 144 -88.13 -49.23 20.56
CA LEU E 144 -87.84 -50.07 19.41
C LEU E 144 -86.38 -49.85 19.05
N GLY E 145 -85.79 -50.79 18.31
CA GLY E 145 -84.43 -50.54 17.86
C GLY E 145 -83.70 -51.82 17.54
N CYS E 146 -82.37 -51.75 17.66
CA CYS E 146 -81.52 -52.88 17.30
C CYS E 146 -80.28 -52.91 18.17
N LEU E 147 -79.68 -54.10 18.24
CA LEU E 147 -78.52 -54.37 19.06
C LEU E 147 -77.45 -55.03 18.20
N VAL E 148 -76.23 -54.49 18.24
CA VAL E 148 -75.09 -55.04 17.52
C VAL E 148 -74.20 -55.74 18.54
N LYS E 149 -73.98 -57.03 18.32
CA LYS E 149 -73.26 -57.88 19.26
C LYS E 149 -71.74 -57.70 19.13
N ASP E 150 -70.99 -58.62 19.73
CA ASP E 150 -69.53 -58.49 19.74
C ASP E 150 -68.96 -58.38 18.34
N TYR E 151 -68.01 -57.47 18.18
CA TYR E 151 -67.35 -57.26 16.89
C TYR E 151 -66.02 -56.58 17.14
N PHE E 152 -65.20 -56.55 16.08
CA PHE E 152 -63.89 -55.91 16.12
C PHE E 152 -63.36 -55.77 14.70
N PRO E 153 -62.76 -54.63 14.34
CA PRO E 153 -62.60 -53.39 15.11
C PRO E 153 -63.50 -52.27 14.61
N GLU E 154 -63.33 -51.06 15.15
CA GLU E 154 -64.00 -49.89 14.64
C GLU E 154 -63.46 -49.53 13.26
N PRO E 155 -64.22 -48.77 12.46
CA PRO E 155 -65.56 -48.21 12.71
C PRO E 155 -66.69 -49.02 12.09
N VAL E 156 -67.93 -48.68 12.41
CA VAL E 156 -69.10 -49.35 11.86
C VAL E 156 -70.15 -48.29 11.56
N THR E 157 -70.82 -48.42 10.41
CA THR E 157 -71.83 -47.46 9.99
C THR E 157 -73.21 -48.10 10.03
N VAL E 158 -74.21 -47.32 10.46
CA VAL E 158 -75.58 -47.81 10.57
C VAL E 158 -76.52 -46.81 9.92
N SER E 159 -77.68 -47.30 9.51
CA SER E 159 -78.73 -46.45 8.96
C SER E 159 -80.08 -47.12 9.20
N TRP E 160 -81.13 -46.30 9.17
CA TRP E 160 -82.50 -46.79 9.34
C TRP E 160 -83.36 -46.28 8.20
N ASN E 161 -84.00 -47.21 7.49
CA ASN E 161 -84.82 -46.89 6.31
C ASN E 161 -84.04 -46.03 5.33
N SER E 162 -82.79 -46.43 5.08
CA SER E 162 -81.86 -45.66 4.26
C SER E 162 -81.70 -44.24 4.81
N GLY E 163 -81.61 -44.14 6.14
CA GLY E 163 -81.43 -42.86 6.79
C GLY E 163 -82.68 -42.02 6.91
N ALA E 164 -83.83 -42.53 6.46
CA ALA E 164 -85.06 -41.76 6.55
C ALA E 164 -85.47 -41.48 7.99
N LEU E 165 -84.98 -42.29 8.94
CA LEU E 165 -85.29 -42.12 10.35
C LEU E 165 -84.04 -41.64 11.06
N THR E 166 -84.04 -40.37 11.47
CA THR E 166 -82.93 -39.80 12.23
C THR E 166 -83.36 -38.98 13.44
N SER E 167 -84.62 -38.54 13.51
CA SER E 167 -85.06 -37.70 14.62
C SER E 167 -85.32 -38.56 15.86
N GLY E 168 -84.77 -38.14 16.99
CA GLY E 168 -85.01 -38.82 18.24
C GLY E 168 -84.20 -40.07 18.48
N VAL E 169 -83.20 -40.35 17.64
CA VAL E 169 -82.37 -41.54 17.82
C VAL E 169 -81.27 -41.22 18.83
N HIS E 170 -80.95 -42.20 19.67
CA HIS E 170 -79.87 -42.07 20.63
C HIS E 170 -79.12 -43.40 20.71
N THR E 171 -77.80 -43.32 20.71
CA THR E 171 -76.94 -44.49 20.63
C THR E 171 -75.86 -44.42 21.70
N PHE E 172 -75.55 -45.57 22.30
CA PHE E 172 -74.52 -45.69 23.32
C PHE E 172 -73.18 -46.00 22.67
N PRO E 173 -72.13 -45.24 22.99
CA PRO E 173 -70.81 -45.53 22.40
C PRO E 173 -70.31 -46.90 22.82
N ALA E 174 -69.61 -47.55 21.90
CA ALA E 174 -69.13 -48.91 22.14
C ALA E 174 -68.08 -48.93 23.25
N VAL E 175 -68.08 -50.02 24.03
CA VAL E 175 -67.11 -50.24 25.08
C VAL E 175 -66.59 -51.67 24.96
N LEU E 176 -65.39 -51.89 25.47
CA LEU E 176 -64.77 -53.22 25.38
C LEU E 176 -65.49 -54.19 26.31
N GLN E 177 -65.78 -55.37 25.80
CA GLN E 177 -66.40 -56.43 26.58
C GLN E 177 -65.32 -57.41 27.07
N SER E 178 -65.68 -58.21 28.07
CA SER E 178 -64.73 -59.18 28.63
C SER E 178 -64.26 -60.18 27.59
N SER E 179 -65.07 -60.42 26.56
CA SER E 179 -64.66 -61.30 25.46
C SER E 179 -63.58 -60.68 24.59
N GLY E 180 -63.29 -59.39 24.74
CA GLY E 180 -62.30 -58.72 23.94
C GLY E 180 -62.83 -58.08 22.68
N LEU E 181 -64.15 -57.96 22.53
CA LEU E 181 -64.76 -57.37 21.35
C LEU E 181 -65.63 -56.18 21.76
N TYR E 182 -66.39 -55.67 20.80
CA TYR E 182 -67.13 -54.43 20.95
C TYR E 182 -68.58 -54.66 20.57
N SER E 183 -69.48 -53.89 21.20
CA SER E 183 -70.91 -54.04 20.97
C SER E 183 -71.58 -52.68 21.19
N LEU E 184 -72.80 -52.56 20.65
CA LEU E 184 -73.51 -51.28 20.72
C LEU E 184 -75.01 -51.54 20.54
N SER E 185 -75.79 -50.47 20.64
CA SER E 185 -77.23 -50.56 20.45
C SER E 185 -77.76 -49.19 20.05
N SER E 186 -78.78 -49.20 19.18
CA SER E 186 -79.40 -47.97 18.74
C SER E 186 -80.92 -48.12 18.80
N VAL E 187 -81.58 -47.20 19.51
CA VAL E 187 -83.01 -47.32 19.78
C VAL E 187 -83.72 -45.99 19.55
N VAL E 188 -85.00 -46.10 19.24
CA VAL E 188 -85.93 -44.99 19.11
C VAL E 188 -87.23 -45.37 19.82
N THR E 189 -88.22 -44.49 19.75
CA THR E 189 -89.53 -44.77 20.33
C THR E 189 -90.62 -44.55 19.28
N VAL E 190 -91.56 -45.49 19.22
CA VAL E 190 -92.63 -45.46 18.22
C VAL E 190 -93.89 -46.06 18.83
N PRO E 191 -95.05 -45.72 18.27
CA PRO E 191 -96.29 -46.42 18.65
C PRO E 191 -96.27 -47.86 18.17
N SER E 192 -96.97 -48.72 18.93
CA SER E 192 -96.96 -50.16 18.65
C SER E 192 -97.60 -50.51 17.31
N SER E 193 -98.49 -49.65 16.80
CA SER E 193 -99.19 -49.94 15.55
C SER E 193 -98.46 -49.41 14.33
N SER E 194 -97.28 -48.80 14.50
CA SER E 194 -96.56 -48.16 13.41
C SER E 194 -95.61 -49.12 12.69
N LEU E 195 -95.85 -50.43 12.76
CA LEU E 195 -94.96 -51.41 12.16
C LEU E 195 -95.62 -52.28 11.11
N GLY E 196 -96.94 -52.20 10.94
CA GLY E 196 -97.62 -53.01 9.95
C GLY E 196 -97.96 -52.26 8.69
N THR E 197 -98.44 -51.02 8.83
CA THR E 197 -98.72 -50.19 7.67
C THR E 197 -97.44 -49.81 6.92
N GLN E 198 -96.38 -49.51 7.67
CA GLN E 198 -95.10 -49.15 7.10
C GLN E 198 -93.98 -49.85 7.85
N THR E 199 -92.84 -50.00 7.20
CA THR E 199 -91.75 -50.85 7.69
C THR E 199 -90.62 -50.05 8.30
N TYR E 200 -90.04 -50.61 9.36
CA TYR E 200 -88.79 -50.13 9.95
C TYR E 200 -87.75 -51.23 9.85
N ILE E 201 -86.63 -50.91 9.18
CA ILE E 201 -85.53 -51.84 9.00
C ILE E 201 -84.24 -51.04 9.08
N CYS E 202 -83.24 -51.59 9.76
CA CYS E 202 -81.93 -50.99 9.86
C CYS E 202 -80.94 -51.76 9.00
N ASN E 203 -79.94 -51.05 8.48
CA ASN E 203 -78.86 -51.63 7.70
C ASN E 203 -77.53 -51.24 8.33
N VAL E 204 -76.68 -52.23 8.54
CA VAL E 204 -75.38 -52.05 9.20
C VAL E 204 -74.30 -52.50 8.24
N ASN E 205 -73.34 -51.60 7.98
CA ASN E 205 -72.20 -51.91 7.13
C ASN E 205 -70.91 -51.75 7.92
N HIS E 206 -70.04 -52.75 7.80
CA HIS E 206 -68.76 -52.78 8.49
C HIS E 206 -67.65 -52.67 7.44
N LYS E 207 -66.95 -51.54 7.46
CA LYS E 207 -65.85 -51.33 6.52
C LYS E 207 -64.70 -52.30 6.71
N PRO E 208 -64.18 -52.55 7.93
CA PRO E 208 -63.06 -53.51 8.05
C PRO E 208 -63.40 -54.90 7.53
N SER E 209 -64.62 -55.36 7.75
CA SER E 209 -65.10 -56.61 7.16
C SER E 209 -66.02 -56.36 5.99
N ASN E 210 -66.14 -55.10 5.54
CA ASN E 210 -66.89 -54.62 4.38
C ASN E 210 -68.15 -55.43 4.11
N THR E 211 -68.96 -55.64 5.14
CA THR E 211 -70.17 -56.43 5.04
C THR E 211 -71.40 -55.58 5.28
N LYS E 212 -72.53 -56.06 4.76
CA LYS E 212 -73.82 -55.37 4.88
C LYS E 212 -74.85 -56.34 5.41
N VAL E 213 -75.53 -55.95 6.49
CA VAL E 213 -76.54 -56.78 7.14
C VAL E 213 -77.80 -55.95 7.33
N ASP E 214 -78.97 -56.57 7.12
CA ASP E 214 -80.24 -55.89 7.26
C ASP E 214 -81.10 -56.58 8.31
N LYS E 215 -81.85 -55.78 9.06
CA LYS E 215 -82.69 -56.32 10.14
C LYS E 215 -83.95 -55.46 10.25
N ARG E 216 -85.11 -56.08 10.01
CA ARG E 216 -86.39 -55.40 10.13
C ARG E 216 -87.00 -55.69 11.49
N VAL E 217 -87.72 -54.70 12.03
CA VAL E 217 -88.36 -54.81 13.33
C VAL E 217 -89.87 -54.86 13.14
N GLU E 218 -90.51 -55.85 13.74
CA GLU E 218 -91.94 -56.08 13.67
C GLU E 218 -92.48 -56.33 15.06
N PRO E 219 -93.77 -56.08 15.29
CA PRO E 219 -94.31 -56.18 16.65
C PRO E 219 -94.16 -57.59 17.23
N LYS E 220 -93.88 -57.64 18.53
CA LYS E 220 -93.67 -58.90 19.24
C LYS E 220 -94.88 -59.21 20.10
N SER E 221 -95.26 -60.49 20.12
CA SER E 221 -96.38 -60.94 20.95
C SER E 221 -95.95 -61.09 22.41
N CYS E 222 -96.95 -61.10 23.29
CA CYS E 222 -96.71 -61.24 24.73
C CYS E 222 -96.47 -62.71 25.06
N ASP E 223 -95.33 -63.21 24.60
CA ASP E 223 -94.95 -64.59 24.81
C ASP E 223 -94.43 -64.80 26.23
N LYS E 224 -94.53 -66.05 26.70
CA LYS E 224 -94.04 -66.41 28.03
C LYS E 224 -93.38 -67.78 28.00
N GLU F 1 -48.88 -43.85 -21.43
CA GLU F 1 -49.66 -43.61 -22.64
C GLU F 1 -49.22 -42.33 -23.33
N VAL F 2 -48.41 -42.49 -24.38
CA VAL F 2 -47.93 -41.37 -25.17
C VAL F 2 -48.14 -41.67 -26.64
N GLN F 3 -48.61 -40.69 -27.39
CA GLN F 3 -48.99 -40.88 -28.78
C GLN F 3 -48.49 -39.71 -29.61
N LEU F 4 -48.27 -39.98 -30.89
CA LEU F 4 -47.77 -38.99 -31.84
C LEU F 4 -48.71 -38.96 -33.04
N VAL F 5 -49.05 -37.76 -33.50
CA VAL F 5 -49.90 -37.58 -34.66
C VAL F 5 -49.24 -36.61 -35.63
N GLN F 6 -49.39 -36.89 -36.92
CA GLN F 6 -48.68 -36.17 -37.97
C GLN F 6 -49.67 -35.71 -39.03
N SER F 7 -49.22 -34.78 -39.86
CA SER F 7 -49.99 -34.39 -41.02
C SER F 7 -49.78 -35.39 -42.15
N GLY F 8 -50.69 -35.33 -43.13
CA GLY F 8 -50.69 -36.31 -44.20
C GLY F 8 -49.62 -36.04 -45.24
N ALA F 9 -49.59 -36.93 -46.24
CA ALA F 9 -48.63 -36.82 -47.32
C ALA F 9 -48.90 -35.57 -48.16
N GLU F 10 -48.01 -35.30 -49.10
CA GLU F 10 -48.09 -34.07 -49.85
C GLU F 10 -47.25 -34.18 -51.11
N VAL F 11 -47.77 -33.64 -52.21
CA VAL F 11 -47.08 -33.57 -53.49
C VAL F 11 -47.07 -32.12 -53.96
N LYS F 12 -45.93 -31.69 -54.50
CA LYS F 12 -45.79 -30.30 -54.95
C LYS F 12 -44.75 -30.24 -56.06
N LYS F 13 -44.50 -29.03 -56.56
CA LYS F 13 -43.63 -28.74 -57.68
C LYS F 13 -42.51 -27.80 -57.24
N PRO F 14 -41.33 -27.89 -57.85
CA PRO F 14 -40.21 -27.03 -57.43
C PRO F 14 -40.55 -25.55 -57.53
N GLY F 15 -40.05 -24.79 -56.57
CA GLY F 15 -40.30 -23.37 -56.51
C GLY F 15 -41.32 -22.92 -55.48
N GLU F 16 -41.69 -23.79 -54.54
CA GLU F 16 -42.77 -23.47 -53.61
C GLU F 16 -42.38 -23.70 -52.16
N SER F 17 -43.35 -23.68 -51.26
CA SER F 17 -43.11 -23.80 -49.83
C SER F 17 -44.03 -24.86 -49.23
N LEU F 18 -43.72 -25.27 -48.01
CA LEU F 18 -44.45 -26.36 -47.37
C LEU F 18 -44.15 -26.35 -45.87
N LYS F 19 -45.10 -26.84 -45.09
CA LYS F 19 -44.95 -26.95 -43.64
C LYS F 19 -45.52 -28.27 -43.15
N ILE F 20 -44.89 -28.83 -42.11
CA ILE F 20 -45.31 -30.09 -41.51
C ILE F 20 -45.44 -29.88 -40.00
N SER F 21 -46.25 -30.72 -39.37
CA SER F 21 -46.56 -30.56 -37.95
C SER F 21 -46.55 -31.91 -37.24
N CYS F 22 -46.19 -31.89 -35.97
CA CYS F 22 -46.17 -33.11 -35.16
C CYS F 22 -46.71 -32.78 -33.78
N LYS F 23 -47.63 -33.60 -33.28
CA LYS F 23 -48.31 -33.32 -32.01
C LYS F 23 -48.33 -34.55 -31.13
N ALA F 24 -48.26 -34.31 -29.82
CA ALA F 24 -48.29 -35.39 -28.84
C ALA F 24 -48.98 -34.92 -27.58
N SER F 25 -49.38 -35.88 -26.75
CA SER F 25 -50.01 -35.57 -25.47
C SER F 25 -49.92 -36.80 -24.58
N GLY F 26 -50.34 -36.63 -23.33
CA GLY F 26 -50.24 -37.66 -22.32
C GLY F 26 -49.14 -37.46 -21.30
N TYR F 27 -48.44 -36.32 -21.36
CA TYR F 27 -47.40 -36.00 -20.40
C TYR F 27 -47.22 -34.49 -20.37
N ASN F 28 -46.45 -34.01 -19.41
CA ASN F 28 -46.12 -32.59 -19.34
C ASN F 28 -45.25 -32.25 -20.54
N PHE F 29 -45.84 -31.58 -21.53
CA PHE F 29 -45.16 -31.39 -22.80
C PHE F 29 -43.93 -30.48 -22.69
N ALA F 30 -43.86 -29.61 -21.68
CA ALA F 30 -42.81 -28.60 -21.65
C ALA F 30 -41.47 -29.14 -21.19
N TYR F 31 -41.38 -30.39 -20.75
CA TYR F 31 -40.20 -30.89 -20.06
C TYR F 31 -39.51 -32.01 -20.84
N TYR F 32 -39.52 -31.96 -22.17
CA TYR F 32 -38.85 -32.97 -22.96
C TYR F 32 -38.32 -32.31 -24.24
N TRP F 33 -37.79 -33.12 -25.14
CA TRP F 33 -37.18 -32.61 -26.36
C TRP F 33 -37.81 -33.26 -27.59
N ILE F 34 -37.81 -32.53 -28.70
CA ILE F 34 -38.34 -33.02 -29.97
C ILE F 34 -37.25 -32.98 -31.03
N GLY F 35 -37.23 -33.97 -31.91
CA GLY F 35 -36.20 -34.04 -32.93
C GLY F 35 -36.75 -34.55 -34.25
N TRP F 36 -36.04 -34.20 -35.33
CA TRP F 36 -36.42 -34.58 -36.67
C TRP F 36 -35.35 -35.46 -37.31
N VAL F 37 -35.78 -36.43 -38.10
CA VAL F 37 -34.87 -37.34 -38.78
C VAL F 37 -35.32 -37.50 -40.23
N ARG F 38 -34.37 -37.48 -41.15
CA ARG F 38 -34.62 -37.66 -42.57
C ARG F 38 -34.14 -39.03 -43.01
N GLN F 39 -34.89 -39.67 -43.92
CA GLN F 39 -34.48 -40.97 -44.45
C GLN F 39 -34.91 -41.07 -45.90
N MET F 40 -33.95 -41.20 -46.80
CA MET F 40 -34.33 -41.32 -48.20
C MET F 40 -34.04 -42.74 -48.69
N PRO F 41 -34.94 -43.33 -49.48
CA PRO F 41 -34.83 -44.77 -49.78
C PRO F 41 -33.48 -45.12 -50.40
N GLY F 42 -32.92 -46.24 -49.92
CA GLY F 42 -31.64 -46.70 -50.37
C GLY F 42 -30.45 -46.26 -49.54
N LYS F 43 -30.65 -45.37 -48.57
CA LYS F 43 -29.58 -44.88 -47.73
C LYS F 43 -29.92 -45.13 -46.26
N GLY F 44 -28.99 -44.74 -45.39
CA GLY F 44 -29.19 -44.84 -43.96
C GLY F 44 -29.76 -43.56 -43.38
N LEU F 45 -29.88 -43.55 -42.05
CA LEU F 45 -30.49 -42.44 -41.35
C LEU F 45 -29.47 -41.34 -41.09
N GLU F 46 -29.99 -40.15 -40.78
CA GLU F 46 -29.17 -38.94 -40.76
C GLU F 46 -29.87 -37.83 -40.01
N TRP F 47 -29.24 -37.30 -38.95
CA TRP F 47 -29.92 -36.39 -38.06
C TRP F 47 -30.05 -35.00 -38.66
N MET F 48 -31.13 -34.32 -38.31
CA MET F 48 -31.46 -33.01 -38.87
C MET F 48 -31.42 -31.91 -37.82
N GLY F 49 -32.17 -32.03 -36.74
CA GLY F 49 -32.17 -31.01 -35.72
C GLY F 49 -33.06 -31.40 -34.57
N ILE F 50 -32.94 -30.63 -33.49
CA ILE F 50 -33.74 -30.83 -32.28
C ILE F 50 -34.22 -29.47 -31.78
N ILE F 51 -35.13 -29.52 -30.81
CA ILE F 51 -35.70 -28.32 -30.24
C ILE F 51 -36.23 -28.65 -28.86
N TYR F 52 -36.28 -27.64 -27.99
CA TYR F 52 -36.82 -27.72 -26.64
C TYR F 52 -37.90 -26.65 -26.56
N PRO F 53 -39.15 -26.98 -26.89
CA PRO F 53 -40.19 -25.95 -26.96
C PRO F 53 -40.47 -25.26 -25.65
N GLY F 54 -40.08 -25.85 -24.51
CA GLY F 54 -40.33 -25.20 -23.24
C GLY F 54 -39.74 -23.81 -23.16
N ASP F 55 -38.52 -23.65 -23.66
CA ASP F 55 -37.89 -22.34 -23.84
C ASP F 55 -37.22 -22.35 -25.20
N SER F 56 -37.67 -21.48 -26.09
CA SER F 56 -37.29 -21.55 -27.50
C SER F 56 -35.78 -21.62 -27.66
N ASP F 57 -35.30 -22.74 -28.19
CA ASP F 57 -33.89 -22.95 -28.46
C ASP F 57 -33.75 -23.92 -29.62
N THR F 58 -32.86 -23.61 -30.54
CA THR F 58 -32.66 -24.40 -31.74
C THR F 58 -31.21 -24.75 -31.90
N ARG F 59 -30.96 -25.93 -32.45
CA ARG F 59 -29.63 -26.37 -32.85
C ARG F 59 -29.74 -27.02 -34.22
N TYR F 60 -28.61 -27.07 -34.93
CA TYR F 60 -28.63 -27.53 -36.31
C TYR F 60 -27.38 -28.35 -36.60
N SER F 61 -27.49 -29.22 -37.61
CA SER F 61 -26.39 -30.03 -38.09
C SER F 61 -25.43 -29.21 -38.94
N PRO F 62 -24.16 -29.60 -38.99
CA PRO F 62 -23.21 -28.89 -39.87
C PRO F 62 -23.62 -28.92 -41.34
N SER F 63 -24.40 -29.91 -41.76
CA SER F 63 -24.77 -30.04 -43.15
C SER F 63 -26.14 -29.44 -43.48
N PHE F 64 -26.81 -28.81 -42.52
CA PHE F 64 -28.10 -28.20 -42.83
C PHE F 64 -28.30 -26.86 -42.11
N GLN F 65 -27.24 -26.16 -41.76
CA GLN F 65 -27.38 -24.86 -41.12
C GLN F 65 -27.88 -23.85 -42.13
N GLY F 66 -28.92 -23.10 -41.76
CA GLY F 66 -29.49 -22.10 -42.64
C GLY F 66 -30.21 -22.64 -43.85
N GLN F 67 -30.92 -23.75 -43.71
CA GLN F 67 -31.69 -24.30 -44.81
C GLN F 67 -33.15 -24.56 -44.46
N VAL F 68 -33.42 -24.99 -43.23
CA VAL F 68 -34.77 -25.28 -42.77
C VAL F 68 -34.99 -24.64 -41.40
N THR F 69 -36.25 -24.50 -41.04
CA THR F 69 -36.64 -23.80 -39.83
C THR F 69 -37.47 -24.70 -38.92
N ILE F 70 -37.27 -24.56 -37.61
CA ILE F 70 -37.93 -25.39 -36.62
C ILE F 70 -38.51 -24.49 -35.54
N SER F 71 -39.76 -24.73 -35.16
CA SER F 71 -40.39 -23.99 -34.08
C SER F 71 -41.44 -24.86 -33.42
N ALA F 72 -42.16 -24.27 -32.47
CA ALA F 72 -43.22 -25.00 -31.79
C ALA F 72 -44.14 -24.02 -31.07
N ASP F 73 -45.32 -24.52 -30.70
CA ASP F 73 -46.26 -23.82 -29.85
C ASP F 73 -46.56 -24.68 -28.63
N LYS F 74 -46.40 -24.11 -27.45
CA LYS F 74 -46.70 -24.80 -26.21
C LYS F 74 -48.15 -24.63 -25.78
N SER F 75 -48.90 -23.74 -26.41
CA SER F 75 -50.32 -23.59 -26.06
C SER F 75 -51.12 -24.79 -26.51
N ILE F 76 -50.91 -25.24 -27.75
CA ILE F 76 -51.59 -26.42 -28.28
C ILE F 76 -50.68 -27.65 -28.27
N SER F 77 -49.44 -27.51 -27.79
CA SER F 77 -48.49 -28.62 -27.65
C SER F 77 -48.24 -29.28 -29.01
N THR F 78 -47.60 -28.51 -29.89
CA THR F 78 -47.33 -28.97 -31.24
C THR F 78 -46.00 -28.39 -31.70
N ALA F 79 -45.32 -29.08 -32.61
CA ALA F 79 -44.06 -28.62 -33.17
C ALA F 79 -44.18 -28.50 -34.68
N TYR F 80 -43.68 -27.40 -35.22
CA TYR F 80 -43.80 -27.07 -36.63
C TYR F 80 -42.42 -27.13 -37.28
N LEU F 81 -42.37 -27.80 -38.43
CA LEU F 81 -41.16 -27.90 -39.25
C LEU F 81 -41.46 -27.19 -40.55
N GLN F 82 -40.75 -26.10 -40.83
CA GLN F 82 -41.10 -25.22 -41.94
C GLN F 82 -39.92 -25.01 -42.89
N TRP F 83 -40.27 -24.81 -44.16
CA TRP F 83 -39.31 -24.59 -45.22
C TRP F 83 -39.44 -23.17 -45.76
N SER F 84 -38.52 -22.80 -46.65
CA SER F 84 -38.60 -21.55 -47.38
C SER F 84 -38.68 -21.79 -48.89
N SER F 85 -37.76 -22.55 -49.46
CA SER F 85 -37.75 -22.85 -50.89
C SER F 85 -37.53 -24.34 -51.09
N LEU F 86 -37.97 -24.84 -52.23
CA LEU F 86 -37.94 -26.26 -52.53
C LEU F 86 -37.11 -26.52 -53.78
N LYS F 87 -36.43 -27.66 -53.79
CA LYS F 87 -35.66 -28.09 -54.96
C LYS F 87 -35.98 -29.55 -55.24
N ALA F 88 -35.28 -30.12 -56.23
CA ALA F 88 -35.65 -31.41 -56.79
C ALA F 88 -35.06 -32.61 -56.06
N SER F 89 -34.13 -32.41 -55.13
CA SER F 89 -33.46 -33.53 -54.48
C SER F 89 -33.85 -33.67 -53.01
N ASP F 90 -35.07 -33.29 -52.64
CA ASP F 90 -35.53 -33.36 -51.27
C ASP F 90 -36.76 -34.26 -51.13
N THR F 91 -36.73 -35.44 -51.74
CA THR F 91 -37.79 -36.42 -51.60
C THR F 91 -37.33 -37.53 -50.66
N ALA F 92 -37.96 -37.62 -49.50
CA ALA F 92 -37.57 -38.57 -48.47
C ALA F 92 -38.64 -38.58 -47.39
N MET F 93 -38.56 -39.60 -46.52
CA MET F 93 -39.46 -39.72 -45.38
C MET F 93 -38.91 -38.94 -44.21
N TYR F 94 -39.83 -38.41 -43.39
CA TYR F 94 -39.50 -37.55 -42.28
C TYR F 94 -40.12 -38.09 -41.00
N TYR F 95 -39.36 -38.03 -39.91
CA TYR F 95 -39.78 -38.57 -38.64
C TYR F 95 -39.66 -37.52 -37.55
N CYS F 96 -40.66 -37.44 -36.68
CA CYS F 96 -40.57 -36.66 -35.45
C CYS F 96 -40.49 -37.61 -34.27
N ALA F 97 -39.57 -37.31 -33.34
CA ALA F 97 -39.35 -38.18 -32.19
C ALA F 97 -39.19 -37.36 -30.92
N ARG F 98 -39.51 -37.98 -29.79
CA ARG F 98 -39.48 -37.35 -28.48
C ARG F 98 -38.37 -38.00 -27.65
N GLY F 99 -37.51 -37.16 -27.08
CA GLY F 99 -36.34 -37.67 -26.39
C GLY F 99 -36.04 -36.87 -25.13
N GLU F 100 -35.19 -37.48 -24.29
CA GLU F 100 -34.75 -36.91 -23.02
C GLU F 100 -33.23 -36.94 -22.97
N MET F 101 -32.63 -35.80 -22.63
CA MET F 101 -31.18 -35.64 -22.81
C MET F 101 -30.38 -36.57 -21.90
N THR F 102 -30.80 -36.70 -20.64
CA THR F 102 -29.91 -37.31 -19.67
C THR F 102 -29.72 -38.81 -19.90
N ALA F 103 -30.80 -39.53 -20.19
CA ALA F 103 -30.75 -40.99 -20.15
C ALA F 103 -30.95 -41.64 -21.52
N VAL F 104 -32.06 -41.36 -22.20
CA VAL F 104 -32.45 -42.14 -23.37
C VAL F 104 -33.17 -41.25 -24.38
N PHE F 105 -32.98 -41.57 -25.65
CA PHE F 105 -33.79 -41.02 -26.73
C PHE F 105 -34.70 -42.09 -27.33
N GLY F 106 -35.57 -41.64 -28.21
CA GLY F 106 -36.27 -42.52 -29.12
C GLY F 106 -37.08 -43.61 -28.45
N ASP F 107 -37.50 -43.40 -27.21
CA ASP F 107 -38.35 -44.38 -26.56
C ASP F 107 -39.68 -44.52 -27.30
N TYR F 108 -40.07 -43.49 -28.05
CA TYR F 108 -41.25 -43.55 -28.91
C TYR F 108 -40.96 -42.75 -30.17
N TRP F 109 -41.68 -43.08 -31.23
CA TRP F 109 -41.48 -42.44 -32.52
C TRP F 109 -42.84 -42.25 -33.19
N GLY F 110 -42.86 -41.36 -34.19
CA GLY F 110 -44.07 -41.11 -34.94
C GLY F 110 -44.34 -42.17 -35.99
N GLN F 111 -45.50 -42.02 -36.65
CA GLN F 111 -45.91 -42.99 -37.65
C GLN F 111 -45.24 -42.77 -39.00
N GLY F 112 -44.54 -41.66 -39.19
CA GLY F 112 -43.85 -41.42 -40.43
C GLY F 112 -44.66 -40.59 -41.40
N THR F 113 -44.01 -39.64 -42.06
CA THR F 113 -44.68 -38.71 -42.97
C THR F 113 -43.93 -38.73 -44.30
N LEU F 114 -44.66 -38.51 -45.39
CA LEU F 114 -44.10 -38.58 -46.72
C LEU F 114 -44.19 -37.25 -47.43
N VAL F 115 -43.28 -37.02 -48.38
CA VAL F 115 -43.28 -35.82 -49.21
C VAL F 115 -42.78 -36.19 -50.60
N THR F 116 -43.38 -35.58 -51.63
CA THR F 116 -42.91 -35.73 -53.00
C THR F 116 -42.98 -34.40 -53.72
N VAL F 117 -41.94 -34.09 -54.49
CA VAL F 117 -41.91 -32.88 -55.30
C VAL F 117 -41.30 -33.20 -56.65
N SER F 118 -41.93 -32.71 -57.71
CA SER F 118 -41.46 -32.95 -59.07
C SER F 118 -42.11 -31.94 -60.00
N SER F 119 -41.64 -31.92 -61.24
CA SER F 119 -42.17 -31.02 -62.25
C SER F 119 -43.35 -31.60 -63.03
N ALA F 120 -43.69 -32.86 -62.80
CA ALA F 120 -44.74 -33.52 -63.56
C ALA F 120 -46.09 -33.27 -62.91
N SER F 121 -47.11 -34.01 -63.34
CA SER F 121 -48.45 -33.91 -62.80
C SER F 121 -48.99 -35.29 -62.51
N THR F 122 -49.84 -35.38 -61.48
CA THR F 122 -50.38 -36.66 -61.08
C THR F 122 -51.35 -37.22 -62.12
N LYS F 123 -51.31 -38.53 -62.30
CA LYS F 123 -52.16 -39.24 -63.25
C LYS F 123 -53.10 -40.15 -62.48
N GLY F 124 -54.39 -40.07 -62.80
CA GLY F 124 -55.40 -40.89 -62.16
C GLY F 124 -55.16 -42.37 -62.37
N PRO F 125 -55.27 -43.17 -61.31
CA PRO F 125 -55.04 -44.60 -61.42
C PRO F 125 -56.14 -45.29 -62.23
N SER F 126 -55.78 -46.47 -62.75
CA SER F 126 -56.72 -47.34 -63.45
C SER F 126 -56.60 -48.74 -62.88
N VAL F 127 -57.60 -49.16 -62.14
CA VAL F 127 -57.59 -50.45 -61.44
C VAL F 127 -58.10 -51.53 -62.37
N PHE F 128 -57.56 -52.74 -62.22
CA PHE F 128 -57.89 -53.81 -63.14
C PHE F 128 -58.10 -55.08 -62.32
N PRO F 129 -59.24 -55.76 -62.46
CA PRO F 129 -59.52 -56.91 -61.60
C PRO F 129 -59.06 -58.23 -62.21
N LEU F 130 -58.90 -59.21 -61.32
CA LEU F 130 -58.74 -60.60 -61.77
C LEU F 130 -59.30 -61.52 -60.70
N ALA F 131 -59.97 -62.59 -61.14
CA ALA F 131 -60.73 -63.48 -60.30
C ALA F 131 -60.35 -64.92 -60.59
N PRO F 132 -60.61 -65.84 -59.65
CA PRO F 132 -60.33 -67.25 -59.91
C PRO F 132 -61.10 -67.77 -61.12
N SER F 133 -60.46 -68.67 -61.87
CA SER F 133 -61.01 -69.23 -63.09
C SER F 133 -61.16 -70.74 -62.93
N SER F 134 -61.50 -71.40 -64.04
CA SER F 134 -61.64 -72.85 -64.03
C SER F 134 -60.31 -73.57 -63.80
N LYS F 135 -59.19 -72.86 -63.92
CA LYS F 135 -57.87 -73.41 -63.66
C LYS F 135 -57.48 -73.32 -62.20
N SER F 136 -58.45 -73.24 -61.29
CA SER F 136 -58.16 -73.07 -59.88
C SER F 136 -57.47 -74.31 -59.30
N THR F 137 -57.11 -74.22 -58.02
CA THR F 137 -56.42 -75.30 -57.36
C THR F 137 -57.33 -76.52 -57.19
N SER F 138 -56.75 -77.71 -57.31
CA SER F 138 -57.52 -78.94 -57.09
C SER F 138 -57.88 -79.12 -55.62
N GLY F 139 -57.03 -78.64 -54.71
CA GLY F 139 -57.34 -78.73 -53.29
C GLY F 139 -58.55 -77.92 -52.90
N GLY F 140 -58.75 -76.76 -53.52
CA GLY F 140 -59.91 -75.95 -53.25
C GLY F 140 -59.65 -74.45 -53.16
N THR F 141 -58.43 -74.07 -52.79
CA THR F 141 -58.14 -72.66 -52.59
C THR F 141 -58.14 -71.91 -53.90
N ALA F 142 -58.34 -70.60 -53.82
CA ALA F 142 -58.37 -69.74 -54.99
C ALA F 142 -57.91 -68.36 -54.58
N ALA F 143 -57.54 -67.55 -55.57
CA ALA F 143 -57.00 -66.22 -55.33
C ALA F 143 -57.67 -65.21 -56.25
N LEU F 144 -58.04 -64.07 -55.66
CA LEU F 144 -58.57 -62.92 -56.40
C LEU F 144 -57.62 -61.75 -56.19
N GLY F 145 -57.72 -60.73 -57.03
CA GLY F 145 -56.85 -59.60 -56.82
C GLY F 145 -57.09 -58.45 -57.77
N CYS F 146 -56.26 -57.43 -57.61
CA CYS F 146 -56.32 -56.22 -58.42
C CYS F 146 -54.91 -55.80 -58.83
N LEU F 147 -54.85 -55.07 -59.95
CA LEU F 147 -53.60 -54.60 -60.55
C LEU F 147 -53.74 -53.12 -60.89
N VAL F 148 -52.70 -52.34 -60.62
CA VAL F 148 -52.66 -50.93 -60.98
C VAL F 148 -51.34 -50.63 -61.66
N LYS F 149 -51.40 -49.98 -62.83
CA LYS F 149 -50.17 -49.62 -63.54
C LYS F 149 -50.26 -48.25 -64.21
N ASP F 150 -51.14 -47.37 -63.73
CA ASP F 150 -51.38 -46.10 -64.39
C ASP F 150 -51.55 -44.97 -63.38
N TYR F 151 -50.67 -44.93 -62.36
CA TYR F 151 -50.83 -43.90 -61.34
C TYR F 151 -49.48 -43.46 -60.81
N PHE F 152 -49.44 -42.21 -60.34
CA PHE F 152 -48.27 -41.57 -59.75
C PHE F 152 -48.73 -40.32 -59.03
N PRO F 153 -48.19 -40.02 -57.84
CA PRO F 153 -47.19 -40.78 -57.09
C PRO F 153 -47.77 -41.89 -56.21
N GLU F 154 -46.97 -42.37 -55.28
CA GLU F 154 -47.36 -43.44 -54.37
C GLU F 154 -47.42 -42.88 -52.95
N PRO F 155 -47.82 -43.68 -51.95
CA PRO F 155 -48.49 -45.00 -51.96
C PRO F 155 -49.94 -44.99 -52.43
N VAL F 156 -50.63 -46.09 -52.14
CA VAL F 156 -52.04 -46.25 -52.49
C VAL F 156 -52.67 -47.19 -51.46
N THR F 157 -53.99 -47.12 -51.33
CA THR F 157 -54.73 -47.93 -50.37
C THR F 157 -55.74 -48.78 -51.10
N VAL F 158 -55.80 -50.07 -50.76
CA VAL F 158 -56.66 -51.03 -51.45
C VAL F 158 -57.40 -51.86 -50.41
N SER F 159 -58.70 -52.10 -50.63
CA SER F 159 -59.48 -53.00 -49.81
C SER F 159 -60.34 -53.87 -50.71
N TRP F 160 -60.74 -55.03 -50.19
CA TRP F 160 -61.39 -56.07 -50.98
C TRP F 160 -62.89 -56.16 -50.71
N ASN F 161 -63.29 -56.37 -49.47
CA ASN F 161 -64.70 -56.30 -49.11
C ASN F 161 -65.03 -54.87 -48.66
N SER F 162 -66.19 -54.69 -48.02
CA SER F 162 -66.45 -53.41 -47.38
C SER F 162 -65.31 -53.02 -46.47
N GLY F 163 -64.75 -54.00 -45.77
CA GLY F 163 -63.43 -53.87 -45.19
C GLY F 163 -62.55 -55.00 -45.70
N ALA F 164 -61.28 -54.68 -45.91
CA ALA F 164 -60.34 -55.70 -46.33
C ALA F 164 -60.26 -56.78 -45.25
N LEU F 165 -60.12 -58.03 -45.69
CA LEU F 165 -60.17 -59.15 -44.76
C LEU F 165 -59.01 -59.09 -43.76
N THR F 166 -59.30 -59.50 -42.52
CA THR F 166 -58.31 -59.46 -41.46
C THR F 166 -57.18 -60.46 -41.66
N SER F 167 -57.31 -61.40 -42.60
CA SER F 167 -56.27 -62.39 -42.84
C SER F 167 -56.34 -62.81 -44.31
N GLY F 168 -55.26 -63.47 -44.76
CA GLY F 168 -55.23 -63.99 -46.11
C GLY F 168 -55.13 -62.95 -47.19
N VAL F 169 -54.65 -61.74 -46.86
CA VAL F 169 -54.50 -60.66 -47.81
C VAL F 169 -53.01 -60.41 -48.03
N HIS F 170 -52.64 -60.05 -49.26
CA HIS F 170 -51.24 -59.83 -49.59
C HIS F 170 -51.15 -58.77 -50.66
N THR F 171 -49.96 -58.16 -50.76
CA THR F 171 -49.70 -57.14 -51.76
C THR F 171 -48.26 -57.27 -52.23
N PHE F 172 -47.97 -56.69 -53.38
CA PHE F 172 -46.62 -56.79 -53.91
C PHE F 172 -46.00 -55.41 -54.05
N PRO F 173 -44.71 -55.26 -53.76
CA PRO F 173 -44.08 -53.94 -53.80
C PRO F 173 -44.13 -53.34 -55.20
N ALA F 174 -44.33 -52.02 -55.26
CA ALA F 174 -44.44 -51.34 -56.54
C ALA F 174 -43.07 -51.25 -57.22
N VAL F 175 -43.10 -51.27 -58.55
CA VAL F 175 -41.90 -51.13 -59.37
C VAL F 175 -42.18 -50.12 -60.45
N LEU F 176 -41.17 -49.29 -60.75
CA LEU F 176 -41.28 -48.34 -61.85
C LEU F 176 -41.27 -49.06 -63.19
N GLN F 177 -42.00 -48.49 -64.14
CA GLN F 177 -42.10 -49.03 -65.49
C GLN F 177 -41.87 -47.91 -66.50
N SER F 178 -41.38 -48.32 -67.67
CA SER F 178 -40.68 -47.44 -68.61
C SER F 178 -41.66 -46.60 -69.45
N SER F 179 -42.50 -45.85 -68.73
CA SER F 179 -43.15 -44.67 -69.28
C SER F 179 -43.06 -43.54 -68.27
N GLY F 180 -42.04 -43.60 -67.41
CA GLY F 180 -41.98 -42.73 -66.24
C GLY F 180 -43.11 -43.00 -65.28
N LEU F 181 -43.52 -44.26 -65.14
CA LEU F 181 -44.72 -44.56 -64.37
C LEU F 181 -44.38 -45.68 -63.39
N TYR F 182 -45.37 -46.16 -62.64
CA TYR F 182 -45.16 -47.21 -61.66
C TYR F 182 -46.31 -48.21 -61.75
N SER F 183 -46.12 -49.37 -61.11
CA SER F 183 -47.15 -50.39 -61.09
C SER F 183 -47.02 -51.23 -59.82
N LEU F 184 -48.13 -51.87 -59.45
CA LEU F 184 -48.19 -52.79 -58.32
C LEU F 184 -49.47 -53.62 -58.43
N SER F 185 -49.64 -54.54 -57.48
CA SER F 185 -50.79 -55.41 -57.46
C SER F 185 -51.00 -55.93 -56.04
N SER F 186 -52.20 -56.46 -55.80
CA SER F 186 -52.52 -57.08 -54.52
C SER F 186 -53.47 -58.25 -54.76
N VAL F 187 -53.44 -59.21 -53.84
CA VAL F 187 -54.18 -60.46 -53.97
C VAL F 187 -54.75 -60.87 -52.62
N VAL F 188 -55.67 -61.84 -52.68
CA VAL F 188 -56.33 -62.39 -51.50
C VAL F 188 -56.68 -63.84 -51.79
N THR F 189 -56.52 -64.69 -50.77
CA THR F 189 -56.80 -66.11 -50.85
C THR F 189 -58.14 -66.43 -50.19
N VAL F 190 -58.81 -67.47 -50.71
CA VAL F 190 -60.15 -67.83 -50.24
C VAL F 190 -60.44 -69.29 -50.57
N PRO F 191 -61.02 -70.05 -49.65
CA PRO F 191 -61.42 -71.43 -49.96
C PRO F 191 -62.70 -71.48 -50.78
N SER F 192 -62.99 -72.66 -51.32
CA SER F 192 -64.18 -72.84 -52.14
C SER F 192 -65.45 -72.75 -51.32
N SER F 193 -65.44 -73.30 -50.10
CA SER F 193 -66.63 -73.27 -49.26
C SER F 193 -67.05 -71.84 -48.94
N SER F 194 -66.07 -70.99 -48.61
CA SER F 194 -66.37 -69.57 -48.41
C SER F 194 -66.71 -68.89 -49.73
N LEU F 195 -66.06 -69.32 -50.82
CA LEU F 195 -66.35 -68.76 -52.13
C LEU F 195 -67.77 -69.05 -52.59
N GLY F 196 -68.43 -70.04 -52.00
CA GLY F 196 -69.79 -70.35 -52.39
C GLY F 196 -70.76 -69.19 -52.18
N THR F 197 -70.42 -68.29 -51.26
CA THR F 197 -71.28 -67.15 -50.94
C THR F 197 -70.57 -65.80 -50.91
N GLN F 198 -69.25 -65.75 -51.03
CA GLN F 198 -68.51 -64.51 -50.87
C GLN F 198 -68.19 -63.87 -52.21
N THR F 199 -68.48 -62.58 -52.33
CA THR F 199 -68.09 -61.78 -53.48
C THR F 199 -67.22 -60.63 -52.99
N TYR F 200 -66.35 -60.14 -53.88
CA TYR F 200 -65.38 -59.11 -53.52
C TYR F 200 -65.76 -57.81 -54.22
N ILE F 201 -66.32 -56.88 -53.46
CA ILE F 201 -66.59 -55.53 -53.98
C ILE F 201 -65.32 -54.73 -53.71
N CYS F 202 -64.34 -54.90 -54.60
CA CYS F 202 -63.01 -54.39 -54.37
C CYS F 202 -62.93 -52.90 -54.70
N ASN F 203 -62.32 -52.15 -53.79
CA ASN F 203 -62.21 -50.70 -53.95
C ASN F 203 -60.78 -50.26 -53.69
N VAL F 204 -60.42 -49.14 -54.32
CA VAL F 204 -59.09 -48.56 -54.22
C VAL F 204 -59.25 -47.06 -53.98
N ASN F 205 -58.57 -46.54 -52.95
CA ASN F 205 -58.47 -45.11 -52.70
C ASN F 205 -57.02 -44.70 -52.82
N HIS F 206 -56.80 -43.49 -53.34
CA HIS F 206 -55.48 -43.05 -53.76
C HIS F 206 -55.31 -41.56 -53.46
N LYS F 207 -54.31 -41.25 -52.65
CA LYS F 207 -54.07 -39.87 -52.24
C LYS F 207 -53.81 -38.90 -53.40
N PRO F 208 -53.04 -39.24 -54.45
CA PRO F 208 -52.67 -38.21 -55.43
C PRO F 208 -53.85 -37.47 -56.03
N SER F 209 -54.96 -38.15 -56.26
CA SER F 209 -56.14 -37.50 -56.81
C SER F 209 -57.42 -37.76 -56.04
N ASN F 210 -57.43 -38.75 -55.13
CA ASN F 210 -58.55 -38.96 -54.20
C ASN F 210 -59.86 -39.24 -54.96
N THR F 211 -59.89 -40.40 -55.61
CA THR F 211 -61.09 -40.87 -56.31
C THR F 211 -61.26 -42.35 -56.01
N LYS F 212 -62.05 -42.68 -55.00
CA LYS F 212 -62.32 -44.07 -54.67
C LYS F 212 -63.01 -44.76 -55.84
N VAL F 213 -62.46 -45.90 -56.24
CA VAL F 213 -63.01 -46.68 -57.35
C VAL F 213 -63.32 -48.08 -56.85
N ASP F 214 -64.56 -48.51 -57.07
CA ASP F 214 -65.04 -49.78 -56.51
C ASP F 214 -65.79 -50.56 -57.59
N LYS F 215 -65.64 -51.88 -57.54
CA LYS F 215 -66.34 -52.74 -58.49
C LYS F 215 -66.45 -54.15 -57.92
N ARG F 216 -67.54 -54.83 -58.29
CA ARG F 216 -67.85 -56.15 -57.76
C ARG F 216 -67.27 -57.25 -58.65
N VAL F 217 -66.61 -58.21 -58.02
CA VAL F 217 -65.99 -59.34 -58.69
C VAL F 217 -66.41 -60.63 -57.99
N GLU F 218 -66.78 -61.63 -58.79
CA GLU F 218 -67.13 -62.96 -58.31
C GLU F 218 -66.40 -63.99 -59.15
N PRO F 219 -66.12 -65.17 -58.60
CA PRO F 219 -65.32 -66.16 -59.33
C PRO F 219 -65.98 -66.54 -60.65
N LYS F 220 -65.13 -66.77 -61.66
CA LYS F 220 -65.60 -67.10 -63.00
C LYS F 220 -64.90 -68.37 -63.50
N SER F 221 -65.08 -68.68 -64.78
CA SER F 221 -64.52 -69.90 -65.35
C SER F 221 -64.34 -69.70 -66.85
N CYS F 222 -63.64 -70.65 -67.48
CA CYS F 222 -63.45 -70.66 -68.92
C CYS F 222 -64.37 -71.73 -69.52
N ASP F 223 -65.60 -71.31 -69.81
CA ASP F 223 -66.62 -72.19 -70.36
C ASP F 223 -66.74 -72.01 -71.87
N LYS F 224 -67.29 -73.03 -72.52
CA LYS F 224 -67.51 -73.00 -73.96
C LYS F 224 -68.90 -73.50 -74.32
N ASP G 1 -14.71 -34.06 -37.08
CA ASP G 1 -15.55 -35.07 -37.70
C ASP G 1 -15.36 -36.43 -37.06
N ILE G 2 -16.42 -37.25 -37.08
CA ILE G 2 -16.40 -38.59 -36.51
C ILE G 2 -17.00 -39.55 -37.53
N GLN G 3 -16.34 -40.68 -37.72
CA GLN G 3 -16.77 -41.65 -38.72
C GLN G 3 -16.84 -43.04 -38.11
N MET G 4 -17.89 -43.78 -38.44
CA MET G 4 -18.12 -45.13 -37.95
C MET G 4 -17.83 -46.15 -39.03
N THR G 5 -17.86 -47.43 -38.61
CA THR G 5 -17.81 -48.55 -39.54
C THR G 5 -18.52 -49.72 -38.88
N GLN G 6 -19.18 -50.53 -39.68
CA GLN G 6 -19.87 -51.71 -39.18
C GLN G 6 -19.30 -52.94 -39.87
N SER G 7 -19.43 -54.10 -39.21
CA SER G 7 -18.91 -55.31 -39.83
C SER G 7 -19.62 -56.54 -39.30
N PRO G 8 -19.93 -57.50 -40.18
CA PRO G 8 -19.78 -57.44 -41.63
C PRO G 8 -20.99 -56.79 -42.26
N SER G 9 -20.97 -56.51 -43.57
CA SER G 9 -22.11 -55.88 -44.20
C SER G 9 -23.35 -56.74 -44.12
N SER G 10 -23.19 -58.06 -44.27
CA SER G 10 -24.31 -58.97 -44.17
C SER G 10 -23.84 -60.34 -43.72
N LEU G 11 -24.79 -61.12 -43.17
CA LEU G 11 -24.55 -62.50 -42.78
C LEU G 11 -25.90 -63.19 -42.66
N SER G 12 -25.88 -64.52 -42.68
CA SER G 12 -27.09 -65.31 -42.53
C SER G 12 -26.80 -66.52 -41.64
N ALA G 13 -27.82 -66.95 -40.90
CA ALA G 13 -27.69 -68.08 -39.99
C ALA G 13 -29.06 -68.72 -39.82
N SER G 14 -29.09 -69.79 -39.02
CA SER G 14 -30.28 -70.56 -38.74
C SER G 14 -30.72 -70.37 -37.30
N VAL G 15 -31.76 -71.11 -36.91
CA VAL G 15 -32.32 -70.99 -35.59
C VAL G 15 -31.40 -71.63 -34.56
N GLY G 16 -31.50 -71.17 -33.32
CA GLY G 16 -30.77 -71.76 -32.21
C GLY G 16 -29.27 -71.62 -32.31
N ASP G 17 -28.77 -70.47 -32.75
CA ASP G 17 -27.36 -70.26 -32.96
C ASP G 17 -26.92 -68.93 -32.38
N ARG G 18 -25.61 -68.79 -32.17
CA ARG G 18 -25.03 -67.54 -31.72
C ARG G 18 -24.67 -66.66 -32.91
N VAL G 19 -25.01 -65.38 -32.82
CA VAL G 19 -24.70 -64.41 -33.87
C VAL G 19 -24.04 -63.21 -33.22
N THR G 20 -23.12 -62.58 -33.97
CA THR G 20 -22.37 -61.45 -33.47
C THR G 20 -22.27 -60.39 -34.55
N ILE G 21 -21.91 -59.18 -34.12
CA ILE G 21 -21.80 -58.02 -34.99
C ILE G 21 -20.85 -57.03 -34.35
N THR G 22 -20.09 -56.30 -35.18
CA THR G 22 -19.03 -55.44 -34.68
C THR G 22 -19.21 -54.03 -35.21
N CYS G 23 -18.90 -53.04 -34.37
CA CYS G 23 -18.98 -51.64 -34.74
C CYS G 23 -17.70 -50.95 -34.29
N GLN G 24 -17.07 -50.19 -35.19
CA GLN G 24 -15.76 -49.63 -34.94
C GLN G 24 -15.73 -48.13 -35.23
N ALA G 25 -14.81 -47.43 -34.57
CA ALA G 25 -14.72 -45.99 -34.60
C ALA G 25 -13.27 -45.56 -34.78
N SER G 26 -13.09 -44.34 -35.27
CA SER G 26 -11.76 -43.80 -35.55
C SER G 26 -11.06 -43.23 -34.33
N GLN G 27 -11.76 -43.02 -33.23
CA GLN G 27 -11.14 -42.50 -32.02
C GLN G 27 -11.99 -42.90 -30.83
N ASP G 28 -11.37 -42.92 -29.65
CA ASP G 28 -12.08 -43.32 -28.45
C ASP G 28 -13.20 -42.33 -28.15
N ILE G 29 -14.35 -42.88 -27.73
CA ILE G 29 -15.54 -42.08 -27.48
C ILE G 29 -16.23 -42.43 -26.17
N SER G 30 -15.63 -43.28 -25.34
CA SER G 30 -16.01 -43.46 -23.94
C SER G 30 -17.49 -43.86 -23.81
N ASN G 31 -17.76 -45.06 -24.30
CA ASN G 31 -19.00 -45.82 -24.09
C ASN G 31 -20.28 -45.00 -24.21
N TYR G 32 -20.31 -44.02 -25.09
CA TYR G 32 -21.54 -43.29 -25.39
C TYR G 32 -22.16 -43.80 -26.70
N LEU G 33 -22.52 -45.08 -26.72
CA LEU G 33 -23.07 -45.70 -27.92
C LEU G 33 -24.51 -46.15 -27.67
N ASN G 34 -25.20 -46.44 -28.76
CA ASN G 34 -26.45 -47.17 -28.67
C ASN G 34 -26.76 -47.82 -30.01
N TRP G 35 -27.70 -48.77 -29.99
CA TRP G 35 -28.09 -49.51 -31.17
C TRP G 35 -29.56 -49.34 -31.47
N TYR G 36 -29.87 -49.33 -32.76
CA TYR G 36 -31.25 -49.18 -33.21
C TYR G 36 -31.62 -50.31 -34.15
N GLN G 37 -32.83 -50.84 -33.97
CA GLN G 37 -33.37 -51.88 -34.82
C GLN G 37 -34.58 -51.33 -35.57
N GLN G 38 -34.67 -51.69 -36.85
CA GLN G 38 -35.74 -51.18 -37.70
C GLN G 38 -36.07 -52.26 -38.73
N LYS G 39 -37.14 -53.00 -38.47
CA LYS G 39 -37.72 -53.97 -39.37
C LYS G 39 -38.34 -53.28 -40.57
N PRO G 40 -38.48 -53.97 -41.70
CA PRO G 40 -39.11 -53.32 -42.86
C PRO G 40 -40.53 -52.88 -42.52
N GLY G 41 -40.72 -51.56 -42.51
CA GLY G 41 -41.93 -50.99 -41.98
C GLY G 41 -41.77 -49.51 -41.71
N LYS G 42 -42.11 -49.07 -40.51
CA LYS G 42 -42.11 -47.63 -40.24
C LYS G 42 -41.15 -47.22 -39.13
N ALA G 43 -41.24 -47.83 -37.95
CA ALA G 43 -40.66 -47.24 -36.76
C ALA G 43 -39.36 -47.93 -36.36
N PRO G 44 -38.22 -47.25 -36.40
CA PRO G 44 -37.02 -47.81 -35.78
C PRO G 44 -37.20 -47.90 -34.27
N LYS G 45 -36.57 -48.89 -33.66
CA LYS G 45 -36.75 -49.17 -32.25
C LYS G 45 -35.41 -49.16 -31.53
N LEU G 46 -35.45 -48.70 -30.28
CA LEU G 46 -34.27 -48.69 -29.41
C LEU G 46 -34.11 -50.04 -28.76
N LEU G 47 -32.90 -50.61 -28.82
CA LEU G 47 -32.64 -51.93 -28.27
C LEU G 47 -31.67 -51.92 -27.10
N ILE G 48 -30.48 -51.34 -27.28
CA ILE G 48 -29.51 -51.22 -26.20
C ILE G 48 -29.00 -49.80 -26.18
N TYR G 49 -29.13 -49.12 -25.04
CA TYR G 49 -28.84 -47.69 -24.96
C TYR G 49 -27.57 -47.39 -24.17
N ASP G 50 -26.69 -48.37 -24.00
CA ASP G 50 -25.41 -48.11 -23.38
C ASP G 50 -24.44 -49.20 -23.79
N ALA G 51 -23.28 -49.25 -23.13
CA ALA G 51 -22.31 -50.28 -23.45
C ALA G 51 -22.86 -51.67 -23.18
N SER G 52 -23.52 -51.85 -22.05
CA SER G 52 -24.07 -53.16 -21.70
C SER G 52 -25.42 -53.04 -20.99
N ASN G 53 -26.16 -51.96 -21.23
CA ASN G 53 -27.42 -51.70 -20.57
C ASN G 53 -28.54 -51.75 -21.59
N LEU G 54 -29.60 -52.51 -21.28
CA LEU G 54 -30.69 -52.75 -22.21
C LEU G 54 -31.96 -52.05 -21.77
N GLU G 55 -32.76 -51.61 -22.73
CA GLU G 55 -34.02 -50.97 -22.43
C GLU G 55 -35.03 -52.00 -21.93
N THR G 56 -35.85 -51.58 -20.97
CA THR G 56 -36.89 -52.44 -20.42
C THR G 56 -37.90 -52.82 -21.50
N GLY G 57 -38.60 -53.92 -21.27
CA GLY G 57 -39.57 -54.39 -22.22
C GLY G 57 -39.00 -55.20 -23.36
N VAL G 58 -37.83 -55.80 -23.17
CA VAL G 58 -37.21 -56.64 -24.19
C VAL G 58 -36.66 -57.90 -23.53
N PRO G 59 -36.98 -59.08 -24.06
CA PRO G 59 -36.45 -60.32 -23.47
C PRO G 59 -34.93 -60.38 -23.52
N SER G 60 -34.39 -61.39 -22.85
CA SER G 60 -32.98 -61.42 -22.47
C SER G 60 -32.13 -62.29 -23.40
N ARG G 61 -32.39 -62.27 -24.71
CA ARG G 61 -31.55 -63.00 -25.64
C ARG G 61 -30.44 -62.15 -26.22
N PHE G 62 -30.34 -60.88 -25.81
CA PHE G 62 -29.36 -59.96 -26.36
C PHE G 62 -28.26 -59.67 -25.36
N SER G 63 -27.06 -59.40 -25.87
CA SER G 63 -25.98 -58.94 -25.01
C SER G 63 -24.98 -58.17 -25.88
N GLY G 64 -24.03 -57.54 -25.22
CA GLY G 64 -23.00 -56.81 -25.94
C GLY G 64 -22.08 -56.11 -24.97
N SER G 65 -20.90 -55.76 -25.48
CA SER G 65 -19.89 -55.11 -24.65
C SER G 65 -18.88 -54.40 -25.53
N GLY G 66 -18.16 -53.48 -24.93
CA GLY G 66 -17.10 -52.77 -25.62
C GLY G 66 -16.66 -51.56 -24.83
N SER G 67 -15.60 -50.94 -25.34
CA SER G 67 -15.04 -49.71 -24.79
C SER G 67 -14.00 -49.22 -25.78
N GLY G 68 -13.42 -48.06 -25.48
CA GLY G 68 -12.43 -47.49 -26.37
C GLY G 68 -13.00 -47.26 -27.76
N THR G 69 -12.60 -48.08 -28.72
CA THR G 69 -13.19 -48.08 -30.04
C THR G 69 -13.70 -49.45 -30.47
N ASP G 70 -13.55 -50.47 -29.63
CA ASP G 70 -13.98 -51.82 -29.95
C ASP G 70 -15.33 -52.08 -29.29
N PHE G 71 -16.32 -52.46 -30.09
CA PHE G 71 -17.66 -52.67 -29.60
C PHE G 71 -18.33 -53.81 -30.35
N THR G 72 -18.89 -54.75 -29.59
CA THR G 72 -19.50 -55.95 -30.13
C THR G 72 -20.90 -56.11 -29.56
N LEU G 73 -21.82 -56.57 -30.40
CA LEU G 73 -23.15 -56.93 -29.98
C LEU G 73 -23.42 -58.37 -30.43
N THR G 74 -24.25 -59.09 -29.68
CA THR G 74 -24.47 -60.49 -30.01
C THR G 74 -25.83 -60.95 -29.50
N ILE G 75 -26.33 -61.99 -30.16
CA ILE G 75 -27.56 -62.66 -29.80
C ILE G 75 -27.20 -64.12 -29.57
N SER G 76 -27.53 -64.64 -28.38
CA SER G 76 -27.12 -65.99 -28.02
C SER G 76 -27.91 -67.04 -28.79
N SER G 77 -29.23 -66.89 -28.84
CA SER G 77 -30.12 -67.87 -29.47
C SER G 77 -31.00 -67.15 -30.48
N LEU G 78 -30.71 -67.35 -31.76
CA LEU G 78 -31.50 -66.72 -32.80
C LEU G 78 -32.93 -67.26 -32.74
N GLN G 79 -33.88 -66.39 -33.09
CA GLN G 79 -35.28 -66.79 -33.19
C GLN G 79 -35.84 -66.33 -34.53
N PRO G 80 -36.81 -67.07 -35.07
CA PRO G 80 -37.30 -66.74 -36.42
C PRO G 80 -37.95 -65.38 -36.53
N GLU G 81 -38.36 -64.78 -35.42
CA GLU G 81 -39.00 -63.47 -35.43
C GLU G 81 -38.00 -62.32 -35.45
N ASP G 82 -36.78 -62.55 -35.92
CA ASP G 82 -35.74 -61.53 -35.95
C ASP G 82 -35.23 -61.38 -37.37
N ILE G 83 -35.90 -60.52 -38.14
CA ILE G 83 -35.48 -60.14 -39.49
C ILE G 83 -35.69 -58.64 -39.61
N ALA G 84 -34.61 -57.87 -39.54
CA ALA G 84 -34.73 -56.43 -39.44
C ALA G 84 -33.42 -55.78 -39.88
N THR G 85 -33.29 -54.48 -39.60
CA THR G 85 -32.07 -53.73 -39.83
C THR G 85 -31.49 -53.30 -38.49
N TYR G 86 -30.17 -53.16 -38.45
CA TYR G 86 -29.47 -52.77 -37.24
C TYR G 86 -28.52 -51.62 -37.52
N TYR G 87 -28.32 -50.79 -36.51
CA TYR G 87 -27.36 -49.71 -36.61
C TYR G 87 -26.75 -49.43 -35.24
N CYS G 88 -25.53 -48.90 -35.26
CA CYS G 88 -24.87 -48.34 -34.08
C CYS G 88 -24.64 -46.85 -34.28
N GLN G 89 -24.94 -46.05 -33.25
CA GLN G 89 -24.57 -44.65 -33.33
C GLN G 89 -23.97 -44.21 -32.01
N GLN G 90 -23.43 -42.98 -32.03
CA GLN G 90 -22.59 -42.44 -30.98
C GLN G 90 -22.96 -40.99 -30.70
N TYR G 91 -22.40 -40.45 -29.62
CA TYR G 91 -22.61 -39.04 -29.28
C TYR G 91 -21.56 -38.56 -28.30
N LYS G 92 -20.81 -37.53 -28.66
CA LYS G 92 -20.07 -36.82 -27.63
C LYS G 92 -20.22 -35.31 -27.72
N ILE G 93 -20.43 -34.76 -28.91
CA ILE G 93 -20.72 -33.34 -29.04
C ILE G 93 -22.21 -33.10 -28.78
N LEU G 94 -22.55 -31.86 -28.40
CA LEU G 94 -23.96 -31.52 -28.19
C LEU G 94 -24.78 -31.76 -29.45
N LEU G 95 -24.24 -31.39 -30.60
CA LEU G 95 -24.86 -31.79 -31.86
C LEU G 95 -23.75 -32.11 -32.85
N THR G 96 -23.37 -33.38 -32.90
CA THR G 96 -22.65 -33.93 -34.06
C THR G 96 -23.00 -35.41 -34.04
N TRP G 97 -23.98 -35.78 -34.85
CA TRP G 97 -24.68 -37.04 -34.74
C TRP G 97 -24.54 -37.77 -36.07
N THR G 98 -24.32 -39.09 -36.03
CA THR G 98 -24.32 -39.86 -37.26
C THR G 98 -24.55 -41.32 -36.95
N PHE G 99 -25.21 -42.01 -37.88
CA PHE G 99 -25.40 -43.44 -37.77
C PHE G 99 -24.29 -44.17 -38.54
N GLY G 100 -24.32 -45.50 -38.48
CA GLY G 100 -23.33 -46.31 -39.14
C GLY G 100 -23.66 -46.59 -40.59
N GLN G 101 -23.47 -47.84 -41.03
CA GLN G 101 -23.71 -48.22 -42.41
C GLN G 101 -24.86 -49.20 -42.57
N GLY G 102 -24.80 -50.36 -41.92
CA GLY G 102 -25.88 -51.33 -42.03
C GLY G 102 -25.46 -52.79 -41.96
N THR G 103 -26.27 -53.61 -41.30
CA THR G 103 -26.03 -55.04 -41.17
C THR G 103 -27.27 -55.81 -41.60
N LYS G 104 -27.07 -56.83 -42.41
CA LYS G 104 -28.15 -57.63 -42.96
C LYS G 104 -28.11 -59.05 -42.40
N VAL G 105 -29.28 -59.57 -42.06
CA VAL G 105 -29.40 -60.92 -41.52
C VAL G 105 -30.40 -61.69 -42.37
N GLU G 106 -30.13 -62.98 -42.57
CA GLU G 106 -31.03 -63.86 -43.30
C GLU G 106 -31.05 -65.21 -42.59
N ILE G 107 -32.14 -65.91 -42.74
CA ILE G 107 -32.33 -67.17 -42.03
C ILE G 107 -31.95 -68.34 -42.94
N LYS G 108 -31.56 -69.44 -42.31
CA LYS G 108 -31.39 -70.72 -42.98
C LYS G 108 -32.64 -71.58 -42.81
N ARG G 109 -33.04 -72.25 -43.90
CA ARG G 109 -34.16 -73.18 -43.91
C ARG G 109 -33.82 -74.29 -44.88
N THR G 110 -34.49 -75.42 -44.73
CA THR G 110 -34.32 -76.50 -45.70
C THR G 110 -34.81 -76.05 -47.06
N VAL G 111 -34.10 -76.46 -48.11
CA VAL G 111 -34.50 -76.10 -49.46
C VAL G 111 -35.87 -76.69 -49.74
N ALA G 112 -36.77 -75.86 -50.29
CA ALA G 112 -38.14 -76.24 -50.54
C ALA G 112 -38.53 -75.88 -51.96
N ALA G 113 -39.38 -76.72 -52.56
CA ALA G 113 -39.83 -76.50 -53.93
C ALA G 113 -40.85 -75.35 -53.98
N PRO G 114 -40.81 -74.55 -55.02
CA PRO G 114 -41.79 -73.47 -55.17
C PRO G 114 -43.17 -73.97 -55.52
N SER G 115 -44.17 -73.18 -55.12
CA SER G 115 -45.55 -73.38 -55.53
C SER G 115 -45.90 -72.36 -56.59
N VAL G 116 -46.44 -72.83 -57.72
CA VAL G 116 -46.60 -72.03 -58.93
C VAL G 116 -48.09 -71.97 -59.30
N PHE G 117 -48.55 -70.79 -59.67
CA PHE G 117 -49.91 -70.58 -60.14
C PHE G 117 -49.91 -69.65 -61.34
N ILE G 118 -50.97 -69.76 -62.14
CA ILE G 118 -51.11 -68.99 -63.37
C ILE G 118 -52.42 -68.21 -63.31
N PHE G 119 -52.39 -66.97 -63.81
CA PHE G 119 -53.59 -66.16 -63.86
C PHE G 119 -53.90 -65.74 -65.30
N PRO G 120 -55.17 -65.78 -65.68
CA PRO G 120 -55.53 -65.47 -67.07
C PRO G 120 -55.78 -63.98 -67.25
N PRO G 121 -55.68 -63.48 -68.48
CA PRO G 121 -55.99 -62.07 -68.73
C PRO G 121 -57.47 -61.78 -68.55
N SER G 122 -57.76 -60.52 -68.26
CA SER G 122 -59.12 -60.05 -68.02
C SER G 122 -59.60 -59.19 -69.18
N ASP G 123 -60.92 -59.04 -69.27
CA ASP G 123 -61.52 -58.24 -70.33
C ASP G 123 -61.15 -56.77 -70.20
N GLU G 124 -60.93 -56.29 -68.99
CA GLU G 124 -60.57 -54.89 -68.80
C GLU G 124 -59.23 -54.57 -69.45
N GLN G 125 -58.26 -55.48 -69.33
CA GLN G 125 -56.97 -55.26 -69.98
C GLN G 125 -57.12 -55.29 -71.49
N LEU G 126 -58.04 -56.12 -72.00
CA LEU G 126 -58.35 -56.10 -73.42
C LEU G 126 -58.98 -54.77 -73.82
N LYS G 127 -59.70 -54.14 -72.89
CA LYS G 127 -60.23 -52.81 -73.17
C LYS G 127 -59.13 -51.77 -73.18
N SER G 128 -58.14 -51.93 -72.29
CA SER G 128 -57.04 -50.97 -72.19
C SER G 128 -56.09 -51.04 -73.38
N GLY G 129 -55.89 -52.22 -73.95
CA GLY G 129 -54.96 -52.38 -75.05
C GLY G 129 -53.68 -53.11 -74.71
N THR G 130 -53.66 -53.93 -73.66
CA THR G 130 -52.48 -54.70 -73.29
C THR G 130 -52.91 -56.11 -72.91
N ALA G 131 -51.92 -56.99 -72.80
CA ALA G 131 -52.12 -58.36 -72.36
C ALA G 131 -50.97 -58.75 -71.45
N SER G 132 -51.30 -59.50 -70.40
CA SER G 132 -50.32 -59.82 -69.37
C SER G 132 -50.30 -61.32 -69.10
N VAL G 133 -49.12 -61.84 -68.78
CA VAL G 133 -48.94 -63.24 -68.41
C VAL G 133 -48.59 -63.31 -66.94
N VAL G 134 -49.60 -63.42 -66.08
CA VAL G 134 -49.39 -63.36 -64.64
C VAL G 134 -48.99 -64.75 -64.15
N CYS G 135 -47.74 -64.89 -63.72
CA CYS G 135 -47.23 -66.16 -63.17
C CYS G 135 -46.75 -65.89 -61.74
N LEU G 136 -47.33 -66.61 -60.79
CA LEU G 136 -47.14 -66.39 -59.36
C LEU G 136 -46.35 -67.54 -58.74
N LEU G 137 -45.34 -67.20 -57.96
CA LEU G 137 -44.53 -68.17 -57.24
C LEU G 137 -44.55 -67.83 -55.76
N ASN G 138 -44.58 -68.87 -54.92
CA ASN G 138 -44.59 -68.66 -53.48
C ASN G 138 -43.98 -69.86 -52.78
N ASN G 139 -43.60 -69.66 -51.51
CA ASN G 139 -43.14 -70.73 -50.62
C ASN G 139 -41.86 -71.40 -51.12
N PHE G 140 -40.96 -70.66 -51.73
CA PHE G 140 -39.70 -71.24 -52.20
C PHE G 140 -38.52 -70.69 -51.42
N TYR G 141 -37.43 -71.46 -51.42
CA TYR G 141 -36.18 -71.09 -50.76
C TYR G 141 -35.06 -71.93 -51.35
N PRO G 142 -33.88 -71.36 -51.58
CA PRO G 142 -33.53 -69.93 -51.46
C PRO G 142 -34.00 -69.11 -52.65
N ARG G 143 -33.37 -67.96 -52.87
CA ARG G 143 -33.88 -66.95 -53.79
C ARG G 143 -33.75 -67.33 -55.26
N GLU G 144 -33.07 -68.43 -55.59
CA GLU G 144 -32.75 -68.70 -56.99
C GLU G 144 -33.97 -69.18 -57.79
N ALA G 145 -34.95 -68.29 -57.94
CA ALA G 145 -36.10 -68.54 -58.80
C ALA G 145 -36.00 -67.63 -60.02
N LYS G 146 -35.99 -68.24 -61.21
CA LYS G 146 -35.85 -67.49 -62.46
C LYS G 146 -37.02 -67.81 -63.38
N VAL G 147 -37.54 -66.77 -64.04
CA VAL G 147 -38.69 -66.90 -64.92
C VAL G 147 -38.35 -66.31 -66.28
N GLN G 148 -38.58 -67.07 -67.34
CA GLN G 148 -38.45 -66.61 -68.71
C GLN G 148 -39.77 -66.86 -69.44
N TRP G 149 -39.85 -66.41 -70.69
CA TRP G 149 -41.10 -66.49 -71.42
C TRP G 149 -40.86 -66.99 -72.84
N LYS G 150 -41.88 -67.67 -73.37
CA LYS G 150 -41.87 -68.13 -74.75
C LYS G 150 -43.18 -67.73 -75.41
N VAL G 151 -43.08 -66.99 -76.51
CA VAL G 151 -44.23 -66.54 -77.29
C VAL G 151 -44.17 -67.25 -78.64
N ASP G 152 -45.16 -68.10 -78.91
CA ASP G 152 -45.12 -69.00 -80.06
C ASP G 152 -43.82 -69.79 -80.09
N ASN G 153 -43.37 -70.21 -78.90
CA ASN G 153 -42.15 -70.97 -78.70
C ASN G 153 -40.90 -70.22 -79.18
N ALA G 154 -40.92 -68.89 -79.13
CA ALA G 154 -39.75 -68.08 -79.46
C ALA G 154 -39.02 -67.67 -78.18
N LEU G 155 -37.85 -67.06 -78.37
CA LEU G 155 -36.98 -66.68 -77.26
C LEU G 155 -37.11 -65.19 -76.97
N GLN G 156 -37.46 -64.86 -75.72
CA GLN G 156 -37.59 -63.50 -75.24
C GLN G 156 -36.69 -63.31 -74.03
N SER G 157 -36.18 -62.09 -73.84
CA SER G 157 -35.28 -61.82 -72.74
C SER G 157 -35.40 -60.35 -72.33
N GLY G 158 -35.41 -60.11 -71.02
CA GLY G 158 -35.37 -58.76 -70.47
C GLY G 158 -36.65 -57.96 -70.37
N ASN G 159 -37.38 -57.82 -71.48
CA ASN G 159 -38.58 -56.97 -71.53
C ASN G 159 -39.72 -57.66 -70.79
N SER G 160 -39.89 -57.34 -69.51
CA SER G 160 -40.97 -57.88 -68.70
C SER G 160 -41.06 -57.07 -67.42
N GLN G 161 -41.92 -57.52 -66.50
CA GLN G 161 -42.09 -56.91 -65.20
C GLN G 161 -42.08 -57.99 -64.12
N GLU G 162 -41.66 -57.60 -62.91
CA GLU G 162 -41.54 -58.53 -61.81
C GLU G 162 -41.71 -57.79 -60.49
N SER G 163 -42.23 -58.49 -59.49
CA SER G 163 -42.39 -57.93 -58.15
C SER G 163 -42.19 -59.05 -57.14
N VAL G 164 -41.16 -58.91 -56.31
CA VAL G 164 -40.84 -59.89 -55.28
C VAL G 164 -40.75 -59.19 -53.93
N THR G 165 -41.23 -59.86 -52.89
CA THR G 165 -41.22 -59.30 -51.56
C THR G 165 -39.97 -59.75 -50.80
N GLU G 166 -39.85 -59.27 -49.57
CA GLU G 166 -38.75 -59.66 -48.70
C GLU G 166 -39.00 -61.05 -48.13
N GLN G 167 -38.06 -61.54 -47.35
CA GLN G 167 -38.18 -62.86 -46.76
C GLN G 167 -39.32 -62.89 -45.75
N ASP G 168 -40.10 -63.98 -45.79
CA ASP G 168 -41.15 -64.20 -44.81
C ASP G 168 -40.60 -65.00 -43.65
N SER G 169 -40.84 -64.50 -42.43
CA SER G 169 -40.29 -65.15 -41.24
C SER G 169 -40.86 -66.54 -41.01
N LYS G 170 -42.06 -66.82 -41.52
CA LYS G 170 -42.66 -68.14 -41.30
C LYS G 170 -42.00 -69.21 -42.15
N ASP G 171 -41.71 -68.91 -43.41
CA ASP G 171 -41.28 -69.97 -44.33
C ASP G 171 -40.10 -69.56 -45.21
N SER G 172 -39.39 -68.49 -44.90
CA SER G 172 -38.17 -68.06 -45.58
C SER G 172 -38.42 -67.65 -47.04
N THR G 173 -39.67 -67.62 -47.48
CA THR G 173 -39.92 -67.42 -48.90
C THR G 173 -39.90 -65.95 -49.27
N TYR G 174 -39.83 -65.70 -50.59
CA TYR G 174 -39.91 -64.37 -51.17
C TYR G 174 -41.02 -64.44 -52.22
N SER G 175 -42.24 -64.08 -51.82
CA SER G 175 -43.38 -64.17 -52.73
C SER G 175 -43.11 -63.37 -53.99
N LEU G 176 -43.34 -64.00 -55.15
CA LEU G 176 -42.96 -63.44 -56.42
C LEU G 176 -44.14 -63.44 -57.39
N SER G 177 -44.26 -62.38 -58.16
CA SER G 177 -45.23 -62.30 -59.25
C SER G 177 -44.54 -61.71 -60.46
N SER G 178 -44.51 -62.46 -61.55
CA SER G 178 -43.83 -62.02 -62.76
C SER G 178 -44.83 -61.96 -63.91
N THR G 179 -44.53 -61.13 -64.90
CA THR G 179 -45.47 -60.90 -65.98
C THR G 179 -44.74 -60.43 -67.23
N LEU G 180 -45.01 -61.07 -68.36
CA LEU G 180 -44.60 -60.57 -69.67
C LEU G 180 -45.81 -59.87 -70.29
N THR G 181 -45.66 -58.58 -70.56
CA THR G 181 -46.76 -57.76 -71.07
C THR G 181 -46.53 -57.44 -72.54
N LEU G 182 -47.56 -57.67 -73.35
CA LEU G 182 -47.52 -57.39 -74.78
C LEU G 182 -48.72 -56.55 -75.15
N SER G 183 -48.77 -56.12 -76.41
CA SER G 183 -49.91 -55.38 -76.91
C SER G 183 -50.91 -56.34 -77.57
N LYS G 184 -52.03 -55.77 -78.02
CA LYS G 184 -53.01 -56.56 -78.76
C LYS G 184 -52.40 -57.16 -80.02
N ALA G 185 -51.94 -56.30 -80.93
CA ALA G 185 -51.40 -56.77 -82.19
C ALA G 185 -50.21 -57.69 -81.97
N ASP G 186 -49.60 -57.62 -80.79
CA ASP G 186 -48.64 -58.63 -80.36
C ASP G 186 -49.31 -59.80 -79.64
N TYR G 187 -50.62 -59.73 -79.38
CA TYR G 187 -51.30 -60.81 -78.67
C TYR G 187 -52.06 -61.74 -79.60
N GLU G 188 -53.01 -61.22 -80.39
CA GLU G 188 -53.71 -62.14 -81.28
C GLU G 188 -52.88 -62.58 -82.48
N LYS G 189 -51.70 -61.97 -82.72
CA LYS G 189 -50.88 -62.41 -83.84
C LYS G 189 -50.29 -63.81 -83.62
N HIS G 190 -50.25 -64.28 -82.38
CA HIS G 190 -49.62 -65.55 -82.05
C HIS G 190 -50.60 -66.41 -81.26
N LYS G 191 -50.21 -67.66 -81.01
CA LYS G 191 -51.11 -68.66 -80.46
C LYS G 191 -50.83 -68.98 -79.00
N VAL G 192 -49.60 -69.41 -78.67
CA VAL G 192 -49.32 -69.94 -77.35
C VAL G 192 -48.39 -68.99 -76.60
N TYR G 193 -48.45 -69.09 -75.27
CA TYR G 193 -47.62 -68.28 -74.41
C TYR G 193 -47.24 -69.12 -73.19
N ALA G 194 -45.98 -69.03 -72.78
CA ALA G 194 -45.46 -69.93 -71.74
C ALA G 194 -44.52 -69.21 -70.78
N CYS G 195 -44.72 -69.48 -69.49
CA CYS G 195 -43.75 -69.14 -68.45
C CYS G 195 -42.86 -70.34 -68.19
N GLU G 196 -41.55 -70.14 -68.28
CA GLU G 196 -40.57 -71.15 -67.93
C GLU G 196 -39.94 -70.80 -66.59
N VAL G 197 -40.00 -71.74 -65.64
CA VAL G 197 -39.57 -71.51 -64.28
C VAL G 197 -38.40 -72.43 -63.97
N THR G 198 -37.32 -71.86 -63.44
CA THR G 198 -36.12 -72.59 -63.05
C THR G 198 -35.79 -72.30 -61.60
N HIS G 199 -35.52 -73.35 -60.84
CA HIS G 199 -35.15 -73.21 -59.44
C HIS G 199 -34.32 -74.41 -59.03
N GLN G 200 -33.28 -74.15 -58.24
CA GLN G 200 -32.35 -75.22 -57.87
C GLN G 200 -33.04 -76.31 -57.07
N GLY G 201 -33.91 -75.92 -56.14
CA GLY G 201 -34.62 -76.89 -55.33
C GLY G 201 -35.59 -77.75 -56.11
N LEU G 202 -36.04 -77.28 -57.26
CA LEU G 202 -36.89 -78.09 -58.12
C LEU G 202 -36.13 -79.29 -58.65
N SER G 203 -36.86 -80.36 -58.96
CA SER G 203 -36.26 -81.50 -59.63
C SER G 203 -35.76 -81.10 -61.01
N SER G 204 -36.52 -80.27 -61.72
CA SER G 204 -36.13 -79.77 -63.02
C SER G 204 -36.94 -78.52 -63.32
N PRO G 205 -36.43 -77.60 -64.13
CA PRO G 205 -37.24 -76.45 -64.56
C PRO G 205 -38.46 -76.92 -65.36
N VAL G 206 -39.57 -76.21 -65.19
CA VAL G 206 -40.84 -76.59 -65.81
C VAL G 206 -41.38 -75.41 -66.59
N THR G 207 -41.93 -75.68 -67.77
CA THR G 207 -42.54 -74.66 -68.61
C THR G 207 -44.04 -74.89 -68.65
N LYS G 208 -44.81 -73.87 -68.24
CA LYS G 208 -46.26 -73.90 -68.26
C LYS G 208 -46.73 -73.02 -69.41
N SER G 209 -47.51 -73.61 -70.32
CA SER G 209 -47.92 -72.94 -71.54
C SER G 209 -49.43 -72.99 -71.69
N PHE G 210 -49.96 -72.03 -72.44
CA PHE G 210 -51.40 -72.00 -72.74
C PHE G 210 -51.60 -71.42 -74.13
N ASN G 211 -52.59 -71.94 -74.84
CA ASN G 211 -52.96 -71.47 -76.16
C ASN G 211 -53.98 -70.34 -76.03
N ARG G 212 -53.93 -69.42 -77.00
CA ARG G 212 -54.89 -68.31 -77.00
C ARG G 212 -56.32 -68.80 -77.19
N GLY G 213 -56.51 -69.94 -77.85
CA GLY G 213 -57.84 -70.47 -78.06
C GLY G 213 -58.51 -70.99 -76.81
N GLU G 214 -57.75 -71.19 -75.73
CA GLU G 214 -58.33 -71.69 -74.49
C GLU G 214 -59.23 -70.68 -73.79
N CYS G 215 -59.19 -69.42 -74.20
CA CYS G 215 -60.01 -68.38 -73.59
C CYS G 215 -61.46 -68.51 -74.04
C1 NAG H . 82.12 51.52 -5.82
C2 NAG H . 83.07 52.11 -6.83
C3 NAG H . 84.22 52.82 -6.15
C4 NAG H . 83.68 53.89 -5.22
C5 NAG H . 82.67 53.29 -4.24
C6 NAG H . 81.97 54.34 -3.42
C7 NAG H . 84.19 49.99 -7.67
C8 NAG H . 84.47 49.30 -8.96
N2 NAG H . 83.52 51.15 -7.83
O3 NAG H . 85.05 53.41 -7.14
O4 NAG H . 84.74 54.50 -4.50
O5 NAG H . 81.64 52.56 -4.94
O6 NAG H . 81.74 55.52 -4.18
O7 NAG H . 84.54 49.50 -6.55
C1 NAG H . 84.90 55.86 -4.97
C2 NAG H . 86.24 56.41 -4.48
C3 NAG H . 86.46 57.82 -5.00
C4 NAG H . 86.30 57.86 -6.52
C5 NAG H . 84.95 57.26 -6.91
C6 NAG H . 84.77 57.16 -8.41
C7 NAG H . 87.48 56.31 -2.37
C8 NAG H . 87.39 56.29 -0.87
N2 NAG H . 86.33 56.38 -3.04
O3 NAG H . 87.77 58.27 -4.66
O4 NAG H . 86.35 59.21 -6.99
O5 NAG H . 84.83 55.93 -6.39
O6 NAG H . 84.56 58.43 -9.00
O7 NAG H . 88.57 56.26 -2.95
C1 NAG I . 51.96 22.15 47.36
C2 NAG I . 52.45 21.85 48.76
C3 NAG I . 51.45 20.93 49.48
C4 NAG I . 50.04 21.53 49.42
C5 NAG I . 49.68 21.91 47.99
C6 NAG I . 48.37 22.68 47.89
C7 NAG I . 54.81 21.73 49.37
C8 NAG I . 56.10 20.97 49.24
N2 NAG I . 53.76 21.23 48.73
O3 NAG I . 51.85 20.77 50.83
O4 NAG I . 49.12 20.56 49.90
O5 NAG I . 50.68 22.76 47.42
O6 NAG I . 48.59 24.08 47.93
O7 NAG I . 54.74 22.76 50.05
C1 NAG I . 48.33 21.09 50.98
C2 NAG I . 47.26 20.07 51.33
C3 NAG I . 46.42 20.56 52.51
C4 NAG I . 47.31 20.96 53.68
C5 NAG I . 48.39 21.94 53.22
C6 NAG I . 49.39 22.27 54.30
C7 NAG I . 46.70 18.84 49.28
C8 NAG I . 45.72 18.68 48.16
N2 NAG I . 46.41 19.77 50.19
O3 NAG I . 45.52 19.54 52.92
O4 NAG I . 46.54 21.57 54.70
O5 NAG I . 49.14 21.37 52.13
O6 NAG I . 49.72 23.66 54.30
O7 NAG I . 47.72 18.16 49.35
C1 NAG J . -17.27 13.91 -36.21
C2 NAG J . -16.56 12.60 -35.85
C3 NAG J . -15.52 12.24 -36.92
C4 NAG J . -16.16 12.25 -38.31
C5 NAG J . -16.89 13.57 -38.55
C6 NAG J . -17.66 13.59 -39.86
C7 NAG J . -15.57 11.62 -33.82
C8 NAG J . -14.92 11.92 -32.50
N2 NAG J . -15.92 12.69 -34.55
O3 NAG J . -14.98 10.96 -36.65
O4 NAG J . -15.15 12.10 -39.30
O5 NAG J . -17.85 13.80 -37.51
O6 NAG J . -18.44 12.41 -40.03
O7 NAG J . -15.76 10.48 -34.21
C1 NAG J . -15.23 10.80 -39.92
C2 NAG J . -14.45 10.84 -41.24
C3 NAG J . -14.44 9.46 -41.89
C4 NAG J . -13.96 8.41 -40.92
C5 NAG J . -14.77 8.45 -39.63
C6 NAG J . -14.27 7.50 -38.58
C7 NAG J . -16.20 11.87 -42.65
C8 NAG J . -16.52 13.00 -43.57
N2 NAG J . -14.96 11.86 -42.14
O3 NAG J . -13.61 9.49 -43.05
O4 NAG J . -14.07 7.12 -41.50
O5 NAG J . -14.70 9.78 -39.07
O6 NAG J . -12.95 7.07 -38.86
O7 NAG J . -17.03 11.01 -42.37
C1 NAG K . -4.37 51.07 -14.16
C2 NAG K . -4.28 51.95 -15.39
C3 NAG K . -3.90 53.38 -14.99
C4 NAG K . -4.81 53.90 -13.89
C5 NAG K . -4.95 52.88 -12.76
C6 NAG K . -6.02 53.27 -11.76
C7 NAG K . -2.02 51.24 -16.14
C8 NAG K . -1.24 50.68 -17.29
N2 NAG K . -3.33 51.42 -16.37
O3 NAG K . -3.98 54.22 -16.14
O4 NAG K . -4.24 55.08 -13.33
O5 NAG K . -5.31 51.60 -13.26
O6 NAG K . -7.31 52.86 -12.20
O7 NAG K . -1.50 51.52 -15.06
C1 NAG K . -4.93 56.26 -13.80
C2 NAG K . -4.51 57.42 -12.91
C3 NAG K . -5.15 58.72 -13.39
C4 NAG K . -4.86 58.94 -14.87
C5 NAG K . -5.27 57.71 -15.68
C6 NAG K . -4.90 57.81 -17.14
C7 NAG K . -4.06 56.51 -10.67
C8 NAG K . -4.58 56.34 -9.28
N2 NAG K . -4.85 57.17 -11.52
O3 NAG K . -4.64 59.81 -12.63
O4 NAG K . -5.56 60.07 -15.35
O5 NAG K . -4.61 56.54 -15.16
O6 NAG K . -5.33 56.66 -17.86
O7 NAG K . -2.96 56.08 -11.02
C1 NAG L . 61.18 55.90 -5.09
C2 NAG L . 62.02 57.07 -5.56
C3 NAG L . 61.26 58.38 -5.36
C4 NAG L . 59.88 58.30 -5.99
C5 NAG L . 59.15 57.05 -5.51
C6 NAG L . 57.82 56.83 -6.20
C7 NAG L . 64.35 57.81 -5.27
C8 NAG L . 65.58 57.73 -4.40
N2 NAG L . 63.29 57.11 -4.84
O3 NAG L . 61.99 59.45 -5.95
O4 NAG L . 59.12 59.45 -5.61
O5 NAG L . 59.95 55.89 -5.78
O6 NAG L . 57.25 55.58 -5.83
O7 NAG L . 64.33 58.46 -6.31
C1 NAG L . 58.67 60.15 -6.77
C2 NAG L . 57.67 61.22 -6.32
C3 NAG L . 57.17 62.00 -7.53
C4 NAG L . 58.34 62.58 -8.32
C5 NAG L . 59.34 61.47 -8.67
C6 NAG L . 60.58 61.99 -9.34
C7 NAG L . 55.87 61.25 -4.67
C8 NAG L . 54.76 60.48 -4.02
N2 NAG L . 56.57 60.62 -5.60
O3 NAG L . 56.33 63.06 -7.08
O4 NAG L . 57.86 63.17 -9.52
O5 NAG L . 59.75 60.79 -7.47
O6 NAG L . 60.98 63.24 -8.79
O7 NAG L . 56.12 62.42 -4.35
C1 NAG M . 42.26 65.02 5.12
C2 NAG M . 42.64 66.48 4.93
C3 NAG M . 41.38 67.34 4.79
C4 NAG M . 40.45 66.79 3.71
C5 NAG M . 40.21 65.29 3.92
C6 NAG M . 39.46 64.64 2.78
C7 NAG M . 44.78 67.01 5.99
C8 NAG M . 45.47 67.52 7.23
N2 NAG M . 43.45 66.96 6.04
O3 NAG M . 41.76 68.67 4.47
O4 NAG M . 39.22 67.50 3.81
O5 NAG M . 41.46 64.60 4.03
O6 NAG M . 40.32 63.77 2.05
O7 NAG M . 45.41 66.65 5.00
C1 NAG M . 38.61 68.00 2.59
C2 NAG M . 39.57 68.09 1.38
C3 NAG M . 38.79 68.43 0.10
C4 NAG M . 37.61 67.49 -0.09
C5 NAG M . 36.73 67.51 1.15
C6 NAG M . 35.56 66.56 1.07
C7 NAG M . 40.40 70.38 1.79
C8 NAG M . 41.62 71.22 2.01
N2 NAG M . 40.61 69.07 1.61
O3 NAG M . 39.68 68.34 -1.02
O4 NAG M . 36.84 67.91 -1.22
O5 NAG M . 37.52 67.10 2.27
O6 NAG M . 34.75 66.64 2.23
O7 NAG M . 39.28 70.87 1.78
C1 NAG N . 0.69 -38.65 2.17
C2 NAG N . 1.06 -37.41 2.97
C3 NAG N . 1.71 -37.82 4.30
C4 NAG N . 0.81 -38.80 5.05
C5 NAG N . 0.40 -39.96 4.13
C6 NAG N . -0.61 -40.89 4.77
C7 NAG N . 2.09 -35.24 2.43
C8 NAG N . 3.06 -34.51 1.56
N2 NAG N . 1.97 -36.55 2.21
O3 NAG N . 1.93 -36.65 5.07
O4 NAG N . 1.50 -39.36 6.15
O5 NAG N . -0.19 -39.46 2.93
O6 NAG N . -1.54 -41.37 3.81
O7 NAG N . 1.42 -34.66 3.29
C1 NAG N . 1.35 -38.58 7.36
C2 NAG N . 0.43 -39.29 8.34
C3 NAG N . 0.33 -38.50 9.64
C4 NAG N . 1.71 -38.25 10.21
C5 NAG N . 2.61 -37.58 9.17
C6 NAG N . 4.03 -37.42 9.62
C7 NAG N . -1.69 -40.52 8.11
C8 NAG N . -3.02 -40.57 7.42
N2 NAG N . -0.90 -39.50 7.76
O3 NAG N . -0.47 -39.22 10.57
O4 NAG N . 1.62 -37.40 11.35
O5 NAG N . 2.64 -38.38 7.98
O6 NAG N . 4.51 -38.59 10.26
O7 NAG N . -1.35 -41.35 8.94
C1 NAG O . 34.45 -18.90 -24.30
C2 NAG O . 35.81 -19.47 -23.96
C3 NAG O . 36.90 -18.76 -24.75
C4 NAG O . 36.56 -18.72 -26.23
C5 NAG O . 35.13 -18.23 -26.46
C6 NAG O . 34.68 -18.35 -27.90
C7 NAG O . 36.95 -20.16 -21.88
C8 NAG O . 37.09 -19.92 -20.41
N2 NAG O . 36.07 -19.38 -22.52
O3 NAG O . 38.15 -19.41 -24.56
O4 NAG O . 37.45 -17.82 -26.89
O5 NAG O . 34.21 -19.01 -25.68
O6 NAG O . 33.37 -17.83 -28.08
O7 NAG O . 37.59 -21.02 -22.47
C1 NAG O . 38.16 -18.45 -27.98
C2 NAG O . 38.93 -17.36 -28.72
C3 NAG O . 39.74 -17.96 -29.87
C4 NAG O . 40.61 -19.10 -29.36
C5 NAG O . 39.76 -20.11 -28.60
C6 NAG O . 40.59 -21.22 -27.97
C7 NAG O . 38.38 -15.04 -29.32
C8 NAG O . 37.32 -14.11 -29.85
N2 NAG O . 38.03 -16.32 -29.22
O3 NAG O . 40.55 -16.95 -30.46
O4 NAG O . 41.26 -19.74 -30.45
O5 NAG O . 39.07 -19.45 -27.53
O6 NAG O . 39.85 -22.43 -27.90
O7 NAG O . 39.50 -14.64 -28.99
C1 NAG P . 78.21 12.84 11.91
C2 NAG P . 79.72 12.78 11.73
C3 NAG P . 80.07 12.41 10.29
C4 NAG P . 79.30 11.18 9.83
C5 NAG P . 77.82 11.33 10.14
C6 NAG P . 77.02 10.08 9.83
C7 NAG P . 81.62 14.18 12.39
C8 NAG P . 82.07 15.57 12.74
N2 NAG P . 80.32 14.04 12.10
O3 NAG P . 81.47 12.17 10.20
O4 NAG P . 79.46 11.03 8.42
O5 NAG P . 77.63 11.61 11.52
O6 NAG P . 76.07 10.31 8.80
O7 NAG P . 82.40 13.23 12.37
C1 NAG P . 80.20 9.84 8.11
C2 NAG P . 80.35 9.74 6.58
C3 NAG P . 81.17 8.53 6.19
C4 NAG P . 82.50 8.53 6.94
C5 NAG P . 82.26 8.66 8.44
C6 NAG P . 83.54 8.79 9.23
C7 NAG P . 78.12 8.78 6.08
C8 NAG P . 76.85 8.95 5.30
N2 NAG P . 79.05 9.73 5.92
O3 NAG P . 81.40 8.53 4.79
O4 NAG P . 83.21 7.32 6.68
O5 NAG P . 81.50 9.84 8.71
O6 NAG P . 84.54 9.50 8.49
O7 NAG P . 78.28 7.82 6.83
C1 NAG Q . 71.77 12.52 -9.85
C2 NAG Q . 72.90 12.26 -10.83
C3 NAG Q . 72.38 11.48 -12.03
C4 NAG Q . 71.64 10.22 -11.58
C5 NAG Q . 70.59 10.56 -10.53
C6 NAG Q . 69.94 9.34 -9.92
C7 NAG Q . 74.56 14.04 -10.60
C8 NAG Q . 75.09 15.33 -11.17
N2 NAG Q . 73.53 13.49 -11.24
O3 NAG Q . 73.48 11.13 -12.86
O4 NAG Q . 70.93 9.63 -12.67
O5 NAG Q . 71.19 11.29 -9.45
O6 NAG Q . 70.40 9.12 -8.60
O7 NAG Q . 75.05 13.52 -9.60
C1 NAG Q . 71.61 8.71 -13.55
C2 NAG Q . 72.10 7.40 -12.89
C3 NAG Q . 72.59 6.41 -13.95
C4 NAG Q . 71.52 6.20 -15.01
C5 NAG Q . 71.12 7.54 -15.61
C6 NAG Q . 69.99 7.43 -16.61
C7 NAG Q . 73.44 6.83 -10.91
C8 NAG Q . 74.58 7.26 -10.01
N2 NAG Q . 73.17 7.65 -11.93
O3 NAG Q . 72.92 5.17 -13.34
O4 NAG Q . 72.03 5.36 -16.04
O5 NAG Q . 70.65 8.41 -14.57
O6 NAG Q . 69.02 8.45 -16.42
O7 NAG Q . 72.81 5.80 -10.72
C1 NAG R . -34.24 16.79 22.62
C2 NAG R . -33.77 17.55 21.39
C3 NAG R . -33.60 19.03 21.71
C4 NAG R . -34.83 19.59 22.43
C5 NAG R . -35.35 18.66 23.52
C6 NAG R . -36.73 19.06 24.03
C7 NAG R . -31.36 16.98 21.52
C8 NAG R . -30.21 16.35 20.79
N2 NAG R . -32.53 16.99 20.87
O3 NAG R . -33.36 19.76 20.52
O4 NAG R . -34.45 20.80 23.09
O5 NAG R . -35.47 17.32 23.04
O6 NAG R . -37.60 19.35 22.95
O7 NAG R . -31.24 17.44 22.65
C1 NAG R . -35.06 21.98 22.55
C2 NAG R . -34.79 23.12 23.54
C3 NAG R . -35.35 24.43 22.99
C4 NAG R . -34.80 24.69 21.59
C5 NAG R . -35.08 23.49 20.69
C6 NAG R . -34.45 23.64 19.32
C7 NAG R . -34.81 23.27 25.98
C8 NAG R . -35.53 22.86 27.24
N2 NAG R . -35.35 22.83 24.84
O3 NAG R . -34.98 25.49 23.86
O4 NAG R . -35.44 25.84 21.04
O5 NAG R . -34.52 22.31 21.27
O6 NAG R . -33.25 22.89 19.21
O7 NAG R . -33.80 23.96 26.00
C1 NAG S . 54.76 43.82 42.41
C2 NAG S . 55.96 43.47 43.31
C3 NAG S . 55.68 43.80 44.79
C4 NAG S . 54.35 43.24 45.28
C5 NAG S . 53.36 43.10 44.14
C6 NAG S . 51.93 43.28 44.57
C7 NAG S . 57.06 41.63 42.13
C8 NAG S . 57.34 40.16 42.11
N2 NAG S . 56.34 42.07 43.16
O3 NAG S . 55.70 45.22 44.97
O4 NAG S . 54.50 41.97 45.91
O5 NAG S . 53.64 44.13 43.19
O6 NAG S . 51.03 42.62 43.69
O7 NAG S . 57.46 42.38 41.26
C1 NAG S . 54.72 42.05 47.34
C2 NAG S . 53.42 42.23 48.16
C3 NAG S . 53.72 42.14 49.65
C4 NAG S . 54.46 40.86 49.97
C5 NAG S . 55.71 40.74 49.12
C6 NAG S . 56.42 39.42 49.29
C7 NAG S . 51.46 43.70 48.05
C8 NAG S . 50.95 45.07 47.68
N2 NAG S . 52.76 43.49 47.84
O3 NAG S . 52.50 42.19 50.38
O4 NAG S . 54.84 40.85 51.35
O5 NAG S . 55.36 40.83 47.72
O6 NAG S . 55.64 38.35 48.79
O7 NAG S . 50.72 42.84 48.52
C1 NAG T . 49.84 58.54 33.31
C2 NAG T . 49.10 59.62 34.14
C3 NAG T . 47.64 59.25 34.38
C4 NAG T . 46.95 58.78 33.10
C5 NAG T . 47.79 57.72 32.41
C6 NAG T . 47.21 57.28 31.08
C7 NAG T . 49.84 58.97 36.41
C8 NAG T . 50.57 59.42 37.64
N2 NAG T . 49.78 59.86 35.41
O3 NAG T . 46.96 60.38 34.91
O4 NAG T . 45.71 58.17 33.47
O5 NAG T . 49.09 58.25 32.14
O6 NAG T . 47.48 58.23 30.06
O7 NAG T . 49.36 57.85 36.32
C1 NAG T . 44.53 59.00 33.26
C2 NAG T . 43.99 59.40 34.63
C3 NAG T . 42.74 60.27 34.47
C4 NAG T . 43.03 61.45 33.56
C5 NAG T . 43.63 60.97 32.23
C6 NAG T . 44.04 62.11 31.33
C7 NAG T . 42.82 57.28 35.17
C8 NAG T . 42.69 56.17 36.16
N2 NAG T . 43.70 58.24 35.46
O3 NAG T . 42.32 60.74 35.75
O4 NAG T . 41.83 62.16 33.28
O5 NAG T . 44.81 60.19 32.48
O6 NAG T . 42.91 62.69 30.69
O7 NAG T . 42.16 57.30 34.13
C1 NAG U . -20.76 -24.99 -28.72
C2 NAG U . -19.94 -23.92 -29.43
C3 NAG U . -20.75 -22.63 -29.56
C4 NAG U . -22.08 -22.92 -30.25
C5 NAG U . -22.81 -24.02 -29.50
C6 NAG U . -24.09 -24.45 -30.19
C7 NAG U . -17.55 -23.39 -29.34
C8 NAG U . -16.36 -23.15 -28.45
N2 NAG U . -18.69 -23.66 -28.72
O3 NAG U . -20.01 -21.69 -30.33
O4 NAG U . -22.87 -21.74 -30.29
O5 NAG U . -21.99 -25.19 -29.41
O6 NAG U . -25.01 -23.36 -30.29
O7 NAG U . -17.46 -23.35 -30.55
C1 NAG V . -34.60 41.36 -34.91
C2 NAG V . -35.37 40.16 -35.49
C3 NAG V . -36.85 40.49 -35.62
C4 NAG V . -37.41 40.98 -34.29
C5 NAG V . -36.58 42.15 -33.77
C6 NAG V . -37.01 42.62 -32.41
C7 NAG V . -35.00 38.56 -37.32
C8 NAG V . -34.36 38.33 -38.65
N2 NAG V . -34.81 39.77 -36.77
O3 NAG V . -37.56 39.33 -36.04
O4 NAG V . -38.76 41.38 -34.45
O5 NAG V . -35.20 41.76 -33.67
O6 NAG V . -36.24 43.73 -31.96
O7 NAG V . -35.66 37.69 -36.76
C1 NAG W . 7.24 -21.76 -39.86
C2 NAG W . 8.29 -21.36 -40.89
C3 NAG W . 9.36 -22.44 -41.02
C4 NAG W . 9.93 -22.78 -39.65
C5 NAG W . 8.81 -23.13 -38.68
C6 NAG W . 9.30 -23.37 -37.27
C7 NAG W . 6.97 -21.94 -42.89
C8 NAG W . 6.43 -21.44 -44.20
N2 NAG W . 7.69 -21.07 -42.19
O3 NAG W . 10.40 -21.97 -41.87
O4 NAG W . 10.82 -23.90 -39.76
O5 NAG W . 7.88 -22.04 -38.61
O6 NAG W . 10.68 -23.72 -37.25
O7 NAG W . 6.77 -23.09 -42.51
C1 NAG X . 33.16 10.69 -34.28
C2 NAG X . 34.26 9.64 -34.08
C3 NAG X . 35.41 9.89 -35.05
C4 NAG X . 34.89 9.95 -36.49
C5 NAG X . 33.76 10.97 -36.59
C6 NAG X . 33.11 10.99 -37.96
C7 NAG X . 34.36 8.75 -31.81
C8 NAG X . 34.95 8.90 -30.44
N2 NAG X . 34.73 9.65 -32.72
O3 NAG X . 36.36 8.85 -34.92
O4 NAG X . 35.94 10.30 -37.37
O5 NAG X . 32.72 10.67 -35.65
O6 NAG X . 33.44 12.16 -38.68
O7 NAG X . 33.57 7.84 -32.08
C1 NAG Y . 79.68 27.91 -11.87
C2 NAG Y . 80.37 28.00 -13.24
C3 NAG Y . 80.47 26.61 -13.87
C4 NAG Y . 81.11 25.63 -12.91
C5 NAG Y . 80.39 25.64 -11.57
C6 NAG Y . 81.06 24.78 -10.52
C7 NAG Y . 78.44 28.79 -14.56
C8 NAG Y . 77.94 29.86 -15.48
N2 NAG Y . 79.70 28.93 -14.13
O3 NAG Y . 81.24 26.70 -15.07
O4 NAG Y . 81.06 24.31 -13.46
O5 NAG Y . 80.36 26.98 -11.04
O6 NAG Y . 80.55 25.05 -9.23
O7 NAG Y . 77.73 27.84 -14.23
C1 NAG Z . 94.64 35.69 -1.75
C2 NAG Z . 94.93 35.14 -3.14
C3 NAG Z . 95.62 33.79 -3.04
C4 NAG Z . 96.85 33.88 -2.15
C5 NAG Z . 96.49 34.50 -0.81
C6 NAG Z . 97.70 34.75 0.07
C7 NAG Z . 93.65 35.44 -5.21
C8 NAG Z . 92.31 35.25 -5.88
N2 NAG Z . 93.72 35.04 -3.93
O3 NAG Z . 95.99 33.34 -4.34
O4 NAG Z . 97.41 32.59 -1.95
O5 NAG Z . 95.85 35.76 -1.00
O6 NAG Z . 98.71 33.78 -0.16
O7 NAG Z . 94.61 35.91 -5.80
C1 NAG AA . 5.03 29.90 -43.97
C2 NAG AA . 5.24 30.02 -45.47
C3 NAG AA . 6.66 29.61 -45.85
C4 NAG AA . 7.68 30.40 -45.03
C5 NAG AA . 7.37 30.28 -43.54
C6 NAG AA . 8.27 31.13 -42.69
C7 NAG AA . 4.15 27.91 -46.16
C8 NAG AA . 3.07 27.31 -47.01
N2 NAG AA . 4.26 29.24 -46.22
O3 NAG AA . 6.88 29.84 -47.24
O4 NAG AA . 8.99 29.91 -45.28
O5 NAG AA . 6.03 30.69 -43.28
O6 NAG AA . 9.58 31.23 -43.24
O7 NAG AA . 4.89 27.22 -45.46
C1 NAG BA . -36.99 20.52 -40.45
C2 NAG BA . -36.52 21.37 -41.62
C3 NAG BA . -36.15 20.48 -42.81
C4 NAG BA . -35.16 19.40 -42.39
C5 NAG BA . -35.71 18.63 -41.19
C6 NAG BA . -34.74 17.62 -40.64
C7 NAG BA . -37.27 23.42 -42.76
C8 NAG BA . -38.43 24.32 -43.06
N2 NAG BA . -37.53 22.34 -42.00
O3 NAG BA . -35.57 21.28 -43.84
O4 NAG BA . -34.95 18.50 -43.45
O5 NAG BA . -35.99 19.55 -40.11
O6 NAG BA . -35.34 16.78 -39.65
O7 NAG BA . -36.14 23.67 -43.18
C1 NAG CA . 45.44 28.48 -37.19
C2 NAG CA . 46.19 28.97 -38.43
C3 NAG CA . 45.76 28.14 -39.64
C4 NAG CA . 45.93 26.66 -39.37
C5 NAG CA . 45.22 26.27 -38.09
C6 NAG CA . 45.46 24.83 -37.68
C7 NAG CA . 46.86 31.33 -38.37
C8 NAG CA . 46.46 32.74 -38.68
N2 NAG CA . 45.96 30.38 -38.66
O3 NAG CA . 46.55 28.53 -40.78
O4 NAG CA . 45.42 25.89 -40.45
O5 NAG CA . 45.68 27.08 -36.99
O6 NAG CA . 46.69 24.36 -38.19
O7 NAG CA . 47.95 31.05 -37.88
C1 NAG DA . 70.46 41.25 -13.63
C2 NAG DA . 69.50 42.18 -14.38
C3 NAG DA . 68.63 41.38 -15.35
C4 NAG DA . 69.51 40.55 -16.27
C5 NAG DA . 70.44 39.66 -15.45
C6 NAG DA . 71.41 38.89 -16.31
C7 NAG DA . 68.17 44.15 -13.76
C8 NAG DA . 67.34 44.79 -12.70
N2 NAG DA . 68.68 42.94 -13.46
O3 NAG DA . 67.82 42.26 -16.11
O4 NAG DA . 68.69 39.72 -17.10
O5 NAG DA . 71.23 40.49 -14.58
O6 NAG DA . 72.47 38.34 -15.54
O7 NAG DA . 68.37 44.67 -14.86
C1 NAG EA . 29.15 -12.48 34.25
C2 NAG EA . 29.02 -13.24 35.58
C3 NAG EA . 29.48 -12.36 36.73
C4 NAG EA . 30.88 -11.82 36.47
C5 NAG EA . 30.94 -11.13 35.10
C6 NAG EA . 32.33 -10.69 34.73
C7 NAG EA . 27.36 -14.97 36.09
C8 NAG EA . 25.91 -15.27 36.28
N2 NAG EA . 27.66 -13.70 35.78
O3 NAG EA . 29.47 -13.13 37.93
O4 NAG EA . 31.24 -10.89 37.48
O5 NAG EA . 30.49 -12.03 34.08
O6 NAG EA . 33.01 -10.13 35.85
O7 NAG EA . 28.23 -15.83 36.19
C1 NAG FA . 50.06 -15.15 33.28
C2 NAG FA . 50.66 -16.26 34.14
C3 NAG FA . 49.68 -16.66 35.24
C4 NAG FA . 49.25 -15.45 36.04
C5 NAG FA . 48.73 -14.36 35.12
C6 NAG FA . 48.41 -13.06 35.84
C7 NAG FA . 52.27 -17.88 33.24
C8 NAG FA . 52.46 -19.07 32.36
N2 NAG FA . 51.02 -17.41 33.32
O3 NAG FA . 50.30 -17.62 36.09
O4 NAG FA . 48.25 -15.81 36.97
O5 NAG FA . 49.70 -14.04 34.12
O6 NAG FA . 49.48 -12.68 36.69
O7 NAG FA . 53.20 -17.36 33.85
C1 NAG GA . -14.64 -22.95 35.68
C2 NAG GA . -13.58 -23.78 36.43
C3 NAG GA . -13.68 -23.53 37.93
C4 NAG GA . -13.61 -22.04 38.23
C5 NAG GA . -14.67 -21.30 37.42
C6 NAG GA . -14.60 -19.80 37.60
C7 NAG GA . -13.15 -25.80 35.10
C8 NAG GA . -13.41 -27.26 34.95
N2 NAG GA . -13.74 -25.20 36.14
O3 NAG GA . -12.61 -24.21 38.59
O4 NAG GA . -13.83 -21.81 39.62
O5 NAG GA . -14.49 -21.56 36.03
O6 NAG GA . -13.27 -19.38 37.86
O7 NAG GA . -12.44 -25.17 34.30
C1 NAG HA . 70.25 20.26 43.81
C2 NAG HA . 70.23 21.39 44.83
C3 NAG HA . 70.92 20.94 46.12
C4 NAG HA . 70.32 19.65 46.63
C5 NAG HA . 70.36 18.59 45.53
C6 NAG HA . 69.67 17.30 45.93
C7 NAG HA . 70.43 23.82 44.60
C8 NAG HA . 71.19 24.95 43.96
N2 NAG HA . 70.84 22.59 44.30
O3 NAG HA . 70.78 21.96 47.11
O4 NAG HA . 71.06 19.17 47.75
O5 NAG HA . 69.68 19.08 44.37
O6 NAG HA . 68.52 17.57 46.74
O7 NAG HA . 69.49 24.03 45.36
C1 NAG IA . 88.70 20.48 28.91
C2 NAG IA . 89.72 19.36 29.09
C3 NAG IA . 91.12 19.93 29.20
C4 NAG IA . 91.42 20.84 28.01
C5 NAG IA . 90.33 21.89 27.84
C6 NAG IA . 90.50 22.71 26.58
C7 NAG IA . 89.85 17.29 30.41
C8 NAG IA . 89.43 16.61 31.67
N2 NAG IA . 89.41 18.55 30.25
O3 NAG IA . 92.07 18.88 29.25
O4 NAG IA . 92.67 21.50 28.20
O5 NAG IA . 89.04 21.25 27.75
O6 NAG IA . 91.39 22.10 25.66
O7 NAG IA . 90.55 16.75 29.57
C1 NAG JA . 84.63 33.59 45.52
C2 NAG JA . 84.32 32.79 46.79
C3 NAG JA . 84.07 33.72 47.97
C4 NAG JA . 85.22 34.70 48.13
C5 NAG JA . 85.49 35.42 46.80
C6 NAG JA . 86.70 36.32 46.85
C7 NAG JA . 83.29 30.66 46.14
C8 NAG JA . 82.01 29.90 45.99
N2 NAG JA . 83.18 31.91 46.58
O3 NAG JA . 83.92 32.95 49.15
O4 NAG JA . 84.92 35.66 49.12
O5 NAG JA . 85.73 34.46 45.76
O6 NAG JA . 87.72 35.88 45.96
O7 NAG JA . 84.37 30.15 45.87
C1 NAG KA . 27.43 -38.73 8.79
C2 NAG KA . 27.76 -37.92 10.05
C3 NAG KA . 29.16 -38.28 10.55
C4 NAG KA . 29.28 -39.79 10.74
C5 NAG KA . 28.88 -40.51 9.46
C6 NAG KA . 28.87 -42.01 9.62
C7 NAG KA . 28.40 -35.80 8.93
C8 NAG KA . 28.11 -34.34 8.85
N2 NAG KA . 27.65 -36.49 9.81
O3 NAG KA . 29.40 -37.61 11.78
O4 NAG KA . 30.63 -40.12 11.08
O5 NAG KA . 27.55 -40.13 9.07
O6 NAG KA . 29.88 -42.45 10.53
O7 NAG KA . 29.26 -36.34 8.23
C1 NAG LA . 74.61 11.74 30.77
C2 NAG LA . 75.01 10.27 30.64
C3 NAG LA . 73.77 9.38 30.64
C4 NAG LA . 72.91 9.69 31.86
C5 NAG LA . 72.59 11.18 31.93
C6 NAG LA . 71.84 11.58 33.18
C7 NAG LA . 76.60 9.01 29.28
C8 NAG LA . 77.33 8.94 27.97
N2 NAG LA . 75.79 10.05 29.44
O3 NAG LA . 74.15 8.02 30.65
O4 NAG LA . 71.68 8.96 31.80
O5 NAG LA . 73.82 11.93 31.95
O6 NAG LA . 71.56 12.98 33.18
O7 NAG LA . 76.74 8.16 30.14
C1 NAG MA . -31.83 38.40 -6.78
C2 NAG MA . -32.96 38.99 -7.64
C3 NAG MA . -32.44 40.20 -8.42
C4 NAG MA . -31.77 41.19 -7.49
C5 NAG MA . -30.73 40.49 -6.61
C6 NAG MA . -30.15 41.40 -5.57
C7 NAG MA . -34.72 37.46 -8.42
C8 NAG MA . -35.12 36.44 -9.44
N2 NAG MA . -33.50 37.99 -8.55
O3 NAG MA . -33.53 40.83 -9.11
O4 NAG MA . -31.14 42.23 -8.24
O5 NAG MA . -31.33 39.40 -5.91
O6 NAG MA . -31.13 41.76 -4.61
O7 NAG MA . -35.47 37.79 -7.49
C1 NAG NA . 3.42 1.83 46.69
C2 NAG NA . 3.47 2.65 47.98
C3 NAG NA . 4.54 2.10 48.91
C4 NAG NA . 4.32 0.62 49.15
C5 NAG NA . 4.23 -0.12 47.83
C6 NAG NA . 3.89 -1.59 47.98
C7 NAG NA . 2.79 5.00 47.83
C8 NAG NA . 3.22 6.40 47.49
N2 NAG NA . 3.72 4.06 47.68
O3 NAG NA . 4.51 2.81 50.15
O4 NAG NA . 5.39 0.07 49.92
O5 NAG NA . 3.20 0.45 47.01
O6 NAG NA . 4.58 -2.16 49.09
O7 NAG NA . 1.65 4.75 48.22
C1 NAG OA . 0.06 51.03 16.70
C2 NAG OA . 0.41 51.93 15.51
C3 NAG OA . 0.54 53.37 15.96
C4 NAG OA . -0.73 53.81 16.68
C5 NAG OA . -1.05 52.86 17.82
C6 NAG OA . -2.36 53.16 18.50
C7 NAG OA . 1.67 50.48 13.97
C8 NAG OA . 3.02 50.16 13.40
N2 NAG OA . 1.64 51.47 14.87
O3 NAG OA . 0.77 54.19 14.82
O4 NAG OA . -0.56 55.13 17.20
O5 NAG OA . -1.14 51.51 17.32
O6 NAG OA . -2.59 52.29 19.60
O7 NAG OA . 0.66 49.88 13.64
C1 NAG PA . 51.83 68.39 18.07
C2 NAG PA . 51.03 69.55 18.65
C3 NAG PA . 50.21 70.24 17.56
C4 NAG PA . 51.12 70.63 16.40
C5 NAG PA . 51.92 69.43 15.91
C6 NAG PA . 52.93 69.78 14.85
C7 NAG PA . 50.57 69.00 21.00
C8 NAG PA . 49.54 68.52 21.98
N2 NAG PA . 50.15 69.10 19.74
O3 NAG PA . 49.57 71.39 18.09
O4 NAG PA . 50.33 71.13 15.32
O5 NAG PA . 52.66 68.85 17.01
O6 NAG PA . 54.01 68.84 14.82
O7 NAG PA . 51.72 69.26 21.34
C1 NAG QA . 70.91 71.81 20.24
C2 NAG QA . 70.21 73.06 19.69
C3 NAG QA . 70.74 73.39 18.30
C4 NAG QA . 72.25 73.52 18.33
C5 NAG QA . 72.88 72.27 18.91
C6 NAG QA . 74.38 72.39 19.09
C7 NAG QA . 67.97 73.43 20.58
C8 NAG QA . 66.50 73.14 20.42
N2 NAG QA . 68.77 72.87 19.68
O3 NAG QA . 70.14 74.61 17.85
O4 NAG QA . 72.74 73.72 17.01
O5 NAG QA . 72.34 72.02 20.22
O6 NAG QA . 75.06 71.33 18.42
O7 NAG QA . 68.39 74.12 21.50
C1 NAG RA . 65.75 62.00 37.67
C2 NAG RA . 65.39 62.78 38.93
C3 NAG RA . 66.65 63.32 39.59
C4 NAG RA . 67.64 62.20 39.84
C5 NAG RA . 67.91 61.45 38.54
C6 NAG RA . 68.80 60.25 38.72
C7 NAG RA . 63.15 63.75 38.64
C8 NAG RA . 62.37 64.98 38.30
N2 NAG RA . 64.48 63.89 38.62
O3 NAG RA . 66.30 63.93 40.84
O4 NAG RA . 68.87 62.72 40.33
O5 NAG RA . 66.67 60.96 38.00
O6 NAG RA . 69.98 60.59 39.46
O7 NAG RA . 62.60 62.69 38.91
C1 NAG SA . -17.88 33.60 39.33
C2 NAG SA . -17.45 34.24 38.02
C3 NAG SA . -16.81 35.61 38.28
C4 NAG SA . -17.74 36.48 39.10
C5 NAG SA . -18.15 35.75 40.38
C6 NAG SA . -19.18 36.52 41.19
C7 NAG SA . -16.48 33.35 35.95
C8 NAG SA . -15.49 32.40 35.35
N2 NAG SA . -16.54 33.38 37.29
O3 NAG SA . -16.51 36.23 37.04
O4 NAG SA . -17.09 37.70 39.45
O5 NAG SA . -18.75 34.49 40.06
O6 NAG SA . -19.57 35.79 42.35
O7 NAG SA . -17.21 34.06 35.25
C1 NAG TA . -47.17 1.27 28.91
C2 NAG TA . -46.66 1.99 27.65
C3 NAG TA . -47.04 3.46 27.70
C4 NAG TA . -48.53 3.63 27.93
C5 NAG TA . -48.96 2.86 29.18
C6 NAG TA . -50.45 2.88 29.41
C7 NAG TA . -44.60 1.88 26.33
C8 NAG TA . -43.12 1.70 26.37
N2 NAG TA . -45.23 1.82 27.51
O3 NAG TA . -46.68 4.08 26.46
O4 NAG TA . -48.84 5.01 28.11
O5 NAG TA . -48.58 1.48 29.04
O6 NAG TA . -50.86 1.84 30.29
O7 NAG TA . -45.21 2.09 25.29
C1 NAG UA . 15.65 25.25 44.61
C2 NAG UA . 17.10 24.78 44.51
C3 NAG UA . 17.62 24.39 45.88
C4 NAG UA . 17.43 25.52 46.89
C5 NAG UA . 15.97 25.97 46.89
C6 NAG UA . 15.73 27.19 47.74
C7 NAG UA . 18.35 23.42 42.90
C8 NAG UA . 18.30 22.24 41.98
N2 NAG UA . 17.23 23.68 43.57
O3 NAG UA . 19.01 24.06 45.80
O4 NAG UA . 17.78 25.09 48.19
O5 NAG UA . 15.56 26.33 45.55
O6 NAG UA . 15.29 28.30 46.97
O7 NAG UA . 19.36 24.09 43.04
C1 NAG VA . 13.35 56.71 32.33
C2 NAG VA . 12.43 57.32 33.39
C3 NAG VA . 11.21 57.93 32.71
C4 NAG VA . 11.61 58.90 31.62
C5 NAG VA . 12.58 58.23 30.65
C6 NAG VA . 13.14 59.19 29.62
C7 NAG VA . 11.86 56.64 35.67
C8 NAG VA . 11.46 55.50 36.56
N2 NAG VA . 12.04 56.34 34.38
O3 NAG VA . 10.41 58.59 33.69
O4 NAG VA . 10.47 59.34 30.91
O5 NAG VA . 13.70 57.70 31.36
O6 NAG VA . 13.91 60.22 30.23
O7 NAG VA . 12.01 57.78 36.10
#